data_4P2R
#
_entry.id   4P2R
#
_cell.length_a   261.601
_cell.length_b   101.867
_cell.length_c   214.642
_cell.angle_alpha   90.00
_cell.angle_beta   94.89
_cell.angle_gamma   90.00
#
_symmetry.space_group_name_H-M   'C 1 2 1'
#
loop_
_entity.id
_entity.type
_entity.pdbx_description
1 polymer 'H-2 class II histocompatibility antigen, E-K alpha chain'
2 polymer 'MHC class II E-beta-k'
3 polymer '5c1 peptide'
4 polymer '5cc7 T-cell receptor alpha chain'
5 polymer '5cc7 T-cell receptor beta chain'
6 non-polymer 2-acetamido-2-deoxy-beta-D-glucopyranose
#
loop_
_entity_poly.entity_id
_entity_poly.type
_entity_poly.pdbx_seq_one_letter_code
_entity_poly.pdbx_strand_id
1 'polypeptide(L)'
;ADPIKEEHTIIQAEFYLLPDKRGEFMFDFDGDEIFHVDIEKSETIWRLEEFAKFASFEAQGALANIAVDKANLDVMKERS
NNTPDANVAPEVTVLSRSPVNLGEPNILICFIDKFSPPVVNVTWLRNGRPVTEGVSETVFLPRDDHLFRKFHYLTFLPST
DDFYDCEVDHWGLEEPLRKHWEFEEKTLLPETKESRGGLEVLFQ
;
A,F,K,P
2 'polypeptide(L)'
;GSGGGGSRPWFLEYCKSECHFYNGTQRVRLLVRYFYNLEENLRFDSDVGEFRAVTELGRPDAENWNSQPEFLEQKRAEVD
TVCRHNYEIFDNFLVPRRVEPTVTVYPTKTQPLEHHNLLVCSVSDFYPGNIEVRWFRNGKEEKTGIVSTGLVRNGDWTFQ
TLVMLETVPQSGEVYTCQVEHPSLTDPVTVEWKAQSTSAQNKSRGGLEVLFQ
;
B,G,L,Q
3 'polypeptide(L)' ANGVAFFLTPFKA C,H,M,R
4 'polypeptide(L)'
;MRGDQVEQSPSALSLHEGTGSALRCNFTTTMRAVQWFRKNSRGSLINLFYLASGTKENGRLKSAFDSKERYSTLHIRDAQ
LEDSGTYFCAAEASNTNKVVFGTGTRLQVLPNIQNPDPAVYQLRDSKSSDKSVCLFTDFDSQTNVSQSKDSDVYITDKCV
LDMRSMDFKSNSAVAWSNKSDFACANAFNNSIIPEDTFFPSPESS
;
D,I,N,S
5 'polypeptide(L)'
;MANGVAFFLTPFKAGGGGSGGSGGKVIQTPRYLVKGQGQKAKMRCIPEKGHPVVFWYQQNKNNEFKFLINFQNQEVLQQI
DMTEKRFSAECPSNSPCSLEIQSSEAGDSALYLCASSLNNANSDYTFGSGTRLLVIEDLKNVFPPEVAVFEPSEAEISHT
QKATLVCLATGFYPDHVELSWWVNGKEVHSGVCTDPQPLKEQPALNDSRYALSSRLRVSATFWQNPRNHFRCQVQFYGLS
ENDEWTQDRAKPVTQIVSAEAWGRAD
;
E,J,O,T
#
loop_
_chem_comp.id
_chem_comp.type
_chem_comp.name
_chem_comp.formula
NAG D-saccharide, beta linking 2-acetamido-2-deoxy-beta-D-glucopyranose 'C8 H15 N O6'
#
# COMPACT_ATOMS: atom_id res chain seq x y z
N ILE A 4 -7.71 15.18 -13.83
CA ILE A 4 -6.29 15.11 -13.50
C ILE A 4 -5.76 13.71 -13.79
N LYS A 5 -6.37 13.06 -14.78
CA LYS A 5 -5.95 11.73 -15.19
C LYS A 5 -5.32 11.73 -16.59
N GLU A 6 -4.04 11.39 -16.66
CA GLU A 6 -3.37 11.36 -17.95
C GLU A 6 -3.59 9.99 -18.59
N GLU A 7 -4.31 9.98 -19.70
CA GLU A 7 -4.66 8.74 -20.39
C GLU A 7 -4.20 8.82 -21.82
N HIS A 8 -3.18 8.04 -22.19
CA HIS A 8 -2.57 8.19 -23.48
C HIS A 8 -2.34 6.88 -24.22
N THR A 9 -1.85 7.01 -25.45
CA THR A 9 -1.63 5.88 -26.34
C THR A 9 -0.43 6.09 -27.23
N ILE A 10 0.48 5.12 -27.32
CA ILE A 10 1.59 5.20 -28.26
C ILE A 10 1.58 3.99 -29.19
N ILE A 11 1.58 4.22 -30.50
CA ILE A 11 1.47 3.13 -31.48
C ILE A 11 2.66 3.08 -32.39
N GLN A 12 3.26 1.90 -32.51
CA GLN A 12 4.27 1.67 -33.52
C GLN A 12 3.71 0.87 -34.66
N ALA A 13 3.62 1.50 -35.83
CA ALA A 13 3.06 0.87 -37.01
C ALA A 13 4.13 0.70 -38.04
N GLU A 14 4.19 -0.48 -38.63
CA GLU A 14 5.12 -0.78 -39.70
C GLU A 14 4.43 -1.72 -40.66
N PHE A 15 4.74 -1.64 -41.94
CA PHE A 15 4.18 -2.58 -42.91
C PHE A 15 5.05 -2.74 -44.13
N TYR A 16 4.81 -3.78 -44.92
CA TYR A 16 5.46 -3.93 -46.22
C TYR A 16 4.41 -4.30 -47.23
N LEU A 17 4.43 -3.65 -48.39
CA LEU A 17 3.33 -3.78 -49.33
C LEU A 17 3.77 -4.31 -50.69
N LEU A 18 3.02 -5.27 -51.21
CA LEU A 18 3.23 -5.75 -52.55
C LEU A 18 2.00 -5.38 -53.36
N PRO A 19 2.15 -5.11 -54.66
CA PRO A 19 3.38 -5.23 -55.45
C PRO A 19 4.22 -3.98 -55.42
N ASP A 20 3.78 -2.96 -54.70
CA ASP A 20 4.46 -1.68 -54.65
C ASP A 20 5.89 -1.77 -54.12
N LYS A 21 6.21 -2.87 -53.45
CA LYS A 21 7.55 -3.09 -52.91
C LYS A 21 8.05 -1.97 -52.01
N ARG A 22 7.16 -1.40 -51.19
CA ARG A 22 7.57 -0.38 -50.23
C ARG A 22 7.19 -0.70 -48.80
N GLY A 23 8.03 -0.28 -47.87
CA GLY A 23 7.78 -0.50 -46.46
C GLY A 23 7.74 0.84 -45.78
N GLU A 24 7.17 0.87 -44.59
CA GLU A 24 6.93 2.12 -43.89
C GLU A 24 7.03 1.90 -42.39
N PHE A 25 7.53 2.88 -41.66
CA PHE A 25 7.77 2.74 -40.25
C PHE A 25 7.47 4.05 -39.55
N MET A 26 6.60 4.05 -38.56
CA MET A 26 6.28 5.28 -37.88
C MET A 26 5.77 5.10 -36.46
N PHE A 27 5.85 6.17 -35.68
CA PHE A 27 5.42 6.22 -34.29
C PHE A 27 4.30 7.22 -34.12
N ASP A 28 3.28 6.84 -33.38
CA ASP A 28 2.10 7.67 -33.21
C ASP A 28 1.88 7.94 -31.74
N PHE A 29 1.43 9.14 -31.41
CA PHE A 29 1.13 9.49 -30.03
C PHE A 29 -0.24 10.12 -29.96
N ASP A 30 -1.21 9.39 -29.42
CA ASP A 30 -2.56 9.89 -29.27
C ASP A 30 -3.18 10.32 -30.57
N GLY A 31 -2.81 9.65 -31.66
CA GLY A 31 -3.42 9.92 -32.95
C GLY A 31 -2.63 10.78 -33.91
N ASP A 32 -1.50 11.31 -33.46
CA ASP A 32 -0.69 12.16 -34.30
C ASP A 32 0.66 11.51 -34.52
N GLU A 33 1.29 11.77 -35.66
CA GLU A 33 2.58 11.19 -35.97
C GLU A 33 3.67 11.84 -35.15
N ILE A 34 4.53 11.04 -34.52
CA ILE A 34 5.70 11.57 -33.85
C ILE A 34 6.83 11.61 -34.85
N PHE A 35 7.04 10.52 -35.55
CA PHE A 35 8.05 10.48 -36.57
C PHE A 35 7.85 9.30 -37.50
N HIS A 36 8.66 9.26 -38.55
CA HIS A 36 8.71 8.10 -39.42
C HIS A 36 10.11 7.97 -39.99
N VAL A 37 10.39 6.82 -40.56
CA VAL A 37 11.72 6.51 -41.05
C VAL A 37 11.68 6.32 -42.56
N ASP A 38 12.45 7.11 -43.28
CA ASP A 38 12.58 6.96 -44.72
C ASP A 38 13.39 5.70 -44.98
N ILE A 39 12.70 4.64 -45.36
CA ILE A 39 13.33 3.32 -45.49
C ILE A 39 14.46 3.33 -46.50
N GLU A 40 14.24 4.00 -47.62
CA GLU A 40 15.26 4.10 -48.64
C GLU A 40 16.44 4.92 -48.14
N LYS A 41 16.16 6.11 -47.64
CA LYS A 41 17.21 7.04 -47.26
C LYS A 41 17.85 6.71 -45.91
N SER A 42 17.15 5.94 -45.09
CA SER A 42 17.61 5.60 -43.73
C SER A 42 17.84 6.80 -42.84
N GLU A 43 16.85 7.66 -42.69
CA GLU A 43 16.95 8.77 -41.77
C GLU A 43 15.60 9.01 -41.14
N THR A 44 15.63 9.42 -39.87
CA THR A 44 14.43 9.63 -39.09
C THR A 44 13.80 10.97 -39.40
N ILE A 45 12.50 10.98 -39.69
CA ILE A 45 11.84 12.21 -40.12
C ILE A 45 10.81 12.68 -39.11
N TRP A 46 11.18 13.64 -38.27
CA TRP A 46 10.29 14.08 -37.22
C TRP A 46 9.16 14.94 -37.75
N ARG A 47 7.94 14.63 -37.36
CA ARG A 47 6.75 15.30 -37.84
C ARG A 47 6.78 16.80 -37.63
N LEU A 48 7.21 17.25 -36.46
CA LEU A 48 7.47 18.66 -36.26
C LEU A 48 8.96 18.77 -35.99
N GLU A 49 9.63 19.75 -36.60
CA GLU A 49 11.08 19.84 -36.48
C GLU A 49 11.51 20.01 -35.04
N GLU A 50 10.64 20.61 -34.23
CA GLU A 50 10.97 20.90 -32.84
C GLU A 50 11.09 19.65 -31.96
N PHE A 51 10.60 18.51 -32.44
CA PHE A 51 10.69 17.28 -31.66
C PHE A 51 12.13 16.83 -31.55
N ALA A 52 12.89 17.01 -32.61
CA ALA A 52 14.23 16.44 -32.72
C ALA A 52 15.19 16.90 -31.64
N LYS A 53 14.82 17.94 -30.92
CA LYS A 53 15.68 18.46 -29.85
C LYS A 53 15.52 17.64 -28.59
N PHE A 54 14.49 16.80 -28.57
CA PHE A 54 14.10 16.10 -27.36
C PHE A 54 14.29 14.60 -27.43
N ALA A 55 14.42 14.06 -28.63
CA ALA A 55 14.48 12.62 -28.78
C ALA A 55 15.32 12.16 -29.96
N SER A 56 15.54 10.87 -30.04
CA SER A 56 16.38 10.28 -31.06
C SER A 56 15.81 8.94 -31.44
N PHE A 57 16.04 8.49 -32.66
CA PHE A 57 15.67 7.15 -33.04
C PHE A 57 16.73 6.56 -33.94
N GLU A 58 17.24 5.39 -33.59
CA GLU A 58 18.24 4.75 -34.42
C GLU A 58 17.55 4.15 -35.64
N ALA A 59 17.81 4.74 -36.79
CA ALA A 59 17.02 4.46 -37.99
C ALA A 59 17.24 3.07 -38.52
N GLN A 60 18.46 2.54 -38.41
CA GLN A 60 18.75 1.23 -38.98
C GLN A 60 17.98 0.15 -38.25
N GLY A 61 17.37 0.52 -37.13
CA GLY A 61 16.48 -0.36 -36.42
C GLY A 61 15.22 -0.57 -37.23
N ALA A 62 14.71 0.52 -37.77
CA ALA A 62 13.50 0.45 -38.58
C ALA A 62 13.74 -0.30 -39.87
N LEU A 63 14.92 -0.12 -40.47
CA LEU A 63 15.24 -0.79 -41.71
C LEU A 63 15.24 -2.28 -41.53
N ALA A 64 15.82 -2.71 -40.41
CA ALA A 64 15.89 -4.12 -40.07
C ALA A 64 14.52 -4.73 -39.96
N ASN A 65 13.58 -4.00 -39.38
CA ASN A 65 12.25 -4.51 -39.20
C ASN A 65 11.54 -4.76 -40.52
N ILE A 66 11.57 -3.76 -41.38
CA ILE A 66 10.91 -3.83 -42.67
C ILE A 66 11.50 -4.96 -43.49
N ALA A 67 12.80 -5.17 -43.34
CA ALA A 67 13.45 -6.28 -43.99
C ALA A 67 12.79 -7.58 -43.56
N VAL A 68 12.52 -7.71 -42.27
CA VAL A 68 11.85 -8.89 -41.74
C VAL A 68 10.40 -8.94 -42.17
N ASP A 69 9.74 -7.79 -42.15
CA ASP A 69 8.35 -7.69 -42.58
C ASP A 69 8.22 -8.10 -44.04
N LYS A 70 9.25 -7.80 -44.82
CA LYS A 70 9.27 -8.23 -46.20
C LYS A 70 9.21 -9.73 -46.27
N ALA A 71 10.13 -10.38 -45.58
CA ALA A 71 10.22 -11.83 -45.57
C ALA A 71 8.96 -12.49 -45.08
N ASN A 72 8.37 -11.91 -44.05
CA ASN A 72 7.14 -12.44 -43.48
C ASN A 72 5.99 -12.41 -44.47
N LEU A 73 6.00 -11.41 -45.34
CA LEU A 73 4.93 -11.27 -46.32
C LEU A 73 4.90 -12.47 -47.24
N ASP A 74 6.07 -12.95 -47.63
CA ASP A 74 6.14 -14.13 -48.47
C ASP A 74 5.61 -15.34 -47.72
N VAL A 75 5.91 -15.41 -46.43
CA VAL A 75 5.45 -16.53 -45.62
C VAL A 75 3.94 -16.53 -45.50
N MET A 76 3.37 -15.35 -45.33
CA MET A 76 1.93 -15.22 -45.19
C MET A 76 1.23 -15.51 -46.50
N LYS A 77 1.88 -15.15 -47.60
CA LYS A 77 1.33 -15.39 -48.94
C LYS A 77 1.22 -16.88 -49.20
N GLU A 78 2.28 -17.60 -48.91
CA GLU A 78 2.30 -19.03 -49.14
C GLU A 78 1.35 -19.72 -48.17
N ARG A 79 1.21 -19.14 -46.99
CA ARG A 79 0.36 -19.74 -45.96
C ARG A 79 -1.11 -19.70 -46.33
N SER A 80 -1.60 -18.51 -46.67
CA SER A 80 -3.01 -18.33 -47.01
C SER A 80 -3.35 -19.03 -48.31
N ASN A 81 -4.31 -19.95 -48.22
CA ASN A 81 -4.70 -20.76 -49.36
C ASN A 81 -5.15 -19.87 -50.49
N ASN A 82 -6.12 -19.01 -50.20
CA ASN A 82 -6.59 -18.00 -51.14
C ASN A 82 -6.48 -16.60 -50.57
N THR A 83 -5.79 -15.71 -51.29
CA THR A 83 -5.82 -14.30 -50.91
C THR A 83 -6.81 -13.58 -51.80
N PRO A 84 -7.95 -13.19 -51.23
CA PRO A 84 -9.02 -12.56 -51.99
C PRO A 84 -8.83 -11.06 -52.01
N ASP A 85 -8.78 -10.47 -53.20
CA ASP A 85 -8.67 -9.02 -53.27
C ASP A 85 -9.95 -8.41 -52.73
N ALA A 86 -9.79 -7.45 -51.82
CA ALA A 86 -10.93 -6.71 -51.32
C ALA A 86 -10.43 -5.34 -50.93
N ASN A 87 -11.29 -4.35 -51.03
CA ASN A 87 -10.86 -2.98 -50.81
C ASN A 87 -11.86 -2.22 -49.99
N VAL A 88 -11.37 -1.37 -49.09
CA VAL A 88 -12.26 -0.46 -48.40
C VAL A 88 -12.01 0.94 -48.93
N ALA A 89 -13.01 1.52 -49.59
CA ALA A 89 -12.93 2.84 -50.21
C ALA A 89 -12.77 3.97 -49.21
N PRO A 90 -11.92 4.96 -49.55
CA PRO A 90 -11.66 6.11 -48.69
C PRO A 90 -12.86 6.98 -48.53
N GLU A 91 -12.83 7.86 -47.53
CA GLU A 91 -13.82 8.92 -47.45
C GLU A 91 -13.02 10.21 -47.41
N VAL A 92 -13.33 11.13 -48.30
CA VAL A 92 -12.49 12.30 -48.49
C VAL A 92 -13.17 13.53 -47.93
N THR A 93 -12.38 14.41 -47.33
CA THR A 93 -12.87 15.66 -46.78
C THR A 93 -11.85 16.75 -46.97
N VAL A 94 -12.28 17.88 -47.53
CA VAL A 94 -11.39 19.01 -47.72
C VAL A 94 -11.86 20.18 -46.89
N LEU A 95 -10.95 20.82 -46.18
CA LEU A 95 -11.28 21.98 -45.38
C LEU A 95 -10.01 22.74 -45.04
N SER A 96 -10.17 23.90 -44.44
CA SER A 96 -9.05 24.78 -44.17
C SER A 96 -8.51 24.63 -42.76
N ARG A 97 -7.20 24.72 -42.62
CA ARG A 97 -6.55 24.59 -41.33
C ARG A 97 -6.98 25.69 -40.39
N SER A 98 -7.12 26.90 -40.92
CA SER A 98 -7.51 28.06 -40.14
C SER A 98 -8.76 28.69 -40.72
N PRO A 99 -9.45 29.56 -39.96
CA PRO A 99 -10.52 30.36 -40.55
C PRO A 99 -9.99 31.17 -41.71
N VAL A 100 -10.72 31.17 -42.82
CA VAL A 100 -10.23 31.76 -44.06
C VAL A 100 -10.46 33.25 -44.16
N ASN A 101 -9.39 34.01 -44.31
CA ASN A 101 -9.50 35.44 -44.59
C ASN A 101 -8.85 35.80 -45.90
N LEU A 102 -9.54 36.62 -46.69
CA LEU A 102 -9.08 37.00 -48.02
C LEU A 102 -7.73 37.69 -47.98
N GLY A 103 -6.81 37.23 -48.82
CA GLY A 103 -5.50 37.82 -48.88
C GLY A 103 -4.59 37.37 -47.76
N GLU A 104 -5.14 36.55 -46.86
CA GLU A 104 -4.40 36.06 -45.69
C GLU A 104 -4.02 34.60 -45.87
N PRO A 105 -2.71 34.31 -45.96
CA PRO A 105 -2.15 32.98 -46.23
C PRO A 105 -2.74 31.91 -45.34
N ASN A 106 -3.04 30.76 -45.93
CA ASN A 106 -3.72 29.69 -45.23
C ASN A 106 -3.30 28.34 -45.78
N ILE A 107 -3.85 27.26 -45.23
CA ILE A 107 -3.56 25.91 -45.70
C ILE A 107 -4.84 25.10 -45.91
N LEU A 108 -4.93 24.43 -47.06
CA LEU A 108 -6.02 23.52 -47.33
C LEU A 108 -5.63 22.09 -46.93
N ILE A 109 -6.52 21.37 -46.28
CA ILE A 109 -6.24 20.01 -45.84
C ILE A 109 -7.12 18.97 -46.53
N CYS A 110 -6.50 17.96 -47.13
CA CYS A 110 -7.26 16.86 -47.73
C CYS A 110 -7.16 15.64 -46.85
N PHE A 111 -8.26 15.32 -46.19
CA PHE A 111 -8.28 14.27 -45.17
C PHE A 111 -8.78 12.97 -45.75
N ILE A 112 -7.86 12.12 -46.22
CA ILE A 112 -8.25 10.80 -46.70
C ILE A 112 -8.23 9.87 -45.50
N ASP A 113 -9.32 9.15 -45.27
CA ASP A 113 -9.52 8.41 -44.04
C ASP A 113 -10.23 7.11 -44.33
N LYS A 114 -10.04 6.13 -43.47
CA LYS A 114 -10.76 4.87 -43.51
C LYS A 114 -10.60 4.08 -44.79
N PHE A 115 -9.35 3.83 -45.20
CA PHE A 115 -9.11 3.06 -46.41
C PHE A 115 -8.03 2.00 -46.25
N SER A 116 -8.04 1.04 -47.16
CA SER A 116 -7.03 -0.01 -47.21
C SER A 116 -7.15 -0.64 -48.58
N PRO A 117 -6.01 -0.92 -49.25
CA PRO A 117 -4.59 -0.85 -48.94
C PRO A 117 -4.05 0.54 -48.84
N PRO A 118 -2.82 0.68 -48.34
CA PRO A 118 -2.20 2.00 -48.30
C PRO A 118 -1.64 2.44 -49.65
N VAL A 119 -2.49 2.58 -50.65
CA VAL A 119 -2.04 3.10 -51.92
C VAL A 119 -3.11 3.97 -52.53
N VAL A 120 -2.78 5.24 -52.74
CA VAL A 120 -3.68 6.18 -53.35
C VAL A 120 -2.97 7.07 -54.34
N ASN A 121 -3.74 7.60 -55.29
CA ASN A 121 -3.28 8.68 -56.13
C ASN A 121 -4.07 9.91 -55.72
N VAL A 122 -3.39 10.92 -55.20
CA VAL A 122 -4.04 12.14 -54.77
C VAL A 122 -3.54 13.33 -55.56
N THR A 123 -4.45 14.14 -56.07
CA THR A 123 -4.10 15.28 -56.90
C THR A 123 -4.84 16.54 -56.50
N TRP A 124 -4.12 17.64 -56.31
CA TRP A 124 -4.73 18.92 -55.99
C TRP A 124 -5.17 19.67 -57.24
N LEU A 125 -6.30 20.35 -57.21
CA LEU A 125 -6.78 21.03 -58.41
C LEU A 125 -7.17 22.50 -58.19
N ARG A 126 -6.33 23.41 -58.65
CA ARG A 126 -6.67 24.83 -58.68
C ARG A 126 -7.38 25.18 -59.97
N ASN A 127 -8.65 25.54 -59.89
CA ASN A 127 -9.42 25.91 -61.07
C ASN A 127 -9.51 24.81 -62.12
N GLY A 128 -9.49 23.56 -61.69
CA GLY A 128 -9.61 22.44 -62.59
C GLY A 128 -8.29 21.89 -63.05
N ARG A 129 -7.20 22.53 -62.63
CA ARG A 129 -5.87 22.05 -62.95
C ARG A 129 -4.96 21.69 -61.79
N PRO A 130 -4.15 20.65 -61.97
CA PRO A 130 -3.20 20.19 -60.96
C PRO A 130 -2.21 21.25 -60.51
N VAL A 131 -1.87 21.19 -59.22
CA VAL A 131 -0.92 22.08 -58.60
C VAL A 131 0.29 21.29 -58.19
N THR A 132 1.48 21.82 -58.40
CA THR A 132 2.69 21.13 -57.99
C THR A 132 3.50 21.93 -56.97
N GLU A 133 3.18 23.20 -56.81
CA GLU A 133 3.93 24.04 -55.89
C GLU A 133 3.14 24.24 -54.63
N GLY A 134 3.81 24.07 -53.49
CA GLY A 134 3.21 24.25 -52.18
C GLY A 134 2.36 23.09 -51.68
N VAL A 135 2.76 21.87 -52.00
CA VAL A 135 2.04 20.70 -51.55
C VAL A 135 2.90 19.84 -50.64
N SER A 136 2.27 19.31 -49.59
CA SER A 136 2.93 18.47 -48.60
C SER A 136 2.15 17.19 -48.42
N GLU A 137 2.83 16.12 -48.02
CA GLU A 137 2.20 14.81 -47.94
C GLU A 137 2.52 14.09 -46.63
N THR A 138 1.56 13.30 -46.14
CA THR A 138 1.76 12.53 -44.91
C THR A 138 1.83 11.04 -45.19
N VAL A 139 2.74 10.33 -44.54
CA VAL A 139 2.84 8.88 -44.71
C VAL A 139 1.53 8.25 -44.28
N PHE A 140 1.38 6.95 -44.51
CA PHE A 140 0.14 6.30 -44.15
C PHE A 140 0.04 6.08 -42.66
N LEU A 141 -0.92 6.76 -42.06
CA LEU A 141 -1.08 6.81 -40.61
C LEU A 141 -2.00 5.69 -40.13
N PRO A 142 -1.84 5.25 -38.88
CA PRO A 142 -2.64 4.18 -38.29
C PRO A 142 -3.98 4.63 -37.77
N ARG A 143 -4.89 3.67 -37.61
CA ARG A 143 -6.17 3.88 -36.91
C ARG A 143 -6.45 2.85 -35.80
N ASP A 144 -7.65 2.91 -35.23
CA ASP A 144 -8.10 1.94 -34.25
C ASP A 144 -8.35 0.61 -34.90
N ASP A 145 -8.85 0.63 -36.14
CA ASP A 145 -9.12 -0.58 -36.88
C ASP A 145 -7.97 -1.00 -37.79
N HIS A 146 -8.32 -1.77 -38.80
CA HIS A 146 -7.37 -2.26 -39.79
C HIS A 146 -7.13 -1.29 -40.92
N LEU A 147 -7.94 -0.24 -40.99
CA LEU A 147 -7.89 0.75 -42.05
C LEU A 147 -6.82 1.80 -41.81
N PHE A 148 -6.51 2.56 -42.86
CA PHE A 148 -5.46 3.58 -42.81
C PHE A 148 -6.01 4.99 -42.88
N ARG A 149 -5.12 5.96 -42.72
CA ARG A 149 -5.47 7.37 -42.73
C ARG A 149 -4.35 8.18 -43.35
N LYS A 150 -4.67 9.29 -44.01
CA LYS A 150 -3.66 10.07 -44.70
C LYS A 150 -4.03 11.53 -44.77
N PHE A 151 -3.03 12.40 -44.79
CA PHE A 151 -3.25 13.84 -44.92
C PHE A 151 -2.51 14.43 -46.10
N HIS A 152 -3.17 15.31 -46.85
CA HIS A 152 -2.51 16.08 -47.89
C HIS A 152 -2.76 17.56 -47.65
N TYR A 153 -1.70 18.37 -47.77
CA TYR A 153 -1.81 19.80 -47.49
C TYR A 153 -1.52 20.66 -48.70
N LEU A 154 -2.14 21.84 -48.76
CA LEU A 154 -1.89 22.80 -49.83
C LEU A 154 -1.82 24.22 -49.31
N THR A 155 -0.72 24.91 -49.56
CA THR A 155 -0.58 26.30 -49.18
C THR A 155 -1.11 27.21 -50.27
N PHE A 156 -1.90 28.21 -49.90
CA PHE A 156 -2.55 29.03 -50.90
C PHE A 156 -2.88 30.42 -50.41
N LEU A 157 -3.13 31.33 -51.36
CA LEU A 157 -3.63 32.65 -51.08
C LEU A 157 -5.07 32.73 -51.55
N PRO A 158 -5.98 33.05 -50.63
CA PRO A 158 -7.42 33.11 -50.90
C PRO A 158 -7.81 34.24 -51.85
N SER A 159 -8.78 33.97 -52.70
CA SER A 159 -9.38 34.98 -53.56
C SER A 159 -10.71 34.43 -54.03
N THR A 160 -11.66 35.30 -54.32
CA THR A 160 -12.99 34.86 -54.70
C THR A 160 -12.99 34.29 -56.10
N ASP A 161 -11.86 34.40 -56.78
CA ASP A 161 -11.77 33.92 -58.15
C ASP A 161 -11.33 32.47 -58.21
N ASP A 162 -10.62 32.00 -57.20
CA ASP A 162 -10.07 30.66 -57.21
C ASP A 162 -10.96 29.68 -56.45
N PHE A 163 -11.06 28.46 -56.96
CA PHE A 163 -11.74 27.39 -56.26
C PHE A 163 -10.90 26.14 -56.36
N TYR A 164 -10.74 25.42 -55.26
CA TYR A 164 -9.87 24.25 -55.21
C TYR A 164 -10.62 22.96 -55.05
N ASP A 165 -9.97 21.88 -55.44
CA ASP A 165 -10.51 20.53 -55.32
C ASP A 165 -9.39 19.57 -54.93
N CYS A 166 -9.74 18.52 -54.19
CA CYS A 166 -8.81 17.44 -53.91
C CYS A 166 -9.38 16.16 -54.50
N GLU A 167 -8.62 15.52 -55.38
CA GLU A 167 -9.10 14.32 -56.04
C GLU A 167 -8.30 13.10 -55.63
N VAL A 168 -8.99 12.11 -55.08
CA VAL A 168 -8.35 10.92 -54.53
C VAL A 168 -8.78 9.66 -55.24
N ASP A 169 -7.84 8.91 -55.78
CA ASP A 169 -8.16 7.67 -56.46
C ASP A 169 -7.66 6.48 -55.67
N HIS A 170 -8.52 5.49 -55.50
CA HIS A 170 -8.17 4.31 -54.73
C HIS A 170 -8.84 3.08 -55.32
N TRP A 171 -8.17 1.94 -55.28
CA TRP A 171 -8.64 0.75 -55.98
C TRP A 171 -10.04 0.29 -55.56
N GLY A 172 -10.60 0.93 -54.54
CA GLY A 172 -11.92 0.55 -54.06
C GLY A 172 -13.02 1.46 -54.54
N LEU A 173 -12.65 2.53 -55.23
CA LEU A 173 -13.61 3.50 -55.74
C LEU A 173 -13.89 3.24 -57.21
N GLU A 174 -15.17 3.32 -57.59
CA GLU A 174 -15.54 3.18 -58.97
C GLU A 174 -15.06 4.39 -59.76
N GLU A 175 -15.33 5.56 -59.22
CA GLU A 175 -14.96 6.80 -59.85
C GLU A 175 -14.18 7.66 -58.88
N PRO A 176 -13.00 8.14 -59.30
CA PRO A 176 -12.15 9.02 -58.51
C PRO A 176 -12.96 10.04 -57.77
N LEU A 177 -12.79 10.08 -56.47
CA LEU A 177 -13.62 10.94 -55.66
C LEU A 177 -13.02 12.33 -55.65
N ARG A 178 -13.83 13.32 -55.98
CA ARG A 178 -13.38 14.70 -55.99
C ARG A 178 -14.16 15.54 -55.01
N LYS A 179 -13.46 16.13 -54.04
CA LYS A 179 -14.11 16.96 -53.05
C LYS A 179 -13.77 18.43 -53.24
N HIS A 180 -14.81 19.26 -53.23
CA HIS A 180 -14.73 20.65 -53.64
C HIS A 180 -14.61 21.61 -52.46
N TRP A 181 -14.00 22.77 -52.70
CA TRP A 181 -13.91 23.82 -51.70
C TRP A 181 -13.74 25.19 -52.33
N GLU A 182 -14.63 26.11 -52.02
CA GLU A 182 -14.47 27.51 -52.43
C GLU A 182 -14.83 28.44 -51.29
N PHE A 183 -14.65 29.74 -51.51
CA PHE A 183 -14.87 30.73 -50.46
C PHE A 183 -16.32 30.73 -49.97
N SER B 7 -9.09 -7.67 -61.08
CA SER B 7 -8.64 -6.39 -60.52
C SER B 7 -7.14 -6.42 -60.25
N ARG B 8 -6.71 -5.63 -59.28
CA ARG B 8 -5.29 -5.56 -58.93
C ARG B 8 -5.03 -6.20 -57.58
N PRO B 9 -4.34 -7.35 -57.57
CA PRO B 9 -4.02 -8.08 -56.36
C PRO B 9 -2.96 -7.37 -55.53
N TRP B 10 -3.13 -7.35 -54.21
CA TRP B 10 -2.17 -6.72 -53.32
C TRP B 10 -1.94 -7.60 -52.10
N PHE B 11 -0.80 -7.43 -51.45
CA PHE B 11 -0.48 -8.22 -50.27
C PHE B 11 0.18 -7.37 -49.20
N LEU B 12 -0.43 -7.31 -48.01
CA LEU B 12 0.04 -6.43 -46.95
C LEU B 12 0.36 -7.18 -45.67
N GLU B 13 1.55 -6.94 -45.12
CA GLU B 13 1.92 -7.44 -43.80
C GLU B 13 2.05 -6.26 -42.85
N TYR B 14 1.05 -6.08 -42.01
CA TYR B 14 0.87 -4.92 -41.16
C TYR B 14 1.01 -5.27 -39.69
N CYS B 15 1.74 -4.47 -38.92
CA CYS B 15 1.97 -4.75 -37.51
C CYS B 15 1.88 -3.51 -36.65
N LYS B 16 0.93 -3.49 -35.72
CA LYS B 16 0.80 -2.38 -34.80
C LYS B 16 1.03 -2.81 -33.37
N SER B 17 2.01 -2.18 -32.73
CA SER B 17 2.27 -2.39 -31.32
C SER B 17 1.81 -1.21 -30.50
N GLU B 18 0.68 -1.37 -29.81
CA GLU B 18 0.06 -0.28 -29.10
C GLU B 18 0.45 -0.28 -27.63
N CYS B 19 0.86 0.87 -27.12
CA CYS B 19 1.10 1.03 -25.70
C CYS B 19 -0.01 1.86 -25.07
N HIS B 20 -0.83 1.25 -24.23
CA HIS B 20 -1.93 1.96 -23.64
C HIS B 20 -1.59 2.41 -22.23
N PHE B 21 -1.67 3.71 -21.98
CA PHE B 21 -1.37 4.23 -20.66
C PHE B 21 -2.64 4.73 -20.01
N TYR B 22 -3.07 4.08 -18.93
CA TYR B 22 -4.15 4.62 -18.13
C TYR B 22 -3.56 5.26 -16.88
N ASN B 23 -3.83 6.54 -16.67
CA ASN B 23 -3.29 7.28 -15.55
C ASN B 23 -1.77 7.18 -15.48
N GLY B 24 -1.08 7.70 -16.49
CA GLY B 24 0.36 7.75 -16.51
C GLY B 24 0.99 6.39 -16.65
N THR B 25 2.08 6.14 -15.93
CA THR B 25 2.75 4.85 -16.04
C THR B 25 2.29 3.91 -14.93
N GLN B 26 1.16 4.23 -14.30
CA GLN B 26 0.62 3.36 -13.28
C GLN B 26 0.13 2.06 -13.89
N ARG B 27 -0.91 2.16 -14.72
CA ARG B 27 -1.49 1.00 -15.38
C ARG B 27 -1.19 1.06 -16.88
N VAL B 28 -0.51 0.05 -17.41
CA VAL B 28 -0.09 0.00 -18.80
C VAL B 28 -0.34 -1.35 -19.43
N ARG B 29 -0.92 -1.39 -20.63
CA ARG B 29 -1.06 -2.66 -21.34
C ARG B 29 -0.51 -2.55 -22.74
N LEU B 30 0.09 -3.63 -23.22
CA LEU B 30 0.71 -3.65 -24.52
C LEU B 30 -0.14 -4.50 -25.44
N LEU B 31 -0.50 -3.99 -26.59
CA LEU B 31 -1.31 -4.75 -27.51
C LEU B 31 -0.69 -4.76 -28.89
N VAL B 32 -0.08 -5.87 -29.24
CA VAL B 32 0.51 -6.08 -30.55
C VAL B 32 -0.48 -6.80 -31.45
N ARG B 33 -0.74 -6.23 -32.62
CA ARG B 33 -1.73 -6.78 -33.54
C ARG B 33 -1.09 -7.00 -34.90
N TYR B 34 -1.14 -8.23 -35.39
CA TYR B 34 -0.63 -8.54 -36.72
C TYR B 34 -1.77 -8.63 -37.72
N PHE B 35 -1.63 -7.96 -38.85
CA PHE B 35 -2.64 -7.98 -39.89
C PHE B 35 -2.10 -8.60 -41.16
N TYR B 36 -2.99 -9.19 -41.95
CA TYR B 36 -2.66 -9.58 -43.31
C TYR B 36 -3.76 -9.06 -44.18
N ASN B 37 -3.43 -8.05 -44.98
CA ASN B 37 -4.42 -7.33 -45.76
C ASN B 37 -5.49 -6.67 -44.89
N LEU B 38 -6.69 -7.20 -44.93
CA LEU B 38 -7.79 -6.57 -44.22
C LEU B 38 -8.12 -7.27 -42.93
N GLU B 39 -7.44 -8.37 -42.69
CA GLU B 39 -7.80 -9.29 -41.61
C GLU B 39 -6.75 -9.32 -40.52
N GLU B 40 -7.14 -9.01 -39.29
CA GLU B 40 -6.26 -9.14 -38.14
C GLU B 40 -6.16 -10.60 -37.81
N ASN B 41 -4.94 -11.15 -37.79
CA ASN B 41 -4.79 -12.58 -37.59
C ASN B 41 -4.12 -12.97 -36.27
N LEU B 42 -3.27 -12.13 -35.73
CA LEU B 42 -2.56 -12.46 -34.50
C LEU B 42 -2.61 -11.32 -33.47
N ARG B 43 -2.62 -11.67 -32.20
CA ARG B 43 -2.63 -10.71 -31.09
C ARG B 43 -1.67 -11.11 -29.99
N PHE B 44 -1.04 -10.12 -29.38
CA PHE B 44 -0.38 -10.30 -28.10
C PHE B 44 -0.91 -9.30 -27.11
N ASP B 45 -1.69 -9.76 -26.15
CA ASP B 45 -2.27 -8.90 -25.13
C ASP B 45 -1.48 -9.10 -23.87
N SER B 46 -0.86 -8.05 -23.34
CA SER B 46 -0.02 -8.23 -22.16
C SER B 46 -0.85 -8.65 -20.95
N ASP B 47 -2.13 -8.34 -20.97
CA ASP B 47 -3.05 -8.79 -19.94
C ASP B 47 -3.38 -10.27 -20.08
N VAL B 48 -2.89 -10.89 -21.14
CA VAL B 48 -3.07 -12.31 -21.35
C VAL B 48 -1.72 -13.00 -21.26
N GLY B 49 -0.69 -12.33 -21.74
CA GLY B 49 0.67 -12.79 -21.58
C GLY B 49 1.12 -13.79 -22.62
N GLU B 50 0.24 -14.10 -23.55
CA GLU B 50 0.55 -15.03 -24.62
C GLU B 50 -0.02 -14.57 -25.95
N PHE B 51 0.46 -15.16 -27.02
CA PHE B 51 -0.09 -14.90 -28.33
C PHE B 51 -1.39 -15.63 -28.49
N ARG B 52 -2.37 -15.01 -29.13
CA ARG B 52 -3.64 -15.67 -29.42
C ARG B 52 -3.98 -15.42 -30.87
N ALA B 53 -4.38 -16.46 -31.58
CA ALA B 53 -4.72 -16.30 -32.98
C ALA B 53 -6.13 -15.77 -33.14
N VAL B 54 -6.27 -14.69 -33.90
CA VAL B 54 -7.59 -14.13 -34.16
C VAL B 54 -8.26 -14.83 -35.32
N THR B 55 -7.48 -15.22 -36.32
CA THR B 55 -8.01 -16.08 -37.37
C THR B 55 -7.06 -17.24 -37.56
N GLU B 56 -7.51 -18.29 -38.25
CA GLU B 56 -6.71 -19.50 -38.44
C GLU B 56 -5.36 -19.19 -39.08
N LEU B 57 -5.31 -18.09 -39.82
CA LEU B 57 -4.13 -17.70 -40.55
C LEU B 57 -2.96 -17.41 -39.62
N GLY B 58 -3.26 -17.04 -38.38
CA GLY B 58 -2.26 -16.67 -37.41
C GLY B 58 -1.87 -17.72 -36.39
N ARG B 59 -2.58 -18.84 -36.42
CA ARG B 59 -2.35 -19.94 -35.49
C ARG B 59 -0.94 -20.49 -35.52
N PRO B 60 -0.34 -20.66 -36.71
CA PRO B 60 1.03 -21.18 -36.72
C PRO B 60 2.00 -20.30 -35.95
N ASP B 61 1.83 -19.00 -36.04
CA ASP B 61 2.71 -18.07 -35.34
C ASP B 61 2.48 -18.18 -33.85
N ALA B 62 1.22 -18.28 -33.47
CA ALA B 62 0.87 -18.41 -32.06
C ALA B 62 1.46 -19.65 -31.44
N GLU B 63 1.28 -20.80 -32.08
CA GLU B 63 1.80 -22.04 -31.55
C GLU B 63 3.31 -22.01 -31.50
N ASN B 64 3.91 -21.39 -32.50
CA ASN B 64 5.37 -21.32 -32.59
C ASN B 64 5.96 -20.47 -31.50
N TRP B 65 5.41 -19.27 -31.33
CA TRP B 65 5.99 -18.31 -30.41
C TRP B 65 5.69 -18.60 -28.95
N ASN B 66 4.53 -19.20 -28.67
CA ASN B 66 4.15 -19.54 -27.30
C ASN B 66 4.96 -20.69 -26.72
N SER B 67 5.68 -21.40 -27.57
CA SER B 67 6.52 -22.50 -27.12
C SER B 67 7.88 -21.97 -26.75
N GLN B 68 8.05 -20.66 -26.84
CA GLN B 68 9.30 -20.04 -26.45
C GLN B 68 9.11 -19.21 -25.20
N PRO B 69 9.36 -19.81 -24.03
CA PRO B 69 9.10 -19.11 -22.78
C PRO B 69 9.93 -17.85 -22.66
N GLU B 70 11.18 -17.94 -23.07
CA GLU B 70 12.09 -16.81 -22.95
C GLU B 70 11.70 -15.65 -23.87
N PHE B 71 10.94 -15.93 -24.92
CA PHE B 71 10.42 -14.87 -25.76
C PHE B 71 9.24 -14.22 -25.07
N LEU B 72 8.31 -15.04 -24.60
CA LEU B 72 7.13 -14.55 -23.90
C LEU B 72 7.54 -13.74 -22.69
N GLU B 73 8.59 -14.19 -22.03
CA GLU B 73 9.09 -13.50 -20.86
C GLU B 73 9.55 -12.10 -21.23
N GLN B 74 10.18 -11.98 -22.39
CA GLN B 74 10.62 -10.69 -22.88
C GLN B 74 9.46 -9.77 -23.24
N LYS B 75 8.45 -10.32 -23.92
CA LYS B 75 7.34 -9.50 -24.36
C LYS B 75 6.54 -8.97 -23.18
N ARG B 76 6.26 -9.82 -22.21
CA ARG B 76 5.50 -9.38 -21.05
C ARG B 76 6.24 -8.27 -20.36
N ALA B 77 7.56 -8.30 -20.46
CA ALA B 77 8.42 -7.31 -19.85
C ALA B 77 8.52 -6.05 -20.68
N GLU B 78 8.08 -6.09 -21.93
CA GLU B 78 8.18 -4.91 -22.80
C GLU B 78 7.28 -3.80 -22.33
N VAL B 79 6.41 -4.09 -21.38
CA VAL B 79 5.59 -3.07 -20.73
C VAL B 79 6.46 -2.10 -19.93
N ASP B 80 7.62 -2.55 -19.48
CA ASP B 80 8.54 -1.69 -18.75
C ASP B 80 9.68 -1.24 -19.64
N THR B 81 10.25 -2.17 -20.41
CA THR B 81 11.44 -1.89 -21.18
C THR B 81 11.21 -1.06 -22.43
N VAL B 82 9.97 -0.97 -22.86
CA VAL B 82 9.65 -0.18 -24.04
C VAL B 82 8.55 0.82 -23.76
N CYS B 83 7.40 0.35 -23.34
CA CYS B 83 6.28 1.23 -23.15
C CYS B 83 6.56 2.30 -22.11
N ARG B 84 6.76 1.92 -20.86
CA ARG B 84 7.04 2.92 -19.83
C ARG B 84 8.31 3.68 -20.17
N HIS B 85 9.24 3.04 -20.84
CA HIS B 85 10.46 3.71 -21.27
C HIS B 85 10.17 4.91 -22.12
N ASN B 86 9.38 4.71 -23.16
CA ASN B 86 9.06 5.77 -24.12
C ASN B 86 8.25 6.89 -23.51
N TYR B 87 7.38 6.55 -22.56
CA TYR B 87 6.56 7.56 -21.91
C TYR B 87 7.46 8.49 -21.14
N GLU B 88 8.52 7.96 -20.53
CA GLU B 88 9.47 8.79 -19.80
C GLU B 88 10.02 9.86 -20.73
N ILE B 89 10.30 9.48 -21.97
CA ILE B 89 10.84 10.40 -22.96
C ILE B 89 9.79 11.38 -23.46
N PHE B 90 8.64 10.87 -23.84
CA PHE B 90 7.62 11.70 -24.47
C PHE B 90 6.89 12.58 -23.45
N ASP B 91 7.12 12.35 -22.17
CA ASP B 91 6.49 13.16 -21.13
C ASP B 91 7.20 14.50 -21.00
N ASN B 92 8.33 14.64 -21.67
CA ASN B 92 9.09 15.89 -21.61
C ASN B 92 8.62 16.93 -22.60
N PHE B 93 7.98 16.52 -23.68
CA PHE B 93 7.57 17.48 -24.70
C PHE B 93 6.23 17.18 -25.34
N LEU B 94 5.92 15.92 -25.57
CA LEU B 94 4.65 15.59 -26.19
C LEU B 94 3.47 15.66 -25.24
N VAL B 95 3.55 14.97 -24.12
CA VAL B 95 2.42 14.94 -23.19
C VAL B 95 2.03 16.32 -22.67
N PRO B 96 3.00 17.14 -22.22
CA PRO B 96 2.59 18.41 -21.64
C PRO B 96 2.37 19.50 -22.67
N ARG B 97 2.44 19.16 -23.94
CA ARG B 97 2.33 20.13 -25.00
C ARG B 97 1.00 20.87 -24.93
N ARG B 98 1.08 22.18 -24.98
CA ARG B 98 -0.11 23.02 -24.92
C ARG B 98 -0.05 24.07 -26.02
N VAL B 99 -1.13 24.21 -26.77
CA VAL B 99 -1.23 25.27 -27.76
C VAL B 99 -2.57 25.99 -27.63
N GLU B 100 -2.50 27.30 -27.38
CA GLU B 100 -3.66 28.11 -27.06
C GLU B 100 -4.59 28.33 -28.25
N PRO B 101 -5.89 28.09 -28.05
CA PRO B 101 -6.86 28.16 -29.15
C PRO B 101 -7.13 29.59 -29.61
N THR B 102 -7.54 29.72 -30.87
CA THR B 102 -7.96 31.00 -31.43
C THR B 102 -9.45 31.01 -31.73
N VAL B 103 -10.22 31.77 -30.95
CA VAL B 103 -11.67 31.78 -31.08
C VAL B 103 -12.15 32.94 -31.95
N THR B 104 -13.06 32.63 -32.87
CA THR B 104 -13.64 33.62 -33.78
C THR B 104 -15.14 33.39 -33.96
N VAL B 105 -15.91 34.47 -34.00
CA VAL B 105 -17.36 34.38 -34.17
C VAL B 105 -17.86 35.11 -35.40
N TYR B 106 -18.67 34.42 -36.19
CA TYR B 106 -19.26 35.02 -37.39
C TYR B 106 -20.62 34.38 -37.64
N PRO B 107 -21.51 35.09 -38.37
CA PRO B 107 -22.84 34.58 -38.69
C PRO B 107 -22.83 33.36 -39.62
N LEU B 118 -27.94 31.53 -37.83
CA LEU B 118 -26.98 30.65 -37.17
C LEU B 118 -25.70 31.40 -36.82
N LEU B 119 -25.23 31.20 -35.59
CA LEU B 119 -23.99 31.81 -35.14
C LEU B 119 -22.91 30.75 -34.96
N VAL B 120 -21.77 30.97 -35.61
CA VAL B 120 -20.68 30.00 -35.59
C VAL B 120 -19.57 30.41 -34.62
N CYS B 121 -19.15 29.47 -33.76
CA CYS B 121 -18.02 29.68 -32.87
C CYS B 121 -16.83 28.88 -33.36
N SER B 122 -15.87 29.56 -33.96
CA SER B 122 -14.72 28.90 -34.56
C SER B 122 -13.53 28.79 -33.63
N VAL B 123 -13.31 27.60 -33.09
CA VAL B 123 -12.16 27.36 -32.23
C VAL B 123 -11.14 26.60 -33.04
N SER B 124 -9.99 27.20 -33.27
CA SER B 124 -9.00 26.62 -34.16
C SER B 124 -7.60 26.69 -33.58
N ASP B 125 -6.70 25.87 -34.11
CA ASP B 125 -5.30 25.86 -33.73
C ASP B 125 -5.06 25.58 -32.25
N PHE B 126 -5.57 24.46 -31.74
CA PHE B 126 -5.31 24.14 -30.34
C PHE B 126 -4.86 22.71 -30.09
N TYR B 127 -4.15 22.52 -28.98
CA TYR B 127 -3.70 21.20 -28.57
C TYR B 127 -3.56 21.21 -27.05
N PRO B 128 -3.98 20.13 -26.38
CA PRO B 128 -4.60 18.91 -26.90
C PRO B 128 -6.09 19.03 -27.18
N GLY B 129 -6.70 17.93 -27.56
CA GLY B 129 -8.09 17.93 -28.00
C GLY B 129 -9.13 18.09 -26.92
N ASN B 130 -8.70 18.12 -25.66
CA ASN B 130 -9.60 18.36 -24.55
C ASN B 130 -10.17 19.76 -24.64
N ILE B 131 -11.44 19.87 -25.03
CA ILE B 131 -12.01 21.19 -25.20
C ILE B 131 -13.47 21.22 -24.80
N GLU B 132 -13.88 22.32 -24.19
CA GLU B 132 -15.27 22.52 -23.82
C GLU B 132 -15.72 23.86 -24.38
N VAL B 133 -16.79 23.83 -25.16
CA VAL B 133 -17.32 25.03 -25.77
C VAL B 133 -18.82 25.13 -25.53
N ARG B 134 -19.24 26.25 -24.95
CA ARG B 134 -20.65 26.45 -24.65
C ARG B 134 -21.19 27.74 -25.25
N TRP B 135 -22.50 27.79 -25.46
CA TRP B 135 -23.16 28.98 -25.97
C TRP B 135 -24.01 29.63 -24.90
N PHE B 136 -23.73 30.91 -24.61
CA PHE B 136 -24.54 31.67 -23.67
C PHE B 136 -25.28 32.80 -24.36
N ARG B 137 -26.60 32.79 -24.25
CA ARG B 137 -27.41 33.92 -24.67
C ARG B 137 -28.06 34.54 -23.43
N ASN B 138 -27.74 35.80 -23.18
CA ASN B 138 -28.21 36.52 -22.00
C ASN B 138 -27.63 35.96 -20.71
N GLY B 139 -26.54 35.19 -20.83
CA GLY B 139 -25.84 34.67 -19.67
C GLY B 139 -26.28 33.28 -19.25
N LYS B 140 -27.18 32.68 -20.03
CA LYS B 140 -27.61 31.31 -19.78
C LYS B 140 -27.12 30.39 -20.90
N GLU B 141 -26.67 29.19 -20.54
CA GLU B 141 -26.13 28.26 -21.52
C GLU B 141 -27.24 27.66 -22.37
N GLU B 142 -27.33 28.08 -23.62
CA GLU B 142 -28.32 27.55 -24.54
C GLU B 142 -28.02 26.10 -24.87
N LYS B 143 -28.46 25.20 -24.01
CA LYS B 143 -28.16 23.78 -24.16
C LYS B 143 -29.06 23.09 -25.17
N THR B 144 -29.52 23.84 -26.17
CA THR B 144 -30.37 23.27 -27.21
C THR B 144 -30.18 23.99 -28.53
N GLY B 145 -30.45 23.29 -29.62
CA GLY B 145 -30.28 23.85 -30.95
C GLY B 145 -28.80 24.04 -31.23
N ILE B 146 -28.00 23.08 -30.77
CA ILE B 146 -26.56 23.12 -30.93
C ILE B 146 -26.09 22.15 -32.01
N VAL B 147 -25.52 22.69 -33.08
CA VAL B 147 -24.97 21.86 -34.14
C VAL B 147 -23.46 21.98 -34.15
N SER B 148 -22.78 20.90 -33.80
CA SER B 148 -21.32 20.90 -33.76
C SER B 148 -20.76 19.95 -34.81
N THR B 149 -19.56 20.26 -35.29
CA THR B 149 -18.90 19.44 -36.30
C THR B 149 -18.15 18.29 -35.66
N GLY B 150 -17.97 18.39 -34.35
CA GLY B 150 -17.15 17.43 -33.64
C GLY B 150 -15.72 17.92 -33.69
N LEU B 151 -14.81 17.18 -33.07
CA LEU B 151 -13.41 17.53 -33.08
C LEU B 151 -12.75 17.11 -34.38
N VAL B 152 -11.95 18.01 -34.95
CA VAL B 152 -11.29 17.74 -36.22
C VAL B 152 -9.78 17.79 -36.09
N ARG B 153 -9.12 16.73 -36.52
CA ARG B 153 -7.67 16.62 -36.41
C ARG B 153 -6.97 17.09 -37.67
N ASN B 154 -6.19 18.16 -37.57
CA ASN B 154 -5.47 18.66 -38.74
C ASN B 154 -4.27 17.82 -39.10
N GLY B 155 -3.80 17.00 -38.18
CA GLY B 155 -2.70 16.12 -38.50
C GLY B 155 -1.33 16.72 -38.26
N ASP B 156 -1.29 17.98 -37.87
CA ASP B 156 -0.02 18.60 -37.54
C ASP B 156 0.03 18.98 -36.08
N TRP B 157 -0.57 18.15 -35.24
CA TRP B 157 -0.61 18.38 -33.81
C TRP B 157 -1.37 19.65 -33.47
N THR B 158 -2.38 19.95 -34.28
CA THR B 158 -3.30 21.04 -34.00
C THR B 158 -4.70 20.56 -34.29
N PHE B 159 -5.68 21.10 -33.58
CA PHE B 159 -7.07 20.71 -33.74
C PHE B 159 -7.90 21.91 -34.16
N GLN B 160 -9.15 21.66 -34.51
CA GLN B 160 -10.08 22.75 -34.79
C GLN B 160 -11.50 22.23 -34.70
N THR B 161 -12.44 23.11 -34.42
CA THR B 161 -13.84 22.72 -34.36
C THR B 161 -14.79 23.89 -34.51
N LEU B 162 -15.98 23.62 -35.02
CA LEU B 162 -17.04 24.61 -35.16
C LEU B 162 -18.28 24.23 -34.37
N VAL B 163 -18.56 24.99 -33.32
CA VAL B 163 -19.77 24.78 -32.55
C VAL B 163 -20.78 25.85 -32.93
N MET B 164 -21.97 25.44 -33.34
CA MET B 164 -22.96 26.37 -33.86
C MET B 164 -24.28 26.39 -33.08
N LEU B 165 -24.90 27.56 -33.03
CA LEU B 165 -26.20 27.74 -32.38
C LEU B 165 -27.24 28.27 -33.37
N GLU B 166 -28.42 27.62 -33.38
CA GLU B 166 -29.41 27.89 -34.42
C GLU B 166 -30.45 28.95 -34.08
N THR B 167 -30.15 29.84 -33.12
CA THR B 167 -31.11 30.87 -32.74
C THR B 167 -31.07 32.07 -33.69
N VAL B 168 -32.22 32.73 -33.83
CA VAL B 168 -32.32 33.91 -34.69
C VAL B 168 -32.08 35.19 -33.90
N TYR B 175 -25.74 36.74 -26.90
CA TYR B 175 -25.04 35.93 -27.87
C TYR B 175 -23.53 35.92 -27.58
N THR B 176 -23.11 35.03 -26.71
CA THR B 176 -21.70 34.88 -26.38
C THR B 176 -21.31 33.41 -26.16
N CYS B 177 -20.19 32.96 -26.75
CA CYS B 177 -19.75 31.59 -26.52
C CYS B 177 -18.47 31.56 -25.69
N GLN B 178 -18.35 30.53 -24.85
CA GLN B 178 -17.23 30.39 -23.92
C GLN B 178 -16.39 29.16 -24.22
N VAL B 179 -15.07 29.31 -24.13
CA VAL B 179 -14.16 28.21 -24.44
C VAL B 179 -13.22 27.89 -23.29
N GLU B 180 -13.30 26.68 -22.77
CA GLU B 180 -12.41 26.22 -21.71
C GLU B 180 -11.40 25.21 -22.21
N HIS B 181 -10.15 25.38 -21.83
CA HIS B 181 -9.07 24.56 -22.37
C HIS B 181 -7.85 24.53 -21.45
N PRO B 182 -7.22 23.35 -21.30
CA PRO B 182 -6.04 23.11 -20.48
C PRO B 182 -4.88 24.08 -20.71
N SER B 183 -4.92 24.80 -21.82
CA SER B 183 -3.89 25.80 -22.09
C SER B 183 -4.32 27.17 -21.61
N LEU B 184 -5.52 27.24 -21.04
CA LEU B 184 -6.08 28.49 -20.58
C LEU B 184 -6.27 28.51 -19.08
N THR B 185 -5.53 29.40 -18.42
CA THR B 185 -5.67 29.58 -16.99
C THR B 185 -7.07 30.08 -16.67
N ASP B 186 -7.57 31.00 -17.49
CA ASP B 186 -8.93 31.50 -17.35
C ASP B 186 -9.67 31.35 -18.67
N PRO B 187 -10.94 30.93 -18.61
CA PRO B 187 -11.76 30.68 -19.80
C PRO B 187 -11.78 31.84 -20.77
N VAL B 188 -11.80 31.54 -22.07
CA VAL B 188 -11.88 32.56 -23.10
C VAL B 188 -13.31 32.77 -23.52
N THR B 189 -13.70 34.04 -23.58
CA THR B 189 -15.07 34.42 -23.90
C THR B 189 -15.08 35.39 -25.07
N VAL B 190 -16.00 35.16 -26.00
CA VAL B 190 -16.26 36.13 -27.04
C VAL B 190 -17.77 36.31 -27.18
N GLU B 191 -18.18 37.48 -27.63
CA GLU B 191 -19.59 37.83 -27.70
C GLU B 191 -19.87 38.62 -28.96
N TRP B 192 -21.10 38.49 -29.47
CA TRP B 192 -21.43 39.19 -30.69
C TRP B 192 -22.39 40.32 -30.36
N LYS B 193 -22.80 41.08 -31.38
CA LYS B 193 -23.70 42.21 -31.18
C LYS B 193 -25.16 41.81 -31.33
N ALA C 1 19.47 13.91 -25.92
CA ALA C 1 19.25 12.93 -26.97
C ALA C 1 19.15 11.52 -26.42
N ASN C 2 18.04 11.25 -25.74
CA ASN C 2 17.73 9.93 -25.22
C ASN C 2 16.79 9.22 -26.18
N GLY C 3 17.20 8.06 -26.66
CA GLY C 3 16.58 7.45 -27.82
C GLY C 3 15.36 6.60 -27.52
N VAL C 4 14.31 6.80 -28.30
CA VAL C 4 13.08 6.05 -28.07
C VAL C 4 13.32 4.61 -28.42
N ALA C 5 12.56 3.71 -27.80
CA ALA C 5 12.74 2.29 -27.99
C ALA C 5 11.65 1.71 -28.85
N PHE C 6 11.95 0.60 -29.50
CA PHE C 6 11.02 0.00 -30.44
C PHE C 6 10.94 -1.49 -30.25
N PHE C 7 9.90 -2.11 -30.81
CA PHE C 7 9.73 -3.53 -30.71
C PHE C 7 10.42 -4.21 -31.87
N LEU C 8 11.16 -5.27 -31.59
CA LEU C 8 11.79 -6.04 -32.64
C LEU C 8 10.74 -6.97 -33.24
N THR C 9 10.67 -7.02 -34.56
CA THR C 9 9.74 -7.92 -35.22
C THR C 9 10.47 -9.20 -35.58
N PRO C 10 9.89 -10.33 -35.22
CA PRO C 10 10.46 -11.67 -35.36
C PRO C 10 10.14 -12.31 -36.68
N PHE C 11 11.04 -13.17 -37.16
CA PHE C 11 10.78 -13.88 -38.40
C PHE C 11 9.72 -14.93 -38.17
N LYS C 12 8.78 -15.03 -39.09
CA LYS C 12 7.76 -16.06 -39.02
C LYS C 12 8.28 -17.29 -39.73
N ALA C 13 7.94 -18.47 -39.23
CA ALA C 13 8.27 -19.74 -39.88
C ALA C 13 9.72 -19.86 -40.35
N GLY D 3 35.36 0.15 -24.03
CA GLY D 3 34.81 1.47 -24.19
C GLY D 3 33.34 1.44 -24.55
N ASP D 4 32.92 0.41 -25.28
CA ASP D 4 31.50 0.21 -25.56
C ASP D 4 31.08 -1.17 -25.07
N GLN D 5 31.23 -1.37 -23.77
CA GLN D 5 30.93 -2.64 -23.14
C GLN D 5 30.11 -2.30 -21.90
N VAL D 6 29.66 -3.30 -21.17
CA VAL D 6 28.86 -3.06 -19.98
C VAL D 6 29.70 -3.00 -18.72
N GLU D 7 29.51 -1.95 -17.92
CA GLU D 7 30.22 -1.79 -16.67
C GLU D 7 29.93 -2.93 -15.74
N GLN D 8 30.88 -3.84 -15.62
CA GLN D 8 30.72 -5.00 -14.76
C GLN D 8 31.75 -5.00 -13.67
N SER D 9 31.26 -5.15 -12.44
CA SER D 9 32.13 -5.16 -11.27
C SER D 9 31.79 -6.34 -10.39
N PRO D 10 32.79 -6.91 -9.72
CA PRO D 10 34.19 -6.52 -9.71
C PRO D 10 34.97 -7.13 -10.87
N SER D 11 36.19 -6.65 -11.07
CA SER D 11 37.06 -7.20 -12.11
C SER D 11 37.47 -8.61 -11.78
N ALA D 12 37.95 -8.81 -10.55
CA ALA D 12 38.36 -10.14 -10.11
C ALA D 12 37.86 -10.39 -8.70
N LEU D 13 37.77 -11.65 -8.33
CA LEU D 13 37.11 -12.02 -7.09
C LEU D 13 37.67 -13.31 -6.53
N SER D 14 37.96 -13.32 -5.24
CA SER D 14 38.41 -14.53 -4.56
C SER D 14 37.45 -14.89 -3.43
N LEU D 15 36.88 -16.09 -3.50
CA LEU D 15 35.93 -16.53 -2.50
C LEU D 15 36.43 -17.79 -1.81
N HIS D 16 36.38 -17.81 -0.48
CA HIS D 16 36.70 -19.03 0.24
C HIS D 16 35.57 -20.00 0.03
N GLU D 17 35.91 -21.28 -0.14
CA GLU D 17 34.92 -22.31 -0.37
C GLU D 17 33.85 -22.27 0.69
N GLY D 18 32.61 -22.08 0.26
CA GLY D 18 31.50 -22.03 1.20
C GLY D 18 31.03 -20.63 1.51
N THR D 19 31.71 -19.63 0.96
CA THR D 19 31.25 -18.26 1.11
C THR D 19 30.45 -17.81 -0.10
N GLY D 20 30.08 -16.54 -0.13
CA GLY D 20 29.32 -15.99 -1.24
C GLY D 20 29.60 -14.52 -1.50
N SER D 21 29.25 -14.07 -2.70
CA SER D 21 29.40 -12.67 -3.08
C SER D 21 28.56 -12.40 -4.32
N ALA D 22 28.57 -11.16 -4.79
CA ALA D 22 27.68 -10.78 -5.88
C ALA D 22 28.41 -10.04 -7.00
N LEU D 23 28.04 -10.35 -8.23
CA LEU D 23 28.56 -9.68 -9.40
C LEU D 23 27.50 -8.72 -9.89
N ARG D 24 27.89 -7.62 -10.53
CA ARG D 24 26.92 -6.61 -10.94
C ARG D 24 27.22 -5.91 -12.24
N CYS D 25 26.20 -5.77 -13.08
CA CYS D 25 26.29 -4.99 -14.31
C CYS D 25 25.54 -3.69 -14.21
N ASN D 26 26.18 -2.62 -14.62
CA ASN D 26 25.52 -1.32 -14.64
C ASN D 26 25.25 -0.89 -16.07
N PHE D 27 24.00 -0.60 -16.37
CA PHE D 27 23.63 -0.27 -17.72
C PHE D 27 23.46 1.22 -17.90
N THR D 28 23.72 1.70 -19.11
CA THR D 28 23.64 3.11 -19.44
C THR D 28 22.27 3.50 -19.97
N THR D 29 21.38 2.52 -20.09
CA THR D 29 20.02 2.76 -20.56
C THR D 29 19.12 1.58 -20.26
N THR D 30 17.86 1.69 -20.66
CA THR D 30 16.92 0.61 -20.43
C THR D 30 17.28 -0.56 -21.29
N MET D 31 17.51 -1.70 -20.66
CA MET D 31 17.86 -2.91 -21.38
C MET D 31 16.64 -3.80 -21.54
N ARG D 32 16.62 -4.56 -22.63
CA ARG D 32 15.46 -5.34 -23.00
C ARG D 32 15.40 -6.63 -22.20
N ALA D 33 16.56 -7.18 -21.89
CA ALA D 33 16.70 -8.40 -21.13
C ALA D 33 18.17 -8.59 -20.84
N VAL D 34 18.52 -9.42 -19.87
CA VAL D 34 19.92 -9.64 -19.53
C VAL D 34 20.24 -11.09 -19.56
N GLN D 35 21.49 -11.42 -19.88
CA GLN D 35 21.96 -12.78 -19.98
C GLN D 35 23.28 -12.92 -19.23
N TRP D 36 23.50 -14.05 -18.56
CA TRP D 36 24.75 -14.26 -17.83
C TRP D 36 25.50 -15.51 -18.27
N PHE D 37 26.81 -15.39 -18.48
CA PHE D 37 27.62 -16.51 -18.94
C PHE D 37 28.79 -16.82 -18.01
N ARG D 38 29.23 -18.07 -18.05
CA ARG D 38 30.43 -18.48 -17.32
C ARG D 38 31.32 -19.29 -18.23
N LYS D 39 32.60 -18.94 -18.25
CA LYS D 39 33.57 -19.70 -19.01
C LYS D 39 34.44 -20.50 -18.05
N ASN D 40 34.45 -21.83 -18.22
CA ASN D 40 35.20 -22.67 -17.30
C ASN D 40 36.69 -22.51 -17.43
N SER D 41 37.40 -23.47 -16.87
CA SER D 41 38.82 -23.63 -17.13
C SER D 41 38.97 -24.55 -18.33
N ARG D 42 39.41 -23.98 -19.46
CA ARG D 42 39.49 -24.70 -20.73
C ARG D 42 38.10 -25.19 -21.15
N GLY D 43 37.07 -24.51 -20.64
CA GLY D 43 35.70 -24.90 -20.92
C GLY D 43 35.00 -23.99 -21.91
N SER D 44 33.82 -24.40 -22.32
CA SER D 44 33.03 -23.59 -23.23
C SER D 44 32.31 -22.53 -22.42
N LEU D 45 31.72 -21.56 -23.11
CA LEU D 45 30.84 -20.61 -22.46
C LEU D 45 29.54 -21.31 -22.09
N ILE D 46 29.27 -21.38 -20.79
CA ILE D 46 28.04 -21.98 -20.33
C ILE D 46 27.01 -20.93 -20.02
N ASN D 47 25.83 -21.08 -20.61
CA ASN D 47 24.71 -20.18 -20.39
C ASN D 47 24.10 -20.39 -19.01
N LEU D 48 24.03 -19.32 -18.21
CA LEU D 48 23.52 -19.45 -16.85
C LEU D 48 22.08 -18.96 -16.72
N PHE D 49 21.83 -17.73 -17.11
CA PHE D 49 20.49 -17.18 -16.98
C PHE D 49 20.05 -16.37 -18.18
N TYR D 50 18.74 -16.31 -18.38
CA TYR D 50 18.14 -15.32 -19.23
C TYR D 50 17.07 -14.61 -18.46
N LEU D 51 17.29 -13.33 -18.18
CA LEU D 51 16.36 -12.54 -17.42
C LEU D 51 15.75 -11.43 -18.22
N ALA D 52 14.44 -11.27 -18.12
CA ALA D 52 13.80 -10.13 -18.72
C ALA D 52 13.24 -9.23 -17.64
N SER D 53 13.02 -9.80 -16.46
CA SER D 53 12.49 -9.09 -15.32
C SER D 53 12.58 -9.94 -14.07
N GLY D 54 12.51 -9.29 -12.92
CA GLY D 54 12.49 -10.01 -11.66
C GLY D 54 13.74 -10.80 -11.41
N THR D 55 13.61 -11.93 -10.71
CA THR D 55 14.75 -12.74 -10.35
C THR D 55 14.55 -14.19 -10.76
N LYS D 56 15.66 -14.87 -11.00
CA LYS D 56 15.64 -16.28 -11.29
C LYS D 56 16.71 -16.94 -10.45
N GLU D 57 16.45 -18.15 -9.98
CA GLU D 57 17.41 -18.85 -9.14
C GLU D 57 17.68 -20.23 -9.68
N ASN D 58 18.96 -20.56 -9.83
CA ASN D 58 19.38 -21.84 -10.35
C ASN D 58 20.46 -22.47 -9.49
N GLY D 59 20.06 -23.38 -8.62
CA GLY D 59 20.98 -24.03 -7.71
C GLY D 59 21.56 -23.02 -6.73
N ARG D 60 22.86 -22.85 -6.78
CA ARG D 60 23.53 -21.95 -5.86
C ARG D 60 23.68 -20.57 -6.47
N LEU D 61 23.01 -20.35 -7.60
CA LEU D 61 23.06 -19.07 -8.29
C LEU D 61 21.70 -18.41 -8.38
N LYS D 62 21.65 -17.14 -8.01
CA LYS D 62 20.45 -16.33 -8.16
C LYS D 62 20.80 -15.08 -8.93
N SER D 63 19.94 -14.70 -9.88
CA SER D 63 20.19 -13.52 -10.69
C SER D 63 19.01 -12.58 -10.65
N ALA D 64 19.29 -11.29 -10.76
CA ALA D 64 18.26 -10.27 -10.64
C ALA D 64 18.41 -9.23 -11.71
N PHE D 65 17.31 -8.69 -12.19
CA PHE D 65 17.38 -7.68 -13.22
C PHE D 65 16.33 -6.63 -13.00
N ASP D 66 16.75 -5.39 -12.80
CA ASP D 66 15.82 -4.29 -12.65
C ASP D 66 15.96 -3.36 -13.82
N SER D 67 15.03 -3.49 -14.75
CA SER D 67 15.02 -2.71 -15.97
C SER D 67 15.08 -1.22 -15.69
N LYS D 68 14.27 -0.76 -14.74
CA LYS D 68 14.17 0.66 -14.45
C LYS D 68 15.43 1.20 -13.84
N GLU D 69 15.95 0.51 -12.84
CA GLU D 69 17.12 0.98 -12.11
C GLU D 69 18.41 0.73 -12.87
N ARG D 70 18.29 0.07 -14.01
CA ARG D 70 19.41 -0.11 -14.92
C ARG D 70 20.57 -0.88 -14.31
N TYR D 71 20.31 -2.06 -13.77
CA TYR D 71 21.37 -2.93 -13.28
C TYR D 71 20.97 -4.39 -13.33
N SER D 72 21.95 -5.28 -13.26
CA SER D 72 21.69 -6.69 -13.05
C SER D 72 22.79 -7.30 -12.22
N THR D 73 22.41 -8.22 -11.35
CA THR D 73 23.34 -8.84 -10.41
C THR D 73 23.32 -10.35 -10.48
N LEU D 74 24.48 -10.96 -10.29
CA LEU D 74 24.56 -12.41 -10.20
C LEU D 74 25.05 -12.71 -8.81
N HIS D 75 24.32 -13.57 -8.09
CA HIS D 75 24.69 -13.89 -6.72
C HIS D 75 25.19 -15.32 -6.66
N ILE D 76 26.36 -15.50 -6.07
CA ILE D 76 26.88 -16.82 -5.83
C ILE D 76 26.82 -17.09 -4.35
N ARG D 77 26.23 -18.23 -3.97
CA ARG D 77 26.21 -18.61 -2.58
C ARG D 77 26.78 -19.99 -2.42
N ASP D 78 27.39 -20.25 -1.27
CA ASP D 78 27.96 -21.57 -1.02
C ASP D 78 28.95 -21.91 -2.11
N ALA D 79 29.88 -20.99 -2.35
CA ALA D 79 30.86 -21.13 -3.42
C ALA D 79 31.51 -22.50 -3.40
N GLN D 80 31.57 -23.15 -4.55
CA GLN D 80 32.20 -24.45 -4.68
C GLN D 80 33.41 -24.30 -5.58
N LEU D 81 34.16 -25.38 -5.76
CA LEU D 81 35.33 -25.34 -6.61
C LEU D 81 34.94 -25.06 -8.06
N GLU D 82 33.89 -25.73 -8.53
CA GLU D 82 33.50 -25.64 -9.94
C GLU D 82 32.89 -24.31 -10.30
N ASP D 83 32.65 -23.45 -9.33
CA ASP D 83 32.14 -22.12 -9.63
C ASP D 83 33.22 -21.20 -10.15
N SER D 84 34.46 -21.66 -10.14
CA SER D 84 35.57 -20.89 -10.67
C SER D 84 35.37 -20.64 -12.16
N GLY D 85 35.85 -19.50 -12.65
CA GLY D 85 35.75 -19.17 -14.05
C GLY D 85 35.63 -17.68 -14.31
N THR D 86 35.28 -17.32 -15.54
CA THR D 86 35.07 -15.92 -15.90
C THR D 86 33.61 -15.68 -16.21
N TYR D 87 33.02 -14.69 -15.57
CA TYR D 87 31.60 -14.43 -15.72
C TYR D 87 31.31 -13.21 -16.55
N PHE D 88 30.45 -13.37 -17.56
CA PHE D 88 30.09 -12.29 -18.46
C PHE D 88 28.61 -12.04 -18.43
N CYS D 89 28.18 -10.79 -18.51
CA CYS D 89 26.79 -10.52 -18.77
C CYS D 89 26.62 -9.92 -20.14
N ALA D 90 25.45 -10.13 -20.73
CA ALA D 90 25.18 -9.64 -22.07
C ALA D 90 23.74 -9.20 -22.18
N ALA D 91 23.53 -7.99 -22.66
CA ALA D 91 22.19 -7.45 -22.77
C ALA D 91 22.08 -6.55 -23.97
N GLU D 92 20.89 -6.45 -24.56
CA GLU D 92 20.72 -5.52 -25.65
C GLU D 92 19.74 -4.41 -25.29
N ALA D 93 20.10 -3.18 -25.63
CA ALA D 93 19.32 -2.02 -25.27
C ALA D 93 17.98 -2.03 -25.95
N SER D 94 16.98 -1.44 -25.33
CA SER D 94 15.65 -1.43 -25.93
C SER D 94 15.60 -0.51 -27.13
N ASN D 95 16.52 0.44 -27.22
CA ASN D 95 16.51 1.38 -28.32
C ASN D 95 17.54 1.05 -29.38
N THR D 96 18.13 -0.14 -29.34
CA THR D 96 19.02 -0.58 -30.40
C THR D 96 18.70 -2.01 -30.78
N ASN D 97 19.46 -2.52 -31.73
CA ASN D 97 19.29 -3.88 -32.21
C ASN D 97 20.44 -4.78 -31.81
N LYS D 98 21.41 -4.20 -31.09
CA LYS D 98 22.68 -4.87 -30.90
C LYS D 98 22.97 -5.31 -29.48
N VAL D 99 23.42 -6.55 -29.34
CA VAL D 99 23.82 -7.08 -28.05
C VAL D 99 25.19 -6.58 -27.67
N VAL D 100 25.36 -6.15 -26.43
CA VAL D 100 26.63 -5.65 -25.95
C VAL D 100 27.02 -6.42 -24.71
N PHE D 101 28.31 -6.65 -24.49
CA PHE D 101 28.78 -7.54 -23.44
C PHE D 101 29.41 -6.80 -22.27
N GLY D 102 29.52 -7.48 -21.13
CA GLY D 102 30.16 -6.91 -19.96
C GLY D 102 31.66 -7.03 -20.01
N THR D 103 32.36 -6.29 -19.16
CA THR D 103 33.81 -6.27 -19.17
C THR D 103 34.41 -7.58 -18.66
N GLY D 104 33.62 -8.33 -17.90
CA GLY D 104 34.04 -9.63 -17.42
C GLY D 104 34.50 -9.65 -15.97
N THR D 105 34.29 -10.78 -15.31
CA THR D 105 34.72 -10.97 -13.93
C THR D 105 35.42 -12.32 -13.72
N ARG D 106 36.65 -12.28 -13.23
CA ARG D 106 37.42 -13.48 -12.95
C ARG D 106 37.21 -13.96 -11.52
N LEU D 107 36.52 -15.08 -11.35
CA LEU D 107 36.22 -15.59 -10.03
C LEU D 107 37.07 -16.80 -9.69
N GLN D 108 37.85 -16.71 -8.61
CA GLN D 108 38.65 -17.82 -8.15
C GLN D 108 38.19 -18.29 -6.78
N VAL D 109 37.90 -19.57 -6.65
CA VAL D 109 37.44 -20.13 -5.39
C VAL D 109 38.51 -20.95 -4.68
N LEU D 110 38.87 -20.52 -3.47
CA LEU D 110 39.88 -21.19 -2.68
C LEU D 110 39.25 -22.29 -1.85
N PRO D 111 39.79 -23.51 -1.96
CA PRO D 111 39.19 -24.62 -1.24
C PRO D 111 39.48 -24.57 0.24
N ASN D 112 38.63 -25.19 1.04
CA ASN D 112 38.87 -25.28 2.46
C ASN D 112 39.63 -26.56 2.80
N ILE D 113 40.88 -26.39 3.23
CA ILE D 113 41.72 -27.52 3.61
C ILE D 113 41.59 -27.79 5.11
N GLN D 114 40.86 -28.85 5.44
CA GLN D 114 40.58 -29.17 6.84
C GLN D 114 41.85 -29.55 7.58
N ASN D 115 42.63 -30.43 6.96
CA ASN D 115 43.85 -30.92 7.59
C ASN D 115 45.07 -30.73 6.71
N PRO D 116 45.74 -29.58 6.86
CA PRO D 116 46.95 -29.26 6.10
C PRO D 116 48.06 -30.26 6.37
N ASP D 117 48.70 -30.75 5.32
CA ASP D 117 49.81 -31.67 5.49
C ASP D 117 50.93 -31.41 4.48
N PRO D 118 51.52 -30.20 4.53
CA PRO D 118 52.50 -29.77 3.53
C PRO D 118 53.67 -30.73 3.38
N ALA D 119 53.95 -31.16 2.15
CA ALA D 119 54.98 -32.16 1.90
C ALA D 119 55.55 -32.02 0.49
N VAL D 120 56.79 -32.47 0.31
CA VAL D 120 57.41 -32.48 -1.01
C VAL D 120 57.94 -33.87 -1.32
N TYR D 121 57.45 -34.47 -2.41
CA TYR D 121 57.89 -35.81 -2.78
C TYR D 121 58.66 -35.80 -4.09
N GLN D 122 59.41 -36.87 -4.35
CA GLN D 122 60.10 -37.02 -5.63
C GLN D 122 59.53 -38.20 -6.41
N LEU D 123 59.28 -38.00 -7.70
CA LEU D 123 58.71 -39.05 -8.53
C LEU D 123 59.65 -39.42 -9.67
N ARG D 124 59.79 -40.73 -9.91
CA ARG D 124 60.66 -41.23 -10.97
C ARG D 124 59.87 -41.54 -12.24
N ASP D 125 60.55 -41.49 -13.38
CA ASP D 125 59.93 -41.77 -14.66
C ASP D 125 59.47 -43.22 -14.72
N SER D 126 58.27 -43.45 -15.25
CA SER D 126 57.77 -44.81 -15.43
C SER D 126 58.51 -45.51 -16.56
N ASP D 130 64.57 -42.04 -17.73
CA ASP D 130 64.60 -41.95 -16.28
C ASP D 130 64.70 -40.50 -15.83
N LYS D 131 63.62 -39.75 -16.08
CA LYS D 131 63.47 -38.39 -15.57
C LYS D 131 62.85 -38.38 -14.17
N SER D 132 62.89 -37.22 -13.52
CA SER D 132 62.38 -37.11 -12.15
C SER D 132 61.80 -35.71 -11.90
N VAL D 133 60.72 -35.67 -11.12
CA VAL D 133 60.04 -34.42 -10.78
C VAL D 133 59.73 -34.26 -9.29
N CYS D 134 59.56 -33.01 -8.86
CA CYS D 134 59.21 -32.72 -7.48
C CYS D 134 57.78 -32.20 -7.32
N LEU D 135 57.07 -32.72 -6.34
CA LEU D 135 55.66 -32.43 -6.12
C LEU D 135 55.36 -31.77 -4.78
N PHE D 136 55.07 -30.48 -4.79
CA PHE D 136 54.62 -29.79 -3.58
C PHE D 136 53.12 -29.99 -3.43
N THR D 137 52.67 -30.59 -2.33
CA THR D 137 51.27 -30.94 -2.21
C THR D 137 50.69 -30.80 -0.80
N ASP D 138 49.36 -30.81 -0.73
CA ASP D 138 48.59 -30.86 0.50
C ASP D 138 48.77 -29.63 1.40
N PHE D 139 49.26 -28.53 0.85
CA PHE D 139 49.36 -27.30 1.61
C PHE D 139 48.02 -26.56 1.58
N ASP D 140 47.85 -25.60 2.47
CA ASP D 140 46.59 -24.86 2.53
C ASP D 140 46.56 -23.73 1.52
N SER D 141 45.39 -23.15 1.32
CA SER D 141 45.19 -22.14 0.29
C SER D 141 45.87 -20.81 0.61
N GLN D 142 46.40 -20.69 1.83
CA GLN D 142 47.06 -19.46 2.24
C GLN D 142 48.49 -19.44 1.73
N THR D 143 48.98 -20.59 1.29
CA THR D 143 50.32 -20.69 0.74
C THR D 143 50.34 -20.25 -0.72
N ASN D 144 51.29 -19.40 -1.08
CA ASN D 144 51.42 -18.93 -2.46
C ASN D 144 52.65 -19.51 -3.13
N VAL D 145 52.47 -20.08 -4.32
CA VAL D 145 53.58 -20.68 -5.05
C VAL D 145 54.25 -19.67 -5.98
N SER D 146 55.56 -19.50 -5.82
CA SER D 146 56.30 -18.53 -6.62
C SER D 146 57.16 -19.22 -7.68
N GLN D 147 57.34 -18.53 -8.81
CA GLN D 147 58.07 -19.09 -9.96
C GLN D 147 59.55 -19.31 -9.68
N SER D 148 60.06 -20.42 -10.20
CA SER D 148 61.48 -20.76 -10.09
C SER D 148 62.33 -19.76 -10.85
N LYS D 149 63.44 -19.34 -10.24
CA LYS D 149 64.27 -18.30 -10.82
C LYS D 149 65.18 -18.81 -11.94
N ASP D 150 66.28 -19.47 -11.60
CA ASP D 150 67.26 -19.90 -12.59
C ASP D 150 66.61 -20.69 -13.72
N SER D 151 66.99 -20.37 -14.95
CA SER D 151 66.26 -20.81 -16.14
C SER D 151 66.28 -22.32 -16.39
N ASP D 152 66.95 -23.08 -15.53
CA ASP D 152 67.05 -24.52 -15.73
C ASP D 152 66.08 -25.29 -14.83
N VAL D 153 65.40 -24.58 -13.94
CA VAL D 153 64.38 -25.22 -13.11
C VAL D 153 63.01 -24.60 -13.38
N TYR D 154 61.99 -25.44 -13.47
CA TYR D 154 60.65 -24.96 -13.77
C TYR D 154 59.69 -25.24 -12.62
N ILE D 155 58.79 -24.30 -12.35
CA ILE D 155 57.74 -24.49 -11.35
C ILE D 155 56.40 -24.00 -11.87
N THR D 156 55.38 -24.84 -11.75
CA THR D 156 54.05 -24.48 -12.23
C THR D 156 53.27 -23.80 -11.13
N ASP D 157 52.23 -23.06 -11.49
CA ASP D 157 51.36 -22.44 -10.50
C ASP D 157 50.55 -23.51 -9.80
N LYS D 158 50.00 -23.19 -8.63
CA LYS D 158 49.29 -24.19 -7.84
C LYS D 158 47.98 -24.62 -8.50
N CYS D 159 47.52 -25.82 -8.15
CA CYS D 159 46.32 -26.38 -8.76
C CYS D 159 45.56 -27.23 -7.75
N VAL D 160 44.23 -27.23 -7.85
CA VAL D 160 43.40 -27.96 -6.91
C VAL D 160 42.70 -29.16 -7.53
N LEU D 161 42.86 -30.33 -6.90
CA LEU D 161 42.18 -31.53 -7.35
C LEU D 161 41.13 -31.99 -6.35
N ASP D 162 40.07 -32.64 -6.85
CA ASP D 162 38.94 -33.01 -6.03
C ASP D 162 38.59 -34.50 -6.17
N MET D 163 38.93 -35.29 -5.16
CA MET D 163 38.56 -36.70 -5.15
C MET D 163 37.14 -36.87 -4.64
N ARG D 164 36.17 -36.77 -5.54
CA ARG D 164 34.75 -36.77 -5.18
C ARG D 164 34.35 -37.96 -4.32
N SER D 165 34.85 -39.13 -4.66
CA SER D 165 34.51 -40.36 -3.94
C SER D 165 34.80 -40.26 -2.45
N MET D 166 35.91 -39.63 -2.09
CA MET D 166 36.33 -39.56 -0.69
C MET D 166 36.15 -38.18 -0.07
N ASP D 167 35.54 -37.26 -0.80
CA ASP D 167 35.31 -35.90 -0.31
C ASP D 167 36.60 -35.26 0.19
N PHE D 168 37.62 -35.28 -0.65
CA PHE D 168 38.92 -34.74 -0.27
C PHE D 168 39.50 -33.88 -1.38
N LYS D 169 39.93 -32.68 -1.00
CA LYS D 169 40.52 -31.73 -1.94
C LYS D 169 41.93 -31.39 -1.51
N SER D 170 42.83 -31.18 -2.47
CA SER D 170 44.22 -30.92 -2.14
C SER D 170 44.93 -30.03 -3.15
N ASN D 171 45.74 -29.12 -2.63
CA ASN D 171 46.55 -28.26 -3.48
C ASN D 171 47.80 -29.00 -3.93
N SER D 172 48.34 -28.60 -5.08
CA SER D 172 49.54 -29.22 -5.59
C SER D 172 50.23 -28.37 -6.65
N ALA D 173 51.56 -28.43 -6.66
CA ALA D 173 52.37 -27.75 -7.67
C ALA D 173 53.54 -28.65 -8.07
N VAL D 174 53.93 -28.59 -9.33
CA VAL D 174 54.97 -29.49 -9.82
C VAL D 174 56.19 -28.71 -10.27
N ALA D 175 57.37 -29.23 -9.93
CA ALA D 175 58.63 -28.62 -10.31
C ALA D 175 59.59 -29.66 -10.88
N TRP D 176 60.33 -29.29 -11.91
CA TRP D 176 61.27 -30.22 -12.53
C TRP D 176 62.47 -29.49 -13.13
N SER D 177 63.52 -30.26 -13.40
CA SER D 177 64.73 -29.72 -14.02
C SER D 177 65.61 -30.81 -14.62
N ASN D 178 66.63 -30.38 -15.36
CA ASN D 178 67.62 -31.28 -15.91
C ASN D 178 68.98 -31.08 -15.25
N LYS D 179 69.21 -29.87 -14.76
CA LYS D 179 70.44 -29.49 -14.09
C LYS D 179 70.79 -30.45 -12.95
N SER D 180 72.05 -30.84 -12.87
CA SER D 180 72.50 -31.83 -11.89
C SER D 180 72.56 -31.29 -10.46
N ASP D 181 72.52 -29.97 -10.33
CA ASP D 181 72.56 -29.34 -9.01
C ASP D 181 71.18 -29.27 -8.37
N PHE D 182 70.20 -29.86 -9.04
CA PHE D 182 68.80 -29.77 -8.62
C PHE D 182 68.37 -30.92 -7.73
N ALA D 183 67.87 -30.58 -6.55
CA ALA D 183 67.31 -31.55 -5.62
C ALA D 183 65.99 -31.03 -5.09
N CYS D 184 65.12 -31.95 -4.68
CA CYS D 184 63.79 -31.58 -4.20
C CYS D 184 63.85 -30.67 -2.99
N ALA D 185 64.91 -30.79 -2.20
CA ALA D 185 65.07 -29.99 -1.00
C ALA D 185 65.16 -28.50 -1.32
N ASN D 186 65.72 -28.18 -2.49
CA ASN D 186 65.93 -26.79 -2.86
C ASN D 186 65.04 -26.39 -4.02
N ALA D 187 64.08 -27.24 -4.34
CA ALA D 187 63.19 -26.99 -5.45
C ALA D 187 62.30 -25.78 -5.19
N PHE D 188 61.60 -25.79 -4.08
CA PHE D 188 60.62 -24.76 -3.77
C PHE D 188 61.17 -23.75 -2.77
N ASN D 189 62.48 -23.51 -2.82
CA ASN D 189 63.09 -22.53 -1.94
C ASN D 189 62.70 -21.11 -2.31
N ASN D 190 62.36 -20.92 -3.57
CA ASN D 190 61.98 -19.59 -4.08
C ASN D 190 60.69 -19.08 -3.46
N SER D 191 59.91 -19.99 -2.90
CA SER D 191 58.62 -19.62 -2.31
C SER D 191 58.68 -19.64 -0.79
N ILE D 192 57.76 -18.91 -0.17
CA ILE D 192 57.60 -18.95 1.27
C ILE D 192 56.69 -20.11 1.62
N ILE D 193 57.30 -21.25 1.94
CA ILE D 193 56.56 -22.47 2.25
C ILE D 193 56.30 -22.59 3.75
N PRO D 194 55.26 -23.34 4.13
CA PRO D 194 54.98 -23.60 5.55
C PRO D 194 56.21 -24.16 6.26
N GLU D 195 56.42 -23.74 7.50
CA GLU D 195 57.61 -24.13 8.25
C GLU D 195 57.68 -25.64 8.47
N ASP D 196 56.53 -26.25 8.68
CA ASP D 196 56.47 -27.68 8.99
C ASP D 196 56.29 -28.55 7.75
N THR D 197 56.89 -28.13 6.63
CA THR D 197 56.80 -28.91 5.40
C THR D 197 57.61 -30.21 5.52
N PHE D 198 56.93 -31.33 5.28
CA PHE D 198 57.51 -32.65 5.43
C PHE D 198 58.44 -32.99 4.27
N PHE D 199 59.71 -33.26 4.59
CA PHE D 199 60.71 -33.58 3.56
C PHE D 199 61.28 -34.97 3.72
N PRO D 200 60.69 -35.95 3.03
CA PRO D 200 61.13 -37.35 3.05
C PRO D 200 62.57 -37.54 2.56
N SER D 201 63.07 -38.77 2.68
CA SER D 201 64.41 -39.12 2.21
C SER D 201 65.49 -38.31 2.92
N SER E 22 22.84 -31.30 -33.55
CA SER E 22 22.39 -31.73 -32.23
C SER E 22 22.03 -30.52 -31.37
N GLY E 23 21.99 -30.73 -30.06
CA GLY E 23 21.60 -29.68 -29.13
C GLY E 23 21.14 -30.27 -27.82
N GLY E 24 21.13 -29.48 -26.76
CA GLY E 24 21.50 -28.07 -26.83
C GLY E 24 22.97 -27.80 -26.63
N LYS E 25 23.69 -27.79 -27.74
CA LYS E 25 25.13 -27.67 -27.75
C LYS E 25 25.53 -27.12 -29.10
N VAL E 26 26.55 -26.28 -29.12
CA VAL E 26 27.07 -25.77 -30.37
C VAL E 26 28.49 -26.26 -30.59
N ILE E 27 28.70 -26.92 -31.72
CA ILE E 27 29.94 -27.60 -31.99
C ILE E 27 30.82 -26.80 -32.92
N GLN E 28 31.89 -26.24 -32.38
CA GLN E 28 32.85 -25.53 -33.19
C GLN E 28 34.09 -26.39 -33.38
N THR E 29 34.54 -26.49 -34.63
CA THR E 29 35.73 -27.24 -34.97
C THR E 29 36.58 -26.39 -35.88
N PRO E 30 37.91 -26.45 -35.71
CA PRO E 30 38.62 -27.22 -34.70
C PRO E 30 38.78 -26.43 -33.42
N ARG E 31 39.14 -27.10 -32.34
CA ARG E 31 39.31 -26.45 -31.05
C ARG E 31 40.42 -25.42 -31.13
N TYR E 32 41.53 -25.81 -31.75
CA TYR E 32 42.66 -24.92 -31.99
C TYR E 32 43.03 -24.88 -33.47
N LEU E 33 43.73 -23.84 -33.91
CA LEU E 33 44.17 -23.76 -35.29
C LEU E 33 45.38 -22.86 -35.43
N VAL E 34 46.41 -23.36 -36.12
CA VAL E 34 47.61 -22.57 -36.37
C VAL E 34 47.86 -22.45 -37.87
N LYS E 35 48.09 -21.23 -38.33
CA LYS E 35 48.28 -20.99 -39.75
C LYS E 35 49.42 -20.01 -39.97
N GLY E 36 50.06 -20.12 -41.13
CA GLY E 36 51.13 -19.21 -41.49
C GLY E 36 50.58 -17.98 -42.15
N GLN E 37 51.22 -16.84 -41.93
CA GLN E 37 50.76 -15.56 -42.44
C GLN E 37 50.52 -15.62 -43.94
N GLY E 38 49.30 -15.32 -44.34
CA GLY E 38 48.94 -15.36 -45.74
C GLY E 38 48.16 -16.60 -46.11
N GLN E 39 48.17 -17.60 -45.24
CA GLN E 39 47.41 -18.82 -45.49
C GLN E 39 45.94 -18.61 -45.22
N LYS E 40 45.12 -19.55 -45.68
CA LYS E 40 43.71 -19.54 -45.38
C LYS E 40 43.44 -20.21 -44.05
N ALA E 41 42.47 -19.66 -43.31
CA ALA E 41 42.06 -20.21 -42.04
C ALA E 41 40.56 -20.39 -42.06
N LYS E 42 40.11 -21.63 -42.27
CA LYS E 42 38.68 -21.91 -42.28
C LYS E 42 38.29 -22.60 -41.00
N MET E 43 37.24 -22.10 -40.36
CA MET E 43 36.73 -22.69 -39.16
C MET E 43 35.24 -22.91 -39.29
N ARG E 44 34.74 -23.94 -38.63
CA ARG E 44 33.36 -24.36 -38.79
C ARG E 44 32.59 -24.29 -37.49
N CYS E 45 31.27 -24.23 -37.61
CA CYS E 45 30.35 -24.16 -36.49
C CYS E 45 29.02 -24.80 -36.80
N ILE E 46 28.57 -25.72 -35.96
CA ILE E 46 27.24 -26.28 -36.12
C ILE E 46 26.30 -25.73 -35.06
N PRO E 47 25.42 -24.82 -35.45
CA PRO E 47 24.46 -24.22 -34.53
C PRO E 47 23.55 -25.28 -33.93
N GLU E 48 22.91 -24.96 -32.81
CA GLU E 48 22.02 -25.89 -32.13
C GLU E 48 20.91 -26.35 -33.06
N LYS E 49 20.38 -27.55 -32.82
CA LYS E 49 19.34 -28.09 -33.68
C LYS E 49 18.11 -27.21 -33.67
N GLY E 50 17.67 -26.80 -34.84
CA GLY E 50 16.47 -25.99 -34.96
C GLY E 50 16.73 -24.52 -34.82
N HIS E 51 18.00 -24.16 -34.67
CA HIS E 51 18.42 -22.77 -34.51
C HIS E 51 18.83 -22.13 -35.83
N PRO E 52 18.02 -21.19 -36.33
CA PRO E 52 18.26 -20.50 -37.60
C PRO E 52 19.19 -19.31 -37.48
N VAL E 53 19.34 -18.75 -36.29
CA VAL E 53 20.16 -17.56 -36.13
C VAL E 53 21.58 -17.92 -35.75
N VAL E 54 22.56 -17.35 -36.42
CA VAL E 54 23.96 -17.63 -36.13
C VAL E 54 24.78 -16.35 -36.07
N PHE E 55 25.55 -16.18 -35.01
CA PHE E 55 26.42 -15.01 -34.84
C PHE E 55 27.86 -15.43 -34.81
N TRP E 56 28.74 -14.58 -35.30
CA TRP E 56 30.18 -14.80 -35.20
C TRP E 56 30.82 -13.67 -34.43
N TYR E 57 31.49 -13.99 -33.34
CA TYR E 57 32.18 -13.00 -32.54
C TYR E 57 33.67 -13.25 -32.48
N GLN E 58 34.47 -12.19 -32.43
CA GLN E 58 35.91 -12.34 -32.28
C GLN E 58 36.38 -11.76 -30.97
N GLN E 59 36.86 -12.60 -30.06
CA GLN E 59 37.28 -12.12 -28.75
C GLN E 59 38.79 -12.01 -28.63
N ASN E 60 39.27 -10.85 -28.16
CA ASN E 60 40.70 -10.65 -27.98
C ASN E 60 41.15 -10.97 -26.57
N LYS E 61 42.37 -10.53 -26.23
CA LYS E 61 42.94 -10.80 -24.92
C LYS E 61 42.27 -10.01 -23.80
N ASN E 62 41.55 -8.96 -24.16
CA ASN E 62 40.93 -8.09 -23.17
C ASN E 62 39.49 -8.48 -22.89
N ASN E 63 39.11 -9.68 -23.29
CA ASN E 63 37.75 -10.18 -23.13
C ASN E 63 36.73 -9.28 -23.81
N GLU E 64 37.13 -8.68 -24.92
CA GLU E 64 36.24 -7.86 -25.72
C GLU E 64 35.62 -8.70 -26.83
N PHE E 65 34.32 -8.53 -27.03
CA PHE E 65 33.61 -9.29 -28.05
C PHE E 65 33.38 -8.44 -29.29
N LYS E 66 34.08 -8.77 -30.36
CA LYS E 66 33.96 -8.03 -31.60
C LYS E 66 33.01 -8.73 -32.55
N PHE E 67 31.95 -8.05 -32.93
CA PHE E 67 30.96 -8.62 -33.84
C PHE E 67 31.52 -8.75 -35.24
N LEU E 68 31.33 -9.90 -35.87
CA LEU E 68 31.76 -10.08 -37.25
C LEU E 68 30.58 -10.10 -38.20
N ILE E 69 29.73 -11.10 -38.07
CA ILE E 69 28.64 -11.29 -39.00
C ILE E 69 27.54 -12.13 -38.41
N ASN E 70 26.30 -11.86 -38.77
CA ASN E 70 25.21 -12.75 -38.36
C ASN E 70 24.35 -13.17 -39.54
N PHE E 71 23.87 -14.40 -39.48
CA PHE E 71 23.08 -14.99 -40.54
C PHE E 71 21.70 -15.27 -40.00
N GLN E 72 20.71 -15.38 -40.88
CA GLN E 72 19.60 -16.23 -40.53
C GLN E 72 19.45 -17.25 -41.63
N ASN E 73 19.67 -18.52 -41.29
CA ASN E 73 19.78 -19.56 -42.29
C ASN E 73 20.89 -19.14 -43.24
N GLN E 74 20.54 -18.95 -44.51
CA GLN E 74 21.55 -18.64 -45.50
C GLN E 74 21.74 -17.15 -45.73
N GLU E 75 20.75 -16.34 -45.32
CA GLU E 75 20.79 -14.90 -45.62
C GLU E 75 21.57 -14.13 -44.58
N VAL E 76 22.47 -13.26 -45.02
CA VAL E 76 23.25 -12.45 -44.11
C VAL E 76 22.50 -11.20 -43.70
N LEU E 77 22.24 -11.04 -42.42
CA LEU E 77 21.51 -9.88 -41.95
C LEU E 77 22.43 -8.69 -41.78
N GLN E 78 23.62 -8.93 -41.25
CA GLN E 78 24.55 -7.84 -40.99
C GLN E 78 25.98 -8.34 -40.95
N GLN E 79 26.91 -7.47 -41.30
CA GLN E 79 28.33 -7.79 -41.20
C GLN E 79 29.11 -6.50 -41.19
N ILE E 80 30.38 -6.56 -40.84
CA ILE E 80 31.19 -5.35 -40.81
C ILE E 80 32.08 -5.24 -42.03
N ASP E 81 32.77 -4.11 -42.14
CA ASP E 81 33.61 -3.85 -43.29
C ASP E 81 34.73 -4.87 -43.40
N MET E 82 35.32 -5.23 -42.27
CA MET E 82 36.44 -6.17 -42.28
C MET E 82 36.01 -7.54 -42.78
N THR E 83 34.87 -8.01 -42.30
CA THR E 83 34.36 -9.32 -42.69
C THR E 83 33.95 -9.31 -44.16
N GLU E 84 33.53 -8.14 -44.63
CA GLU E 84 33.10 -7.98 -46.02
C GLU E 84 34.29 -8.07 -46.97
N LYS E 85 35.40 -7.45 -46.57
CA LYS E 85 36.60 -7.40 -47.39
C LYS E 85 37.56 -8.56 -47.13
N ARG E 86 37.76 -8.93 -45.88
CA ARG E 86 38.80 -9.91 -45.51
C ARG E 86 38.29 -11.31 -45.20
N PHE E 87 37.02 -11.46 -44.83
CA PHE E 87 36.51 -12.77 -44.46
C PHE E 87 35.49 -13.25 -45.46
N SER E 88 35.31 -14.56 -45.56
CA SER E 88 34.24 -15.11 -46.36
C SER E 88 33.48 -16.14 -45.56
N ALA E 89 32.18 -15.91 -45.36
CA ALA E 89 31.38 -16.80 -44.54
C ALA E 89 30.12 -17.23 -45.23
N GLU E 90 29.72 -18.47 -45.02
CA GLU E 90 28.46 -18.96 -45.54
C GLU E 90 27.87 -19.98 -44.59
N CYS E 91 26.54 -20.05 -44.55
CA CYS E 91 25.85 -21.02 -43.71
C CYS E 91 24.91 -21.85 -44.56
N PRO E 92 25.45 -22.84 -45.27
CA PRO E 92 24.72 -23.67 -46.22
C PRO E 92 23.61 -24.49 -45.56
N SER E 93 22.56 -24.78 -46.30
CA SER E 93 21.45 -25.56 -45.77
C SER E 93 21.89 -26.99 -45.47
N ASN E 94 21.52 -27.48 -44.30
CA ASN E 94 21.91 -28.82 -43.85
C ASN E 94 23.41 -29.05 -43.95
N SER E 95 24.18 -28.00 -43.68
CA SER E 95 25.64 -28.09 -43.70
C SER E 95 26.23 -27.16 -42.66
N PRO E 96 27.41 -27.52 -42.13
CA PRO E 96 28.05 -26.71 -41.10
C PRO E 96 28.35 -25.30 -41.56
N CYS E 97 28.05 -24.31 -40.72
CA CYS E 97 28.43 -22.95 -41.02
C CYS E 97 29.93 -22.81 -41.02
N SER E 98 30.45 -21.87 -41.79
CA SER E 98 31.89 -21.69 -41.90
C SER E 98 32.29 -20.24 -41.93
N LEU E 99 33.47 -19.95 -41.39
CA LEU E 99 34.05 -18.62 -41.49
C LEU E 99 35.49 -18.83 -41.95
N GLU E 100 35.88 -18.16 -43.03
CA GLU E 100 37.19 -18.38 -43.60
C GLU E 100 37.92 -17.07 -43.77
N ILE E 101 39.15 -17.01 -43.28
CA ILE E 101 40.00 -15.85 -43.52
C ILE E 101 40.79 -16.10 -44.79
N GLN E 102 40.68 -15.19 -45.76
CA GLN E 102 41.33 -15.35 -47.04
C GLN E 102 42.84 -15.24 -46.92
N SER E 103 43.31 -14.19 -46.27
CA SER E 103 44.74 -14.04 -46.04
C SER E 103 44.98 -13.76 -44.57
N SER E 104 45.47 -14.76 -43.86
CA SER E 104 45.70 -14.63 -42.44
C SER E 104 46.84 -13.66 -42.18
N GLU E 105 46.68 -12.85 -41.14
CA GLU E 105 47.76 -11.99 -40.67
C GLU E 105 47.81 -12.02 -39.15
N ALA E 106 48.88 -11.46 -38.59
CA ALA E 106 49.14 -11.57 -37.17
C ALA E 106 47.98 -11.05 -36.33
N GLY E 107 47.32 -10.01 -36.80
CA GLY E 107 46.23 -9.39 -36.07
C GLY E 107 45.00 -10.26 -35.93
N ASP E 108 44.94 -11.34 -36.70
CA ASP E 108 43.77 -12.21 -36.69
C ASP E 108 43.85 -13.30 -35.63
N SER E 109 44.94 -13.30 -34.87
CA SER E 109 45.08 -14.28 -33.80
C SER E 109 44.14 -13.96 -32.65
N ALA E 110 43.11 -14.79 -32.48
CA ALA E 110 42.10 -14.57 -31.45
C ALA E 110 41.18 -15.77 -31.28
N LEU E 111 40.20 -15.65 -30.42
CA LEU E 111 39.18 -16.69 -30.24
C LEU E 111 37.95 -16.33 -31.05
N TYR E 112 37.55 -17.22 -31.95
CA TYR E 112 36.38 -16.97 -32.76
C TYR E 112 35.20 -17.74 -32.23
N LEU E 113 34.17 -17.02 -31.80
CA LEU E 113 33.03 -17.63 -31.15
C LEU E 113 31.82 -17.65 -32.03
N CYS E 114 31.13 -18.78 -32.06
CA CYS E 114 29.90 -18.93 -32.81
C CYS E 114 28.75 -19.08 -31.84
N ALA E 115 27.69 -18.32 -32.04
CA ALA E 115 26.54 -18.38 -31.14
C ALA E 115 25.25 -18.52 -31.91
N SER E 116 24.39 -19.45 -31.53
CA SER E 116 23.14 -19.63 -32.25
C SER E 116 21.95 -19.32 -31.38
N SER E 117 20.92 -18.76 -31.98
CA SER E 117 19.68 -18.41 -31.29
C SER E 117 18.51 -19.06 -32.00
N LEU E 118 17.29 -18.80 -31.55
CA LEU E 118 16.12 -19.41 -32.16
C LEU E 118 15.29 -18.32 -32.81
N ASN E 119 15.22 -17.19 -32.13
CA ASN E 119 14.39 -16.10 -32.55
C ASN E 119 15.21 -14.84 -32.68
N ASN E 120 15.23 -14.26 -33.86
CA ASN E 120 16.02 -13.06 -34.10
C ASN E 120 15.67 -11.92 -33.16
N ALA E 121 14.42 -11.85 -32.72
CA ALA E 121 13.99 -10.80 -31.81
C ALA E 121 14.12 -11.24 -30.38
N ASN E 122 15.33 -11.61 -30.00
CA ASN E 122 15.58 -12.24 -28.71
C ASN E 122 17.07 -12.22 -28.42
N SER E 123 17.42 -12.71 -27.25
CA SER E 123 18.82 -12.91 -26.95
C SER E 123 18.98 -14.40 -26.83
N ASP E 124 19.30 -14.87 -25.64
CA ASP E 124 19.46 -16.29 -25.38
C ASP E 124 20.40 -16.93 -26.39
N TYR E 125 21.57 -16.31 -26.56
CA TYR E 125 22.63 -16.93 -27.31
C TYR E 125 23.07 -18.19 -26.59
N THR E 126 23.54 -19.18 -27.34
CA THR E 126 24.22 -20.30 -26.72
C THR E 126 25.51 -20.49 -27.47
N PHE E 127 26.64 -20.18 -26.82
CA PHE E 127 27.93 -20.13 -27.49
C PHE E 127 28.53 -21.51 -27.72
N GLY E 128 29.40 -21.61 -28.70
CA GLY E 128 30.15 -22.82 -28.93
C GLY E 128 31.45 -22.84 -28.17
N SER E 129 32.20 -23.92 -28.33
CA SER E 129 33.47 -24.11 -27.63
C SER E 129 34.52 -23.11 -28.08
N GLY E 130 34.36 -22.60 -29.29
CA GLY E 130 35.25 -21.62 -29.86
C GLY E 130 36.46 -22.20 -30.55
N THR E 131 37.00 -21.46 -31.52
CA THR E 131 38.19 -21.85 -32.26
C THR E 131 39.30 -20.85 -31.98
N ARG E 132 40.39 -21.33 -31.39
CA ARG E 132 41.54 -20.50 -31.11
C ARG E 132 42.47 -20.49 -32.30
N LEU E 133 42.63 -19.34 -32.92
CA LEU E 133 43.47 -19.22 -34.10
C LEU E 133 44.74 -18.46 -33.80
N LEU E 134 45.87 -19.03 -34.19
CA LEU E 134 47.14 -18.36 -34.04
C LEU E 134 47.81 -18.18 -35.39
N VAL E 135 48.20 -16.95 -35.71
CA VAL E 135 48.89 -16.67 -36.95
C VAL E 135 50.35 -16.34 -36.68
N ILE E 136 51.24 -17.08 -37.31
CA ILE E 136 52.66 -16.87 -37.13
C ILE E 136 53.37 -16.73 -38.47
N GLU E 137 54.57 -16.18 -38.43
CA GLU E 137 55.35 -15.98 -39.64
C GLU E 137 55.86 -17.30 -40.21
N ASP E 138 56.52 -18.10 -39.37
CA ASP E 138 57.17 -19.30 -39.85
C ASP E 138 56.60 -20.55 -39.20
N LEU E 139 56.18 -21.49 -40.03
CA LEU E 139 55.57 -22.73 -39.54
C LEU E 139 56.63 -23.75 -39.17
N LYS E 140 57.89 -23.36 -39.30
CA LYS E 140 59.00 -24.25 -38.97
C LYS E 140 59.20 -24.28 -37.46
N ASN E 141 58.47 -23.44 -36.75
CA ASN E 141 58.59 -23.34 -35.30
C ASN E 141 57.69 -24.33 -34.56
N VAL E 142 56.90 -25.07 -35.32
CA VAL E 142 55.91 -25.98 -34.75
C VAL E 142 56.51 -27.29 -34.25
N PHE E 143 56.28 -27.61 -32.99
CA PHE E 143 56.80 -28.84 -32.39
C PHE E 143 55.74 -29.61 -31.63
N PRO E 144 55.71 -30.94 -31.80
CA PRO E 144 54.84 -31.81 -31.03
C PRO E 144 55.34 -31.95 -29.59
N PRO E 145 54.46 -32.35 -28.67
CA PRO E 145 54.82 -32.43 -27.25
C PRO E 145 55.45 -33.76 -26.85
N GLU E 146 56.43 -33.70 -25.96
CA GLU E 146 56.98 -34.90 -25.34
C GLU E 146 56.20 -35.23 -24.07
N VAL E 147 55.73 -36.46 -23.96
CA VAL E 147 54.87 -36.85 -22.85
C VAL E 147 55.56 -37.85 -21.92
N ALA E 148 55.56 -37.56 -20.63
CA ALA E 148 56.22 -38.43 -19.65
C ALA E 148 55.39 -38.59 -18.39
N VAL E 149 55.21 -39.83 -17.95
CA VAL E 149 54.44 -40.14 -16.75
C VAL E 149 55.34 -40.49 -15.58
N PHE E 150 55.09 -39.88 -14.43
CA PHE E 150 55.91 -40.14 -13.25
C PHE E 150 55.13 -40.90 -12.19
N GLU E 151 55.71 -42.00 -11.69
CA GLU E 151 55.03 -42.90 -10.76
C GLU E 151 55.02 -42.34 -9.34
N PRO E 152 53.98 -42.68 -8.57
CA PRO E 152 53.78 -42.20 -7.19
C PRO E 152 55.00 -42.40 -6.30
N SER E 153 55.35 -41.41 -5.50
CA SER E 153 56.42 -41.57 -4.53
C SER E 153 55.93 -42.46 -3.40
N GLU E 154 56.81 -43.35 -2.94
CA GLU E 154 56.44 -44.26 -1.85
C GLU E 154 56.24 -43.50 -0.55
N ALA E 155 56.92 -42.37 -0.41
CA ALA E 155 56.82 -41.56 0.80
C ALA E 155 55.38 -41.09 1.00
N GLU E 156 54.79 -40.59 -0.08
CA GLU E 156 53.42 -40.10 -0.05
C GLU E 156 52.45 -41.22 0.36
N ILE E 157 52.71 -42.43 -0.10
CA ILE E 157 51.84 -43.55 0.20
C ILE E 157 51.86 -43.89 1.69
N SER E 158 53.05 -43.86 2.28
CA SER E 158 53.20 -44.14 3.70
C SER E 158 52.59 -43.02 4.52
N HIS E 159 52.84 -41.78 4.08
CA HIS E 159 52.43 -40.61 4.83
C HIS E 159 50.95 -40.29 4.73
N THR E 160 50.35 -40.55 3.57
CA THR E 160 49.00 -40.05 3.29
C THR E 160 48.00 -41.13 2.87
N GLN E 161 48.50 -42.33 2.57
CA GLN E 161 47.66 -43.41 2.05
C GLN E 161 46.95 -43.00 0.76
N LYS E 162 47.59 -42.12 -0.01
CA LYS E 162 47.11 -41.75 -1.33
C LYS E 162 48.27 -41.71 -2.31
N ALA E 163 47.97 -41.85 -3.61
CA ALA E 163 49.04 -41.94 -4.60
C ALA E 163 48.84 -40.95 -5.76
N THR E 164 49.81 -40.07 -5.92
CA THR E 164 49.74 -39.03 -6.95
C THR E 164 50.64 -39.30 -8.15
N LEU E 165 50.04 -39.46 -9.32
CA LEU E 165 50.80 -39.59 -10.56
C LEU E 165 50.96 -38.19 -11.14
N VAL E 166 52.11 -37.89 -11.72
CA VAL E 166 52.31 -36.59 -12.34
C VAL E 166 52.67 -36.75 -13.81
N CYS E 167 51.95 -36.05 -14.68
CA CYS E 167 52.22 -36.07 -16.11
C CYS E 167 52.84 -34.77 -16.61
N LEU E 168 53.86 -34.89 -17.44
CA LEU E 168 54.52 -33.71 -18.00
C LEU E 168 54.54 -33.73 -19.52
N ALA E 169 54.02 -32.67 -20.12
CA ALA E 169 54.15 -32.46 -21.54
C ALA E 169 55.12 -31.32 -21.78
N THR E 170 56.16 -31.58 -22.57
CA THR E 170 57.22 -30.59 -22.76
C THR E 170 57.61 -30.38 -24.22
N GLY E 171 58.09 -29.18 -24.51
CA GLY E 171 58.71 -28.88 -25.78
C GLY E 171 57.79 -28.80 -26.99
N PHE E 172 56.55 -28.38 -26.76
CA PHE E 172 55.60 -28.24 -27.87
C PHE E 172 55.35 -26.76 -28.21
N TYR E 173 54.83 -26.54 -29.42
CA TYR E 173 54.46 -25.21 -29.88
C TYR E 173 53.47 -25.36 -31.02
N PRO E 174 52.42 -24.52 -31.04
CA PRO E 174 52.13 -23.51 -30.04
C PRO E 174 51.46 -24.12 -28.83
N ASP E 175 50.97 -23.29 -27.90
CA ASP E 175 50.37 -23.80 -26.69
C ASP E 175 48.97 -24.34 -26.93
N HIS E 176 48.83 -25.21 -27.92
CA HIS E 176 47.53 -25.74 -28.29
C HIS E 176 47.42 -27.23 -27.99
N VAL E 177 47.23 -27.57 -26.72
CA VAL E 177 47.11 -28.97 -26.31
C VAL E 177 45.94 -29.21 -25.38
N GLU E 178 45.45 -30.45 -25.37
CA GLU E 178 44.40 -30.86 -24.44
C GLU E 178 44.74 -32.18 -23.77
N LEU E 179 44.95 -32.14 -22.46
CA LEU E 179 45.41 -33.27 -21.69
C LEU E 179 44.27 -34.05 -21.09
N SER E 180 44.39 -35.38 -21.05
CA SER E 180 43.37 -36.21 -20.45
C SER E 180 43.97 -37.42 -19.77
N TRP E 181 43.34 -37.87 -18.70
CA TRP E 181 43.78 -39.06 -17.99
C TRP E 181 42.84 -40.21 -18.27
N TRP E 182 43.40 -41.35 -18.65
CA TRP E 182 42.61 -42.53 -18.98
C TRP E 182 42.99 -43.72 -18.11
N VAL E 183 42.07 -44.12 -17.24
CA VAL E 183 42.29 -45.26 -16.37
C VAL E 183 41.52 -46.48 -16.85
N ASN E 184 42.24 -47.53 -17.24
CA ASN E 184 41.64 -48.76 -17.74
C ASN E 184 40.68 -48.50 -18.88
N GLY E 185 41.10 -47.68 -19.84
CA GLY E 185 40.35 -47.44 -21.04
C GLY E 185 39.17 -46.51 -20.88
N LYS E 186 39.05 -45.90 -19.71
CA LYS E 186 37.97 -44.96 -19.45
C LYS E 186 38.49 -43.61 -18.97
N GLU E 187 37.99 -42.53 -19.59
CA GLU E 187 38.40 -41.18 -19.23
C GLU E 187 37.93 -40.87 -17.82
N VAL E 188 38.81 -40.28 -17.01
CA VAL E 188 38.43 -39.93 -15.65
C VAL E 188 38.60 -38.45 -15.41
N HIS E 189 37.87 -37.92 -14.44
CA HIS E 189 37.91 -36.50 -14.12
C HIS E 189 38.16 -36.27 -12.64
N SER E 190 37.66 -37.19 -11.82
CA SER E 190 37.85 -37.09 -10.38
C SER E 190 39.30 -37.17 -9.95
N GLY E 191 39.73 -36.22 -9.13
CA GLY E 191 41.07 -36.21 -8.60
C GLY E 191 42.11 -35.75 -9.60
N VAL E 192 41.65 -35.16 -10.70
CA VAL E 192 42.54 -34.71 -11.77
C VAL E 192 42.77 -33.20 -11.70
N CYS E 193 44.02 -32.80 -11.87
CA CYS E 193 44.38 -31.40 -11.84
C CYS E 193 45.36 -31.04 -12.95
N THR E 194 44.97 -30.10 -13.80
CA THR E 194 45.80 -29.66 -14.91
C THR E 194 46.08 -28.17 -14.79
N ASP E 195 47.32 -27.78 -15.09
CA ASP E 195 47.70 -26.37 -15.05
C ASP E 195 46.73 -25.54 -15.86
N PRO E 196 46.38 -24.36 -15.36
CA PRO E 196 45.48 -23.45 -16.08
C PRO E 196 46.05 -23.07 -17.43
N GLN E 197 47.28 -22.57 -17.40
CA GLN E 197 47.98 -22.13 -18.60
C GLN E 197 49.34 -22.79 -18.67
N PRO E 198 49.67 -23.41 -19.82
CA PRO E 198 51.00 -23.99 -19.98
C PRO E 198 52.05 -22.88 -19.95
N LEU E 199 53.20 -23.16 -19.34
CA LEU E 199 54.24 -22.15 -19.17
C LEU E 199 55.30 -22.19 -20.25
N LYS E 200 55.89 -21.04 -20.53
CA LYS E 200 56.99 -20.96 -21.49
C LYS E 200 58.22 -21.61 -20.90
N GLU E 201 58.86 -22.48 -21.66
CA GLU E 201 60.09 -23.11 -21.22
C GLU E 201 61.21 -22.09 -21.22
N GLN E 202 61.04 -21.06 -22.05
CA GLN E 202 62.00 -19.97 -22.12
C GLN E 202 61.28 -18.64 -22.25
N PRO E 203 61.00 -18.00 -21.11
CA PRO E 203 60.30 -16.71 -21.07
C PRO E 203 61.01 -15.67 -21.91
N ALA E 204 62.34 -15.59 -21.77
CA ALA E 204 63.14 -14.78 -22.66
C ALA E 204 63.04 -15.40 -24.05
N LEU E 205 63.13 -14.56 -25.09
CA LEU E 205 62.91 -14.96 -26.48
C LEU E 205 61.43 -15.16 -26.76
N ASN E 206 61.04 -15.11 -28.02
CA ASN E 206 59.67 -15.33 -28.41
C ASN E 206 59.59 -16.59 -29.25
N ASP E 207 58.37 -17.07 -29.51
CA ASP E 207 58.15 -18.31 -30.24
C ASP E 207 58.68 -19.48 -29.43
N SER E 208 58.88 -19.26 -28.14
CA SER E 208 59.38 -20.27 -27.22
C SER E 208 58.45 -21.46 -27.09
N ARG E 209 59.02 -22.66 -26.98
CA ARG E 209 58.23 -23.87 -26.81
C ARG E 209 57.65 -23.93 -25.41
N TYR E 210 56.57 -24.69 -25.22
CA TYR E 210 55.81 -24.66 -23.97
C TYR E 210 55.89 -25.95 -23.15
N ALA E 211 55.46 -25.85 -21.89
CA ALA E 211 55.41 -27.00 -20.98
C ALA E 211 54.10 -27.03 -20.20
N LEU E 212 53.60 -28.23 -19.94
CA LEU E 212 52.32 -28.39 -19.26
C LEU E 212 52.31 -29.60 -18.35
N SER E 213 51.82 -29.43 -17.11
CA SER E 213 51.78 -30.53 -16.15
C SER E 213 50.38 -30.91 -15.70
N SER E 214 50.24 -32.12 -15.16
CA SER E 214 48.97 -32.62 -14.66
C SER E 214 49.16 -33.67 -13.59
N ARG E 215 48.21 -33.77 -12.66
CA ARG E 215 48.29 -34.78 -11.61
C ARG E 215 47.02 -35.62 -11.54
N LEU E 216 47.18 -36.90 -11.22
CA LEU E 216 46.05 -37.77 -10.95
C LEU E 216 46.30 -38.48 -9.64
N ARG E 217 45.48 -38.19 -8.64
CA ARG E 217 45.64 -38.76 -7.33
C ARG E 217 44.59 -39.83 -7.08
N VAL E 218 45.05 -41.01 -6.70
CA VAL E 218 44.12 -42.08 -6.34
C VAL E 218 44.54 -42.69 -5.01
N SER E 219 43.65 -43.48 -4.44
CA SER E 219 43.91 -44.12 -3.17
C SER E 219 45.12 -45.03 -3.29
N ALA E 220 45.85 -45.19 -2.19
CA ALA E 220 47.05 -46.00 -2.18
C ALA E 220 46.74 -47.43 -2.61
N THR E 221 45.63 -47.95 -2.08
CA THR E 221 45.23 -49.33 -2.35
C THR E 221 44.96 -49.53 -3.84
N PHE E 222 44.45 -48.51 -4.50
CA PHE E 222 44.13 -48.60 -5.92
C PHE E 222 45.39 -48.61 -6.79
N TRP E 223 46.38 -47.83 -6.39
CA TRP E 223 47.63 -47.75 -7.13
C TRP E 223 48.44 -49.02 -6.98
N GLN E 224 48.25 -49.72 -5.86
CA GLN E 224 49.02 -50.92 -5.58
C GLN E 224 48.43 -52.15 -6.26
N ASN E 225 47.35 -51.97 -7.01
CA ASN E 225 46.79 -53.03 -7.82
C ASN E 225 47.38 -52.99 -9.22
N PRO E 226 48.23 -53.98 -9.55
CA PRO E 226 48.96 -54.00 -10.82
C PRO E 226 48.07 -54.25 -12.04
N ARG E 227 46.81 -54.60 -11.82
CA ARG E 227 45.88 -54.82 -12.92
C ARG E 227 45.29 -53.52 -13.45
N ASN E 228 45.45 -52.44 -12.67
CA ASN E 228 44.94 -51.13 -13.05
C ASN E 228 45.89 -50.41 -14.00
N HIS E 229 45.34 -49.84 -15.07
CA HIS E 229 46.14 -49.22 -16.12
C HIS E 229 45.90 -47.72 -16.19
N PHE E 230 47.00 -46.95 -16.14
CA PHE E 230 46.93 -45.50 -16.15
C PHE E 230 47.54 -44.95 -17.44
N ARG E 231 46.83 -44.03 -18.10
CA ARG E 231 47.41 -43.43 -19.31
C ARG E 231 47.20 -41.92 -19.38
N CYS E 232 48.29 -41.20 -19.61
CA CYS E 232 48.24 -39.76 -19.81
C CYS E 232 48.26 -39.45 -21.30
N GLN E 233 47.19 -38.88 -21.82
CA GLN E 233 47.06 -38.62 -23.25
C GLN E 233 47.03 -37.13 -23.59
N VAL E 234 47.85 -36.71 -24.53
CA VAL E 234 47.90 -35.31 -24.95
C VAL E 234 47.59 -35.11 -26.42
N GLN E 235 46.51 -34.38 -26.70
CA GLN E 235 46.12 -34.05 -28.06
C GLN E 235 46.78 -32.75 -28.49
N PHE E 236 47.60 -32.82 -29.53
CA PHE E 236 48.27 -31.63 -30.04
C PHE E 236 47.62 -31.13 -31.31
N TYR E 237 47.41 -29.82 -31.41
CA TYR E 237 46.81 -29.25 -32.60
C TYR E 237 47.84 -28.48 -33.42
N GLY E 238 48.25 -29.08 -34.54
CA GLY E 238 49.30 -28.49 -35.35
C GLY E 238 49.00 -28.43 -36.83
N LEU E 239 49.96 -28.88 -37.65
CA LEU E 239 49.80 -28.79 -39.10
C LEU E 239 48.88 -29.88 -39.61
N SER E 240 48.41 -29.74 -40.84
CA SER E 240 47.54 -30.73 -41.44
C SER E 240 48.26 -31.46 -42.56
N GLU E 241 47.63 -32.49 -43.10
CA GLU E 241 48.23 -33.29 -44.14
C GLU E 241 48.55 -32.50 -45.41
N ASN E 242 47.75 -31.48 -45.70
CA ASN E 242 47.96 -30.67 -46.90
C ASN E 242 49.15 -29.71 -46.75
N ASP E 243 49.46 -29.33 -45.52
CA ASP E 243 50.57 -28.42 -45.26
C ASP E 243 51.89 -29.02 -45.73
N GLU E 244 52.72 -28.19 -46.34
CA GLU E 244 54.01 -28.67 -46.86
C GLU E 244 55.07 -28.75 -45.77
N TRP E 245 55.95 -29.74 -45.88
CA TRP E 245 57.00 -29.94 -44.89
C TRP E 245 58.26 -30.48 -45.53
N THR E 246 59.30 -29.67 -45.51
CA THR E 246 60.54 -29.98 -46.21
C THR E 246 61.72 -30.11 -45.26
N GLN E 247 61.44 -30.28 -43.97
CA GLN E 247 62.49 -30.43 -42.99
C GLN E 247 62.86 -31.90 -42.81
N ASP E 248 64.00 -32.13 -42.18
CA ASP E 248 64.46 -33.49 -41.92
C ASP E 248 63.58 -34.17 -40.89
N ARG E 249 63.36 -33.48 -39.77
CA ARG E 249 62.58 -34.04 -38.67
C ARG E 249 61.14 -34.32 -39.09
N ALA E 250 60.44 -35.11 -38.28
CA ALA E 250 59.09 -35.54 -38.60
C ALA E 250 58.15 -34.36 -38.75
N LYS E 251 57.13 -34.54 -39.59
CA LYS E 251 56.10 -33.53 -39.81
C LYS E 251 55.27 -33.31 -38.56
N PRO E 252 55.30 -32.10 -37.99
CA PRO E 252 54.57 -31.80 -36.77
C PRO E 252 53.06 -31.64 -36.98
N VAL E 253 52.39 -32.73 -37.33
CA VAL E 253 50.96 -32.68 -37.56
C VAL E 253 50.17 -32.84 -36.28
N THR E 254 48.88 -32.56 -36.36
CA THR E 254 47.95 -32.85 -35.29
C THR E 254 47.96 -34.34 -34.98
N GLN E 255 48.18 -34.68 -33.71
CA GLN E 255 48.43 -36.07 -33.34
C GLN E 255 48.24 -36.26 -31.85
N ILE E 256 48.11 -37.52 -31.44
CA ILE E 256 48.03 -37.88 -30.03
C ILE E 256 49.38 -38.38 -29.53
N VAL E 257 49.88 -37.79 -28.47
CA VAL E 257 51.13 -38.25 -27.86
C VAL E 257 50.86 -38.76 -26.46
N SER E 258 51.20 -40.02 -26.18
CA SER E 258 50.83 -40.63 -24.92
C SER E 258 52.00 -41.17 -24.11
N ALA E 259 51.77 -41.30 -22.81
CA ALA E 259 52.67 -42.03 -21.92
C ALA E 259 51.81 -42.70 -20.85
N GLU E 260 52.25 -43.85 -20.35
CA GLU E 260 51.41 -44.61 -19.43
C GLU E 260 52.19 -45.28 -18.31
N ALA E 261 51.46 -45.89 -17.38
CA ALA E 261 52.07 -46.60 -16.26
C ALA E 261 51.13 -47.66 -15.69
N TRP E 262 51.71 -48.75 -15.18
CA TRP E 262 50.94 -49.83 -14.60
C TRP E 262 50.95 -49.78 -13.08
N GLY E 263 49.92 -50.37 -12.46
CA GLY E 263 49.85 -50.44 -11.02
C GLY E 263 51.01 -51.21 -10.42
N ARG E 264 51.41 -50.83 -9.21
CA ARG E 264 52.58 -51.43 -8.59
C ARG E 264 52.36 -51.77 -7.12
N ALA E 265 52.55 -53.04 -6.79
CA ALA E 265 52.39 -53.51 -5.42
C ALA E 265 53.48 -52.95 -4.51
N ASP E 266 53.46 -53.39 -3.25
CA ASP E 266 54.41 -52.92 -2.25
C ASP E 266 55.83 -53.41 -2.51
N ILE F 4 -4.58 -23.53 -15.31
CA ILE F 4 -5.62 -23.21 -14.34
C ILE F 4 -6.23 -21.86 -14.73
N LYS F 5 -6.22 -21.59 -16.03
CA LYS F 5 -6.78 -20.35 -16.59
C LYS F 5 -8.02 -20.69 -17.40
N GLU F 6 -9.17 -20.19 -16.94
CA GLU F 6 -10.44 -20.43 -17.62
C GLU F 6 -10.62 -19.38 -18.70
N GLU F 7 -10.66 -19.85 -19.94
CA GLU F 7 -10.77 -18.98 -21.09
C GLU F 7 -11.93 -19.42 -21.99
N HIS F 8 -13.00 -18.63 -22.02
CA HIS F 8 -14.22 -19.03 -22.73
C HIS F 8 -14.82 -17.95 -23.59
N THR F 9 -15.87 -18.32 -24.32
CA THR F 9 -16.52 -17.43 -25.26
C THR F 9 -18.02 -17.68 -25.32
N ILE F 10 -18.81 -16.63 -25.18
CA ILE F 10 -20.27 -16.74 -25.26
C ILE F 10 -20.78 -15.87 -26.40
N ILE F 11 -21.54 -16.45 -27.31
CA ILE F 11 -21.98 -15.75 -28.50
C ILE F 11 -23.49 -15.70 -28.60
N GLN F 12 -24.05 -14.52 -28.84
CA GLN F 12 -25.47 -14.41 -29.17
C GLN F 12 -25.59 -14.18 -30.65
N ALA F 13 -26.16 -15.13 -31.37
CA ALA F 13 -26.27 -15.02 -32.81
C ALA F 13 -27.71 -14.92 -33.27
N GLU F 14 -27.99 -13.95 -34.14
CA GLU F 14 -29.34 -13.76 -34.64
C GLU F 14 -29.33 -13.28 -36.08
N PHE F 15 -30.33 -13.69 -36.87
CA PHE F 15 -30.45 -13.21 -38.24
C PHE F 15 -31.86 -13.27 -38.80
N TYR F 16 -32.09 -12.58 -39.91
CA TYR F 16 -33.32 -12.68 -40.67
C TYR F 16 -32.99 -12.86 -42.13
N LEU F 17 -33.67 -13.79 -42.78
CA LEU F 17 -33.28 -14.18 -44.13
C LEU F 17 -34.39 -14.00 -45.15
N LEU F 18 -34.04 -13.39 -46.28
CA LEU F 18 -34.96 -13.26 -47.40
C LEU F 18 -34.45 -14.06 -48.58
N PRO F 19 -35.37 -14.60 -49.40
CA PRO F 19 -36.82 -14.38 -49.35
C PRO F 19 -37.52 -15.38 -48.44
N ASP F 20 -36.76 -16.27 -47.82
CA ASP F 20 -37.32 -17.36 -47.03
C ASP F 20 -38.19 -16.88 -45.87
N LYS F 21 -38.06 -15.60 -45.53
CA LYS F 21 -38.88 -14.99 -44.49
C LYS F 21 -38.83 -15.71 -43.15
N ARG F 22 -37.66 -16.24 -42.79
CA ARG F 22 -37.52 -16.88 -41.49
C ARG F 22 -36.34 -16.30 -40.71
N GLY F 23 -36.47 -16.26 -39.39
CA GLY F 23 -35.43 -15.73 -38.52
C GLY F 23 -34.97 -16.77 -37.51
N GLU F 24 -33.82 -16.51 -36.89
CA GLU F 24 -33.23 -17.48 -35.98
C GLU F 24 -32.46 -16.77 -34.88
N PHE F 25 -32.48 -17.34 -33.67
CA PHE F 25 -31.86 -16.73 -32.50
C PHE F 25 -31.26 -17.82 -31.65
N MET F 26 -29.99 -17.70 -31.30
CA MET F 26 -29.35 -18.73 -30.51
C MET F 26 -28.14 -18.23 -29.73
N PHE F 27 -27.74 -19.00 -28.73
CA PHE F 27 -26.60 -18.67 -27.88
C PHE F 27 -25.55 -19.76 -28.04
N ASP F 28 -24.29 -19.37 -28.12
CA ASP F 28 -23.23 -20.34 -28.38
C ASP F 28 -22.20 -20.26 -27.27
N PHE F 29 -21.68 -21.41 -26.84
CA PHE F 29 -20.66 -21.45 -25.79
C PHE F 29 -19.50 -22.30 -26.27
N ASP F 30 -18.40 -21.64 -26.61
CA ASP F 30 -17.19 -22.31 -27.09
C ASP F 30 -17.46 -23.21 -28.28
N GLY F 31 -18.40 -22.83 -29.12
CA GLY F 31 -18.66 -23.55 -30.35
C GLY F 31 -19.85 -24.46 -30.30
N ASP F 32 -20.46 -24.58 -29.13
CA ASP F 32 -21.60 -25.47 -28.99
C ASP F 32 -22.83 -24.67 -28.63
N GLU F 33 -23.99 -25.12 -29.08
CA GLU F 33 -25.22 -24.41 -28.84
C GLU F 33 -25.67 -24.58 -27.40
N ILE F 34 -26.04 -23.49 -26.76
CA ILE F 34 -26.66 -23.57 -25.44
C ILE F 34 -28.15 -23.72 -25.60
N PHE F 35 -28.73 -22.87 -26.43
CA PHE F 35 -30.15 -22.96 -26.71
C PHE F 35 -30.50 -22.17 -27.95
N HIS F 36 -31.76 -22.26 -28.37
CA HIS F 36 -32.23 -21.42 -29.46
C HIS F 36 -33.71 -21.17 -29.30
N VAL F 37 -34.23 -20.21 -30.04
CA VAL F 37 -35.63 -19.83 -29.90
C VAL F 37 -36.41 -20.13 -31.17
N ASP F 38 -37.43 -20.97 -31.06
CA ASP F 38 -38.31 -21.24 -32.18
C ASP F 38 -39.18 -20.00 -32.38
N ILE F 39 -38.86 -19.22 -33.41
CA ILE F 39 -39.49 -17.94 -33.63
C ILE F 39 -41.01 -18.03 -33.79
N GLU F 40 -41.45 -19.05 -34.52
CA GLU F 40 -42.88 -19.25 -34.72
C GLU F 40 -43.54 -19.60 -33.39
N LYS F 41 -43.01 -20.60 -32.70
CA LYS F 41 -43.62 -21.12 -31.49
C LYS F 41 -43.38 -20.28 -30.24
N SER F 42 -42.34 -19.45 -30.27
CA SER F 42 -41.94 -18.63 -29.13
C SER F 42 -41.63 -19.44 -27.88
N GLU F 43 -40.72 -20.41 -27.99
CA GLU F 43 -40.27 -21.16 -26.83
C GLU F 43 -38.79 -21.49 -26.93
N THR F 44 -38.12 -21.50 -25.79
CA THR F 44 -36.70 -21.74 -25.72
C THR F 44 -36.37 -23.22 -25.80
N ILE F 45 -35.48 -23.60 -26.71
CA ILE F 45 -35.14 -25.00 -26.91
C ILE F 45 -33.69 -25.26 -26.55
N TRP F 46 -33.45 -25.78 -25.36
CA TRP F 46 -32.11 -26.01 -24.88
C TRP F 46 -31.49 -27.20 -25.60
N ARG F 47 -30.26 -27.05 -26.05
CA ARG F 47 -29.58 -28.09 -26.81
C ARG F 47 -29.53 -29.40 -26.04
N LEU F 48 -29.20 -29.32 -24.75
CA LEU F 48 -29.31 -30.47 -23.88
C LEU F 48 -30.40 -30.19 -22.88
N GLU F 49 -31.28 -31.15 -22.69
CA GLU F 49 -32.44 -30.96 -21.86
C GLU F 49 -32.08 -30.63 -20.42
N GLU F 50 -30.92 -31.12 -19.97
CA GLU F 50 -30.50 -30.93 -18.59
C GLU F 50 -30.21 -29.48 -18.25
N PHE F 51 -30.06 -28.65 -19.27
CA PHE F 51 -29.73 -27.24 -19.08
C PHE F 51 -30.84 -26.47 -18.37
N ALA F 52 -32.09 -26.81 -18.67
CA ALA F 52 -33.23 -26.01 -18.23
C ALA F 52 -33.34 -25.90 -16.71
N LYS F 53 -32.60 -26.72 -15.99
CA LYS F 53 -32.64 -26.68 -14.55
C LYS F 53 -31.75 -25.56 -14.01
N PHE F 54 -30.93 -24.99 -14.87
CA PHE F 54 -29.92 -24.04 -14.42
C PHE F 54 -30.10 -22.62 -14.91
N ALA F 55 -30.86 -22.45 -15.99
CA ALA F 55 -31.02 -21.11 -16.55
C ALA F 55 -32.36 -20.94 -17.26
N SER F 56 -32.67 -19.70 -17.63
CA SER F 56 -33.92 -19.38 -18.28
C SER F 56 -33.73 -18.28 -19.30
N PHE F 57 -34.58 -18.27 -20.32
CA PHE F 57 -34.55 -17.17 -21.28
C PHE F 57 -35.94 -16.77 -21.71
N GLU F 58 -36.24 -15.48 -21.58
CA GLU F 58 -37.53 -14.95 -21.99
C GLU F 58 -37.58 -14.86 -23.50
N ALA F 59 -38.40 -15.71 -24.11
CA ALA F 59 -38.35 -15.90 -25.55
C ALA F 59 -38.81 -14.67 -26.30
N GLN F 60 -39.78 -13.95 -25.77
CA GLN F 60 -40.32 -12.79 -26.47
C GLN F 60 -39.26 -11.70 -26.57
N GLY F 61 -38.15 -11.87 -25.86
CA GLY F 61 -37.00 -10.99 -26.04
C GLY F 61 -36.39 -11.27 -27.40
N ALA F 62 -36.24 -12.54 -27.73
CA ALA F 62 -35.67 -12.93 -29.01
C ALA F 62 -36.61 -12.55 -30.15
N LEU F 63 -37.90 -12.69 -29.92
CA LEU F 63 -38.88 -12.35 -30.94
C LEU F 63 -38.79 -10.88 -31.29
N ALA F 64 -38.64 -10.03 -30.28
CA ALA F 64 -38.52 -8.61 -30.50
C ALA F 64 -37.33 -8.31 -31.39
N ASN F 65 -36.22 -9.00 -31.15
CA ASN F 65 -34.99 -8.80 -31.90
C ASN F 65 -35.12 -9.17 -33.38
N ILE F 66 -35.66 -10.34 -33.65
CA ILE F 66 -35.80 -10.77 -35.03
C ILE F 66 -36.69 -9.80 -35.77
N ALA F 67 -37.69 -9.28 -35.08
CA ALA F 67 -38.58 -8.28 -35.63
C ALA F 67 -37.80 -7.05 -36.07
N VAL F 68 -36.84 -6.64 -35.26
CA VAL F 68 -36.00 -5.50 -35.61
C VAL F 68 -35.09 -5.85 -36.77
N ASP F 69 -34.54 -7.06 -36.76
CA ASP F 69 -33.68 -7.52 -37.83
C ASP F 69 -34.40 -7.59 -39.16
N LYS F 70 -35.67 -7.92 -39.14
CA LYS F 70 -36.46 -7.91 -40.37
C LYS F 70 -36.50 -6.51 -40.95
N ALA F 71 -36.91 -5.54 -40.12
CA ALA F 71 -37.04 -4.16 -40.55
C ALA F 71 -35.70 -3.61 -41.01
N ASN F 72 -34.64 -3.95 -40.30
CA ASN F 72 -33.31 -3.51 -40.68
C ASN F 72 -32.86 -4.09 -42.01
N LEU F 73 -33.29 -5.32 -42.29
CA LEU F 73 -32.87 -5.99 -43.52
C LEU F 73 -33.30 -5.20 -44.75
N ASP F 74 -34.52 -4.68 -44.70
CA ASP F 74 -35.02 -3.87 -45.79
C ASP F 74 -34.19 -2.60 -45.90
N VAL F 75 -33.76 -2.07 -44.77
CA VAL F 75 -32.95 -0.86 -44.76
C VAL F 75 -31.62 -1.13 -45.42
N MET F 76 -31.06 -2.30 -45.17
CA MET F 76 -29.78 -2.66 -45.75
C MET F 76 -29.88 -2.94 -47.24
N LYS F 77 -31.00 -3.50 -47.68
CA LYS F 77 -31.17 -3.80 -49.09
C LYS F 77 -31.21 -2.51 -49.90
N GLU F 78 -31.96 -1.53 -49.42
CA GLU F 78 -32.08 -0.26 -50.10
C GLU F 78 -30.74 0.47 -50.05
N ARG F 79 -29.98 0.25 -48.99
CA ARG F 79 -28.71 0.93 -48.83
C ARG F 79 -27.70 0.48 -49.86
N SER F 80 -27.48 -0.82 -49.98
CA SER F 80 -26.53 -1.32 -50.96
C SER F 80 -27.10 -1.04 -52.34
N ASN F 81 -26.36 -0.26 -53.12
CA ASN F 81 -26.81 0.16 -54.45
C ASN F 81 -27.11 -1.06 -55.28
N ASN F 82 -26.14 -1.95 -55.37
CA ASN F 82 -26.32 -3.24 -56.01
C ASN F 82 -26.04 -4.33 -54.99
N THR F 83 -27.02 -5.20 -54.77
CA THR F 83 -26.79 -6.36 -53.95
C THR F 83 -26.52 -7.56 -54.84
N PRO F 84 -25.27 -8.03 -54.82
CA PRO F 84 -24.87 -9.12 -55.70
C PRO F 84 -25.12 -10.48 -55.07
N ASP F 85 -25.87 -11.31 -55.78
CA ASP F 85 -26.09 -12.68 -55.32
C ASP F 85 -24.75 -13.40 -55.38
N ALA F 86 -24.42 -14.07 -54.28
CA ALA F 86 -23.24 -14.89 -54.24
C ALA F 86 -23.49 -16.01 -53.26
N ASN F 87 -22.89 -17.15 -53.51
CA ASN F 87 -23.12 -18.30 -52.65
C ASN F 87 -21.83 -19.04 -52.38
N VAL F 88 -21.67 -19.50 -51.16
CA VAL F 88 -20.55 -20.36 -50.84
C VAL F 88 -21.08 -21.77 -50.67
N ALA F 89 -20.67 -22.66 -51.56
CA ALA F 89 -21.12 -24.03 -51.53
C ALA F 89 -20.67 -24.70 -50.26
N PRO F 90 -21.54 -25.53 -49.68
CA PRO F 90 -21.21 -26.25 -48.45
C PRO F 90 -20.11 -27.26 -48.68
N GLU F 91 -19.46 -27.69 -47.62
CA GLU F 91 -18.54 -28.81 -47.71
C GLU F 91 -19.02 -29.85 -46.72
N VAL F 92 -19.27 -31.06 -47.22
CA VAL F 92 -19.95 -32.05 -46.42
C VAL F 92 -19.02 -33.16 -45.95
N THR F 93 -19.24 -33.63 -44.73
CA THR F 93 -18.47 -34.71 -44.16
C THR F 93 -19.39 -35.58 -43.33
N VAL F 94 -19.35 -36.88 -43.57
CA VAL F 94 -20.16 -37.82 -42.80
C VAL F 94 -19.28 -38.71 -41.95
N LEU F 95 -19.66 -38.89 -40.70
CA LEU F 95 -18.89 -39.74 -39.80
C LEU F 95 -19.71 -40.16 -38.59
N SER F 96 -19.14 -41.07 -37.81
CA SER F 96 -19.85 -41.66 -36.69
C SER F 96 -19.56 -40.96 -35.38
N ARG F 97 -20.57 -40.83 -34.54
CA ARG F 97 -20.41 -40.17 -33.25
C ARG F 97 -19.44 -40.94 -32.37
N SER F 98 -19.54 -42.27 -32.42
CA SER F 98 -18.68 -43.15 -31.64
C SER F 98 -17.98 -44.12 -32.58
N PRO F 99 -16.90 -44.77 -32.11
CA PRO F 99 -16.34 -45.87 -32.90
C PRO F 99 -17.40 -46.94 -33.17
N VAL F 100 -17.47 -47.41 -34.41
CA VAL F 100 -18.54 -48.31 -34.84
C VAL F 100 -18.26 -49.77 -34.51
N ASN F 101 -19.19 -50.37 -33.76
CA ASN F 101 -19.15 -51.81 -33.53
C ASN F 101 -20.41 -52.46 -34.06
N LEU F 102 -20.25 -53.60 -34.74
CA LEU F 102 -21.38 -54.29 -35.35
C LEU F 102 -22.43 -54.69 -34.35
N GLY F 103 -23.69 -54.39 -34.67
CA GLY F 103 -24.81 -54.73 -33.81
C GLY F 103 -24.99 -53.76 -32.66
N GLU F 104 -24.08 -52.80 -32.56
CA GLU F 104 -24.14 -51.81 -31.49
C GLU F 104 -24.61 -50.46 -32.01
N PRO F 105 -25.80 -50.03 -31.55
CA PRO F 105 -26.47 -48.80 -32.00
C PRO F 105 -25.56 -47.58 -31.94
N ASN F 106 -25.63 -46.75 -32.97
CA ASN F 106 -24.74 -45.61 -33.07
C ASN F 106 -25.43 -44.48 -33.84
N ILE F 107 -24.74 -43.36 -34.00
CA ILE F 107 -25.31 -42.22 -34.69
C ILE F 107 -24.40 -41.71 -35.78
N LEU F 108 -24.97 -41.45 -36.96
CA LEU F 108 -24.23 -40.86 -38.05
C LEU F 108 -24.36 -39.34 -38.04
N ILE F 109 -23.25 -38.66 -38.28
CA ILE F 109 -23.22 -37.21 -38.28
C ILE F 109 -23.00 -36.67 -39.68
N CYS F 110 -23.89 -35.80 -40.15
CA CYS F 110 -23.70 -35.15 -41.43
C CYS F 110 -23.30 -33.70 -41.20
N PHE F 111 -22.03 -33.40 -41.40
CA PHE F 111 -21.48 -32.11 -41.01
C PHE F 111 -21.39 -31.12 -42.17
N ILE F 112 -22.40 -30.28 -42.32
CA ILE F 112 -22.38 -29.24 -43.33
C ILE F 112 -21.68 -28.00 -42.79
N ASP F 113 -20.69 -27.51 -43.51
CA ASP F 113 -19.80 -26.49 -42.96
C ASP F 113 -19.39 -25.47 -44.02
N LYS F 114 -19.03 -24.27 -43.58
CA LYS F 114 -18.52 -23.21 -44.45
C LYS F 114 -19.47 -22.87 -45.57
N PHE F 115 -20.72 -22.56 -45.26
CA PHE F 115 -21.68 -22.24 -46.30
C PHE F 115 -22.53 -21.03 -45.96
N SER F 116 -23.16 -20.48 -46.99
CA SER F 116 -24.07 -19.35 -46.85
C SER F 116 -24.86 -19.24 -48.14
N PRO F 117 -26.16 -18.93 -48.06
CA PRO F 117 -27.01 -18.53 -46.94
C PRO F 117 -27.32 -19.70 -46.02
N PRO F 118 -27.90 -19.42 -44.84
CA PRO F 118 -28.28 -20.49 -43.94
C PRO F 118 -29.56 -21.19 -44.36
N VAL F 119 -29.57 -21.81 -45.53
CA VAL F 119 -30.69 -22.62 -45.97
C VAL F 119 -30.21 -23.81 -46.78
N VAL F 120 -30.53 -25.00 -46.31
CA VAL F 120 -30.15 -26.21 -47.02
C VAL F 120 -31.29 -27.20 -47.01
N ASN F 121 -31.28 -28.10 -47.99
CA ASN F 121 -32.14 -29.26 -47.98
C ASN F 121 -31.27 -30.48 -47.72
N VAL F 122 -31.50 -31.16 -46.61
CA VAL F 122 -30.70 -32.32 -46.27
C VAL F 122 -31.56 -33.57 -46.20
N THR F 123 -31.08 -34.63 -46.86
CA THR F 123 -31.79 -35.89 -46.92
C THR F 123 -30.87 -37.07 -46.64
N TRP F 124 -31.28 -37.93 -45.72
CA TRP F 124 -30.54 -39.14 -45.41
C TRP F 124 -30.94 -40.27 -46.34
N LEU F 125 -29.99 -41.12 -46.72
CA LEU F 125 -30.30 -42.23 -47.61
C LEU F 125 -29.77 -43.54 -47.07
N ARG F 126 -30.68 -44.36 -46.53
CA ARG F 126 -30.36 -45.73 -46.17
C ARG F 126 -30.61 -46.65 -47.35
N ASN F 127 -29.54 -47.22 -47.89
CA ASN F 127 -29.62 -48.18 -48.99
C ASN F 127 -30.33 -47.61 -50.21
N GLY F 128 -30.20 -46.31 -50.43
CA GLY F 128 -30.77 -45.65 -51.60
C GLY F 128 -32.15 -45.04 -51.44
N ARG F 129 -32.76 -45.21 -50.26
CA ARG F 129 -34.04 -44.57 -50.00
C ARG F 129 -34.00 -43.63 -48.79
N PRO F 130 -34.74 -42.52 -48.87
CA PRO F 130 -34.84 -41.52 -47.80
C PRO F 130 -35.32 -42.09 -46.48
N VAL F 131 -34.80 -41.57 -45.37
CA VAL F 131 -35.20 -42.00 -44.05
C VAL F 131 -35.88 -40.85 -43.33
N THR F 132 -36.98 -41.14 -42.64
CA THR F 132 -37.69 -40.13 -41.87
C THR F 132 -37.68 -40.47 -40.38
N GLU F 133 -37.31 -41.70 -40.06
CA GLU F 133 -37.30 -42.15 -38.67
C GLU F 133 -35.88 -42.19 -38.11
N GLY F 134 -35.70 -41.63 -36.92
CA GLY F 134 -34.41 -41.62 -36.25
C GLY F 134 -33.47 -40.55 -36.79
N VAL F 135 -34.03 -39.41 -37.18
CA VAL F 135 -33.23 -38.31 -37.69
C VAL F 135 -33.31 -37.10 -36.78
N SER F 136 -32.17 -36.43 -36.63
CA SER F 136 -32.11 -35.23 -35.80
C SER F 136 -31.48 -34.09 -36.59
N GLU F 137 -31.85 -32.86 -36.24
CA GLU F 137 -31.38 -31.70 -36.97
C GLU F 137 -30.93 -30.61 -36.02
N THR F 138 -29.92 -29.86 -36.43
CA THR F 138 -29.38 -28.75 -35.65
C THR F 138 -29.69 -27.44 -36.32
N VAL F 139 -30.03 -26.41 -35.55
CA VAL F 139 -30.22 -25.09 -36.13
C VAL F 139 -28.91 -24.62 -36.73
N PHE F 140 -28.94 -23.54 -37.48
CA PHE F 140 -27.74 -23.06 -38.15
C PHE F 140 -26.82 -22.43 -37.13
N LEU F 141 -25.67 -23.05 -36.94
CA LEU F 141 -24.71 -22.65 -35.92
C LEU F 141 -23.74 -21.63 -36.48
N PRO F 142 -23.17 -20.79 -35.61
CA PRO F 142 -22.22 -19.78 -36.07
C PRO F 142 -20.84 -20.33 -36.29
N ARG F 143 -20.04 -19.60 -37.04
CA ARG F 143 -18.62 -19.85 -37.14
C ARG F 143 -17.87 -18.60 -36.74
N ASP F 144 -16.57 -18.60 -36.84
CA ASP F 144 -15.80 -17.41 -36.57
C ASP F 144 -15.99 -16.39 -37.68
N ASP F 145 -16.13 -16.87 -38.91
CA ASP F 145 -16.32 -15.98 -40.03
C ASP F 145 -17.79 -15.70 -40.32
N HIS F 146 -18.08 -15.32 -41.55
CA HIS F 146 -19.43 -15.00 -41.98
C HIS F 146 -20.25 -16.21 -42.38
N LEU F 147 -19.58 -17.35 -42.49
CA LEU F 147 -20.22 -18.58 -42.94
C LEU F 147 -20.94 -19.32 -41.81
N PHE F 148 -21.79 -20.26 -42.17
CA PHE F 148 -22.57 -21.00 -41.20
C PHE F 148 -22.10 -22.44 -41.04
N ARG F 149 -22.73 -23.14 -40.11
CA ARG F 149 -22.38 -24.52 -39.79
C ARG F 149 -23.64 -25.29 -39.40
N LYS F 150 -23.68 -26.57 -39.67
CA LYS F 150 -24.89 -27.35 -39.41
C LYS F 150 -24.60 -28.82 -39.14
N PHE F 151 -25.46 -29.45 -38.35
CA PHE F 151 -25.34 -30.86 -38.05
C PHE F 151 -26.62 -31.62 -38.41
N HIS F 152 -26.47 -32.80 -38.97
CA HIS F 152 -27.58 -33.72 -39.14
C HIS F 152 -27.22 -35.08 -38.55
N TYR F 153 -28.13 -35.66 -37.78
CA TYR F 153 -27.87 -36.91 -37.10
C TYR F 153 -28.78 -38.03 -37.55
N LEU F 154 -28.26 -39.25 -37.53
CA LEU F 154 -29.05 -40.44 -37.86
C LEU F 154 -28.70 -41.61 -36.96
N THR F 155 -29.71 -42.14 -36.28
CA THR F 155 -29.54 -43.32 -35.44
C THR F 155 -29.70 -44.59 -36.25
N PHE F 156 -28.80 -45.54 -36.07
CA PHE F 156 -28.78 -46.72 -36.92
C PHE F 156 -28.18 -47.93 -36.25
N LEU F 157 -28.42 -49.10 -36.84
CA LEU F 157 -27.79 -50.33 -36.43
C LEU F 157 -26.74 -50.72 -37.46
N PRO F 158 -25.49 -50.89 -37.01
CA PRO F 158 -24.41 -51.23 -37.94
C PRO F 158 -24.62 -52.62 -38.54
N SER F 159 -24.32 -52.76 -39.81
CA SER F 159 -24.40 -54.05 -40.48
C SER F 159 -23.62 -54.02 -41.78
N THR F 160 -23.10 -55.18 -42.17
CA THR F 160 -22.29 -55.27 -43.37
C THR F 160 -23.15 -55.20 -44.63
N ASP F 161 -24.47 -55.22 -44.44
CA ASP F 161 -25.39 -55.21 -45.55
C ASP F 161 -25.81 -53.79 -45.92
N ASP F 162 -25.72 -52.88 -44.96
CA ASP F 162 -26.23 -51.53 -45.14
C ASP F 162 -25.16 -50.53 -45.56
N PHE F 163 -25.56 -49.59 -46.41
CA PHE F 163 -24.71 -48.48 -46.78
C PHE F 163 -25.53 -47.19 -46.71
N TYR F 164 -24.97 -46.16 -46.09
CA TYR F 164 -25.72 -44.93 -45.88
C TYR F 164 -25.17 -43.77 -46.69
N ASP F 165 -26.02 -42.79 -46.95
CA ASP F 165 -25.62 -41.61 -47.69
C ASP F 165 -26.29 -40.35 -47.15
N CYS F 166 -25.57 -39.23 -47.25
CA CYS F 166 -26.11 -37.94 -46.89
C CYS F 166 -26.12 -37.05 -48.12
N GLU F 167 -27.29 -36.58 -48.51
CA GLU F 167 -27.43 -35.76 -49.70
C GLU F 167 -27.82 -34.34 -49.33
N VAL F 168 -26.99 -33.39 -49.71
CA VAL F 168 -27.18 -32.00 -49.34
C VAL F 168 -27.40 -31.10 -50.54
N ASP F 169 -28.52 -30.40 -50.57
CA ASP F 169 -28.81 -29.50 -51.67
C ASP F 169 -28.73 -28.06 -51.18
N HIS F 170 -28.00 -27.23 -51.92
CA HIS F 170 -27.79 -25.84 -51.54
C HIS F 170 -27.66 -24.95 -52.77
N TRP F 171 -28.15 -23.72 -52.68
CA TRP F 171 -28.17 -22.82 -53.83
C TRP F 171 -26.79 -22.53 -54.41
N GLY F 172 -25.74 -22.99 -53.74
CA GLY F 172 -24.39 -22.76 -54.22
C GLY F 172 -23.85 -23.98 -54.92
N LEU F 173 -24.60 -25.06 -54.87
CA LEU F 173 -24.20 -26.30 -55.51
C LEU F 173 -24.91 -26.45 -56.85
N GLU F 174 -24.17 -26.90 -57.87
CA GLU F 174 -24.77 -27.17 -59.16
C GLU F 174 -25.70 -28.36 -59.04
N GLU F 175 -25.16 -29.45 -58.50
CA GLU F 175 -25.91 -30.68 -58.30
C GLU F 175 -25.74 -31.14 -56.86
N PRO F 176 -26.86 -31.51 -56.23
CA PRO F 176 -26.88 -32.01 -54.85
C PRO F 176 -25.72 -32.92 -54.50
N LEU F 177 -24.96 -32.56 -53.48
CA LEU F 177 -23.76 -33.29 -53.08
C LEU F 177 -24.15 -34.45 -52.19
N ARG F 178 -23.67 -35.64 -52.51
CA ARG F 178 -23.97 -36.83 -51.74
C ARG F 178 -22.69 -37.44 -51.19
N LYS F 179 -22.61 -37.57 -49.88
CA LYS F 179 -21.44 -38.18 -49.26
C LYS F 179 -21.77 -39.57 -48.73
N HIS F 180 -20.91 -40.51 -49.05
CA HIS F 180 -21.18 -41.92 -48.79
C HIS F 180 -20.52 -42.36 -47.50
N TRP F 181 -21.11 -43.36 -46.85
CA TRP F 181 -20.53 -43.94 -45.66
C TRP F 181 -21.05 -45.35 -45.46
N GLU F 182 -20.13 -46.31 -45.39
CA GLU F 182 -20.48 -47.67 -45.00
C GLU F 182 -19.42 -48.18 -44.04
N PHE F 183 -19.60 -49.40 -43.54
CA PHE F 183 -18.72 -49.95 -42.52
C PHE F 183 -17.27 -50.05 -43.02
N SER G 7 -28.23 -16.40 -60.66
CA SER G 7 -28.62 -17.35 -59.63
C SER G 7 -29.83 -16.85 -58.83
N ARG G 8 -29.90 -17.24 -57.56
CA ARG G 8 -31.02 -16.88 -56.70
C ARG G 8 -30.61 -15.82 -55.71
N PRO G 9 -31.15 -14.61 -55.86
CA PRO G 9 -30.77 -13.52 -54.96
C PRO G 9 -31.33 -13.77 -53.58
N TRP G 10 -30.53 -13.48 -52.56
CA TRP G 10 -30.90 -13.65 -51.17
C TRP G 10 -30.45 -12.45 -50.36
N PHE G 11 -31.08 -12.23 -49.21
CA PHE G 11 -30.70 -11.10 -48.37
C PHE G 11 -30.66 -11.48 -46.90
N LEU G 12 -29.50 -11.31 -46.28
CA LEU G 12 -29.27 -11.74 -44.90
C LEU G 12 -28.81 -10.60 -44.01
N GLU G 13 -29.48 -10.43 -42.88
CA GLU G 13 -29.04 -9.50 -41.85
C GLU G 13 -28.60 -10.31 -40.65
N TYR G 14 -27.28 -10.42 -40.48
CA TYR G 14 -26.69 -11.33 -39.52
C TYR G 14 -26.02 -10.54 -38.42
N CYS G 15 -26.18 -10.96 -37.17
CA CYS G 15 -25.61 -10.22 -36.05
C CYS G 15 -25.06 -11.15 -34.99
N LYS G 16 -23.76 -11.06 -34.72
CA LYS G 16 -23.14 -11.87 -33.66
C LYS G 16 -22.54 -11.00 -32.56
N SER G 17 -22.99 -11.21 -31.33
CA SER G 17 -22.44 -10.52 -30.17
C SER G 17 -21.54 -11.43 -29.35
N GLU G 18 -20.23 -11.22 -29.42
CA GLU G 18 -19.28 -12.11 -28.77
C GLU G 18 -18.79 -11.59 -27.42
N CYS G 19 -18.83 -12.45 -26.41
CA CYS G 19 -18.27 -12.15 -25.10
C CYS G 19 -16.98 -12.95 -24.91
N HIS G 20 -15.83 -12.30 -24.88
CA HIS G 20 -14.58 -13.03 -24.74
C HIS G 20 -14.02 -12.95 -23.34
N PHE G 21 -13.86 -14.09 -22.69
CA PHE G 21 -13.37 -14.17 -21.33
C PHE G 21 -11.96 -14.75 -21.24
N TYR G 22 -10.98 -13.95 -20.86
CA TYR G 22 -9.66 -14.47 -20.54
C TYR G 22 -9.52 -14.46 -19.03
N ASN G 23 -9.21 -15.61 -18.44
CA ASN G 23 -9.14 -15.80 -16.98
C ASN G 23 -10.42 -15.48 -16.25
N GLY G 24 -11.49 -16.19 -16.58
CA GLY G 24 -12.74 -16.00 -15.88
C GLY G 24 -13.33 -14.64 -16.19
N THR G 25 -13.83 -13.96 -15.16
CA THR G 25 -14.41 -12.65 -15.35
C THR G 25 -13.40 -11.56 -15.05
N GLN G 26 -12.13 -11.91 -15.03
CA GLN G 26 -11.11 -10.90 -14.80
C GLN G 26 -11.06 -9.97 -15.99
N ARG G 27 -10.74 -10.53 -17.15
CA ARG G 27 -10.63 -9.78 -18.40
C ARG G 27 -11.78 -10.16 -19.32
N VAL G 28 -12.57 -9.17 -19.73
CA VAL G 28 -13.69 -9.44 -20.63
C VAL G 28 -13.74 -8.41 -21.74
N ARG G 29 -13.90 -8.85 -22.98
CA ARG G 29 -14.11 -7.90 -24.07
C ARG G 29 -15.34 -8.30 -24.86
N LEU G 30 -16.08 -7.30 -25.33
CA LEU G 30 -17.31 -7.50 -26.08
C LEU G 30 -17.05 -7.15 -27.52
N LEU G 31 -17.43 -8.03 -28.43
CA LEU G 31 -17.21 -7.76 -29.83
C LEU G 31 -18.51 -8.00 -30.60
N VAL G 32 -19.18 -6.93 -31.00
CA VAL G 32 -20.42 -7.05 -31.77
C VAL G 32 -20.11 -6.93 -33.25
N ARG G 33 -20.56 -7.91 -34.03
CA ARG G 33 -20.27 -7.94 -35.44
C ARG G 33 -21.53 -8.00 -36.28
N TYR G 34 -21.74 -7.01 -37.15
CA TYR G 34 -22.88 -7.01 -38.04
C TYR G 34 -22.50 -7.47 -39.45
N PHE G 35 -23.27 -8.38 -40.02
CA PHE G 35 -23.00 -8.86 -41.37
C PHE G 35 -24.16 -8.53 -42.28
N TYR G 36 -23.86 -8.35 -43.57
CA TYR G 36 -24.88 -8.28 -44.60
C TYR G 36 -24.48 -9.22 -45.71
N ASN G 37 -25.24 -10.29 -45.88
CA ASN G 37 -24.88 -11.36 -46.78
C ASN G 37 -23.53 -11.96 -46.41
N LEU G 38 -22.53 -11.71 -47.23
CA LEU G 38 -21.21 -12.30 -47.01
C LEU G 38 -20.22 -11.31 -46.42
N GLU G 39 -20.68 -10.08 -46.20
CA GLU G 39 -19.80 -8.99 -45.82
C GLU G 39 -20.01 -8.47 -44.42
N GLU G 40 -18.98 -8.57 -43.59
CA GLU G 40 -19.03 -7.97 -42.26
C GLU G 40 -18.82 -6.48 -42.40
N ASN G 41 -19.79 -5.68 -41.95
CA ASN G 41 -19.76 -4.25 -42.21
C ASN G 41 -19.60 -3.33 -40.99
N LEU G 42 -20.08 -3.76 -39.83
CA LEU G 42 -20.03 -2.93 -38.64
C LEU G 42 -19.48 -3.70 -37.46
N ARG G 43 -18.80 -3.00 -36.56
CA ARG G 43 -18.25 -3.63 -35.35
C ARG G 43 -18.44 -2.76 -34.11
N PHE G 44 -18.70 -3.36 -32.96
CA PHE G 44 -18.54 -2.64 -31.71
C PHE G 44 -17.56 -3.39 -30.87
N ASP G 45 -16.36 -2.85 -30.74
CA ASP G 45 -15.28 -3.46 -29.99
C ASP G 45 -15.12 -2.75 -28.68
N SER G 46 -15.26 -3.48 -27.59
CA SER G 46 -15.19 -2.87 -26.28
C SER G 46 -13.80 -2.28 -26.02
N ASP G 47 -12.80 -2.76 -26.73
CA ASP G 47 -11.47 -2.17 -26.62
C ASP G 47 -11.42 -0.80 -27.27
N VAL G 48 -12.49 -0.43 -27.97
CA VAL G 48 -12.55 0.87 -28.59
C VAL G 48 -13.68 1.68 -27.97
N GLY G 49 -14.77 1.00 -27.68
CA GLY G 49 -15.86 1.64 -26.98
C GLY G 49 -16.76 2.39 -27.91
N GLU G 50 -16.49 2.27 -29.21
CA GLU G 50 -17.27 2.98 -30.21
C GLU G 50 -17.57 2.07 -31.38
N PHE G 51 -18.55 2.44 -32.19
CA PHE G 51 -18.83 1.70 -33.41
C PHE G 51 -17.79 2.00 -34.49
N ARG G 52 -17.42 0.98 -35.24
CA ARG G 52 -16.48 1.12 -36.33
C ARG G 52 -17.00 0.43 -37.59
N ALA G 53 -16.88 1.09 -38.74
CA ALA G 53 -17.30 0.50 -39.99
C ALA G 53 -16.20 -0.39 -40.54
N VAL G 54 -16.52 -1.64 -40.82
CA VAL G 54 -15.55 -2.57 -41.35
C VAL G 54 -15.44 -2.43 -42.86
N THR G 55 -16.57 -2.18 -43.51
CA THR G 55 -16.61 -1.87 -44.91
C THR G 55 -17.47 -0.64 -45.11
N GLU G 56 -17.44 -0.07 -46.31
CA GLU G 56 -18.17 1.16 -46.61
C GLU G 56 -19.66 1.07 -46.27
N LEU G 57 -20.22 -0.12 -46.35
CA LEU G 57 -21.65 -0.33 -46.17
C LEU G 57 -22.18 -0.05 -44.77
N GLY G 58 -21.33 -0.19 -43.76
CA GLY G 58 -21.76 -0.01 -42.39
C GLY G 58 -21.45 1.37 -41.88
N ARG G 59 -20.78 2.13 -42.72
CA ARG G 59 -20.35 3.48 -42.39
C ARG G 59 -21.50 4.40 -41.92
N PRO G 60 -22.71 4.31 -42.52
CA PRO G 60 -23.80 5.14 -41.99
C PRO G 60 -24.17 4.89 -40.54
N ASP G 61 -24.20 3.62 -40.14
CA ASP G 61 -24.58 3.23 -38.79
C ASP G 61 -23.58 3.72 -37.76
N ALA G 62 -22.31 3.59 -38.09
CA ALA G 62 -21.27 4.03 -37.20
C ALA G 62 -21.45 5.50 -36.90
N GLU G 63 -21.68 6.28 -37.95
CA GLU G 63 -21.87 7.72 -37.80
C GLU G 63 -23.12 8.00 -36.99
N ASN G 64 -24.15 7.18 -37.21
CA ASN G 64 -25.43 7.36 -36.55
C ASN G 64 -25.40 7.07 -35.07
N TRP G 65 -24.88 5.90 -34.70
CA TRP G 65 -24.93 5.45 -33.33
C TRP G 65 -23.88 6.12 -32.47
N ASN G 66 -22.74 6.46 -33.04
CA ASN G 66 -21.70 7.11 -32.28
C ASN G 66 -22.07 8.52 -31.86
N SER G 67 -23.15 9.03 -32.43
CA SER G 67 -23.64 10.37 -32.09
C SER G 67 -24.59 10.33 -30.90
N GLN G 68 -24.83 9.13 -30.38
CA GLN G 68 -25.65 8.94 -29.20
C GLN G 68 -24.77 8.51 -28.06
N PRO G 69 -24.28 9.45 -27.26
CA PRO G 69 -23.34 9.09 -26.20
C PRO G 69 -23.94 8.13 -25.19
N GLU G 70 -25.20 8.34 -24.84
CA GLU G 70 -25.85 7.51 -23.85
C GLU G 70 -26.04 6.08 -24.34
N PHE G 71 -26.00 5.88 -25.64
CA PHE G 71 -26.03 4.54 -26.20
C PHE G 71 -24.69 3.88 -26.06
N LEU G 72 -23.64 4.59 -26.46
CA LEU G 72 -22.29 4.07 -26.38
C LEU G 72 -21.96 3.76 -24.95
N GLU G 73 -22.42 4.62 -24.07
CA GLU G 73 -22.18 4.45 -22.66
C GLU G 73 -22.83 3.16 -22.19
N GLN G 74 -24.01 2.87 -22.72
CA GLN G 74 -24.67 1.62 -22.37
C GLN G 74 -23.92 0.40 -22.89
N LYS G 75 -23.45 0.49 -24.12
CA LYS G 75 -22.77 -0.65 -24.74
C LYS G 75 -21.49 -0.99 -24.01
N ARG G 76 -20.70 0.04 -23.67
CA ARG G 76 -19.43 -0.18 -23.01
C ARG G 76 -19.64 -0.92 -21.71
N ALA G 77 -20.78 -0.67 -21.09
CA ALA G 77 -21.14 -1.28 -19.82
C ALA G 77 -21.64 -2.68 -20.01
N GLU G 78 -21.96 -3.07 -21.23
CA GLU G 78 -22.51 -4.40 -21.47
C GLU G 78 -21.47 -5.47 -21.21
N VAL G 79 -20.23 -5.04 -21.03
CA VAL G 79 -19.17 -5.93 -20.62
C VAL G 79 -19.48 -6.47 -19.24
N ASP G 80 -20.21 -5.68 -18.46
CA ASP G 80 -20.60 -6.08 -17.13
C ASP G 80 -22.05 -6.50 -17.06
N THR G 81 -22.93 -5.71 -17.63
CA THR G 81 -24.36 -5.92 -17.45
C THR G 81 -24.91 -7.09 -18.24
N VAL G 82 -24.13 -7.60 -19.18
CA VAL G 82 -24.56 -8.75 -19.98
C VAL G 82 -23.55 -9.88 -19.97
N CYS G 83 -22.32 -9.58 -20.34
CA CYS G 83 -21.30 -10.61 -20.43
C CYS G 83 -21.00 -11.29 -19.11
N ARG G 84 -20.48 -10.54 -18.14
CA ARG G 84 -20.13 -11.14 -16.86
C ARG G 84 -21.35 -11.74 -16.19
N HIS G 85 -22.50 -11.13 -16.40
CA HIS G 85 -23.75 -11.66 -15.89
C HIS G 85 -23.96 -13.07 -16.41
N ASN G 86 -23.88 -13.25 -17.72
CA ASN G 86 -24.10 -14.56 -18.31
C ASN G 86 -23.04 -15.55 -17.90
N TYR G 87 -21.83 -15.09 -17.64
CA TYR G 87 -20.80 -16.00 -17.19
C TYR G 87 -21.12 -16.52 -15.81
N GLU G 88 -21.61 -15.64 -14.93
CA GLU G 88 -21.96 -16.01 -13.58
C GLU G 88 -22.92 -17.17 -13.60
N ILE G 89 -23.86 -17.11 -14.53
CA ILE G 89 -24.86 -18.15 -14.67
C ILE G 89 -24.26 -19.42 -15.24
N PHE G 90 -23.51 -19.28 -16.31
CA PHE G 90 -23.00 -20.45 -17.01
C PHE G 90 -21.83 -21.09 -16.27
N ASP G 91 -21.34 -20.43 -15.24
CA ASP G 91 -20.25 -20.98 -14.44
C ASP G 91 -20.74 -22.10 -13.52
N ASN G 92 -22.05 -22.25 -13.43
CA ASN G 92 -22.66 -23.26 -12.57
C ASN G 92 -22.79 -24.62 -13.22
N PHE G 93 -22.85 -24.67 -14.55
CA PHE G 93 -23.05 -25.95 -15.21
C PHE G 93 -22.28 -26.15 -16.52
N LEU G 94 -22.12 -25.10 -17.30
CA LEU G 94 -21.38 -25.19 -18.55
C LEU G 94 -19.88 -25.19 -18.33
N VAL G 95 -19.38 -24.20 -17.59
CA VAL G 95 -17.96 -24.09 -17.35
C VAL G 95 -17.36 -25.30 -16.62
N PRO G 96 -18.00 -25.77 -15.54
CA PRO G 96 -17.34 -26.88 -14.86
C PRO G 96 -17.70 -28.25 -15.44
N ARG G 97 -18.42 -28.26 -16.56
CA ARG G 97 -18.87 -29.51 -17.15
C ARG G 97 -17.71 -30.42 -17.50
N ARG G 98 -17.80 -31.67 -17.08
CA ARG G 98 -16.78 -32.66 -17.34
C ARG G 98 -17.39 -33.96 -17.83
N VAL G 99 -16.84 -34.50 -18.91
CA VAL G 99 -17.26 -35.81 -19.41
C VAL G 99 -16.03 -36.66 -19.69
N GLU G 100 -15.97 -37.81 -19.02
CA GLU G 100 -14.80 -38.68 -19.07
C GLU G 100 -14.65 -39.35 -20.43
N PRO G 101 -13.42 -39.35 -20.97
CA PRO G 101 -13.16 -39.88 -22.30
C PRO G 101 -13.25 -41.41 -22.37
N THR G 102 -13.54 -41.93 -23.56
CA THR G 102 -13.53 -43.36 -23.80
C THR G 102 -12.35 -43.75 -24.68
N VAL G 103 -11.32 -44.35 -24.10
CA VAL G 103 -10.11 -44.63 -24.84
C VAL G 103 -10.05 -46.05 -25.38
N THR G 104 -9.71 -46.18 -26.65
CA THR G 104 -9.62 -47.47 -27.31
C THR G 104 -8.42 -47.53 -28.24
N VAL G 105 -7.73 -48.67 -28.27
CA VAL G 105 -6.60 -48.84 -29.17
C VAL G 105 -6.84 -50.04 -30.07
N TYR G 106 -6.67 -49.84 -31.38
CA TYR G 106 -6.83 -50.91 -32.35
C TYR G 106 -5.89 -50.68 -33.54
N PRO G 107 -5.55 -51.76 -34.27
CA PRO G 107 -4.67 -51.62 -35.44
C PRO G 107 -5.29 -50.82 -36.58
N LEU G 118 -0.22 -49.89 -38.27
CA LEU G 118 -0.61 -48.62 -37.65
C LEU G 118 -1.50 -48.85 -36.44
N LEU G 119 -1.20 -48.14 -35.35
CA LEU G 119 -2.00 -48.23 -34.14
C LEU G 119 -2.80 -46.95 -33.87
N VAL G 120 -4.10 -47.11 -33.70
CA VAL G 120 -5.02 -46.02 -33.48
C VAL G 120 -5.34 -45.85 -32.01
N CYS G 121 -5.26 -44.63 -31.51
CA CYS G 121 -5.70 -44.34 -30.15
C CYS G 121 -7.00 -43.58 -30.22
N SER G 122 -8.11 -44.26 -30.01
CA SER G 122 -9.41 -43.64 -30.19
C SER G 122 -9.96 -43.04 -28.90
N VAL G 123 -9.89 -41.72 -28.80
CA VAL G 123 -10.42 -41.00 -27.66
C VAL G 123 -11.72 -40.36 -28.07
N SER G 124 -12.83 -40.78 -27.47
CA SER G 124 -14.13 -40.31 -27.90
C SER G 124 -15.07 -39.98 -26.76
N ASP G 125 -16.11 -39.23 -27.08
CA ASP G 125 -17.17 -38.89 -26.14
C ASP G 125 -16.63 -38.17 -24.91
N PHE G 126 -15.94 -37.05 -25.12
CA PHE G 126 -15.40 -36.28 -24.00
C PHE G 126 -15.68 -34.79 -24.13
N TYR G 127 -15.61 -34.10 -23.01
CA TYR G 127 -15.75 -32.65 -22.94
C TYR G 127 -14.98 -32.14 -21.73
N PRO G 128 -14.29 -31.00 -21.84
CA PRO G 128 -14.08 -30.12 -22.99
C PRO G 128 -12.96 -30.59 -23.92
N GLY G 129 -12.67 -29.79 -24.93
CA GLY G 129 -11.70 -30.18 -25.95
C GLY G 129 -10.25 -30.13 -25.51
N ASN G 130 -9.99 -29.64 -24.30
CA ASN G 130 -8.64 -29.64 -23.79
C ASN G 130 -8.18 -31.07 -23.60
N ILE G 131 -7.33 -31.54 -24.50
CA ILE G 131 -6.93 -32.93 -24.44
C ILE G 131 -5.48 -33.07 -24.86
N GLU G 132 -4.77 -33.96 -24.19
CA GLU G 132 -3.39 -34.25 -24.52
C GLU G 132 -3.25 -35.75 -24.72
N VAL G 133 -2.72 -36.15 -25.87
CA VAL G 133 -2.61 -37.56 -26.20
C VAL G 133 -1.20 -37.89 -26.65
N ARG G 134 -0.58 -38.85 -25.98
CA ARG G 134 0.78 -39.25 -26.33
C ARG G 134 0.87 -40.76 -26.58
N TRP G 135 1.87 -41.16 -27.36
CA TRP G 135 2.14 -42.57 -27.63
C TRP G 135 3.43 -43.04 -26.99
N PHE G 136 3.35 -44.08 -26.16
CA PHE G 136 4.54 -44.69 -25.58
C PHE G 136 4.75 -46.11 -26.09
N ARG G 137 5.89 -46.35 -26.73
CA ARG G 137 6.30 -47.71 -27.05
C ARG G 137 7.54 -48.05 -26.24
N ASN G 138 7.42 -49.06 -25.38
CA ASN G 138 8.49 -49.49 -24.48
C ASN G 138 8.78 -48.46 -23.39
N GLY G 139 7.85 -47.54 -23.18
CA GLY G 139 7.97 -46.56 -22.12
C GLY G 139 8.62 -45.26 -22.56
N LYS G 140 8.90 -45.14 -23.84
CA LYS G 140 9.44 -43.90 -24.40
C LYS G 140 8.43 -43.24 -25.32
N GLU G 141 8.31 -41.92 -25.23
CA GLU G 141 7.36 -41.17 -26.04
C GLU G 141 7.79 -41.09 -27.50
N GLU G 142 7.09 -41.82 -28.36
CA GLU G 142 7.38 -41.79 -29.79
C GLU G 142 7.02 -40.43 -30.37
N LYS G 143 7.93 -39.47 -30.24
CA LYS G 143 7.68 -38.10 -30.66
C LYS G 143 7.84 -37.89 -32.16
N THR G 144 7.60 -38.93 -32.95
CA THR G 144 7.69 -38.84 -34.40
C THR G 144 6.74 -39.83 -35.06
N GLY G 145 6.32 -39.50 -36.28
CA GLY G 145 5.43 -40.37 -37.02
C GLY G 145 4.03 -40.44 -36.43
N ILE G 146 3.54 -39.30 -35.95
CA ILE G 146 2.21 -39.23 -35.34
C ILE G 146 1.21 -38.58 -36.28
N VAL G 147 0.19 -39.34 -36.67
CA VAL G 147 -0.85 -38.84 -37.55
C VAL G 147 -2.17 -38.71 -36.81
N SER G 148 -2.62 -37.48 -36.60
CA SER G 148 -3.86 -37.22 -35.88
C SER G 148 -4.94 -36.60 -36.76
N THR G 149 -6.19 -36.89 -36.43
CA THR G 149 -7.31 -36.33 -37.18
C THR G 149 -7.62 -34.96 -36.63
N GLY G 150 -7.06 -34.67 -35.45
CA GLY G 150 -7.35 -33.43 -34.77
C GLY G 150 -8.59 -33.55 -33.92
N LEU G 151 -8.96 -32.46 -33.25
CA LEU G 151 -10.13 -32.45 -32.42
C LEU G 151 -11.38 -32.35 -33.27
N VAL G 152 -12.38 -33.18 -32.99
CA VAL G 152 -13.60 -33.19 -33.79
C VAL G 152 -14.84 -32.88 -32.96
N ARG G 153 -15.60 -31.89 -33.40
CA ARG G 153 -16.78 -31.46 -32.69
C ARG G 153 -18.03 -32.15 -33.22
N ASN G 154 -18.63 -32.98 -32.38
CA ASN G 154 -19.85 -33.70 -32.72
C ASN G 154 -21.08 -32.83 -32.66
N GLY G 155 -20.97 -31.70 -31.98
CA GLY G 155 -22.06 -30.75 -31.94
C GLY G 155 -23.06 -30.97 -30.83
N ASP G 156 -22.88 -32.05 -30.07
CA ASP G 156 -23.76 -32.33 -28.96
C ASP G 156 -22.97 -32.27 -27.67
N TRP G 157 -22.06 -31.30 -27.59
CA TRP G 157 -21.25 -31.08 -26.41
C TRP G 157 -20.37 -32.27 -26.08
N THR G 158 -19.96 -32.99 -27.11
CA THR G 158 -19.02 -34.10 -26.97
C THR G 158 -17.95 -34.03 -28.03
N PHE G 159 -16.74 -34.47 -27.71
CA PHE G 159 -15.66 -34.42 -28.67
C PHE G 159 -15.16 -35.83 -29.00
N GLN G 160 -14.29 -35.92 -30.00
CA GLN G 160 -13.64 -37.17 -30.36
C GLN G 160 -12.40 -36.91 -31.17
N THR G 161 -11.45 -37.84 -31.14
CA THR G 161 -10.22 -37.71 -31.90
C THR G 161 -9.54 -39.05 -32.13
N LEU G 162 -8.81 -39.14 -33.23
CA LEU G 162 -8.02 -40.34 -33.54
C LEU G 162 -6.56 -39.97 -33.66
N VAL G 163 -5.75 -40.40 -32.69
CA VAL G 163 -4.32 -40.18 -32.75
C VAL G 163 -3.65 -41.49 -33.14
N MET G 164 -2.86 -41.47 -34.21
CA MET G 164 -2.30 -42.71 -34.75
C MET G 164 -0.77 -42.76 -34.78
N LEU G 165 -0.23 -43.96 -34.60
CA LEU G 165 1.21 -44.20 -34.69
C LEU G 165 1.50 -45.23 -35.78
N GLU G 166 2.42 -44.89 -36.68
CA GLU G 166 2.65 -45.67 -37.89
C GLU G 166 3.74 -46.75 -37.82
N THR G 167 4.11 -47.17 -36.62
CA THR G 167 5.16 -48.19 -36.51
C THR G 167 4.62 -49.60 -36.71
N VAL G 168 5.47 -50.48 -37.21
CA VAL G 168 5.11 -51.88 -37.43
C VAL G 168 5.44 -52.75 -36.22
N TYR G 175 4.00 -50.50 -26.61
CA TYR G 175 2.89 -49.93 -27.34
C TYR G 175 1.75 -49.55 -26.38
N THR G 176 1.84 -48.34 -25.82
CA THR G 176 0.81 -47.80 -24.93
C THR G 176 0.62 -46.30 -25.12
N CYS G 177 -0.63 -45.83 -25.19
CA CYS G 177 -0.86 -44.38 -25.35
C CYS G 177 -1.43 -43.76 -24.08
N GLN G 178 -1.05 -42.52 -23.83
CA GLN G 178 -1.48 -41.83 -22.61
C GLN G 178 -2.36 -40.63 -22.93
N VAL G 179 -3.42 -40.47 -22.14
CA VAL G 179 -4.38 -39.39 -22.33
C VAL G 179 -4.56 -38.57 -21.07
N GLU G 180 -4.23 -37.28 -21.13
CA GLU G 180 -4.43 -36.40 -19.99
C GLU G 180 -5.59 -35.47 -20.29
N HIS G 181 -6.47 -35.27 -19.32
CA HIS G 181 -7.71 -34.54 -19.53
C HIS G 181 -8.24 -33.98 -18.22
N PRO G 182 -8.79 -32.77 -18.26
CA PRO G 182 -9.38 -32.08 -17.10
C PRO G 182 -10.43 -32.89 -16.32
N SER G 183 -10.97 -33.95 -16.92
CA SER G 183 -11.93 -34.78 -16.20
C SER G 183 -11.23 -35.95 -15.54
N LEU G 184 -9.91 -36.01 -15.69
CA LEU G 184 -9.15 -37.12 -15.17
C LEU G 184 -8.19 -36.67 -14.08
N THR G 185 -8.42 -37.13 -12.86
CA THR G 185 -7.51 -36.85 -11.76
C THR G 185 -6.14 -37.45 -12.05
N ASP G 186 -6.15 -38.65 -12.61
CA ASP G 186 -4.93 -39.34 -13.01
C ASP G 186 -5.00 -39.73 -14.49
N PRO G 187 -3.89 -39.59 -15.20
CA PRO G 187 -3.83 -39.90 -16.64
C PRO G 187 -4.37 -41.28 -16.96
N VAL G 188 -5.06 -41.42 -18.09
CA VAL G 188 -5.58 -42.71 -18.49
C VAL G 188 -4.61 -43.40 -19.44
N THR G 189 -4.34 -44.67 -19.16
CA THR G 189 -3.37 -45.43 -19.93
C THR G 189 -4.01 -46.69 -20.47
N VAL G 190 -3.73 -46.99 -21.73
CA VAL G 190 -4.08 -48.29 -22.31
C VAL G 190 -2.88 -48.79 -23.09
N GLU G 191 -2.75 -50.11 -23.19
CA GLU G 191 -1.58 -50.73 -23.81
C GLU G 191 -1.99 -51.91 -24.68
N TRP G 192 -1.23 -52.18 -25.72
CA TRP G 192 -1.60 -53.22 -26.66
C TRP G 192 -0.68 -54.45 -26.54
N LYS G 193 -0.94 -55.46 -27.37
CA LYS G 193 -0.18 -56.70 -27.37
C LYS G 193 0.96 -56.65 -28.36
N ALA H 1 -33.48 -21.12 -11.43
CA ALA H 1 -33.85 -20.56 -12.72
C ALA H 1 -33.56 -19.06 -12.79
N ASN H 2 -32.27 -18.74 -12.87
CA ASN H 2 -31.81 -17.37 -13.04
C ASN H 2 -31.53 -17.09 -14.52
N GLY H 3 -32.15 -16.04 -15.04
CA GLY H 3 -32.27 -15.85 -16.48
C GLY H 3 -31.10 -15.17 -17.17
N VAL H 4 -30.69 -15.76 -18.29
CA VAL H 4 -29.55 -15.26 -19.04
C VAL H 4 -29.91 -13.94 -19.68
N ALA H 5 -28.90 -13.11 -19.92
CA ALA H 5 -29.13 -11.78 -20.44
C ALA H 5 -28.76 -11.73 -21.91
N PHE H 6 -29.39 -10.82 -22.63
CA PHE H 6 -29.18 -10.74 -24.06
C PHE H 6 -29.01 -9.29 -24.46
N PHE H 7 -28.47 -9.09 -25.66
CA PHE H 7 -28.24 -7.77 -26.20
C PHE H 7 -29.43 -7.33 -27.02
N LEU H 8 -29.85 -6.09 -26.83
CA LEU H 8 -30.92 -5.53 -27.65
C LEU H 8 -30.38 -5.05 -28.99
N THR H 9 -31.04 -5.41 -30.08
CA THR H 9 -30.59 -4.92 -31.37
C THR H 9 -31.38 -3.68 -31.77
N PRO H 10 -30.66 -2.61 -32.11
CA PRO H 10 -31.27 -1.31 -32.37
C PRO H 10 -31.70 -1.14 -33.81
N PHE H 11 -32.73 -0.35 -34.03
CA PHE H 11 -33.21 -0.06 -35.37
C PHE H 11 -32.19 0.77 -36.11
N LYS H 12 -31.95 0.44 -37.37
CA LYS H 12 -31.05 1.23 -38.19
C LYS H 12 -31.83 2.34 -38.86
N ALA H 13 -31.19 3.50 -39.00
CA ALA H 13 -31.78 4.64 -39.69
C ALA H 13 -33.20 4.95 -39.23
N GLY I 3 -45.70 -4.53 -6.58
CA GLY I 3 -45.30 -5.92 -6.65
C GLY I 3 -44.24 -6.19 -7.70
N ASP I 4 -44.28 -5.44 -8.80
CA ASP I 4 -43.25 -5.54 -9.83
C ASP I 4 -42.60 -4.18 -10.06
N GLN I 5 -41.98 -3.65 -9.01
CA GLN I 5 -41.33 -2.35 -9.06
C GLN I 5 -40.00 -2.42 -8.34
N VAL I 6 -39.29 -1.31 -8.30
CA VAL I 6 -38.00 -1.26 -7.63
C VAL I 6 -38.09 -0.80 -6.19
N GLU I 7 -37.49 -1.56 -5.29
CA GLU I 7 -37.43 -1.16 -3.90
C GLU I 7 -36.67 0.13 -3.81
N GLN I 8 -37.36 1.24 -3.58
CA GLN I 8 -36.70 2.51 -3.49
C GLN I 8 -36.85 3.04 -2.08
N SER I 9 -35.75 3.42 -1.47
CA SER I 9 -35.79 3.91 -0.11
C SER I 9 -35.02 5.21 0.01
N PRO I 10 -35.47 6.11 0.88
CA PRO I 10 -36.62 5.99 1.79
C PRO I 10 -37.94 6.30 1.13
N SER I 11 -39.04 6.02 1.82
CA SER I 11 -40.39 6.33 1.34
C SER I 11 -40.62 7.82 1.30
N ALA I 12 -40.27 8.50 2.39
CA ALA I 12 -40.39 9.95 2.47
C ALA I 12 -39.17 10.53 3.15
N LEU I 13 -38.90 11.81 2.93
CA LEU I 13 -37.67 12.41 3.40
C LEU I 13 -37.86 13.90 3.65
N SER I 14 -37.39 14.37 4.81
CA SER I 14 -37.44 15.79 5.10
C SER I 14 -36.03 16.31 5.36
N LEU I 15 -35.60 17.27 4.55
CA LEU I 15 -34.25 17.79 4.68
C LEU I 15 -34.23 19.27 4.98
N HIS I 16 -33.41 19.67 5.95
CA HIS I 16 -33.23 21.08 6.22
C HIS I 16 -32.41 21.72 5.12
N GLU I 17 -32.77 22.94 4.75
CA GLU I 17 -32.07 23.70 3.73
C GLU I 17 -30.59 23.78 4.03
N GLY I 18 -29.77 23.30 3.11
CA GLY I 18 -28.34 23.34 3.28
C GLY I 18 -27.73 22.05 3.75
N THR I 19 -28.57 21.06 4.01
CA THR I 19 -28.10 19.73 4.37
C THR I 19 -28.13 18.81 3.16
N GLY I 20 -27.84 17.54 3.37
CA GLY I 20 -27.84 16.58 2.30
C GLY I 20 -28.23 15.20 2.75
N SER I 21 -28.62 14.35 1.80
CA SER I 21 -28.99 12.98 2.09
C SER I 21 -28.98 12.17 0.81
N ALA I 22 -29.29 10.89 0.91
CA ALA I 22 -29.19 10.02 -0.24
C ALA I 22 -30.42 9.16 -0.45
N LEU I 23 -30.79 8.97 -1.71
CA LEU I 23 -31.86 8.07 -2.09
C LEU I 23 -31.24 6.82 -2.66
N ARG I 24 -31.92 5.69 -2.61
CA ARG I 24 -31.31 4.45 -3.08
C ARG I 24 -32.29 3.50 -3.75
N CYS I 25 -31.89 2.94 -4.88
CA CYS I 25 -32.69 1.92 -5.53
C CYS I 25 -32.02 0.56 -5.39
N ASN I 26 -32.78 -0.44 -4.96
CA ASN I 26 -32.26 -1.78 -4.83
C ASN I 26 -32.92 -2.70 -5.84
N PHE I 27 -32.10 -3.35 -6.66
CA PHE I 27 -32.58 -4.15 -7.77
C PHE I 27 -32.54 -5.63 -7.47
N THR I 28 -33.44 -6.39 -8.09
CA THR I 28 -33.50 -7.82 -7.84
C THR I 28 -32.63 -8.61 -8.81
N THR I 29 -31.97 -7.90 -9.72
CA THR I 29 -31.12 -8.55 -10.72
C THR I 29 -30.20 -7.53 -11.36
N THR I 30 -29.37 -7.98 -12.29
CA THR I 30 -28.47 -7.09 -12.98
C THR I 30 -29.23 -6.18 -13.91
N MET I 31 -29.07 -4.88 -13.74
CA MET I 31 -29.77 -3.91 -14.58
C MET I 31 -28.86 -3.37 -15.67
N ARG I 32 -29.46 -2.99 -16.80
CA ARG I 32 -28.70 -2.59 -17.96
C ARG I 32 -28.23 -1.15 -17.85
N ALA I 33 -29.04 -0.32 -17.23
CA ALA I 33 -28.73 1.07 -16.98
C ALA I 33 -29.80 1.68 -16.12
N VAL I 34 -29.52 2.80 -15.48
CA VAL I 34 -30.47 3.41 -14.56
C VAL I 34 -30.74 4.85 -14.92
N GLN I 35 -31.97 5.28 -14.65
CA GLN I 35 -32.41 6.63 -14.95
C GLN I 35 -33.13 7.24 -13.74
N TRP I 36 -32.90 8.52 -13.48
CA TRP I 36 -33.52 9.19 -12.34
C TRP I 36 -34.37 10.40 -12.75
N PHE I 37 -35.57 10.49 -12.18
CA PHE I 37 -36.49 11.57 -12.50
C PHE I 37 -36.88 12.36 -11.27
N ARG I 38 -37.32 13.59 -11.49
CA ARG I 38 -37.90 14.41 -10.43
C ARG I 38 -39.19 15.05 -10.90
N LYS I 39 -40.25 14.94 -10.11
CA LYS I 39 -41.51 15.60 -10.43
C LYS I 39 -41.75 16.77 -9.48
N ASN I 40 -41.85 17.98 -10.03
CA ASN I 40 -42.01 19.17 -9.21
C ASN I 40 -43.37 19.27 -8.52
N SER I 41 -43.65 20.46 -8.03
CA SER I 41 -44.99 20.82 -7.60
C SER I 41 -45.74 21.39 -8.79
N ARG I 42 -46.73 20.65 -9.27
CA ARG I 42 -47.47 21.01 -10.49
C ARG I 42 -46.50 21.09 -11.67
N GLY I 43 -45.37 20.41 -11.55
CA GLY I 43 -44.36 20.44 -12.59
C GLY I 43 -44.34 19.15 -13.38
N SER I 44 -43.57 19.15 -14.46
CA SER I 44 -43.43 17.96 -15.28
C SER I 44 -42.37 17.06 -14.66
N LEU I 45 -42.27 15.83 -15.14
CA LEU I 45 -41.16 14.96 -14.77
C LEU I 45 -39.89 15.44 -15.42
N ILE I 46 -38.92 15.84 -14.61
CA ILE I 46 -37.65 16.30 -15.16
C ILE I 46 -36.61 15.17 -15.14
N ASN I 47 -36.00 14.94 -16.30
CA ASN I 47 -34.96 13.94 -16.41
C ASN I 47 -33.70 14.42 -15.72
N LEU I 48 -33.18 13.64 -14.79
CA LEU I 48 -32.00 14.03 -14.01
C LEU I 48 -30.71 13.37 -14.49
N PHE I 49 -30.71 12.04 -14.53
CA PHE I 49 -29.52 11.27 -14.92
C PHE I 49 -29.85 10.08 -15.81
N TYR I 50 -28.88 9.70 -16.63
CA TYR I 50 -28.91 8.38 -17.23
C TYR I 50 -27.58 7.72 -16.94
N LEU I 51 -27.61 6.68 -16.13
CA LEU I 51 -26.41 5.97 -15.74
C LEU I 51 -26.40 4.54 -16.22
N ALA I 52 -25.27 4.12 -16.75
CA ALA I 52 -25.07 2.72 -17.08
C ALA I 52 -23.98 2.12 -16.22
N SER I 53 -23.11 2.97 -15.69
CA SER I 53 -22.04 2.53 -14.82
C SER I 53 -21.36 3.74 -14.21
N GLY I 54 -20.63 3.52 -13.13
CA GLY I 54 -19.88 4.59 -12.50
C GLY I 54 -20.74 5.68 -11.95
N THR I 55 -20.22 6.91 -11.92
CA THR I 55 -20.97 8.01 -11.33
C THR I 55 -21.07 9.20 -12.26
N LYS I 56 -22.14 9.98 -12.08
CA LYS I 56 -22.33 11.21 -12.82
C LYS I 56 -22.72 12.30 -11.84
N GLU I 57 -22.28 13.51 -12.10
CA GLU I 57 -22.56 14.61 -11.19
C GLU I 57 -23.13 15.81 -11.94
N ASN I 58 -24.25 16.32 -11.45
CA ASN I 58 -24.92 17.47 -12.06
C ASN I 58 -25.28 18.53 -11.03
N GLY I 59 -24.41 19.53 -10.86
CA GLY I 59 -24.65 20.55 -9.88
C GLY I 59 -24.63 19.99 -8.47
N ARG I 60 -25.78 20.06 -7.79
CA ARG I 60 -25.88 19.60 -6.43
C ARG I 60 -26.36 18.15 -6.36
N LEU I 61 -26.38 17.48 -7.51
CA LEU I 61 -26.79 16.09 -7.53
C LEU I 61 -25.67 15.19 -8.02
N LYS I 62 -25.44 14.10 -7.31
CA LYS I 62 -24.50 13.08 -7.74
C LYS I 62 -25.22 11.77 -7.79
N SER I 63 -24.99 10.99 -8.83
CA SER I 63 -25.64 9.69 -8.92
C SER I 63 -24.63 8.61 -9.18
N ALA I 64 -24.89 7.43 -8.66
CA ALA I 64 -23.96 6.32 -8.78
C ALA I 64 -24.70 5.06 -9.09
N PHE I 65 -24.08 4.18 -9.87
CA PHE I 65 -24.74 2.94 -10.24
C PHE I 65 -23.74 1.81 -10.23
N ASP I 66 -24.00 0.79 -9.40
CA ASP I 66 -23.15 -0.39 -9.38
C ASP I 66 -23.93 -1.56 -9.92
N SER I 67 -23.66 -1.90 -11.18
CA SER I 67 -24.37 -2.96 -11.87
C SER I 67 -24.36 -4.27 -11.11
N LYS I 68 -23.17 -4.62 -10.60
CA LYS I 68 -22.95 -5.89 -9.92
C LYS I 68 -23.64 -5.97 -8.57
N GLU I 69 -23.47 -4.93 -7.77
CA GLU I 69 -23.97 -4.87 -6.41
C GLU I 69 -25.47 -4.60 -6.36
N ARG I 70 -26.04 -4.40 -7.53
CA ARG I 70 -27.48 -4.27 -7.68
C ARG I 70 -28.08 -3.11 -6.91
N TYR I 71 -27.48 -1.93 -7.05
CA TYR I 71 -28.05 -0.76 -6.44
C TYR I 71 -27.71 0.51 -7.20
N SER I 72 -28.47 1.56 -6.94
CA SER I 72 -28.15 2.89 -7.44
C SER I 72 -28.54 3.93 -6.43
N THR I 73 -27.74 4.98 -6.32
CA THR I 73 -28.00 6.01 -5.32
C THR I 73 -28.03 7.40 -5.93
N LEU I 74 -28.91 8.24 -5.41
CA LEU I 74 -28.95 9.64 -5.80
C LEU I 74 -28.64 10.48 -4.59
N HIS I 75 -27.67 11.37 -4.71
CA HIS I 75 -27.24 12.17 -3.58
C HIS I 75 -27.66 13.61 -3.77
N ILE I 76 -28.33 14.16 -2.77
CA ILE I 76 -28.67 15.57 -2.82
C ILE I 76 -27.82 16.27 -1.81
N ARG I 77 -27.16 17.33 -2.25
CA ARG I 77 -26.29 18.09 -1.38
C ARG I 77 -26.62 19.57 -1.44
N ASP I 78 -26.45 20.28 -0.33
CA ASP I 78 -26.80 21.71 -0.24
C ASP I 78 -28.25 21.87 -0.68
N ALA I 79 -29.11 21.02 -0.12
CA ALA I 79 -30.51 20.95 -0.51
C ALA I 79 -31.14 22.32 -0.59
N GLN I 80 -31.84 22.58 -1.69
CA GLN I 80 -32.49 23.85 -1.87
C GLN I 80 -33.99 23.67 -1.83
N LEU I 81 -34.70 24.77 -1.86
CA LEU I 81 -36.15 24.75 -1.79
C LEU I 81 -36.71 24.05 -3.02
N GLU I 82 -36.15 24.37 -4.17
CA GLU I 82 -36.64 23.84 -5.44
C GLU I 82 -36.35 22.35 -5.64
N ASP I 83 -35.58 21.76 -4.74
CA ASP I 83 -35.27 20.35 -4.84
C ASP I 83 -36.42 19.48 -4.36
N SER I 84 -37.42 20.11 -3.75
CA SER I 84 -38.59 19.38 -3.27
C SER I 84 -39.30 18.72 -4.43
N GLY I 85 -39.93 17.59 -4.16
CA GLY I 85 -40.68 16.87 -5.18
C GLY I 85 -40.66 15.37 -4.96
N THR I 86 -41.10 14.63 -5.97
CA THR I 86 -41.07 13.18 -5.87
C THR I 86 -40.03 12.62 -6.82
N TYR I 87 -39.15 11.79 -6.30
CA TYR I 87 -38.03 11.27 -7.07
C TYR I 87 -38.26 9.81 -7.44
N PHE I 88 -38.04 9.49 -8.71
CA PHE I 88 -38.23 8.15 -9.21
C PHE I 88 -36.95 7.63 -9.81
N CYS I 89 -36.69 6.33 -9.67
CA CYS I 89 -35.63 5.68 -10.41
C CYS I 89 -36.28 4.77 -11.42
N ALA I 90 -35.59 4.55 -12.53
CA ALA I 90 -36.11 3.71 -13.58
C ALA I 90 -34.98 2.93 -14.20
N ALA I 91 -35.16 1.63 -14.31
CA ALA I 91 -34.13 0.77 -14.87
C ALA I 91 -34.81 -0.38 -15.55
N GLU I 92 -34.17 -0.95 -16.56
CA GLU I 92 -34.72 -2.13 -17.20
C GLU I 92 -33.79 -3.30 -16.98
N ALA I 93 -34.37 -4.46 -16.71
CA ALA I 93 -33.58 -5.64 -16.37
C ALA I 93 -32.73 -6.04 -17.54
N SER I 94 -31.56 -6.59 -17.26
CA SER I 94 -30.63 -6.98 -18.30
C SER I 94 -31.13 -8.17 -19.08
N ASN I 95 -32.03 -8.94 -18.48
CA ASN I 95 -32.56 -10.13 -19.13
C ASN I 95 -33.98 -9.97 -19.64
N THR I 96 -34.48 -8.74 -19.69
CA THR I 96 -35.78 -8.47 -20.30
C THR I 96 -35.70 -7.24 -21.18
N ASN I 97 -36.80 -6.89 -21.83
CA ASN I 97 -36.83 -5.72 -22.69
C ASN I 97 -37.64 -4.59 -22.06
N LYS I 98 -38.12 -4.81 -20.83
CA LYS I 98 -39.09 -3.91 -20.23
C LYS I 98 -38.52 -3.07 -19.10
N VAL I 99 -38.83 -1.78 -19.16
CA VAL I 99 -38.44 -0.82 -18.13
C VAL I 99 -39.36 -0.91 -16.93
N VAL I 100 -38.78 -0.90 -15.73
CA VAL I 100 -39.58 -0.98 -14.52
C VAL I 100 -39.23 0.19 -13.61
N PHE I 101 -40.21 0.71 -12.87
CA PHE I 101 -40.01 1.95 -12.12
C PHE I 101 -39.92 1.75 -10.62
N GLY I 102 -39.35 2.74 -9.93
CA GLY I 102 -39.22 2.69 -8.49
C GLY I 102 -40.48 3.11 -7.76
N THR I 103 -40.55 2.80 -6.47
CA THR I 103 -41.74 3.10 -5.68
C THR I 103 -41.88 4.58 -5.38
N GLY I 104 -40.78 5.32 -5.48
CA GLY I 104 -40.84 6.76 -5.32
C GLY I 104 -40.37 7.23 -3.97
N THR I 105 -39.84 8.45 -3.94
CA THR I 105 -39.41 9.09 -2.70
C THR I 105 -39.90 10.52 -2.64
N ARG I 106 -40.68 10.84 -1.60
CA ARG I 106 -41.20 12.20 -1.45
C ARG I 106 -40.25 13.03 -0.61
N LEU I 107 -39.58 13.99 -1.24
CA LEU I 107 -38.61 14.81 -0.53
C LEU I 107 -39.17 16.17 -0.22
N GLN I 108 -39.15 16.54 1.05
CA GLN I 108 -39.61 17.85 1.48
C GLN I 108 -38.42 18.62 2.02
N VAL I 109 -38.20 19.82 1.51
CA VAL I 109 -37.10 20.63 2.00
C VAL I 109 -37.61 21.78 2.87
N LEU I 110 -37.18 21.78 4.12
CA LEU I 110 -37.58 22.79 5.08
C LEU I 110 -36.64 23.98 5.02
N PRO I 111 -37.20 25.18 4.90
CA PRO I 111 -36.36 26.37 4.77
C PRO I 111 -35.73 26.73 6.10
N ASN I 112 -34.61 27.44 6.04
CA ASN I 112 -33.98 27.92 7.25
C ASN I 112 -34.48 29.32 7.59
N ILE I 113 -35.23 29.42 8.68
CA ILE I 113 -35.79 30.70 9.10
C ILE I 113 -34.83 31.41 10.02
N GLN I 114 -34.14 32.40 9.50
CA GLN I 114 -33.11 33.10 10.25
C GLN I 114 -33.72 33.91 11.38
N ASN I 115 -34.76 34.68 11.07
CA ASN I 115 -35.40 35.54 12.05
C ASN I 115 -36.91 35.34 12.13
N PRO I 116 -37.35 34.42 13.00
CA PRO I 116 -38.77 34.13 13.20
C PRO I 116 -39.54 35.34 13.73
N ASP I 117 -40.69 35.64 13.12
CA ASP I 117 -41.52 36.73 13.59
C ASP I 117 -43.00 36.34 13.50
N PRO I 118 -43.41 35.31 14.25
CA PRO I 118 -44.75 34.73 14.15
C PRO I 118 -45.86 35.74 14.37
N ALA I 119 -46.82 35.80 13.45
CA ALA I 119 -47.89 36.78 13.51
C ALA I 119 -49.13 36.30 12.78
N VAL I 120 -50.28 36.82 13.17
CA VAL I 120 -51.54 36.53 12.49
C VAL I 120 -52.23 37.83 12.09
N TYR I 121 -52.46 38.02 10.80
CA TYR I 121 -53.09 39.23 10.31
C TYR I 121 -54.45 38.97 9.71
N GLN I 122 -55.24 40.03 9.55
CA GLN I 122 -56.54 39.93 8.90
C GLN I 122 -56.52 40.72 7.59
N LEU I 123 -57.06 40.12 6.53
CA LEU I 123 -57.06 40.75 5.22
C LEU I 123 -58.46 40.98 4.67
N ARG I 124 -58.67 42.16 4.07
CA ARG I 124 -59.97 42.51 3.52
C ARG I 124 -60.04 42.31 2.01
N ASP I 125 -61.24 42.04 1.51
CA ASP I 125 -61.46 41.85 0.08
C ASP I 125 -61.20 43.15 -0.68
N SER I 126 -60.53 43.05 -1.82
CA SER I 126 -60.31 44.21 -2.67
C SER I 126 -61.61 44.62 -3.35
N ASP I 130 -67.25 42.64 1.65
CA ASP I 130 -66.37 42.58 2.82
C ASP I 130 -66.12 41.15 3.28
N LYS I 131 -65.41 40.39 2.46
CA LYS I 131 -64.96 39.07 2.87
C LYS I 131 -63.67 39.23 3.65
N SER I 132 -63.27 38.19 4.39
CA SER I 132 -62.08 38.30 5.22
C SER I 132 -61.38 36.96 5.42
N VAL I 133 -60.05 37.01 5.46
CA VAL I 133 -59.24 35.83 5.70
C VAL I 133 -58.20 36.11 6.77
N CYS I 134 -57.72 35.06 7.42
CA CYS I 134 -56.68 35.18 8.42
C CYS I 134 -55.37 34.59 7.92
N LEU I 135 -54.27 35.31 8.13
CA LEU I 135 -52.98 34.90 7.60
C LEU I 135 -51.96 34.65 8.70
N PHE I 136 -51.68 33.37 8.96
CA PHE I 136 -50.61 33.00 9.87
C PHE I 136 -49.31 33.01 9.10
N THR I 137 -48.34 33.82 9.52
CA THR I 137 -47.13 33.96 8.72
C THR I 137 -45.85 34.16 9.53
N ASP I 138 -44.72 33.99 8.85
CA ASP I 138 -43.38 34.29 9.36
C ASP I 138 -42.96 33.40 10.53
N PHE I 139 -43.64 32.26 10.70
CA PHE I 139 -43.24 31.30 11.71
C PHE I 139 -42.15 30.37 11.19
N ASP I 140 -41.49 29.65 12.10
CA ASP I 140 -40.40 28.76 11.71
C ASP I 140 -40.91 27.41 11.25
N SER I 141 -40.02 26.62 10.66
CA SER I 141 -40.36 25.35 10.06
C SER I 141 -40.72 24.28 11.09
N GLN I 142 -40.51 24.59 12.35
CA GLN I 142 -40.82 23.67 13.43
C GLN I 142 -42.29 23.69 13.78
N THR I 143 -42.99 24.72 13.32
CA THR I 143 -44.43 24.85 13.57
C THR I 143 -45.26 24.02 12.60
N ASN I 144 -46.21 23.27 13.14
CA ASN I 144 -47.10 22.45 12.33
C ASN I 144 -48.51 23.00 12.27
N VAL I 145 -49.05 23.10 11.06
CA VAL I 145 -50.40 23.60 10.88
C VAL I 145 -51.43 22.47 10.90
N SER I 146 -52.40 22.57 11.80
CA SER I 146 -53.41 21.52 11.95
C SER I 146 -54.75 21.96 11.38
N GLN I 147 -55.49 21.00 10.84
CA GLN I 147 -56.77 21.29 10.19
C GLN I 147 -57.82 21.77 11.18
N SER I 148 -58.59 22.77 10.77
CA SER I 148 -59.69 23.29 11.57
C SER I 148 -60.81 22.26 11.67
N LYS I 149 -61.40 22.13 12.86
CA LYS I 149 -62.40 21.10 13.08
C LYS I 149 -63.78 21.47 12.50
N ASP I 150 -64.50 22.38 13.16
CA ASP I 150 -65.87 22.71 12.76
C ASP I 150 -65.98 23.08 11.27
N SER I 151 -67.00 22.53 10.62
CA SER I 151 -67.10 22.51 9.16
C SER I 151 -67.27 23.87 8.48
N ASP I 152 -67.34 24.94 9.25
CA ASP I 152 -67.56 26.25 8.66
C ASP I 152 -66.27 27.07 8.54
N VAL I 153 -65.18 26.54 9.08
CA VAL I 153 -63.88 27.18 8.96
C VAL I 153 -62.89 26.29 8.20
N TYR I 154 -62.11 26.90 7.31
CA TYR I 154 -61.15 26.16 6.49
C TYR I 154 -59.71 26.58 6.77
N ILE I 155 -58.81 25.61 6.81
CA ILE I 155 -57.39 25.90 7.00
C ILE I 155 -56.48 25.11 6.03
N THR I 156 -55.58 25.82 5.37
CA THR I 156 -54.63 25.20 4.44
C THR I 156 -53.33 24.78 5.11
N ASP I 157 -52.61 23.86 4.49
CA ASP I 157 -51.28 23.49 4.98
C ASP I 157 -50.30 24.61 4.76
N LYS I 158 -49.18 24.55 5.47
CA LYS I 158 -48.19 25.62 5.40
C LYS I 158 -47.54 25.63 4.03
N CYS I 159 -47.00 26.79 3.66
CA CYS I 159 -46.42 26.97 2.35
C CYS I 159 -45.24 27.93 2.42
N VAL I 160 -44.24 27.69 1.59
CA VAL I 160 -43.04 28.53 1.60
C VAL I 160 -42.90 29.39 0.36
N LEU I 161 -42.68 30.68 0.58
CA LEU I 161 -42.42 31.59 -0.52
C LEU I 161 -40.99 32.11 -0.44
N ASP I 162 -40.41 32.42 -1.59
CA ASP I 162 -39.02 32.83 -1.65
C ASP I 162 -38.89 34.16 -2.39
N MET I 163 -38.66 35.23 -1.64
CA MET I 163 -38.43 36.53 -2.25
C MET I 163 -36.97 36.64 -2.67
N ARG I 164 -36.68 36.14 -3.86
CA ARG I 164 -35.32 36.04 -4.38
C ARG I 164 -34.58 37.37 -4.35
N SER I 165 -35.27 38.44 -4.72
CA SER I 165 -34.67 39.76 -4.79
C SER I 165 -34.02 40.16 -3.46
N MET I 166 -34.70 39.84 -2.36
CA MET I 166 -34.20 40.22 -1.04
C MET I 166 -33.67 39.04 -0.25
N ASP I 167 -33.60 37.89 -0.89
CA ASP I 167 -33.08 36.67 -0.26
C ASP I 167 -33.80 36.39 1.06
N PHE I 168 -35.13 36.33 1.00
CA PHE I 168 -35.93 36.15 2.20
C PHE I 168 -37.00 35.09 1.96
N LYS I 169 -37.10 34.14 2.88
CA LYS I 169 -38.09 33.08 2.80
C LYS I 169 -38.98 33.09 4.04
N SER I 170 -40.24 32.74 3.85
CA SER I 170 -41.18 32.76 4.97
C SER I 170 -42.30 31.75 4.82
N ASN I 171 -42.65 31.09 5.93
CA ASN I 171 -43.79 30.19 5.95
C ASN I 171 -45.08 30.97 6.14
N SER I 172 -46.18 30.43 5.64
CA SER I 172 -47.47 31.09 5.78
C SER I 172 -48.64 30.13 5.57
N ALA I 173 -49.73 30.35 6.28
CA ALA I 173 -50.92 29.54 6.14
C ALA I 173 -52.18 30.40 6.21
N VAL I 174 -53.20 30.02 5.46
CA VAL I 174 -54.40 30.83 5.35
C VAL I 174 -55.63 30.13 5.88
N ALA I 175 -56.45 30.88 6.63
CA ALA I 175 -57.70 30.38 7.16
C ALA I 175 -58.82 31.38 6.91
N TRP I 176 -60.01 30.89 6.57
CA TRP I 176 -61.14 31.76 6.29
C TRP I 176 -62.45 31.11 6.67
N SER I 177 -63.51 31.91 6.77
CA SER I 177 -64.83 31.40 7.09
C SER I 177 -65.92 32.39 6.73
N ASN I 178 -67.17 31.95 6.84
CA ASN I 178 -68.32 32.82 6.61
C ASN I 178 -69.04 33.12 7.91
N LYS I 179 -68.95 32.20 8.86
CA LYS I 179 -69.55 32.36 10.17
C LYS I 179 -69.11 33.66 10.86
N SER I 180 -70.07 34.38 11.43
CA SER I 180 -69.80 35.67 12.04
C SER I 180 -69.06 35.53 13.37
N ASP I 181 -69.06 34.32 13.92
CA ASP I 181 -68.39 34.04 15.18
C ASP I 181 -66.91 33.78 14.98
N PHE I 182 -66.47 33.92 13.73
CA PHE I 182 -65.09 33.62 13.36
C PHE I 182 -64.21 34.86 13.40
N ALA I 183 -63.14 34.79 14.19
CA ALA I 183 -62.17 35.89 14.25
C ALA I 183 -60.76 35.34 14.16
N CYS I 184 -59.84 36.18 13.69
CA CYS I 184 -58.45 35.78 13.50
C CYS I 184 -57.78 35.33 14.80
N ALA I 185 -58.23 35.87 15.91
CA ALA I 185 -57.66 35.53 17.22
C ALA I 185 -57.88 34.06 17.52
N ASN I 186 -58.99 33.51 17.06
CA ASN I 186 -59.35 32.13 17.37
C ASN I 186 -59.31 31.22 16.15
N ALA I 187 -58.74 31.73 15.06
CA ALA I 187 -58.68 30.97 13.81
C ALA I 187 -57.76 29.76 13.93
N PHE I 188 -56.53 29.98 14.35
CA PHE I 188 -55.53 28.92 14.41
C PHE I 188 -55.38 28.40 15.83
N ASN I 189 -56.46 28.38 16.58
CA ASN I 189 -56.43 27.84 17.94
C ASN I 189 -56.26 26.34 17.91
N ASN I 190 -56.66 25.72 16.80
CA ASN I 190 -56.58 24.27 16.65
C ASN I 190 -55.14 23.78 16.61
N SER I 191 -54.21 24.70 16.30
CA SER I 191 -52.81 24.36 16.17
C SER I 191 -51.97 24.88 17.34
N ILE I 192 -50.81 24.28 17.54
CA ILE I 192 -49.86 24.76 18.53
C ILE I 192 -49.00 25.87 17.93
N ILE I 193 -49.41 27.12 18.14
CA ILE I 193 -48.69 28.26 17.59
C ILE I 193 -47.69 28.79 18.60
N PRO I 194 -46.62 29.46 18.12
CA PRO I 194 -45.63 30.07 19.00
C PRO I 194 -46.24 31.01 20.04
N GLU I 195 -45.71 31.00 21.25
CA GLU I 195 -46.26 31.78 22.35
C GLU I 195 -46.20 33.29 22.08
N ASP I 196 -45.14 33.74 21.41
CA ASP I 196 -44.97 35.16 21.16
C ASP I 196 -45.56 35.56 19.81
N THR I 197 -46.65 34.90 19.45
CA THR I 197 -47.35 35.21 18.21
C THR I 197 -48.00 36.60 18.30
N PHE I 198 -47.64 37.47 17.36
CA PHE I 198 -48.12 38.84 17.37
C PHE I 198 -49.56 38.94 16.87
N PHE I 199 -50.44 39.48 17.71
CA PHE I 199 -51.85 39.63 17.36
C PHE I 199 -52.25 41.10 17.33
N PRO I 200 -52.19 41.71 16.14
CA PRO I 200 -52.51 43.12 15.91
C PRO I 200 -53.94 43.49 16.29
N SER I 201 -54.24 44.79 16.21
CA SER I 201 -55.58 45.33 16.47
C SER I 201 -56.02 45.04 17.91
N SER J 22 -40.98 19.49 -31.63
CA SER J 22 -40.06 20.45 -31.01
C SER J 22 -39.01 19.73 -30.17
N GLY J 23 -38.37 20.45 -29.27
CA GLY J 23 -37.33 19.86 -28.44
C GLY J 23 -36.36 20.85 -27.84
N GLY J 24 -35.66 20.44 -26.79
CA GLY J 24 -35.79 19.11 -26.23
C GLY J 24 -36.84 19.04 -25.13
N LYS J 25 -38.07 18.76 -25.53
CA LYS J 25 -39.23 18.80 -24.64
C LYS J 25 -40.35 17.97 -25.25
N VAL J 26 -41.17 17.36 -24.40
CA VAL J 26 -42.32 16.64 -24.91
C VAL J 26 -43.59 17.35 -24.51
N ILE J 27 -44.42 17.64 -25.51
CA ILE J 27 -45.60 18.47 -25.32
C ILE J 27 -46.85 17.62 -25.27
N GLN J 28 -47.44 17.53 -24.09
CA GLN J 28 -48.69 16.82 -23.91
C GLN J 28 -49.85 17.78 -23.74
N THR J 29 -50.92 17.54 -24.47
CA THR J 29 -52.12 18.35 -24.37
C THR J 29 -53.34 17.46 -24.29
N PRO J 30 -54.33 17.84 -23.47
CA PRO J 30 -54.36 19.00 -22.59
C PRO J 30 -53.77 18.71 -21.23
N ARG J 31 -53.49 19.75 -20.45
CA ARG J 31 -52.89 19.57 -19.13
C ARG J 31 -53.85 18.81 -18.21
N TYR J 32 -55.11 19.18 -18.21
CA TYR J 32 -56.13 18.47 -17.42
C TYR J 32 -57.24 18.03 -18.35
N LEU J 33 -58.04 17.06 -17.92
CA LEU J 33 -59.18 16.65 -18.74
C LEU J 33 -60.27 16.00 -17.90
N VAL J 34 -61.50 16.46 -18.12
CA VAL J 34 -62.66 15.88 -17.46
C VAL J 34 -63.70 15.40 -18.46
N LYS J 35 -64.16 14.16 -18.28
CA LYS J 35 -65.12 13.56 -19.19
C LYS J 35 -66.17 12.77 -18.43
N GLY J 36 -67.35 12.64 -19.03
CA GLY J 36 -68.42 11.87 -18.43
C GLY J 36 -68.35 10.41 -18.82
N GLN J 37 -68.77 9.54 -17.90
CA GLN J 37 -68.73 8.11 -18.14
C GLN J 37 -69.45 7.76 -19.43
N GLY J 38 -68.72 7.13 -20.35
CA GLY J 38 -69.25 6.78 -21.64
C GLY J 38 -68.79 7.69 -22.75
N GLN J 39 -68.26 8.86 -22.39
CA GLN J 39 -67.75 9.79 -23.39
C GLN J 39 -66.37 9.36 -23.88
N LYS J 40 -65.93 9.91 -25.01
CA LYS J 40 -64.58 9.67 -25.51
C LYS J 40 -63.58 10.64 -24.89
N ALA J 41 -62.37 10.15 -24.65
CA ALA J 41 -61.31 10.99 -24.11
C ALA J 41 -60.04 10.87 -24.94
N LYS J 42 -59.78 11.88 -25.77
CA LYS J 42 -58.59 11.92 -26.59
C LYS J 42 -57.57 12.89 -26.05
N MET J 43 -56.33 12.45 -25.92
CA MET J 43 -55.24 13.31 -25.47
C MET J 43 -54.09 13.19 -26.45
N ARG J 44 -53.30 14.25 -26.56
CA ARG J 44 -52.29 14.31 -27.61
C ARG J 44 -50.89 14.45 -27.04
N CYS J 45 -49.90 14.06 -27.84
CA CYS J 45 -48.50 14.13 -27.43
C CYS J 45 -47.58 14.37 -28.61
N ILE J 46 -46.74 15.39 -28.49
CA ILE J 46 -45.74 15.67 -29.50
C ILE J 46 -44.36 15.26 -28.99
N PRO J 47 -43.84 14.13 -29.48
CA PRO J 47 -42.53 13.64 -29.08
C PRO J 47 -41.43 14.61 -29.45
N GLU J 48 -40.28 14.48 -28.79
CA GLU J 48 -39.13 15.34 -29.04
C GLU J 48 -38.69 15.25 -30.50
N LYS J 49 -38.05 16.31 -31.00
CA LYS J 49 -37.63 16.33 -32.40
C LYS J 49 -36.63 15.21 -32.68
N GLY J 50 -36.94 14.40 -33.69
CA GLY J 50 -36.05 13.35 -34.11
C GLY J 50 -36.22 12.07 -33.33
N HIS J 51 -37.19 12.06 -32.43
CA HIS J 51 -37.44 10.92 -31.56
C HIS J 51 -38.49 9.99 -32.15
N PRO J 52 -38.07 8.80 -32.60
CA PRO J 52 -39.00 7.87 -33.23
C PRO J 52 -39.75 7.00 -32.24
N VAL J 53 -39.23 6.84 -31.03
CA VAL J 53 -39.85 5.95 -30.07
C VAL J 53 -40.78 6.71 -29.16
N VAL J 54 -42.00 6.23 -28.99
CA VAL J 54 -42.97 6.90 -28.14
C VAL J 54 -43.67 5.90 -27.22
N PHE J 55 -43.69 6.21 -25.94
CA PHE J 55 -44.33 5.36 -24.93
C PHE J 55 -45.52 6.03 -24.29
N TRP J 56 -46.54 5.24 -23.96
CA TRP J 56 -47.67 5.75 -23.19
C TRP J 56 -47.79 5.00 -21.88
N TYR J 57 -47.66 5.73 -20.76
CA TYR J 57 -47.80 5.11 -19.46
C TYR J 57 -48.97 5.71 -18.71
N GLN J 58 -49.61 4.89 -17.87
CA GLN J 58 -50.71 5.35 -17.04
C GLN J 58 -50.34 5.31 -15.57
N GLN J 59 -50.21 6.46 -14.94
CA GLN J 59 -49.82 6.51 -13.55
C GLN J 59 -51.04 6.74 -12.64
N ASN J 60 -51.19 5.90 -11.63
CA ASN J 60 -52.30 6.04 -10.69
C ASN J 60 -51.92 6.87 -9.48
N LYS J 61 -52.75 6.80 -8.44
CA LYS J 61 -52.51 7.58 -7.23
C LYS J 61 -51.34 7.06 -6.39
N ASN J 62 -50.95 5.81 -6.61
CA ASN J 62 -49.92 5.17 -5.79
C ASN J 62 -48.54 5.29 -6.41
N ASN J 63 -48.41 6.18 -7.37
CA ASN J 63 -47.16 6.37 -8.12
C ASN J 63 -46.74 5.08 -8.83
N GLU J 64 -47.71 4.29 -9.27
CA GLU J 64 -47.41 3.09 -10.04
C GLU J 64 -47.50 3.41 -11.52
N PHE J 65 -46.52 2.96 -12.31
CA PHE J 65 -46.49 3.23 -13.74
C PHE J 65 -46.95 2.03 -14.54
N LYS J 66 -48.11 2.13 -15.16
CA LYS J 66 -48.64 1.02 -15.94
C LYS J 66 -48.39 1.23 -17.43
N PHE J 67 -47.70 0.29 -18.04
CA PHE J 67 -47.42 0.39 -19.47
C PHE J 67 -48.68 0.17 -20.27
N LEU J 68 -48.93 1.03 -21.25
CA LEU J 68 -50.08 0.87 -22.13
C LEU J 68 -49.67 0.43 -23.52
N ILE J 69 -48.92 1.26 -24.22
CA ILE J 69 -48.52 0.98 -25.59
C ILE J 69 -47.32 1.82 -25.98
N ASN J 70 -46.44 1.28 -26.81
CA ASN J 70 -45.33 2.05 -27.32
C ASN J 70 -45.22 1.98 -28.83
N PHE J 71 -44.80 3.07 -29.45
CA PHE J 71 -44.69 3.13 -30.88
C PHE J 71 -43.25 3.35 -31.31
N GLN J 72 -42.92 2.92 -32.52
CA GLN J 72 -41.82 3.55 -33.23
C GLN J 72 -42.30 4.05 -34.57
N ASN J 73 -42.23 5.37 -34.75
CA ASN J 73 -42.84 6.04 -35.86
C ASN J 73 -44.31 5.67 -35.89
N GLN J 74 -44.76 5.05 -36.96
CA GLN J 74 -46.17 4.70 -37.09
C GLN J 74 -46.45 3.28 -36.61
N GLU J 75 -45.40 2.49 -36.45
CA GLU J 75 -45.56 1.07 -36.15
C GLU J 75 -45.71 0.79 -34.66
N VAL J 76 -46.68 -0.05 -34.30
CA VAL J 76 -46.88 -0.47 -32.93
C VAL J 76 -45.96 -1.61 -32.55
N LEU J 77 -45.07 -1.37 -31.61
CA LEU J 77 -44.11 -2.39 -31.20
C LEU J 77 -44.72 -3.33 -30.17
N GLN J 78 -45.43 -2.77 -29.19
CA GLN J 78 -46.02 -3.56 -28.14
C GLN J 78 -47.19 -2.85 -27.48
N GLN J 79 -48.16 -3.62 -26.99
CA GLN J 79 -49.28 -3.06 -26.25
C GLN J 79 -49.95 -4.16 -25.44
N ILE J 80 -50.79 -3.77 -24.49
CA ILE J 80 -51.46 -4.75 -23.65
C ILE J 80 -52.89 -4.99 -24.11
N ASP J 81 -53.56 -5.94 -23.46
CA ASP J 81 -54.92 -6.33 -23.84
C ASP J 81 -55.92 -5.19 -23.73
N MET J 82 -55.80 -4.39 -22.68
CA MET J 82 -56.75 -3.31 -22.44
C MET J 82 -56.66 -2.25 -23.54
N THR J 83 -55.45 -1.87 -23.90
CA THR J 83 -55.22 -0.86 -24.93
C THR J 83 -55.69 -1.36 -26.28
N GLU J 84 -55.67 -2.68 -26.47
CA GLU J 84 -56.13 -3.26 -27.71
C GLU J 84 -57.64 -3.16 -27.83
N LYS J 85 -58.32 -3.42 -26.71
CA LYS J 85 -59.78 -3.44 -26.70
C LYS J 85 -60.40 -2.08 -26.38
N ARG J 86 -59.84 -1.34 -25.45
CA ARG J 86 -60.48 -0.12 -24.96
C ARG J 86 -59.87 1.16 -25.50
N PHE J 87 -58.64 1.09 -25.99
CA PHE J 87 -57.95 2.28 -26.49
C PHE J 87 -57.67 2.21 -27.98
N SER J 88 -57.52 3.37 -28.59
CA SER J 88 -57.04 3.45 -29.96
C SER J 88 -55.95 4.51 -30.02
N ALA J 89 -54.76 4.13 -30.43
CA ALA J 89 -53.64 5.05 -30.47
C ALA J 89 -52.96 5.00 -31.82
N GLU J 90 -52.48 6.15 -32.28
CA GLU J 90 -51.76 6.23 -33.53
C GLU J 90 -50.71 7.33 -33.48
N CYS J 91 -49.62 7.15 -34.22
CA CYS J 91 -48.60 8.19 -34.30
C CYS J 91 -48.35 8.55 -35.75
N PRO J 92 -49.24 9.37 -36.31
CA PRO J 92 -49.20 9.74 -37.73
C PRO J 92 -47.94 10.51 -38.07
N SER J 93 -47.48 10.39 -39.30
CA SER J 93 -46.28 11.09 -39.73
C SER J 93 -46.50 12.60 -39.73
N ASN J 94 -45.54 13.34 -39.19
CA ASN J 94 -45.62 14.79 -39.08
C ASN J 94 -46.93 15.25 -38.47
N SER J 95 -47.40 14.48 -37.50
CA SER J 95 -48.64 14.81 -36.81
C SER J 95 -48.54 14.36 -35.36
N PRO J 96 -49.24 15.07 -34.47
CA PRO J 96 -49.19 14.74 -33.04
C PRO J 96 -49.69 13.32 -32.74
N CYS J 97 -48.99 12.61 -31.87
CA CYS J 97 -49.44 11.31 -31.42
C CYS J 97 -50.73 11.47 -30.64
N SER J 98 -51.58 10.46 -30.68
CA SER J 98 -52.86 10.55 -29.98
C SER J 98 -53.22 9.25 -29.30
N LEU J 99 -53.90 9.38 -28.17
CA LEU J 99 -54.44 8.24 -27.45
C LEU J 99 -55.89 8.55 -27.12
N GLU J 100 -56.79 7.66 -27.50
CA GLU J 100 -58.22 7.91 -27.34
C GLU J 100 -58.92 6.75 -26.64
N ILE J 101 -59.65 7.07 -25.57
CA ILE J 101 -60.47 6.07 -24.90
C ILE J 101 -61.86 6.06 -25.51
N GLN J 102 -62.32 4.91 -25.97
CA GLN J 102 -63.62 4.84 -26.63
C GLN J 102 -64.78 5.12 -25.68
N SER J 103 -64.82 4.41 -24.56
CA SER J 103 -65.85 4.66 -23.56
C SER J 103 -65.21 4.81 -22.18
N SER J 104 -65.14 6.05 -21.71
CA SER J 104 -64.50 6.34 -20.44
C SER J 104 -65.29 5.77 -19.28
N GLU J 105 -64.57 5.27 -18.28
CA GLU J 105 -65.19 4.87 -17.03
C GLU J 105 -64.34 5.36 -15.88
N ALA J 106 -64.87 5.29 -14.67
CA ALA J 106 -64.21 5.88 -13.50
C ALA J 106 -62.81 5.34 -13.30
N GLY J 107 -62.61 4.06 -13.59
CA GLY J 107 -61.34 3.42 -13.37
C GLY J 107 -60.23 3.95 -14.26
N ASP J 108 -60.60 4.70 -15.29
CA ASP J 108 -59.62 5.22 -16.22
C ASP J 108 -59.07 6.55 -15.75
N SER J 109 -59.58 7.02 -14.61
CA SER J 109 -59.11 8.27 -14.04
C SER J 109 -57.70 8.11 -13.48
N ALA J 110 -56.75 8.74 -14.16
CA ALA J 110 -55.35 8.65 -13.77
C ALA J 110 -54.53 9.67 -14.54
N LEU J 111 -53.23 9.67 -14.31
CA LEU J 111 -52.33 10.55 -15.05
C LEU J 111 -51.71 9.80 -16.22
N TYR J 112 -51.93 10.30 -17.42
CA TYR J 112 -51.39 9.65 -18.60
C TYR J 112 -50.12 10.33 -19.06
N LEU J 113 -49.04 9.56 -19.06
CA LEU J 113 -47.73 10.08 -19.38
C LEU J 113 -47.25 9.59 -20.74
N CYS J 114 -46.70 10.51 -21.51
CA CYS J 114 -46.14 10.21 -22.81
C CYS J 114 -44.64 10.40 -22.73
N ALA J 115 -43.90 9.40 -23.19
CA ALA J 115 -42.45 9.47 -23.12
C ALA J 115 -41.83 9.11 -24.45
N SER J 116 -40.89 9.93 -24.89
CA SER J 116 -40.24 9.69 -26.17
C SER J 116 -38.77 9.37 -26.00
N SER J 117 -38.26 8.47 -26.83
CA SER J 117 -36.86 8.11 -26.82
C SER J 117 -36.25 8.27 -28.21
N LEU J 118 -34.97 7.95 -28.35
CA LEU J 118 -34.31 8.09 -29.64
C LEU J 118 -33.94 6.72 -30.17
N ASN J 119 -33.53 5.84 -29.27
CA ASN J 119 -33.01 4.53 -29.64
C ASN J 119 -33.83 3.46 -28.96
N ASN J 120 -34.43 2.57 -29.74
CA ASN J 120 -35.26 1.53 -29.15
C ASN J 120 -34.52 0.67 -28.15
N ALA J 121 -33.22 0.50 -28.36
CA ALA J 121 -32.40 -0.31 -27.45
C ALA J 121 -31.77 0.56 -26.39
N ASN J 122 -32.61 1.24 -25.62
CA ASN J 122 -32.13 2.25 -24.70
C ASN J 122 -33.21 2.63 -23.70
N SER J 123 -32.84 3.48 -22.77
CA SER J 123 -33.79 4.07 -21.85
C SER J 123 -33.82 5.53 -22.24
N ASP J 124 -33.33 6.38 -21.35
CA ASP J 124 -33.25 7.80 -21.60
C ASP J 124 -34.59 8.34 -22.07
N TYR J 125 -35.65 7.97 -21.35
CA TYR J 125 -36.94 8.60 -21.55
C TYR J 125 -36.87 10.07 -21.24
N THR J 126 -37.70 10.86 -21.91
CA THR J 126 -37.94 12.23 -21.50
C THR J 126 -39.44 12.43 -21.47
N PHE J 127 -40.01 12.56 -20.28
CA PHE J 127 -41.46 12.58 -20.14
C PHE J 127 -42.09 13.94 -20.46
N GLY J 128 -43.37 13.89 -20.84
CA GLY J 128 -44.14 15.09 -21.04
C GLY J 128 -44.79 15.52 -19.74
N SER J 129 -45.54 16.61 -19.79
CA SER J 129 -46.21 17.14 -18.62
C SER J 129 -47.28 16.19 -18.10
N GLY J 130 -47.77 15.34 -19.00
CA GLY J 130 -48.79 14.38 -18.63
C GLY J 130 -50.16 14.98 -18.70
N THR J 131 -51.16 14.13 -18.92
CA THR J 131 -52.55 14.55 -18.96
C THR J 131 -53.33 13.94 -17.83
N ARG J 132 -53.87 14.78 -16.96
CA ARG J 132 -54.66 14.33 -15.84
C ARG J 132 -56.12 14.15 -16.24
N LEU J 133 -56.58 12.90 -16.24
CA LEU J 133 -57.93 12.58 -16.68
C LEU J 133 -58.82 12.20 -15.51
N LEU J 134 -59.99 12.83 -15.42
CA LEU J 134 -60.97 12.47 -14.41
C LEU J 134 -62.28 12.08 -15.05
N VAL J 135 -62.79 10.91 -14.70
CA VAL J 135 -64.07 10.44 -15.21
C VAL J 135 -65.10 10.41 -14.11
N ILE J 136 -66.23 11.08 -14.34
CA ILE J 136 -67.31 11.13 -13.36
C ILE J 136 -68.63 10.73 -13.99
N GLU J 137 -69.61 10.39 -13.16
CA GLU J 137 -70.92 9.96 -13.66
C GLU J 137 -71.67 11.11 -14.32
N ASP J 138 -71.76 12.22 -13.60
CA ASP J 138 -72.59 13.34 -14.01
C ASP J 138 -71.78 14.61 -14.22
N LEU J 139 -71.97 15.25 -15.37
CA LEU J 139 -71.25 16.47 -15.69
C LEU J 139 -71.92 17.68 -15.06
N LYS J 140 -73.01 17.46 -14.34
CA LYS J 140 -73.73 18.55 -13.71
C LYS J 140 -73.03 18.97 -12.42
N ASN J 141 -72.00 18.24 -12.03
CA ASN J 141 -71.28 18.57 -10.81
C ASN J 141 -70.14 19.53 -11.07
N VAL J 142 -69.92 19.88 -12.34
CA VAL J 142 -68.79 20.73 -12.70
C VAL J 142 -69.09 22.21 -12.43
N PHE J 143 -68.23 22.84 -11.62
CA PHE J 143 -68.43 24.23 -11.28
C PHE J 143 -67.12 25.00 -11.45
N PRO J 144 -67.20 26.21 -12.04
CA PRO J 144 -66.06 27.12 -12.14
C PRO J 144 -65.73 27.75 -10.79
N PRO J 145 -64.51 28.26 -10.63
CA PRO J 145 -64.06 28.81 -9.35
C PRO J 145 -64.42 30.27 -9.13
N GLU J 146 -64.79 30.63 -7.91
CA GLU J 146 -64.94 32.02 -7.54
C GLU J 146 -63.62 32.55 -7.02
N VAL J 147 -63.14 33.66 -7.59
CA VAL J 147 -61.82 34.18 -7.30
C VAL J 147 -61.86 35.50 -6.55
N ALA J 148 -61.13 35.60 -5.45
CA ALA J 148 -61.12 36.82 -4.64
C ALA J 148 -59.72 37.18 -4.15
N VAL J 149 -59.34 38.44 -4.31
CA VAL J 149 -58.04 38.92 -3.85
C VAL J 149 -58.18 39.71 -2.56
N PHE J 150 -57.34 39.40 -1.58
CA PHE J 150 -57.42 40.07 -0.29
C PHE J 150 -56.21 40.99 -0.08
N GLU J 151 -56.49 42.23 0.29
CA GLU J 151 -55.47 43.26 0.39
C GLU J 151 -54.65 43.16 1.67
N PRO J 152 -53.38 43.56 1.60
CA PRO J 152 -52.45 43.53 2.73
C PRO J 152 -52.97 44.23 3.96
N SER J 153 -52.77 43.63 5.13
CA SER J 153 -53.09 44.29 6.38
C SER J 153 -52.07 45.38 6.68
N GLU J 154 -52.52 46.52 7.22
CA GLU J 154 -51.61 47.61 7.55
C GLU J 154 -50.68 47.18 8.68
N ALA J 155 -51.17 46.26 9.51
CA ALA J 155 -50.40 45.75 10.64
C ALA J 155 -49.12 45.08 10.17
N GLU J 156 -49.25 44.22 9.17
CA GLU J 156 -48.11 43.51 8.61
C GLU J 156 -47.08 44.50 8.07
N ILE J 157 -47.58 45.57 7.46
CA ILE J 157 -46.72 46.57 6.86
C ILE J 157 -45.91 47.34 7.89
N SER J 158 -46.53 47.70 9.00
CA SER J 158 -45.85 48.42 10.07
C SER J 158 -44.86 47.53 10.79
N HIS J 159 -45.26 46.29 11.04
CA HIS J 159 -44.48 45.35 11.83
C HIS J 159 -43.30 44.79 11.06
N THR J 160 -43.49 44.57 9.76
CA THR J 160 -42.54 43.79 8.97
C THR J 160 -41.98 44.50 7.74
N GLN J 161 -42.57 45.62 7.36
CA GLN J 161 -42.20 46.33 6.14
C GLN J 161 -42.34 45.42 4.91
N LYS J 162 -43.29 44.50 4.98
CA LYS J 162 -43.61 43.65 3.84
C LYS J 162 -45.11 43.54 3.68
N ALA J 163 -45.57 43.24 2.47
CA ALA J 163 -46.99 43.22 2.20
C ALA J 163 -47.41 41.93 1.52
N THR J 164 -48.30 41.18 2.17
CA THR J 164 -48.74 39.90 1.65
C THR J 164 -50.14 39.96 1.07
N LEU J 165 -50.26 39.73 -0.23
CA LEU J 165 -51.56 39.64 -0.87
C LEU J 165 -51.98 38.19 -0.86
N VAL J 166 -53.26 37.93 -0.62
CA VAL J 166 -53.77 36.56 -0.62
C VAL J 166 -54.89 36.38 -1.62
N CYS J 167 -54.77 35.37 -2.47
CA CYS J 167 -55.82 35.06 -3.43
C CYS J 167 -56.57 33.80 -3.04
N LEU J 168 -57.89 33.83 -3.17
CA LEU J 168 -58.71 32.67 -2.84
C LEU J 168 -59.59 32.25 -4.01
N ALA J 169 -59.44 31.00 -4.42
CA ALA J 169 -60.34 30.41 -5.39
C ALA J 169 -61.19 29.36 -4.68
N THR J 170 -62.50 29.48 -4.78
CA THR J 170 -63.37 28.60 -4.02
C THR J 170 -64.50 27.98 -4.84
N GLY J 171 -64.95 26.81 -4.39
CA GLY J 171 -66.17 26.21 -4.91
C GLY J 171 -66.13 25.67 -6.32
N PHE J 172 -64.97 25.18 -6.74
CA PHE J 172 -64.82 24.63 -8.09
C PHE J 172 -64.74 23.12 -8.11
N TYR J 173 -65.03 22.53 -9.26
CA TYR J 173 -64.92 21.09 -9.46
C TYR J 173 -64.82 20.80 -10.94
N PRO J 174 -63.91 19.89 -11.33
CA PRO J 174 -62.97 19.23 -10.43
C PRO J 174 -61.78 20.11 -10.07
N ASP J 175 -60.81 19.55 -9.36
CA ASP J 175 -59.65 20.31 -8.91
C ASP J 175 -58.63 20.51 -10.03
N HIS J 176 -59.10 20.98 -11.17
CA HIS J 176 -58.24 21.16 -12.33
C HIS J 176 -58.05 22.63 -12.61
N VAL J 177 -57.20 23.28 -11.81
CA VAL J 177 -56.97 24.70 -11.96
C VAL J 177 -55.50 25.04 -11.97
N GLU J 178 -55.15 26.17 -12.57
CA GLU J 178 -53.78 26.67 -12.53
C GLU J 178 -53.78 28.13 -12.16
N LEU J 179 -53.20 28.43 -11.01
CA LEU J 179 -53.21 29.78 -10.45
C LEU J 179 -51.93 30.52 -10.83
N SER J 180 -52.06 31.81 -11.12
CA SER J 180 -50.90 32.62 -11.46
C SER J 180 -51.08 34.07 -11.00
N TRP J 181 -49.96 34.71 -10.65
CA TRP J 181 -50.00 36.12 -10.26
C TRP J 181 -49.44 37.00 -11.36
N TRP J 182 -50.17 38.06 -11.69
CA TRP J 182 -49.74 38.97 -12.75
C TRP J 182 -49.59 40.38 -12.23
N VAL J 183 -48.35 40.87 -12.18
CA VAL J 183 -48.09 42.24 -11.78
C VAL J 183 -47.73 43.09 -12.99
N ASN J 184 -48.57 44.08 -13.27
CA ASN J 184 -48.37 44.98 -14.40
C ASN J 184 -48.22 44.25 -15.73
N GLY J 185 -49.09 43.28 -15.97
CA GLY J 185 -49.13 42.59 -17.25
C GLY J 185 -48.07 41.53 -17.46
N LYS J 186 -47.30 41.25 -16.41
CA LYS J 186 -46.28 40.21 -16.49
C LYS J 186 -46.44 39.19 -15.37
N GLU J 187 -46.42 37.91 -15.73
CA GLU J 187 -46.54 36.83 -14.75
C GLU J 187 -45.33 36.86 -13.84
N VAL J 188 -45.55 36.72 -12.54
CA VAL J 188 -44.45 36.75 -11.59
C VAL J 188 -44.34 35.45 -10.82
N HIS J 189 -43.14 35.18 -10.31
CA HIS J 189 -42.87 33.94 -9.60
C HIS J 189 -42.19 34.23 -8.26
N SER J 190 -41.42 35.32 -8.21
CA SER J 190 -40.75 35.71 -6.99
C SER J 190 -41.75 36.03 -5.89
N GLY J 191 -41.56 35.44 -4.73
CA GLY J 191 -42.41 35.72 -3.58
C GLY J 191 -43.79 35.10 -3.69
N VAL J 192 -43.95 34.17 -4.62
CA VAL J 192 -45.25 33.53 -4.82
C VAL J 192 -45.30 32.16 -4.19
N CYS J 193 -46.41 31.86 -3.50
CA CYS J 193 -46.59 30.58 -2.86
C CYS J 193 -48.01 30.08 -3.06
N THR J 194 -48.15 28.90 -3.66
CA THR J 194 -49.46 28.34 -3.91
C THR J 194 -49.61 26.99 -3.24
N ASP J 195 -50.78 26.73 -2.66
CA ASP J 195 -51.05 25.46 -2.01
C ASP J 195 -50.76 24.30 -2.95
N PRO J 196 -50.12 23.25 -2.42
CA PRO J 196 -49.80 22.03 -3.16
C PRO J 196 -51.05 21.34 -3.66
N GLN J 197 -51.98 21.09 -2.75
CA GLN J 197 -53.22 20.41 -3.08
C GLN J 197 -54.42 21.21 -2.63
N PRO J 198 -55.37 21.44 -3.54
CA PRO J 198 -56.60 22.14 -3.19
C PRO J 198 -57.42 21.33 -2.19
N LEU J 199 -58.06 21.99 -1.24
CA LEU J 199 -58.77 21.30 -0.18
C LEU J 199 -60.25 21.17 -0.48
N LYS J 200 -60.86 20.10 0.05
CA LYS J 200 -62.29 19.91 -0.06
C LYS J 200 -63.03 20.87 0.85
N GLU J 201 -64.01 21.58 0.31
CA GLU J 201 -64.82 22.47 1.14
C GLU J 201 -65.74 21.64 2.03
N GLN J 202 -65.99 20.42 1.58
CA GLN J 202 -66.80 19.48 2.34
C GLN J 202 -66.18 18.09 2.23
N PRO J 203 -65.29 17.76 3.18
CA PRO J 203 -64.60 16.47 3.21
C PRO J 203 -65.59 15.32 3.22
N ALA J 204 -66.61 15.44 4.05
CA ALA J 204 -67.74 14.52 4.02
C ALA J 204 -68.47 14.73 2.70
N LEU J 205 -69.11 13.67 2.19
CA LEU J 205 -69.79 13.67 0.89
C LEU J 205 -68.76 13.61 -0.24
N ASN J 206 -69.22 13.21 -1.42
CA ASN J 206 -68.37 13.10 -2.60
C ASN J 206 -68.81 14.13 -3.63
N ASP J 207 -68.00 14.31 -4.67
CA ASP J 207 -68.25 15.32 -5.69
C ASP J 207 -68.11 16.71 -5.06
N SER J 208 -67.43 16.76 -3.92
CA SER J 208 -67.25 18.01 -3.21
C SER J 208 -66.47 19.01 -4.03
N ARG J 209 -66.89 20.26 -3.98
CA ARG J 209 -66.19 21.32 -4.67
C ARG J 209 -64.91 21.63 -3.90
N TYR J 210 -63.93 22.20 -4.59
CA TYR J 210 -62.60 22.38 -4.00
C TYR J 210 -62.26 23.84 -3.76
N ALA J 211 -61.23 24.07 -2.96
CA ALA J 211 -60.78 25.43 -2.67
C ALA J 211 -59.27 25.52 -2.75
N LEU J 212 -58.77 26.68 -3.16
CA LEU J 212 -57.34 26.87 -3.34
C LEU J 212 -56.92 28.28 -2.96
N SER J 213 -55.85 28.39 -2.18
CA SER J 213 -55.36 29.68 -1.75
C SER J 213 -53.97 29.92 -2.28
N SER J 214 -53.55 31.18 -2.30
CA SER J 214 -52.21 31.54 -2.75
C SER J 214 -51.76 32.83 -2.13
N ARG J 215 -50.46 33.02 -2.01
CA ARG J 215 -49.93 34.26 -1.45
C ARG J 215 -48.92 34.91 -2.38
N LEU J 216 -48.92 36.24 -2.39
CA LEU J 216 -47.90 37.01 -3.07
C LEU J 216 -47.40 38.08 -2.13
N ARG J 217 -46.14 37.97 -1.72
CA ARG J 217 -45.58 38.91 -0.77
C ARG J 217 -44.64 39.87 -1.48
N VAL J 218 -44.86 41.17 -1.29
CA VAL J 218 -43.97 42.17 -1.84
C VAL J 218 -43.59 43.18 -0.78
N SER J 219 -42.55 43.96 -1.07
CA SER J 219 -42.07 44.97 -0.13
C SER J 219 -43.16 46.00 0.12
N ALA J 220 -43.14 46.59 1.30
CA ALA J 220 -44.14 47.58 1.67
C ALA J 220 -44.14 48.75 0.68
N THR J 221 -42.94 49.21 0.33
CA THR J 221 -42.79 50.35 -0.55
C THR J 221 -43.38 50.10 -1.94
N PHE J 222 -43.28 48.87 -2.41
CA PHE J 222 -43.79 48.52 -3.73
C PHE J 222 -45.31 48.48 -3.73
N TRP J 223 -45.88 48.01 -2.62
CA TRP J 223 -47.32 47.91 -2.47
C TRP J 223 -47.95 49.29 -2.30
N GLN J 224 -47.18 50.21 -1.75
CA GLN J 224 -47.69 51.56 -1.48
C GLN J 224 -47.62 52.45 -2.72
N ASN J 225 -47.12 51.89 -3.82
CA ASN J 225 -47.12 52.58 -5.09
C ASN J 225 -48.39 52.21 -5.87
N PRO J 226 -49.30 53.18 -6.02
CA PRO J 226 -50.61 52.93 -6.63
C PRO J 226 -50.54 52.64 -8.12
N ARG J 227 -49.39 52.84 -8.75
CA ARG J 227 -49.26 52.56 -10.17
C ARG J 227 -49.07 51.07 -10.41
N ASN J 228 -48.76 50.35 -9.35
CA ASN J 228 -48.56 48.90 -9.45
C ASN J 228 -49.88 48.16 -9.41
N HIS J 229 -50.05 47.23 -10.35
CA HIS J 229 -51.30 46.50 -10.50
C HIS J 229 -51.10 45.02 -10.20
N PHE J 230 -51.94 44.48 -9.32
CA PHE J 230 -51.83 43.09 -8.94
C PHE J 230 -53.05 42.31 -9.41
N ARG J 231 -52.81 41.17 -10.07
CA ARG J 231 -53.92 40.36 -10.49
C ARG J 231 -53.68 38.88 -10.23
N CYS J 232 -54.65 38.27 -9.55
CA CYS J 232 -54.64 36.84 -9.32
C CYS J 232 -55.51 36.17 -10.36
N GLN J 233 -54.88 35.36 -11.21
CA GLN J 233 -55.59 34.73 -12.32
C GLN J 233 -55.67 33.22 -12.13
N VAL J 234 -56.87 32.67 -12.28
CA VAL J 234 -57.06 31.24 -12.15
C VAL J 234 -57.62 30.62 -13.42
N GLN J 235 -56.85 29.74 -14.03
CA GLN J 235 -57.29 29.02 -15.21
C GLN J 235 -58.05 27.77 -14.82
N PHE J 236 -59.31 27.68 -15.23
CA PHE J 236 -60.12 26.51 -14.92
C PHE J 236 -60.24 25.60 -16.13
N TYR J 237 -60.08 24.30 -15.92
CA TYR J 237 -60.22 23.33 -17.00
C TYR J 237 -61.50 22.55 -16.82
N GLY J 238 -62.49 22.86 -17.65
CA GLY J 238 -63.80 22.22 -17.52
C GLY J 238 -64.35 21.73 -18.84
N LEU J 239 -65.60 22.08 -19.10
CA LEU J 239 -66.29 21.59 -20.30
C LEU J 239 -65.85 22.35 -21.54
N SER J 240 -66.19 21.81 -22.69
CA SER J 240 -65.86 22.44 -23.97
C SER J 240 -67.13 22.93 -24.66
N GLU J 241 -66.95 23.62 -25.78
CA GLU J 241 -68.06 24.17 -26.53
C GLU J 241 -68.98 23.09 -27.07
N ASN J 242 -68.40 21.93 -27.37
CA ASN J 242 -69.14 20.82 -27.96
C ASN J 242 -70.05 20.09 -27.00
N ASP J 243 -69.68 20.08 -25.73
CA ASP J 243 -70.46 19.38 -24.70
C ASP J 243 -71.87 19.96 -24.57
N GLU J 244 -72.85 19.08 -24.36
CA GLU J 244 -74.25 19.50 -24.21
C GLU J 244 -74.45 20.08 -22.82
N TRP J 245 -75.32 21.07 -22.72
CA TRP J 245 -75.59 21.72 -21.44
C TRP J 245 -77.02 22.23 -21.37
N THR J 246 -77.81 21.63 -20.49
CA THR J 246 -79.23 21.95 -20.40
C THR J 246 -79.64 22.53 -19.05
N GLN J 247 -78.68 23.02 -18.27
CA GLN J 247 -78.99 23.59 -16.96
C GLN J 247 -79.24 25.08 -17.03
N ASP J 248 -79.80 25.61 -15.94
CA ASP J 248 -80.13 27.03 -15.85
C ASP J 248 -78.88 27.89 -15.79
N ARG J 249 -77.99 27.55 -14.86
CA ARG J 249 -76.77 28.32 -14.65
C ARG J 249 -75.86 28.25 -15.85
N ALA J 250 -74.88 29.15 -15.90
CA ALA J 250 -73.97 29.25 -17.03
C ALA J 250 -73.20 27.95 -17.26
N LYS J 251 -72.87 27.69 -18.52
CA LYS J 251 -72.10 26.51 -18.89
C LYS J 251 -70.69 26.61 -18.32
N PRO J 252 -70.33 25.67 -17.44
CA PRO J 252 -69.03 25.69 -16.76
C PRO J 252 -67.91 25.27 -17.69
N VAL J 253 -67.61 26.12 -18.68
CA VAL J 253 -66.57 25.81 -19.64
C VAL J 253 -65.20 26.19 -19.12
N THR J 254 -64.18 25.72 -19.81
CA THR J 254 -62.82 26.16 -19.55
C THR J 254 -62.74 27.67 -19.72
N GLN J 255 -62.21 28.34 -18.71
CA GLN J 255 -62.27 29.78 -18.66
C GLN J 255 -61.24 30.34 -17.70
N ILE J 256 -60.93 31.62 -17.84
CA ILE J 256 -60.10 32.30 -16.86
C ILE J 256 -60.97 33.13 -15.93
N VAL J 257 -60.83 32.90 -14.63
CA VAL J 257 -61.55 33.69 -13.65
C VAL J 257 -60.56 34.47 -12.81
N SER J 258 -60.69 35.78 -12.81
CA SER J 258 -59.68 36.62 -12.19
C SER J 258 -60.24 37.53 -11.11
N ALA J 259 -59.35 38.01 -10.25
CA ALA J 259 -59.66 39.07 -9.31
C ALA J 259 -58.42 39.94 -9.22
N GLU J 260 -58.61 41.24 -8.98
CA GLU J 260 -57.47 42.14 -9.02
C GLU J 260 -57.51 43.22 -7.95
N ALA J 261 -56.42 43.96 -7.84
CA ALA J 261 -56.30 45.06 -6.89
C ALA J 261 -55.23 46.04 -7.33
N TRP J 262 -55.43 47.31 -7.03
CA TRP J 262 -54.46 48.34 -7.37
C TRP J 262 -53.61 48.71 -6.17
N GLY J 263 -52.43 49.23 -6.42
CA GLY J 263 -51.54 49.67 -5.36
C GLY J 263 -52.20 50.73 -4.51
N ARG J 264 -51.86 50.77 -3.23
CA ARG J 264 -52.53 51.66 -2.30
C ARG J 264 -51.53 52.38 -1.40
N ALA J 265 -51.60 53.70 -1.39
CA ALA J 265 -50.73 54.51 -0.54
C ALA J 265 -51.04 54.31 0.93
N ASP J 266 -50.34 55.04 1.79
CA ASP J 266 -50.50 54.89 3.23
C ASP J 266 -51.85 55.42 3.71
N ILE K 4 -4.62 -13.35 24.16
CA ILE K 4 -3.53 -13.99 23.43
C ILE K 4 -2.37 -12.99 23.30
N LYS K 5 -2.25 -12.10 24.27
CA LYS K 5 -1.19 -11.11 24.27
C LYS K 5 -0.18 -11.39 25.38
N GLU K 6 1.06 -11.67 24.98
CA GLU K 6 2.13 -12.01 25.91
C GLU K 6 2.86 -10.79 26.42
N GLU K 7 2.79 -10.56 27.73
CA GLU K 7 3.44 -9.41 28.33
C GLU K 7 4.36 -9.88 29.45
N HIS K 8 5.68 -9.74 29.27
CA HIS K 8 6.63 -10.29 30.21
C HIS K 8 7.76 -9.33 30.57
N THR K 9 8.62 -9.75 31.48
CA THR K 9 9.69 -8.90 31.98
C THR K 9 10.93 -9.72 32.29
N ILE K 10 12.09 -9.28 31.81
CA ILE K 10 13.35 -9.92 32.12
C ILE K 10 14.32 -8.96 32.77
N ILE K 11 14.83 -9.32 33.93
CA ILE K 11 15.69 -8.43 34.72
C ILE K 11 17.08 -8.98 35.00
N GLN K 12 18.10 -8.22 34.68
CA GLN K 12 19.45 -8.55 35.14
C GLN K 12 19.82 -7.64 36.28
N ALA K 13 19.98 -8.24 37.45
CA ALA K 13 20.30 -7.51 38.66
C ALA K 13 21.66 -7.91 39.14
N GLU K 14 22.47 -6.92 39.49
CA GLU K 14 23.79 -7.20 40.03
C GLU K 14 24.13 -6.15 41.08
N PHE K 15 24.91 -6.55 42.09
CA PHE K 15 25.35 -5.59 43.10
C PHE K 15 26.65 -6.01 43.74
N TYR K 16 27.28 -5.05 44.42
CA TYR K 16 28.44 -5.33 45.25
C TYR K 16 28.25 -4.62 46.57
N LEU K 17 28.49 -5.31 47.67
CA LEU K 17 28.14 -4.78 48.98
C LEU K 17 29.31 -4.69 49.93
N LEU K 18 29.42 -3.56 50.61
CA LEU K 18 30.40 -3.39 51.66
C LEU K 18 29.64 -3.25 52.97
N PRO K 19 30.24 -3.73 54.07
CA PRO K 19 31.59 -4.26 54.15
C PRO K 19 31.71 -5.75 53.85
N ASP K 20 30.60 -6.41 53.52
CA ASP K 20 30.62 -7.87 53.32
C ASP K 20 31.55 -8.33 52.21
N LYS K 21 31.94 -7.40 51.33
CA LYS K 21 32.87 -7.68 50.25
C LYS K 21 32.43 -8.87 49.38
N ARG K 22 31.13 -8.98 49.15
CA ARG K 22 30.60 -10.01 48.26
C ARG K 22 29.71 -9.41 47.19
N GLY K 23 29.72 -10.01 46.01
CA GLY K 23 28.90 -9.55 44.91
C GLY K 23 27.96 -10.62 44.41
N GLU K 24 26.93 -10.23 43.66
CA GLU K 24 25.91 -11.17 43.26
C GLU K 24 25.33 -10.79 41.90
N PHE K 25 24.98 -11.80 41.10
CA PHE K 25 24.54 -11.59 39.72
C PHE K 25 23.45 -12.60 39.37
N MET K 26 22.30 -12.12 38.91
CA MET K 26 21.20 -13.02 38.58
C MET K 26 20.23 -12.47 37.56
N PHE K 27 19.47 -13.37 36.95
CA PHE K 27 18.50 -13.02 35.92
C PHE K 27 17.09 -13.40 36.35
N ASP K 28 16.13 -12.50 36.13
CA ASP K 28 14.78 -12.71 36.60
C ASP K 28 13.77 -12.66 35.48
N PHE K 29 12.78 -13.55 35.53
CA PHE K 29 11.72 -13.58 34.53
C PHE K 29 10.35 -13.59 35.15
N ASP K 30 9.63 -12.48 35.05
CA ASP K 30 8.29 -12.33 35.60
C ASP K 30 8.27 -12.58 37.10
N GLY K 31 9.35 -12.22 37.78
CA GLY K 31 9.39 -12.30 39.23
C GLY K 31 10.10 -13.52 39.81
N ASP K 32 10.52 -14.44 38.96
CA ASP K 32 11.17 -15.65 39.41
C ASP K 32 12.59 -15.70 38.89
N GLU K 33 13.48 -16.36 39.61
CA GLU K 33 14.86 -16.46 39.20
C GLU K 33 15.03 -17.42 38.02
N ILE K 34 15.79 -16.99 37.01
CA ILE K 34 16.16 -17.86 35.88
C ILE K 34 17.47 -18.56 36.17
N PHE K 35 18.46 -17.78 36.60
CA PHE K 35 19.75 -18.32 37.00
C PHE K 35 20.51 -17.27 37.78
N HIS K 36 21.65 -17.66 38.35
CA HIS K 36 22.56 -16.72 38.98
C HIS K 36 23.97 -17.24 38.91
N VAL K 37 24.94 -16.38 39.16
CA VAL K 37 26.33 -16.77 39.01
C VAL K 37 27.06 -16.76 40.34
N ASP K 38 27.58 -17.92 40.73
CA ASP K 38 28.40 -18.02 41.93
C ASP K 38 29.73 -17.37 41.67
N ILE K 39 29.89 -16.16 42.17
CA ILE K 39 31.06 -15.34 41.86
C ILE K 39 32.35 -16.03 42.27
N GLU K 40 32.34 -16.67 43.42
CA GLU K 40 33.53 -17.36 43.90
C GLU K 40 33.88 -18.52 42.99
N LYS K 41 32.92 -19.40 42.75
CA LYS K 41 33.16 -20.62 41.99
C LYS K 41 33.22 -20.37 40.50
N SER K 42 32.64 -19.25 40.06
CA SER K 42 32.55 -18.89 38.64
C SER K 42 31.83 -19.94 37.82
N GLU K 43 30.60 -20.26 38.23
CA GLU K 43 29.78 -21.18 37.46
C GLU K 43 28.32 -20.76 37.51
N THR K 44 27.62 -20.99 36.42
CA THR K 44 26.23 -20.60 36.30
C THR K 44 25.30 -21.61 36.97
N ILE K 45 24.42 -21.13 37.83
CA ILE K 45 23.56 -22.01 38.62
C ILE K 45 22.09 -21.84 38.27
N TRP K 46 21.56 -22.75 37.46
CA TRP K 46 20.18 -22.63 37.02
C TRP K 46 19.21 -23.00 38.11
N ARG K 47 18.22 -22.13 38.33
CA ARG K 47 17.24 -22.29 39.38
C ARG K 47 16.54 -23.63 39.31
N LEU K 48 16.21 -24.08 38.11
CA LEU K 48 15.73 -25.45 37.94
C LEU K 48 16.74 -26.20 37.10
N GLU K 49 17.04 -27.43 37.47
CA GLU K 49 18.04 -28.19 36.74
C GLU K 49 17.62 -28.36 35.30
N GLU K 50 16.32 -28.39 35.06
CA GLU K 50 15.82 -28.63 33.70
C GLU K 50 16.11 -27.49 32.75
N PHE K 51 16.43 -26.32 33.28
CA PHE K 51 16.68 -25.17 32.42
C PHE K 51 17.94 -25.33 31.60
N ALA K 52 18.95 -25.97 32.19
CA ALA K 52 20.27 -26.01 31.58
C ALA K 52 20.30 -26.68 30.22
N LYS K 53 19.21 -27.35 29.86
CA LYS K 53 19.13 -28.00 28.55
C LYS K 53 18.77 -26.98 27.49
N PHE K 54 18.35 -25.80 27.92
CA PHE K 54 17.78 -24.83 27.00
C PHE K 54 18.59 -23.55 26.86
N ALA K 55 19.48 -23.25 27.80
CA ALA K 55 20.21 -22.00 27.72
C ALA K 55 21.59 -22.08 28.34
N SER K 56 22.38 -21.04 28.14
CA SER K 56 23.75 -21.01 28.60
C SER K 56 24.15 -19.62 28.99
N PHE K 57 25.08 -19.49 29.91
CA PHE K 57 25.63 -18.18 30.24
C PHE K 57 27.11 -18.28 30.52
N GLU K 58 27.91 -17.47 29.84
CA GLU K 58 29.34 -17.46 30.13
C GLU K 58 29.53 -16.69 31.41
N ALA K 59 29.91 -17.39 32.47
CA ALA K 59 29.87 -16.82 33.81
C ALA K 59 30.89 -15.72 34.04
N GLN K 60 32.07 -15.85 33.44
CA GLN K 60 33.13 -14.88 33.69
C GLN K 60 32.75 -13.48 33.22
N GLY K 61 31.64 -13.40 32.51
CA GLY K 61 31.06 -12.12 32.16
C GLY K 61 30.55 -11.49 33.43
N ALA K 62 29.87 -12.29 34.25
CA ALA K 62 29.31 -11.80 35.51
C ALA K 62 30.43 -11.42 36.46
N LEU K 63 31.51 -12.19 36.43
CA LEU K 63 32.65 -11.91 37.29
C LEU K 63 33.21 -10.55 36.94
N ALA K 64 33.34 -10.31 35.63
CA ALA K 64 33.85 -9.06 35.11
C ALA K 64 32.98 -7.91 35.56
N ASN K 65 31.67 -8.13 35.54
CA ASN K 65 30.72 -7.12 35.94
C ASN K 65 30.84 -6.73 37.41
N ILE K 66 30.87 -7.73 38.28
CA ILE K 66 30.96 -7.48 39.71
C ILE K 66 32.24 -6.72 40.04
N ALA K 67 33.32 -7.07 39.35
CA ALA K 67 34.60 -6.40 39.53
C ALA K 67 34.45 -4.91 39.26
N VAL K 68 33.72 -4.58 38.20
CA VAL K 68 33.49 -3.19 37.86
C VAL K 68 32.60 -2.52 38.89
N ASP K 69 31.60 -3.26 39.35
CA ASP K 69 30.67 -2.75 40.35
C ASP K 69 31.42 -2.44 41.61
N LYS K 70 32.43 -3.26 41.89
CA LYS K 70 33.29 -3.04 43.04
C LYS K 70 33.99 -1.70 42.94
N ALA K 71 34.70 -1.48 41.84
CA ALA K 71 35.43 -0.24 41.64
C ALA K 71 34.48 0.94 41.67
N ASN K 72 33.30 0.76 41.11
CA ASN K 72 32.29 1.81 41.08
C ASN K 72 31.84 2.18 42.47
N LEU K 73 31.79 1.20 43.36
CA LEU K 73 31.31 1.41 44.73
C LEU K 73 32.18 2.40 45.48
N ASP K 74 33.49 2.29 45.28
CA ASP K 74 34.42 3.20 45.93
C ASP K 74 34.21 4.62 45.42
N VAL K 75 33.93 4.75 44.13
CA VAL K 75 33.71 6.04 43.52
C VAL K 75 32.44 6.69 44.06
N MET K 76 31.41 5.89 44.26
CA MET K 76 30.16 6.41 44.78
C MET K 76 30.34 6.81 46.23
N LYS K 77 31.19 6.08 46.94
CA LYS K 77 31.47 6.38 48.33
C LYS K 77 32.15 7.74 48.44
N GLU K 78 33.15 7.95 47.59
CA GLU K 78 33.89 9.21 47.61
C GLU K 78 33.03 10.37 47.12
N ARG K 79 32.10 10.09 46.20
CA ARG K 79 31.30 11.17 45.65
C ARG K 79 30.39 11.74 46.72
N SER K 80 29.51 10.92 47.28
CA SER K 80 28.69 11.43 48.36
C SER K 80 29.58 11.54 49.57
N ASN K 81 29.83 12.75 50.04
CA ASN K 81 30.70 12.96 51.19
C ASN K 81 30.13 12.25 52.40
N ASN K 82 28.84 12.46 52.63
CA ASN K 82 28.15 11.75 53.70
C ASN K 82 27.08 10.81 53.18
N THR K 83 27.25 9.54 53.52
CA THR K 83 26.27 8.51 53.27
C THR K 83 25.50 8.23 54.55
N PRO K 84 24.21 8.58 54.58
CA PRO K 84 23.48 8.39 55.84
C PRO K 84 22.92 6.98 55.94
N ASP K 85 23.27 6.28 57.01
CA ASP K 85 22.75 4.95 57.23
C ASP K 85 21.25 4.98 57.48
N ALA K 86 20.54 4.13 56.76
CA ALA K 86 19.12 3.92 56.95
C ALA K 86 18.85 2.49 56.54
N ASN K 87 17.87 1.86 57.15
CA ASN K 87 17.61 0.46 56.89
C ASN K 87 16.13 0.19 56.79
N VAL K 88 15.75 -0.68 55.88
CA VAL K 88 14.36 -1.11 55.84
C VAL K 88 14.24 -2.53 56.38
N ALA K 89 13.56 -2.67 57.51
CA ALA K 89 13.38 -3.97 58.15
C ALA K 89 12.57 -4.93 57.31
N PRO K 90 12.95 -6.21 57.30
CA PRO K 90 12.24 -7.23 56.55
C PRO K 90 10.86 -7.49 57.07
N GLU K 91 10.03 -8.13 56.27
CA GLU K 91 8.76 -8.62 56.74
C GLU K 91 8.74 -10.11 56.42
N VAL K 92 8.55 -10.94 57.44
CA VAL K 92 8.74 -12.37 57.28
C VAL K 92 7.43 -13.12 57.30
N THR K 93 7.34 -14.15 56.48
CA THR K 93 6.17 -15.00 56.41
C THR K 93 6.59 -16.43 56.20
N VAL K 94 6.06 -17.34 57.01
CA VAL K 94 6.37 -18.75 56.87
C VAL K 94 5.13 -19.53 56.49
N LEU K 95 5.28 -20.43 55.53
CA LEU K 95 4.17 -21.28 55.12
C LEU K 95 4.67 -22.48 54.36
N SER K 96 3.75 -23.40 54.05
CA SER K 96 4.12 -24.65 53.42
C SER K 96 3.95 -24.59 51.92
N ARG K 97 4.88 -25.20 51.20
CA ARG K 97 4.85 -25.23 49.74
C ARG K 97 3.60 -25.94 49.26
N SER K 98 3.23 -27.00 49.96
CA SER K 98 2.06 -27.77 49.58
C SER K 98 1.09 -27.82 50.74
N PRO K 99 -0.17 -28.16 50.46
CA PRO K 99 -1.10 -28.44 51.56
C PRO K 99 -0.55 -29.58 52.41
N VAL K 100 -0.59 -29.40 53.73
CA VAL K 100 0.05 -30.34 54.64
C VAL K 100 -0.81 -31.54 55.00
N ASN K 101 -0.29 -32.73 54.71
CA ASN K 101 -0.91 -33.96 55.15
C ASN K 101 0.04 -34.76 56.04
N LEU K 102 -0.48 -35.30 57.12
CA LEU K 102 0.30 -36.01 58.12
C LEU K 102 1.04 -37.21 57.52
N GLY K 103 2.33 -37.30 57.81
CA GLY K 103 3.15 -38.40 57.34
C GLY K 103 3.62 -38.23 55.91
N GLU K 104 3.19 -37.13 55.28
CA GLU K 104 3.49 -36.83 53.87
C GLU K 104 4.53 -35.72 53.71
N PRO K 105 5.71 -36.05 53.16
CA PRO K 105 6.85 -35.15 52.99
C PRO K 105 6.49 -33.82 52.36
N ASN K 106 7.08 -32.74 52.85
CA ASN K 106 6.72 -31.40 52.42
C ASN K 106 7.89 -30.42 52.53
N ILE K 107 7.64 -29.16 52.16
CA ILE K 107 8.66 -28.12 52.21
C ILE K 107 8.12 -26.89 52.93
N LEU K 108 8.91 -26.35 53.85
CA LEU K 108 8.56 -25.11 54.52
C LEU K 108 9.19 -23.92 53.81
N ILE K 109 8.44 -22.84 53.62
CA ILE K 109 8.97 -21.65 52.94
C ILE K 109 9.06 -20.48 53.90
N CYS K 110 10.25 -19.88 54.03
CA CYS K 110 10.38 -18.67 54.85
C CYS K 110 10.59 -17.47 53.95
N PHE K 111 9.56 -16.66 53.82
CA PHE K 111 9.54 -15.59 52.84
C PHE K 111 9.96 -14.24 53.41
N ILE K 112 11.25 -13.93 53.28
CA ILE K 112 11.77 -12.65 53.72
C ILE K 112 11.61 -11.64 52.59
N ASP K 113 10.99 -10.50 52.88
CA ASP K 113 10.54 -9.59 51.85
C ASP K 113 10.68 -8.12 52.23
N LYS K 114 10.77 -7.25 51.22
CA LYS K 114 10.81 -5.80 51.40
C LYS K 114 11.90 -5.31 52.31
N PHE K 115 13.14 -5.72 52.07
CA PHE K 115 14.23 -5.30 52.93
C PHE K 115 15.47 -4.85 52.18
N SER K 116 16.30 -4.09 52.87
CA SER K 116 17.57 -3.61 52.35
C SER K 116 18.38 -3.11 53.51
N PRO K 117 19.68 -3.39 53.54
CA PRO K 117 20.60 -4.04 52.59
C PRO K 117 20.39 -5.53 52.46
N PRO K 118 21.01 -6.16 51.46
CA PRO K 118 20.93 -7.60 51.26
C PRO K 118 21.85 -8.38 52.19
N VAL K 119 21.62 -8.30 53.49
CA VAL K 119 22.36 -9.12 54.44
C VAL K 119 21.44 -9.56 55.55
N VAL K 120 21.26 -10.86 55.69
CA VAL K 120 20.41 -11.38 56.74
C VAL K 120 21.03 -12.62 57.39
N ASN K 121 20.64 -12.85 58.63
CA ASN K 121 20.89 -14.10 59.29
C ASN K 121 19.55 -14.78 59.43
N VAL K 122 19.37 -15.92 58.77
CA VAL K 122 18.13 -16.66 58.89
C VAL K 122 18.40 -18.05 59.43
N THR K 123 17.63 -18.48 60.42
CA THR K 123 17.84 -19.78 61.03
C THR K 123 16.55 -20.56 61.17
N TRP K 124 16.57 -21.82 60.75
CA TRP K 124 15.42 -22.70 60.90
C TRP K 124 15.45 -23.33 62.27
N LEU K 125 14.29 -23.51 62.88
CA LEU K 125 14.23 -24.01 64.24
C LEU K 125 13.31 -25.20 64.44
N ARG K 126 13.91 -26.36 64.65
CA ARG K 126 13.21 -27.58 65.05
C ARG K 126 13.00 -27.56 66.55
N ASN K 127 11.76 -27.40 66.97
CA ASN K 127 11.42 -27.40 68.38
C ASN K 127 12.20 -26.37 69.17
N GLY K 128 12.55 -25.25 68.54
CA GLY K 128 13.27 -24.23 69.26
C GLY K 128 14.76 -24.42 69.08
N ARG K 129 15.14 -25.44 68.32
CA ARG K 129 16.55 -25.73 68.11
C ARG K 129 16.92 -25.58 66.63
N PRO K 130 18.12 -25.04 66.35
CA PRO K 130 18.59 -24.84 64.97
C PRO K 130 18.65 -26.12 64.15
N VAL K 131 18.38 -26.00 62.85
CA VAL K 131 18.44 -27.13 61.91
C VAL K 131 19.53 -26.91 60.89
N THR K 132 20.29 -27.96 60.58
CA THR K 132 21.34 -27.87 59.57
C THR K 132 21.10 -28.77 58.36
N GLU K 133 20.20 -29.73 58.49
CA GLU K 133 19.95 -30.67 57.40
C GLU K 133 18.62 -30.41 56.69
N GLY K 134 18.66 -30.42 55.36
CA GLY K 134 17.47 -30.25 54.54
C GLY K 134 17.01 -28.82 54.38
N VAL K 135 17.98 -27.91 54.33
CA VAL K 135 17.66 -26.49 54.17
C VAL K 135 18.18 -25.97 52.85
N SER K 136 17.40 -25.09 52.25
CA SER K 136 17.73 -24.53 50.95
C SER K 136 17.72 -23.02 51.04
N GLU K 137 18.52 -22.38 50.20
CA GLU K 137 18.66 -20.93 50.25
C GLU K 137 18.58 -20.30 48.86
N THR K 138 18.03 -19.09 48.81
CA THR K 138 17.93 -18.33 47.57
C THR K 138 18.84 -17.13 47.62
N VAL K 139 19.50 -16.82 46.51
CA VAL K 139 20.26 -15.58 46.45
C VAL K 139 19.29 -14.41 46.62
N PHE K 140 19.81 -13.21 46.76
CA PHE K 140 18.93 -12.07 46.97
C PHE K 140 18.22 -11.65 45.68
N LEU K 141 16.90 -11.79 45.67
CA LEU K 141 16.12 -11.53 44.49
C LEU K 141 15.71 -10.06 44.46
N PRO K 142 15.47 -9.50 43.27
CA PRO K 142 15.08 -8.11 43.11
C PRO K 142 13.60 -7.87 43.33
N ARG K 143 13.24 -6.61 43.53
CA ARG K 143 11.83 -6.21 43.55
C ARG K 143 11.62 -5.10 42.53
N ASP K 144 10.40 -4.58 42.47
CA ASP K 144 10.13 -3.46 41.58
C ASP K 144 10.80 -2.21 42.11
N ASP K 145 10.83 -2.04 43.42
CA ASP K 145 11.45 -0.86 44.01
C ASP K 145 12.91 -1.12 44.30
N HIS K 146 13.46 -0.39 45.27
CA HIS K 146 14.86 -0.53 45.64
C HIS K 146 15.09 -1.66 46.64
N LEU K 147 14.01 -2.21 47.19
CA LEU K 147 14.11 -3.25 48.20
C LEU K 147 14.34 -4.65 47.63
N PHE K 148 14.76 -5.58 48.49
CA PHE K 148 15.10 -6.95 48.10
C PHE K 148 14.09 -7.97 48.55
N ARG K 149 14.29 -9.22 48.13
CA ARG K 149 13.39 -10.31 48.45
C ARG K 149 14.20 -11.60 48.56
N LYS K 150 13.78 -12.53 49.42
CA LYS K 150 14.56 -13.75 49.66
C LYS K 150 13.70 -14.94 50.08
N PHE K 151 14.13 -16.14 49.73
CA PHE K 151 13.42 -17.35 50.12
C PHE K 151 14.34 -18.32 50.86
N HIS K 152 13.82 -18.94 51.91
CA HIS K 152 14.52 -20.02 52.60
C HIS K 152 13.62 -21.26 52.68
N TYR K 153 14.17 -22.43 52.38
CA TYR K 153 13.38 -23.65 52.33
C TYR K 153 13.82 -24.72 53.34
N LEU K 154 12.86 -25.51 53.82
CA LEU K 154 13.12 -26.60 54.73
C LEU K 154 12.28 -27.83 54.41
N THR K 155 12.93 -28.98 54.20
CA THR K 155 12.21 -30.23 53.98
C THR K 155 11.93 -30.95 55.29
N PHE K 156 10.72 -31.46 55.46
CA PHE K 156 10.34 -32.06 56.73
C PHE K 156 9.27 -33.12 56.62
N LEU K 157 9.15 -33.93 57.68
CA LEU K 157 8.06 -34.88 57.82
C LEU K 157 7.10 -34.38 58.89
N PRO K 158 5.83 -34.19 58.52
CA PRO K 158 4.80 -33.66 59.43
C PRO K 158 4.46 -34.57 60.60
N SER K 159 4.21 -33.96 61.76
CA SER K 159 3.73 -34.69 62.93
C SER K 159 3.14 -33.66 63.89
N THR K 160 2.17 -34.06 64.68
CA THR K 160 1.49 -33.11 65.58
C THR K 160 2.38 -32.76 66.76
N ASP K 161 3.51 -33.43 66.88
CA ASP K 161 4.41 -33.22 68.00
C ASP K 161 5.40 -32.12 67.70
N ASP K 162 5.65 -31.89 66.41
CA ASP K 162 6.68 -30.97 65.98
C ASP K 162 6.15 -29.58 65.67
N PHE K 163 6.93 -28.56 66.02
CA PHE K 163 6.61 -27.19 65.64
C PHE K 163 7.88 -26.49 65.17
N TYR K 164 7.77 -25.76 64.05
CA TYR K 164 8.92 -25.11 63.44
C TYR K 164 8.86 -23.60 63.54
N ASP K 165 10.02 -22.97 63.43
CA ASP K 165 10.14 -21.52 63.46
C ASP K 165 11.19 -21.05 62.47
N CYS K 166 10.99 -19.85 61.92
CA CYS K 166 12.01 -19.25 61.10
C CYS K 166 12.43 -17.95 61.75
N GLU K 167 13.71 -17.83 62.07
CA GLU K 167 14.17 -16.63 62.75
C GLU K 167 15.10 -15.81 61.89
N VAL K 168 14.72 -14.56 61.66
CA VAL K 168 15.45 -13.68 60.77
C VAL K 168 16.00 -12.46 61.46
N ASP K 169 17.31 -12.27 61.38
CA ASP K 169 17.91 -11.08 61.96
C ASP K 169 18.42 -10.16 60.86
N HIS K 170 18.10 -8.88 60.98
CA HIS K 170 18.51 -7.89 60.01
C HIS K 170 18.78 -6.57 60.69
N TRP K 171 19.78 -5.85 60.19
CA TRP K 171 20.25 -4.63 60.84
C TRP K 171 19.17 -3.59 61.00
N GLY K 172 18.01 -3.86 60.44
CA GLY K 172 16.89 -2.93 60.51
C GLY K 172 15.90 -3.35 61.57
N LEU K 173 16.14 -4.51 62.18
CA LEU K 173 15.27 -5.00 63.24
C LEU K 173 15.87 -4.70 64.60
N GLU K 174 15.01 -4.28 65.53
CA GLU K 174 15.43 -4.06 66.91
C GLU K 174 15.78 -5.40 67.56
N GLU K 175 14.85 -6.34 67.44
CA GLU K 175 15.04 -7.68 67.95
C GLU K 175 14.71 -8.70 66.88
N PRO K 176 15.62 -9.67 66.65
CA PRO K 176 15.45 -10.74 65.68
C PRO K 176 14.04 -11.30 65.63
N LEU K 177 13.47 -11.25 64.43
CA LEU K 177 12.09 -11.62 64.18
C LEU K 177 11.92 -13.12 64.00
N ARG K 178 11.00 -13.70 64.75
CA ARG K 178 10.72 -15.13 64.64
C ARG K 178 9.28 -15.37 64.24
N LYS K 179 9.07 -16.03 63.11
CA LYS K 179 7.72 -16.36 62.68
C LYS K 179 7.49 -17.84 62.84
N HIS K 180 6.36 -18.17 63.45
CA HIS K 180 6.07 -19.53 63.89
C HIS K 180 5.17 -20.27 62.91
N TRP K 181 5.28 -21.60 62.91
CA TRP K 181 4.40 -22.43 62.12
C TRP K 181 4.28 -23.82 62.68
N GLU K 182 3.04 -24.24 62.93
CA GLU K 182 2.74 -25.61 63.33
C GLU K 182 1.53 -26.09 62.54
N PHE K 183 1.14 -27.34 62.77
CA PHE K 183 0.07 -27.97 62.02
C PHE K 183 -1.25 -27.21 62.14
N SER L 7 25.13 3.29 64.01
CA SER L 7 24.81 1.92 63.62
C SER L 7 25.95 1.30 62.83
N ARG L 8 25.62 0.36 61.94
CA ARG L 8 26.62 -0.32 61.15
C ARG L 8 26.59 0.20 59.72
N PRO L 9 27.64 0.91 59.32
CA PRO L 9 27.66 1.49 57.99
C PRO L 9 27.81 0.43 56.92
N TRP L 10 27.05 0.59 55.84
CA TRP L 10 27.10 -0.32 54.70
C TRP L 10 27.09 0.49 53.42
N PHE L 11 27.60 -0.08 52.34
CA PHE L 11 27.61 0.61 51.06
C PHE L 11 27.27 -0.34 49.92
N LEU L 12 26.22 0.01 49.18
CA LEU L 12 25.71 -0.86 48.13
C LEU L 12 25.70 -0.19 46.77
N GLU L 13 26.25 -0.88 45.77
CA GLU L 13 26.16 -0.46 44.38
C GLU L 13 25.26 -1.43 43.61
N TYR L 14 24.02 -1.02 43.35
CA TYR L 14 23.00 -1.90 42.82
C TYR L 14 22.62 -1.48 41.40
N CYS L 15 22.48 -2.45 40.50
CA CYS L 15 22.14 -2.15 39.11
C CYS L 15 21.16 -3.13 38.50
N LYS L 16 20.00 -2.63 38.09
CA LYS L 16 19.01 -3.47 37.42
C LYS L 16 18.71 -3.00 36.00
N SER L 17 18.90 -3.89 35.04
CA SER L 17 18.56 -3.61 33.66
C SER L 17 17.27 -4.33 33.28
N GLU L 18 16.17 -3.60 33.18
CA GLU L 18 14.88 -4.22 32.95
C GLU L 18 14.52 -4.23 31.46
N CYS L 19 14.11 -5.38 30.96
CA CYS L 19 13.60 -5.51 29.61
C CYS L 19 12.10 -5.72 29.64
N HIS L 20 11.33 -4.75 29.16
CA HIS L 20 9.87 -4.86 29.20
C HIS L 20 9.30 -5.26 27.84
N PHE L 21 8.59 -6.37 27.80
CA PHE L 21 7.99 -6.83 26.56
C PHE L 21 6.47 -6.72 26.56
N TYR L 22 5.94 -5.83 25.72
CA TYR L 22 4.50 -5.78 25.47
C TYR L 22 4.20 -6.43 24.13
N ASN L 23 3.30 -7.40 24.11
CA ASN L 23 2.99 -8.15 22.89
C ASN L 23 4.22 -8.80 22.29
N GLY L 24 4.84 -9.70 23.03
CA GLY L 24 5.97 -10.42 22.49
C GLY L 24 7.12 -9.47 22.26
N THR L 25 7.80 -9.62 21.14
CA THR L 25 8.94 -8.77 20.84
C THR L 25 8.53 -7.57 20.00
N GLN L 26 7.24 -7.28 19.94
CA GLN L 26 6.75 -6.13 19.19
C GLN L 26 7.18 -4.85 19.87
N ARG L 27 6.70 -4.63 21.08
CA ARG L 27 7.03 -3.42 21.83
C ARG L 27 7.96 -3.77 22.98
N VAL L 28 9.14 -3.16 22.98
CA VAL L 28 10.14 -3.42 23.99
C VAL L 28 10.77 -2.14 24.48
N ARG L 29 10.86 -1.97 25.79
CA ARG L 29 11.59 -0.84 26.34
C ARG L 29 12.61 -1.31 27.35
N LEU L 30 13.75 -0.64 27.39
CA LEU L 30 14.83 -1.01 28.27
C LEU L 30 14.95 0.02 29.36
N LEU L 31 14.97 -0.42 30.61
CA LEU L 31 15.07 0.50 31.73
C LEU L 31 16.16 0.04 32.69
N VAL L 32 17.30 0.72 32.63
CA VAL L 32 18.43 0.46 33.49
C VAL L 32 18.41 1.40 34.68
N ARG L 33 18.48 0.83 35.88
CA ARG L 33 18.38 1.60 37.11
C ARG L 33 19.61 1.39 37.98
N TYR L 34 20.33 2.46 38.28
CA TYR L 34 21.47 2.38 39.17
C TYR L 34 21.07 2.89 40.55
N PHE L 35 21.43 2.14 41.57
CA PHE L 35 21.13 2.51 42.96
C PHE L 35 22.39 2.74 43.77
N TYR L 36 22.26 3.55 44.81
CA TYR L 36 23.27 3.64 45.85
C TYR L 36 22.60 3.49 47.20
N ASN L 37 22.84 2.36 47.85
CA ASN L 37 22.12 2.01 49.08
C ASN L 37 20.62 1.98 48.82
N LEU L 38 19.92 2.96 49.37
CA LEU L 38 18.46 3.00 49.27
C LEU L 38 18.02 3.98 48.21
N GLU L 39 18.98 4.64 47.58
CA GLU L 39 18.69 5.74 46.68
C GLU L 39 18.98 5.36 45.24
N GLU L 40 17.95 5.40 44.41
CA GLU L 40 18.08 5.22 42.96
C GLU L 40 18.59 6.54 42.40
N ASN L 41 19.73 6.53 41.73
CA ASN L 41 20.33 7.79 41.32
C ASN L 41 20.42 8.04 39.82
N LEU L 42 20.59 6.98 39.03
CA LEU L 42 20.78 7.13 37.59
C LEU L 42 19.86 6.22 36.82
N ARG L 43 19.44 6.65 35.63
CA ARG L 43 18.53 5.88 34.80
C ARG L 43 18.94 5.91 33.33
N PHE L 44 18.74 4.81 32.62
CA PHE L 44 18.75 4.84 31.16
C PHE L 44 17.44 4.31 30.61
N ASP L 45 16.60 5.21 30.11
CA ASP L 45 15.31 4.83 29.57
C ASP L 45 15.34 4.84 28.06
N SER L 46 15.02 3.71 27.42
CA SER L 46 15.09 3.64 25.97
C SER L 46 14.09 4.61 25.33
N ASP L 47 13.05 4.98 26.06
CA ASP L 47 12.12 5.98 25.58
C ASP L 47 12.73 7.37 25.61
N VAL L 48 13.93 7.48 26.16
CA VAL L 48 14.61 8.75 26.21
C VAL L 48 15.88 8.71 25.39
N GLY L 49 16.58 7.58 25.43
CA GLY L 49 17.75 7.39 24.58
C GLY L 49 18.99 7.99 25.20
N GLU L 50 18.85 8.53 26.40
CA GLU L 50 19.98 9.12 27.11
C GLU L 50 19.94 8.76 28.60
N PHE L 51 21.06 8.95 29.29
CA PHE L 51 21.08 8.76 30.73
C PHE L 51 20.43 9.93 31.43
N ARG L 52 19.68 9.65 32.48
CA ARG L 52 19.06 10.69 33.30
C ARG L 52 19.31 10.48 34.77
N ALA L 53 19.68 11.54 35.47
CA ALA L 53 19.94 11.47 36.90
C ALA L 53 18.62 11.60 37.66
N VAL L 54 18.34 10.64 38.54
CA VAL L 54 17.13 10.68 39.34
C VAL L 54 17.35 11.57 40.55
N THR L 55 18.57 11.49 41.08
CA THR L 55 18.98 12.35 42.17
C THR L 55 20.30 13.01 41.83
N GLU L 56 20.66 14.04 42.58
CA GLU L 56 21.87 14.81 42.34
C GLU L 56 23.11 13.92 42.26
N LEU L 57 23.05 12.78 42.92
CA LEU L 57 24.20 11.89 43.04
C LEU L 57 24.64 11.26 41.73
N GLY L 58 23.71 11.10 40.80
CA GLY L 58 24.03 10.44 39.55
C GLY L 58 24.32 11.46 38.46
N ARG L 59 24.17 12.72 38.80
CA ARG L 59 24.38 13.81 37.87
C ARG L 59 25.77 13.75 37.24
N PRO L 60 26.84 13.43 38.00
CA PRO L 60 28.14 13.31 37.32
C PRO L 60 28.24 12.21 36.27
N ASP L 61 27.66 11.05 36.53
CA ASP L 61 27.73 9.94 35.59
C ASP L 61 26.93 10.21 34.32
N ALA L 62 25.75 10.78 34.49
CA ALA L 62 24.91 11.09 33.34
C ALA L 62 25.64 11.99 32.37
N GLU L 63 26.24 13.05 32.87
CA GLU L 63 26.96 13.99 32.03
C GLU L 63 28.15 13.34 31.33
N ASN L 64 28.86 12.44 32.02
CA ASN L 64 30.01 11.79 31.42
C ASN L 64 29.59 10.89 30.29
N TRP L 65 28.59 10.06 30.54
CA TRP L 65 28.18 9.05 29.59
C TRP L 65 27.41 9.64 28.42
N ASN L 66 26.65 10.71 28.67
CA ASN L 66 25.91 11.35 27.60
C ASN L 66 26.79 12.08 26.59
N SER L 67 28.06 12.28 26.92
CA SER L 67 28.98 12.92 25.99
C SER L 67 29.62 11.88 25.09
N GLN L 68 29.23 10.62 25.27
CA GLN L 68 29.72 9.54 24.42
C GLN L 68 28.63 9.02 23.53
N PRO L 69 28.55 9.54 22.30
CA PRO L 69 27.49 9.20 21.35
C PRO L 69 27.53 7.72 20.99
N GLU L 70 28.72 7.18 20.80
CA GLU L 70 28.85 5.79 20.41
C GLU L 70 28.40 4.86 21.52
N PHE L 71 28.43 5.35 22.75
CA PHE L 71 27.96 4.59 23.90
C PHE L 71 26.44 4.60 23.91
N LEU L 72 25.86 5.78 23.78
CA LEU L 72 24.41 5.91 23.75
C LEU L 72 23.84 5.10 22.60
N GLU L 73 24.54 5.12 21.48
CA GLU L 73 24.10 4.38 20.31
C GLU L 73 24.08 2.89 20.58
N GLN L 74 25.08 2.39 21.29
CA GLN L 74 25.13 0.97 21.63
C GLN L 74 24.01 0.61 22.61
N LYS L 75 23.77 1.47 23.57
CA LYS L 75 22.76 1.21 24.58
C LYS L 75 21.36 1.17 23.98
N ARG L 76 21.04 2.14 23.13
CA ARG L 76 19.71 2.18 22.52
C ARG L 76 19.48 0.92 21.70
N ALA L 77 20.57 0.38 21.17
CA ALA L 77 20.54 -0.83 20.36
C ALA L 77 20.41 -2.08 21.20
N GLU L 78 20.65 -1.96 22.51
CA GLU L 78 20.57 -3.12 23.38
C GLU L 78 19.13 -3.60 23.50
N VAL L 79 18.20 -2.78 23.03
CA VAL L 79 16.80 -3.16 22.94
C VAL L 79 16.65 -4.32 21.96
N ASP L 80 17.55 -4.38 21.00
CA ASP L 80 17.54 -5.46 20.04
C ASP L 80 18.64 -6.46 20.34
N THR L 81 19.85 -5.96 20.59
CA THR L 81 21.01 -6.83 20.71
C THR L 81 21.02 -7.61 22.00
N VAL L 82 20.19 -7.21 22.96
CA VAL L 82 20.12 -7.91 24.22
C VAL L 82 18.71 -8.35 24.58
N CYS L 83 17.79 -7.41 24.66
CA CYS L 83 16.45 -7.74 25.12
C CYS L 83 15.73 -8.72 24.21
N ARG L 84 15.46 -8.34 22.97
CA ARG L 84 14.76 -9.21 22.04
C ARG L 84 15.53 -10.50 21.83
N HIS L 85 16.84 -10.44 21.93
CA HIS L 85 17.67 -11.63 21.80
C HIS L 85 17.28 -12.68 22.83
N ASN L 86 17.26 -12.27 24.10
CA ASN L 86 16.99 -13.18 25.21
C ASN L 86 15.59 -13.74 25.15
N TYR L 87 14.64 -12.93 24.70
CA TYR L 87 13.26 -13.36 24.65
C TYR L 87 13.17 -14.50 23.65
N GLU L 88 13.92 -14.40 22.57
CA GLU L 88 13.97 -15.47 21.56
C GLU L 88 14.38 -16.77 22.23
N ILE L 89 15.30 -16.69 23.18
CA ILE L 89 15.78 -17.86 23.89
C ILE L 89 14.75 -18.38 24.88
N PHE L 90 14.25 -17.48 25.72
CA PHE L 90 13.37 -17.87 26.81
C PHE L 90 11.96 -18.19 26.35
N ASP L 91 11.65 -17.90 25.10
CA ASP L 91 10.33 -18.21 24.57
C ASP L 91 10.21 -19.70 24.25
N ASN L 92 11.34 -20.40 24.37
CA ASN L 92 11.35 -21.84 24.12
C ASN L 92 10.99 -22.69 25.33
N PHE L 93 11.17 -22.15 26.54
CA PHE L 93 10.91 -22.93 27.74
C PHE L 93 10.35 -22.15 28.92
N LEU L 94 10.74 -20.90 29.11
CA LEU L 94 10.20 -20.14 30.23
C LEU L 94 8.80 -19.65 29.94
N VAL L 95 8.63 -18.95 28.84
CA VAL L 95 7.33 -18.40 28.49
C VAL L 95 6.22 -19.45 28.31
N PRO L 96 6.48 -20.54 27.56
CA PRO L 96 5.36 -21.45 27.36
C PRO L 96 5.16 -22.44 28.48
N ARG L 97 5.92 -22.29 29.57
CA ARG L 97 5.87 -23.24 30.67
C ARG L 97 4.48 -23.30 31.29
N ARG L 98 3.97 -24.52 31.43
CA ARG L 98 2.66 -24.73 32.02
C ARG L 98 2.76 -25.87 33.03
N VAL L 99 2.23 -25.63 34.23
CA VAL L 99 2.19 -26.67 35.26
C VAL L 99 0.79 -26.79 35.85
N GLU L 100 0.23 -27.98 35.73
CA GLU L 100 -1.15 -28.25 36.09
C GLU L 100 -1.39 -28.19 37.60
N PRO L 101 -2.43 -27.45 38.01
CA PRO L 101 -2.74 -27.24 39.43
C PRO L 101 -3.31 -28.47 40.13
N THR L 102 -3.13 -28.53 41.44
CA THR L 102 -3.74 -29.56 42.27
C THR L 102 -4.83 -28.95 43.14
N VAL L 103 -6.08 -29.25 42.83
CA VAL L 103 -7.20 -28.64 43.55
C VAL L 103 -7.72 -29.55 44.65
N THR L 104 -7.87 -28.97 45.84
CA THR L 104 -8.38 -29.70 46.99
C THR L 104 -9.34 -28.81 47.77
N VAL L 105 -10.42 -29.40 48.27
CA VAL L 105 -11.40 -28.64 49.05
C VAL L 105 -11.57 -29.22 50.45
N TYR L 106 -11.50 -28.36 51.45
CA TYR L 106 -11.72 -28.78 52.82
C TYR L 106 -12.32 -27.61 53.64
N PRO L 107 -13.03 -27.94 54.72
CA PRO L 107 -13.63 -26.91 55.60
C PRO L 107 -12.58 -26.09 56.33
N LEU L 118 -16.77 -21.65 56.82
CA LEU L 118 -15.92 -21.27 55.71
C LEU L 118 -15.41 -22.50 54.96
N LEU L 119 -15.50 -22.45 53.63
CA LEU L 119 -15.02 -23.53 52.78
C LEU L 119 -13.77 -23.11 52.01
N VAL L 120 -12.72 -23.91 52.14
CA VAL L 120 -11.45 -23.59 51.50
C VAL L 120 -11.24 -24.35 50.20
N CYS L 121 -10.88 -23.63 49.15
CA CYS L 121 -10.51 -24.22 47.88
C CYS L 121 -9.01 -24.07 47.71
N SER L 122 -8.27 -25.16 47.91
CA SER L 122 -6.82 -25.11 47.89
C SER L 122 -6.22 -25.40 46.52
N VAL L 123 -5.77 -24.36 45.84
CA VAL L 123 -5.14 -24.52 44.54
C VAL L 123 -3.64 -24.33 44.67
N SER L 124 -2.88 -25.38 44.40
CA SER L 124 -1.45 -25.38 44.64
C SER L 124 -0.65 -25.96 43.49
N ASP L 125 0.64 -25.66 43.45
CA ASP L 125 1.56 -26.24 42.48
C ASP L 125 1.13 -25.98 41.04
N PHE L 126 0.97 -24.71 40.67
CA PHE L 126 0.60 -24.38 39.31
C PHE L 126 1.45 -23.24 38.76
N TYR L 127 1.53 -23.17 37.43
CA TYR L 127 2.25 -22.09 36.75
C TYR L 127 1.63 -21.85 35.38
N PRO L 128 1.54 -20.58 34.96
CA PRO L 128 1.89 -19.34 35.64
C PRO L 128 0.76 -18.83 36.51
N GLY L 129 0.94 -17.64 37.06
CA GLY L 129 0.01 -17.09 38.03
C GLY L 129 -1.34 -16.70 37.47
N ASN L 130 -1.51 -16.84 36.16
CA ASN L 130 -2.79 -16.58 35.55
C ASN L 130 -3.80 -17.59 36.05
N ILE L 131 -4.69 -17.18 36.94
CA ILE L 131 -5.64 -18.11 37.50
C ILE L 131 -6.97 -17.43 37.78
N GLU L 132 -8.06 -18.15 37.53
CA GLU L 132 -9.38 -17.64 37.83
C GLU L 132 -10.12 -18.69 38.66
N VAL L 133 -10.59 -18.28 39.84
CA VAL L 133 -11.26 -19.20 40.74
C VAL L 133 -12.59 -18.62 41.20
N ARG L 134 -13.66 -19.37 41.00
CA ARG L 134 -14.98 -18.92 41.38
C ARG L 134 -15.67 -19.94 42.29
N TRP L 135 -16.63 -19.45 43.07
CA TRP L 135 -17.43 -20.31 43.95
C TRP L 135 -18.86 -20.40 43.45
N PHE L 136 -19.31 -21.61 43.17
CA PHE L 136 -20.69 -21.82 42.77
C PHE L 136 -21.45 -22.64 43.82
N ARG L 137 -22.52 -22.06 44.33
CA ARG L 137 -23.45 -22.79 45.19
C ARG L 137 -24.77 -22.92 44.47
N ASN L 138 -25.18 -24.16 44.21
CA ASN L 138 -26.42 -24.44 43.47
C ASN L 138 -26.34 -24.01 42.01
N GLY L 139 -25.12 -23.79 41.53
CA GLY L 139 -24.92 -23.44 40.13
C GLY L 139 -24.87 -21.94 39.88
N LYS L 140 -24.92 -21.15 40.95
CA LYS L 140 -24.79 -19.71 40.83
C LYS L 140 -23.49 -19.21 41.47
N GLU L 141 -22.84 -18.26 40.82
CA GLU L 141 -21.58 -17.75 41.32
C GLU L 141 -21.80 -16.86 42.54
N GLU L 142 -21.42 -17.36 43.71
CA GLU L 142 -21.54 -16.58 44.94
C GLU L 142 -20.57 -15.42 44.91
N LYS L 143 -20.98 -14.33 44.28
CA LYS L 143 -20.12 -13.17 44.08
C LYS L 143 -20.04 -12.28 45.32
N THR L 144 -20.19 -12.90 46.50
CA THR L 144 -20.10 -12.16 47.75
C THR L 144 -19.59 -13.04 48.88
N GLY L 145 -18.94 -12.42 49.87
CA GLY L 145 -18.38 -13.13 50.99
C GLY L 145 -17.20 -14.00 50.62
N ILE L 146 -16.35 -13.49 49.73
CA ILE L 146 -15.18 -14.24 49.29
C ILE L 146 -13.89 -13.70 49.90
N VAL L 147 -13.23 -14.53 50.70
CA VAL L 147 -11.97 -14.17 51.32
C VAL L 147 -10.84 -14.99 50.71
N SER L 148 -9.97 -14.31 49.99
CA SER L 148 -8.85 -14.98 49.33
C SER L 148 -7.53 -14.56 49.95
N THR L 149 -6.55 -15.44 49.89
CA THR L 149 -5.23 -15.17 50.43
C THR L 149 -4.41 -14.38 49.44
N GLY L 150 -4.89 -14.33 48.20
CA GLY L 150 -4.15 -13.71 47.13
C GLY L 150 -3.23 -14.73 46.47
N LEU L 151 -2.50 -14.29 45.47
CA LEU L 151 -1.56 -15.15 44.78
C LEU L 151 -0.29 -15.27 45.61
N VAL L 152 0.21 -16.50 45.76
CA VAL L 152 1.41 -16.72 46.56
C VAL L 152 2.53 -17.33 45.74
N ARG L 153 3.70 -16.69 45.76
CA ARG L 153 4.84 -17.12 44.98
C ARG L 153 5.77 -17.98 45.81
N ASN L 154 5.92 -19.25 45.44
CA ASN L 154 6.80 -20.15 46.17
C ASN L 154 8.28 -19.91 45.90
N GLY L 155 8.58 -19.23 44.82
CA GLY L 155 9.96 -18.90 44.49
C GLY L 155 10.66 -19.95 43.67
N ASP L 156 10.00 -21.09 43.44
CA ASP L 156 10.58 -22.13 42.60
C ASP L 156 9.73 -22.33 41.36
N TRP L 157 9.23 -21.23 40.81
CA TRP L 157 8.42 -21.26 39.60
C TRP L 157 7.13 -22.04 39.79
N THR L 158 6.57 -21.97 41.00
CA THR L 158 5.26 -22.54 41.26
C THR L 158 4.45 -21.56 42.08
N PHE L 159 3.14 -21.60 41.94
CA PHE L 159 2.27 -20.69 42.67
C PHE L 159 1.31 -21.46 43.56
N GLN L 160 0.59 -20.74 44.41
CA GLN L 160 -0.46 -21.32 45.23
C GLN L 160 -1.38 -20.23 45.73
N THR L 161 -2.61 -20.59 46.03
CA THR L 161 -3.57 -19.64 46.58
C THR L 161 -4.73 -20.35 47.27
N LEU L 162 -5.32 -19.68 48.25
CA LEU L 162 -6.49 -20.19 48.94
C LEU L 162 -7.66 -19.24 48.78
N VAL L 163 -8.67 -19.65 48.02
CA VAL L 163 -9.89 -18.86 47.89
C VAL L 163 -10.99 -19.48 48.73
N MET L 164 -11.56 -18.69 49.63
CA MET L 164 -12.51 -19.20 50.60
C MET L 164 -13.87 -18.52 50.54
N LEU L 165 -14.92 -19.27 50.89
CA LEU L 165 -16.26 -18.73 50.95
C LEU L 165 -16.79 -18.86 52.38
N GLU L 166 -17.29 -17.76 52.92
CA GLU L 166 -17.61 -17.68 54.34
C GLU L 166 -19.07 -18.04 54.65
N THR L 167 -19.73 -18.74 53.72
CA THR L 167 -21.13 -19.11 53.92
C THR L 167 -21.22 -20.37 54.79
N VAL L 168 -22.32 -20.49 55.53
CA VAL L 168 -22.54 -21.64 56.39
C VAL L 168 -23.31 -22.74 55.65
N TYR L 175 -22.43 -26.28 46.52
CA TYR L 175 -21.08 -25.99 47.02
C TYR L 175 -20.02 -26.58 46.10
N THR L 176 -19.65 -25.81 45.07
CA THR L 176 -18.61 -26.22 44.14
C THR L 176 -17.75 -25.05 43.69
N CYS L 177 -16.43 -25.25 43.66
CA CYS L 177 -15.52 -24.21 43.21
C CYS L 177 -14.94 -24.60 41.85
N GLN L 178 -14.75 -23.59 41.00
CA GLN L 178 -14.29 -23.82 39.64
C GLN L 178 -12.93 -23.16 39.41
N VAL L 179 -12.04 -23.87 38.73
CA VAL L 179 -10.70 -23.36 38.47
C VAL L 179 -10.36 -23.33 37.00
N GLU L 180 -10.12 -22.13 36.47
CA GLU L 180 -9.73 -21.98 35.08
C GLU L 180 -8.26 -21.58 35.01
N HIS L 181 -7.51 -22.21 34.12
CA HIS L 181 -6.07 -22.00 34.07
C HIS L 181 -5.50 -22.35 32.70
N PRO L 182 -4.55 -21.54 32.22
CA PRO L 182 -3.87 -21.71 30.93
C PRO L 182 -3.31 -23.12 30.69
N SER L 183 -3.17 -23.92 31.74
CA SER L 183 -2.70 -25.28 31.58
C SER L 183 -3.89 -26.23 31.45
N LEU L 184 -5.09 -25.68 31.51
CA LEU L 184 -6.31 -26.48 31.46
C LEU L 184 -7.15 -26.16 30.22
N THR L 185 -7.26 -27.13 29.32
CA THR L 185 -8.09 -26.98 28.14
C THR L 185 -9.55 -26.82 28.55
N ASP L 186 -9.95 -27.59 29.55
CA ASP L 186 -11.29 -27.49 30.13
C ASP L 186 -11.19 -27.25 31.63
N PRO L 187 -12.04 -26.37 32.17
CA PRO L 187 -12.02 -26.00 33.59
C PRO L 187 -12.09 -27.21 34.51
N VAL L 188 -11.37 -27.14 35.62
CA VAL L 188 -11.40 -28.20 36.61
C VAL L 188 -12.39 -27.84 37.71
N THR L 189 -13.29 -28.77 37.99
CA THR L 189 -14.34 -28.54 38.96
C THR L 189 -14.37 -29.63 40.01
N VAL L 190 -14.58 -29.22 41.26
CA VAL L 190 -14.92 -30.12 42.35
C VAL L 190 -16.00 -29.54 43.24
N GLU L 191 -16.77 -30.44 43.85
CA GLU L 191 -17.91 -30.09 44.69
C GLU L 191 -17.90 -31.03 45.90
N TRP L 192 -18.44 -30.55 47.01
CA TRP L 192 -18.41 -31.31 48.26
C TRP L 192 -19.78 -31.86 48.61
N LYS L 193 -19.89 -32.48 49.78
CA LYS L 193 -21.16 -32.99 50.29
C LYS L 193 -21.92 -31.96 51.14
N ALA M 1 21.98 -25.21 22.77
CA ALA M 1 22.70 -24.43 23.78
C ALA M 1 23.07 -23.05 23.24
N ASN M 2 22.06 -22.19 23.10
CA ASN M 2 22.28 -20.82 22.68
C ASN M 2 22.30 -19.87 23.88
N GLY M 3 23.37 -19.11 24.02
CA GLY M 3 23.65 -18.42 25.27
C GLY M 3 22.95 -17.09 25.48
N VAL M 4 22.40 -16.89 26.66
CA VAL M 4 21.67 -15.66 26.93
C VAL M 4 22.65 -14.49 26.99
N ALA M 5 22.16 -13.31 26.67
CA ALA M 5 23.02 -12.14 26.58
C ALA M 5 22.80 -11.21 27.75
N PHE M 6 23.82 -10.43 28.07
CA PHE M 6 23.79 -9.56 29.23
C PHE M 6 24.31 -8.18 28.91
N PHE M 7 24.03 -7.25 29.80
CA PHE M 7 24.49 -5.88 29.65
C PHE M 7 25.84 -5.71 30.30
N LEU M 8 26.74 -5.02 29.61
CA LEU M 8 28.04 -4.72 30.18
C LEU M 8 27.91 -3.52 31.10
N THR M 9 28.54 -3.60 32.27
CA THR M 9 28.53 -2.47 33.18
C THR M 9 29.81 -1.66 33.01
N PRO M 10 29.66 -0.35 32.85
CA PRO M 10 30.72 0.62 32.59
C PRO M 10 31.36 1.20 33.84
N PHE M 11 32.65 1.52 33.77
CA PHE M 11 33.33 2.18 34.88
C PHE M 11 32.90 3.63 35.04
N LYS M 12 32.67 4.06 36.27
CA LYS M 12 32.30 5.44 36.51
C LYS M 12 33.54 6.31 36.69
N ALA M 13 33.45 7.56 36.24
CA ALA M 13 34.51 8.56 36.42
C ALA M 13 35.89 8.04 36.03
N GLY N 3 39.39 -20.21 12.65
CA GLY N 3 38.43 -21.09 13.28
C GLY N 3 37.53 -20.35 14.26
N ASP N 4 38.07 -19.32 14.90
CA ASP N 4 37.26 -18.46 15.75
C ASP N 4 37.36 -17.01 15.30
N GLN N 5 36.95 -16.77 14.07
CA GLN N 5 37.01 -15.45 13.48
C GLN N 5 35.68 -15.22 12.82
N VAL N 6 35.47 -14.02 12.29
CA VAL N 6 34.20 -13.75 11.63
C VAL N 6 34.32 -14.02 10.15
N GLU N 7 33.39 -14.80 9.61
CA GLU N 7 33.38 -15.07 8.19
C GLU N 7 33.22 -13.79 7.42
N GLN N 8 34.30 -13.35 6.80
CA GLN N 8 34.30 -12.13 6.02
C GLN N 8 34.57 -12.51 4.59
N SER N 9 33.71 -12.03 3.70
CA SER N 9 33.81 -12.30 2.29
C SER N 9 33.64 -11.00 1.51
N PRO N 10 34.33 -10.88 0.37
CA PRO N 10 35.20 -11.87 -0.24
C PRO N 10 36.62 -11.86 0.31
N SER N 11 37.40 -12.88 -0.04
CA SER N 11 38.79 -12.96 0.39
C SER N 11 39.64 -11.86 -0.20
N ALA N 12 39.60 -11.72 -1.52
CA ALA N 12 40.36 -10.69 -2.21
C ALA N 12 39.48 -10.01 -3.25
N LEU N 13 39.83 -8.80 -3.63
CA LEU N 13 38.94 -8.01 -4.46
C LEU N 13 39.70 -7.04 -5.35
N SER N 14 39.35 -7.01 -6.63
CA SER N 14 39.93 -6.06 -7.57
C SER N 14 38.86 -5.18 -8.19
N LEU N 15 38.96 -3.87 -8.00
CA LEU N 15 37.97 -2.96 -8.55
C LEU N 15 38.56 -1.95 -9.52
N HIS N 16 37.91 -1.77 -10.66
CA HIS N 16 38.32 -0.73 -11.58
C HIS N 16 37.97 0.61 -10.97
N GLU N 17 38.87 1.58 -11.14
CA GLU N 17 38.67 2.92 -10.64
C GLU N 17 37.35 3.47 -11.10
N GLY N 18 36.49 3.84 -10.17
CA GLY N 18 35.20 4.42 -10.50
C GLY N 18 34.06 3.44 -10.42
N THR N 19 34.36 2.18 -10.12
CA THR N 19 33.33 1.19 -9.88
C THR N 19 33.11 1.01 -8.39
N GLY N 20 32.28 0.02 -8.03
CA GLY N 20 31.99 -0.25 -6.64
C GLY N 20 31.69 -1.71 -6.35
N SER N 21 31.76 -2.06 -5.07
CA SER N 21 31.45 -3.40 -4.61
C SER N 21 31.17 -3.40 -3.13
N ALA N 22 30.85 -4.58 -2.59
CA ALA N 22 30.45 -4.68 -1.21
C ALA N 22 31.19 -5.78 -0.47
N LEU N 23 31.55 -5.49 0.76
CA LEU N 23 32.18 -6.45 1.66
C LEU N 23 31.15 -6.92 2.68
N ARG N 24 31.27 -8.13 3.20
CA ARG N 24 30.24 -8.64 4.10
C ARG N 24 30.75 -9.53 5.24
N CYS N 25 30.25 -9.28 6.44
CA CYS N 25 30.53 -10.11 7.59
C CYS N 25 29.34 -10.95 7.97
N ASN N 26 29.55 -12.25 8.18
CA ASN N 26 28.50 -13.12 8.64
C ASN N 26 28.75 -13.55 10.08
N PHE N 27 27.79 -13.27 10.95
CA PHE N 27 27.97 -13.55 12.35
C PHE N 27 27.23 -14.80 12.76
N THR N 28 27.76 -15.48 13.78
CA THR N 28 27.17 -16.71 14.27
C THR N 28 26.20 -16.49 15.43
N THR N 29 26.05 -15.24 15.82
CA THR N 29 25.14 -14.88 16.91
C THR N 29 24.86 -13.40 16.89
N THR N 30 24.00 -12.94 17.79
CA THR N 30 23.69 -11.53 17.85
C THR N 30 24.90 -10.78 18.34
N MET N 31 25.34 -9.80 17.57
CA MET N 31 26.50 -9.00 17.92
C MET N 31 26.02 -7.69 18.53
N ARG N 32 26.84 -7.11 19.40
CA ARG N 32 26.43 -5.94 20.16
C ARG N 32 26.58 -4.66 19.33
N ALA N 33 27.59 -4.64 18.47
CA ALA N 33 27.87 -3.51 17.58
C ALA N 33 28.98 -3.90 16.61
N VAL N 34 29.14 -3.17 15.51
CA VAL N 34 30.14 -3.53 14.52
C VAL N 34 31.09 -2.40 14.23
N GLN N 35 32.33 -2.75 13.93
CA GLN N 35 33.38 -1.78 13.63
C GLN N 35 34.14 -2.22 12.38
N TRP N 36 34.53 -1.26 11.54
CA TRP N 36 35.25 -1.57 10.29
C TRP N 36 36.61 -0.89 10.20
N PHE N 37 37.65 -1.65 9.81
CA PHE N 37 38.98 -1.08 9.68
C PHE N 37 39.57 -1.26 8.29
N ARG N 38 40.52 -0.41 7.96
CA ARG N 38 41.29 -0.52 6.72
C ARG N 38 42.77 -0.38 7.02
N LYS N 39 43.58 -1.30 6.52
CA LYS N 39 45.02 -1.16 6.67
C LYS N 39 45.65 -0.74 5.35
N ASN N 40 46.32 0.41 5.37
CA ASN N 40 46.90 0.97 4.17
C ASN N 40 48.07 0.17 3.63
N SER N 41 48.83 0.80 2.74
CA SER N 41 50.11 0.27 2.35
C SER N 41 51.17 0.79 3.31
N ARG N 42 51.69 -0.11 4.14
CA ARG N 42 52.61 0.23 5.22
C ARG N 42 51.93 1.21 6.17
N GLY N 43 50.61 1.19 6.21
CA GLY N 43 49.87 2.11 7.03
C GLY N 43 49.31 1.49 8.29
N SER N 44 48.78 2.33 9.16
CA SER N 44 48.19 1.87 10.41
C SER N 44 46.77 1.39 10.13
N LEU N 45 46.17 0.71 11.09
CA LEU N 45 44.76 0.38 10.99
C LEU N 45 43.93 1.64 11.22
N ILE N 46 43.19 2.07 10.21
CA ILE N 46 42.34 3.25 10.35
C ILE N 46 40.88 2.88 10.60
N ASN N 47 40.31 3.46 11.64
CA ASN N 47 38.92 3.23 12.00
C ASN N 47 38.00 3.90 11.00
N LEU N 48 37.08 3.12 10.42
CA LEU N 48 36.18 3.62 9.42
C LEU N 48 34.78 3.88 9.99
N PHE N 49 34.20 2.86 10.60
CA PHE N 49 32.86 2.97 11.15
C PHE N 49 32.71 2.32 12.50
N TYR N 50 31.75 2.84 13.27
CA TYR N 50 31.23 2.12 14.43
C TYR N 50 29.72 2.05 14.32
N LEU N 51 29.20 0.85 14.13
CA LEU N 51 27.78 0.65 14.00
C LEU N 51 27.18 -0.22 15.08
N ALA N 52 26.05 0.22 15.63
CA ALA N 52 25.30 -0.61 16.55
C ALA N 52 23.97 -1.00 15.93
N SER N 53 23.54 -0.19 14.98
CA SER N 53 22.27 -0.43 14.29
C SER N 53 22.17 0.48 13.09
N GLY N 54 21.31 0.13 12.15
CA GLY N 54 21.07 0.94 10.97
C GLY N 54 22.28 1.10 10.08
N THR N 55 22.38 2.24 9.41
CA THR N 55 23.46 2.50 8.49
C THR N 55 24.16 3.81 8.78
N LYS N 56 25.44 3.89 8.43
CA LYS N 56 26.19 5.11 8.52
C LYS N 56 26.96 5.33 7.24
N GLU N 57 27.10 6.58 6.83
CA GLU N 57 27.79 6.88 5.58
C GLU N 57 28.89 7.90 5.78
N ASN N 58 30.07 7.58 5.30
CA ASN N 58 31.22 8.47 5.42
C ASN N 58 31.92 8.64 4.09
N GLY N 59 31.60 9.71 3.39
CA GLY N 59 32.16 9.95 2.07
C GLY N 59 31.71 8.92 1.07
N ARG N 60 32.66 8.15 0.55
CA ARG N 60 32.36 7.15 -0.46
C ARG N 60 32.13 5.79 0.15
N LEU N 61 32.01 5.74 1.47
CA LEU N 61 31.77 4.48 2.16
C LEU N 61 30.45 4.50 2.90
N LYS N 62 29.68 3.43 2.73
CA LYS N 62 28.43 3.25 3.44
C LYS N 62 28.50 1.93 4.16
N SER N 63 28.07 1.92 5.41
CA SER N 63 28.15 0.72 6.23
C SER N 63 26.80 0.36 6.81
N ALA N 64 26.57 -0.93 6.96
CA ALA N 64 25.27 -1.41 7.43
C ALA N 64 25.43 -2.54 8.43
N PHE N 65 24.51 -2.58 9.39
CA PHE N 65 24.52 -3.62 10.41
C PHE N 65 23.11 -4.05 10.75
N ASP N 66 22.79 -5.31 10.49
CA ASP N 66 21.50 -5.85 10.87
C ASP N 66 21.72 -6.87 11.96
N SER N 67 21.46 -6.44 13.19
CA SER N 67 21.64 -7.25 14.37
C SER N 67 20.94 -8.59 14.27
N LYS N 68 19.67 -8.54 13.86
CA LYS N 68 18.85 -9.74 13.80
C LYS N 68 19.31 -10.69 12.72
N GLU N 69 19.55 -10.16 11.54
CA GLU N 69 19.91 -10.97 10.38
C GLU N 69 21.37 -11.42 10.41
N ARG N 70 22.10 -10.95 11.40
CA ARG N 70 23.46 -11.41 11.66
C ARG N 70 24.42 -11.17 10.51
N TYR N 71 24.47 -9.93 10.04
CA TYR N 71 25.44 -9.57 9.03
C TYR N 71 25.80 -8.10 9.13
N SER N 72 26.92 -7.73 8.52
CA SER N 72 27.21 -6.32 8.30
C SER N 72 27.95 -6.17 7.00
N THR N 73 27.66 -5.09 6.29
CA THR N 73 28.22 -4.87 4.96
C THR N 73 28.89 -3.53 4.82
N LEU N 74 30.00 -3.51 4.09
CA LEU N 74 30.67 -2.27 3.77
C LEU N 74 30.63 -2.10 2.27
N HIS N 75 30.15 -0.95 1.83
CA HIS N 75 29.99 -0.69 0.41
C HIS N 75 31.02 0.35 -0.02
N ILE N 76 31.76 0.05 -1.07
CA ILE N 76 32.66 1.04 -1.65
C ILE N 76 32.02 1.49 -2.94
N ARG N 77 31.91 2.79 -3.14
CA ARG N 77 31.39 3.30 -4.39
C ARG N 77 32.36 4.34 -4.92
N ASP N 78 32.43 4.47 -6.24
CA ASP N 78 33.35 5.42 -6.86
C ASP N 78 34.77 5.15 -6.37
N ALA N 79 35.15 3.88 -6.42
CA ALA N 79 36.44 3.44 -5.91
C ALA N 79 37.60 4.29 -6.41
N GLN N 80 38.47 4.70 -5.48
CA GLN N 80 39.64 5.48 -5.82
C GLN N 80 40.88 4.67 -5.54
N LEU N 81 42.03 5.23 -5.86
CA LEU N 81 43.29 4.55 -5.65
C LEU N 81 43.59 4.31 -4.17
N GLU N 82 43.34 5.32 -3.34
CA GLU N 82 43.69 5.23 -1.92
C GLU N 82 42.81 4.26 -1.14
N ASP N 83 41.77 3.75 -1.77
CA ASP N 83 40.88 2.82 -1.09
C ASP N 83 41.48 1.43 -1.04
N SER N 84 42.59 1.23 -1.75
CA SER N 84 43.27 -0.06 -1.73
C SER N 84 43.76 -0.36 -0.33
N GLY N 85 43.80 -1.64 0.03
CA GLY N 85 44.27 -2.04 1.33
C GLY N 85 43.57 -3.28 1.85
N THR N 86 43.73 -3.54 3.15
CA THR N 86 43.09 -4.68 3.77
C THR N 86 41.99 -4.21 4.72
N TYR N 87 40.79 -4.77 4.54
CA TYR N 87 39.63 -4.35 5.32
C TYR N 87 39.22 -5.37 6.36
N PHE N 88 39.06 -4.90 7.60
CA PHE N 88 38.68 -5.79 8.70
C PHE N 88 37.40 -5.31 9.36
N CYS N 89 36.55 -6.24 9.75
CA CYS N 89 35.44 -5.88 10.62
C CYS N 89 35.67 -6.50 11.98
N ALA N 90 35.18 -5.85 13.02
CA ALA N 90 35.37 -6.32 14.37
C ALA N 90 34.12 -6.06 15.19
N ALA N 91 33.65 -7.10 15.85
CA ALA N 91 32.43 -7.00 16.63
C ALA N 91 32.52 -7.93 17.84
N GLU N 92 31.81 -7.58 18.90
CA GLU N 92 31.77 -8.44 20.06
C GLU N 92 30.38 -9.00 20.25
N ALA N 93 30.31 -10.29 20.58
CA ALA N 93 29.04 -10.99 20.69
C ALA N 93 28.23 -10.35 21.80
N SER N 94 26.92 -10.45 21.68
CA SER N 94 26.04 -9.87 22.67
C SER N 94 26.13 -10.66 23.98
N ASN N 95 26.55 -11.91 23.88
CA ASN N 95 26.64 -12.78 25.03
C ASN N 95 28.06 -13.06 25.54
N THR N 96 29.05 -12.30 25.08
CA THR N 96 30.40 -12.43 25.62
C THR N 96 31.03 -11.08 25.88
N ASN N 97 32.29 -11.08 26.31
CA ASN N 97 33.02 -9.84 26.57
C ASN N 97 34.06 -9.55 25.54
N LYS N 98 34.21 -10.44 24.56
CA LYS N 98 35.38 -10.36 23.70
C LYS N 98 35.05 -9.94 22.28
N VAL N 99 35.88 -9.03 21.77
CA VAL N 99 35.81 -8.59 20.40
C VAL N 99 36.47 -9.66 19.53
N VAL N 100 35.82 -10.00 18.42
CA VAL N 100 36.35 -10.99 17.52
C VAL N 100 36.47 -10.37 16.14
N PHE N 101 37.49 -10.76 15.37
CA PHE N 101 37.78 -10.07 14.12
C PHE N 101 37.41 -10.89 12.90
N GLY N 102 37.26 -10.21 11.76
CA GLY N 102 36.95 -10.86 10.52
C GLY N 102 38.19 -11.45 9.90
N THR N 103 38.02 -12.34 8.92
CA THR N 103 39.15 -13.02 8.32
C THR N 103 39.97 -12.06 7.47
N GLY N 104 39.35 -10.95 7.07
CA GLY N 104 40.04 -9.91 6.33
C GLY N 104 39.74 -9.94 4.85
N THR N 105 39.79 -8.76 4.22
CA THR N 105 39.58 -8.61 2.78
C THR N 105 40.65 -7.74 2.14
N ARG N 106 41.37 -8.30 1.18
CA ARG N 106 42.43 -7.61 0.46
C ARG N 106 41.87 -6.95 -0.81
N LEU N 107 41.78 -5.62 -0.81
CA LEU N 107 41.21 -4.90 -1.94
C LEU N 107 42.25 -4.20 -2.78
N GLN N 108 42.27 -4.51 -4.07
CA GLN N 108 43.18 -3.87 -5.01
C GLN N 108 42.41 -3.01 -6.00
N VAL N 109 42.77 -1.73 -6.10
CA VAL N 109 42.09 -0.85 -7.03
C VAL N 109 42.96 -0.53 -8.22
N LEU N 110 42.49 -0.89 -9.40
CA LEU N 110 43.22 -0.65 -10.63
C LEU N 110 42.86 0.72 -11.19
N PRO N 111 43.88 1.53 -11.50
CA PRO N 111 43.63 2.90 -11.96
C PRO N 111 43.15 2.90 -13.39
N ASN N 112 42.44 3.94 -13.78
CA ASN N 112 42.01 4.06 -15.17
C ASN N 112 43.02 4.86 -15.98
N ILE N 113 43.73 4.18 -16.87
CA ILE N 113 44.73 4.82 -17.69
C ILE N 113 44.12 5.30 -18.99
N GLN N 114 43.93 6.62 -19.08
CA GLN N 114 43.27 7.21 -20.24
C GLN N 114 44.12 7.09 -21.51
N ASN N 115 45.39 7.45 -21.41
CA ASN N 115 46.29 7.41 -22.55
C ASN N 115 47.53 6.61 -22.23
N PRO N 116 47.48 5.30 -22.46
CA PRO N 116 48.59 4.37 -22.25
C PRO N 116 49.75 4.72 -23.15
N ASP N 117 50.96 4.77 -22.61
CA ASP N 117 52.13 5.02 -23.44
C ASP N 117 53.30 4.16 -23.01
N PRO N 118 53.14 2.83 -23.09
CA PRO N 118 54.11 1.88 -22.57
C PRO N 118 55.50 2.10 -23.11
N ALA N 119 56.48 2.20 -22.22
CA ALA N 119 57.85 2.50 -22.62
C ALA N 119 58.84 1.95 -21.62
N VAL N 120 60.06 1.70 -22.09
CA VAL N 120 61.14 1.26 -21.21
C VAL N 120 62.33 2.18 -21.35
N TYR N 121 62.72 2.81 -20.25
CA TYR N 121 63.83 3.76 -20.29
C TYR N 121 65.02 3.23 -19.50
N GLN N 122 66.20 3.81 -19.73
CA GLN N 122 67.38 3.46 -18.95
C GLN N 122 67.80 4.65 -18.09
N LEU N 123 68.10 4.38 -16.83
CA LEU N 123 68.45 5.44 -15.89
C LEU N 123 69.85 5.24 -15.33
N ARG N 124 70.62 6.32 -15.28
CA ARG N 124 72.00 6.26 -14.81
C ARG N 124 72.14 6.74 -13.36
N ASP N 125 73.14 6.22 -12.67
CA ASP N 125 73.42 6.61 -11.29
C ASP N 125 73.85 8.06 -11.19
N SER N 126 73.33 8.78 -10.20
CA SER N 126 73.75 10.16 -9.97
C SER N 126 75.15 10.20 -9.40
N ASP N 130 78.88 4.45 -12.40
CA ASP N 130 77.95 4.27 -13.51
C ASP N 130 77.07 3.03 -13.35
N LYS N 131 76.18 3.06 -12.37
CA LYS N 131 75.17 2.03 -12.22
C LYS N 131 73.98 2.35 -13.12
N SER N 132 73.12 1.37 -13.37
CA SER N 132 71.99 1.57 -14.26
C SER N 132 70.79 0.69 -13.95
N VAL N 133 69.60 1.26 -14.14
CA VAL N 133 68.35 0.53 -13.94
C VAL N 133 67.42 0.75 -15.13
N CYS N 134 66.52 -0.19 -15.35
CA CYS N 134 65.53 -0.07 -16.43
C CYS N 134 64.13 0.16 -15.86
N LEU N 135 63.42 1.11 -16.45
CA LEU N 135 62.12 1.52 -15.94
C LEU N 135 60.99 1.28 -16.93
N PHE N 136 60.17 0.26 -16.66
CA PHE N 136 58.97 0.00 -17.43
C PHE N 136 57.85 0.87 -16.90
N THR N 137 57.28 1.73 -17.75
CA THR N 137 56.30 2.70 -17.25
C THR N 137 55.18 3.04 -18.23
N ASP N 138 54.15 3.69 -17.69
CA ASP N 138 53.04 4.26 -18.44
C ASP N 138 52.17 3.25 -19.18
N PHE N 139 52.26 1.97 -18.80
CA PHE N 139 51.38 0.98 -19.40
C PHE N 139 50.05 0.92 -18.68
N ASP N 140 49.04 0.30 -19.30
CA ASP N 140 47.73 0.23 -18.67
C ASP N 140 47.68 -0.95 -17.71
N SER N 141 46.64 -0.97 -16.88
CA SER N 141 46.54 -1.95 -15.80
C SER N 141 46.28 -3.37 -16.28
N GLN N 142 46.04 -3.52 -17.58
CA GLN N 142 45.75 -4.84 -18.12
C GLN N 142 47.04 -5.63 -18.35
N THR N 143 48.17 -4.93 -18.34
CA THR N 143 49.47 -5.57 -18.50
C THR N 143 49.98 -6.08 -17.15
N ASN N 144 50.47 -7.32 -17.14
CA ASN N 144 51.00 -7.92 -15.93
C ASN N 144 52.51 -8.06 -15.94
N VAL N 145 53.14 -7.63 -14.86
CA VAL N 145 54.60 -7.70 -14.74
C VAL N 145 55.02 -9.03 -14.12
N SER N 146 55.89 -9.76 -14.81
CA SER N 146 56.31 -11.07 -14.33
C SER N 146 57.73 -11.01 -13.77
N GLN N 147 57.98 -11.83 -12.76
CA GLN N 147 59.26 -11.84 -12.06
C GLN N 147 60.39 -12.32 -12.96
N SER N 148 61.54 -11.67 -12.87
CA SER N 148 62.71 -12.07 -13.65
C SER N 148 63.24 -13.42 -13.21
N LYS N 149 63.61 -14.25 -14.18
CA LYS N 149 64.04 -15.61 -13.87
C LYS N 149 65.49 -15.68 -13.37
N ASP N 150 66.47 -15.54 -14.25
CA ASP N 150 67.88 -15.71 -13.89
C ASP N 150 68.27 -14.85 -12.69
N SER N 151 69.00 -15.45 -11.76
CA SER N 151 69.21 -14.88 -10.42
C SER N 151 70.02 -13.59 -10.35
N ASP N 152 70.51 -13.10 -11.48
CA ASP N 152 71.34 -11.91 -11.47
C ASP N 152 70.57 -10.65 -11.87
N VAL N 153 69.32 -10.82 -12.29
CA VAL N 153 68.47 -9.70 -12.61
C VAL N 153 67.27 -9.64 -11.69
N TYR N 154 66.91 -8.43 -11.25
CA TYR N 154 65.80 -8.26 -10.33
C TYR N 154 64.69 -7.44 -10.96
N ILE N 155 63.44 -7.84 -10.69
CA ILE N 155 62.28 -7.09 -11.16
C ILE N 155 61.28 -6.91 -10.04
N THR N 156 60.84 -5.68 -9.83
CA THR N 156 59.89 -5.39 -8.78
C THR N 156 58.47 -5.53 -9.28
N ASP N 157 57.52 -5.71 -8.37
CA ASP N 157 56.12 -5.74 -8.76
C ASP N 157 55.69 -4.35 -9.17
N LYS N 158 54.62 -4.26 -9.96
CA LYS N 158 54.20 -2.97 -10.48
C LYS N 158 53.66 -2.08 -9.37
N CYS N 159 53.71 -0.78 -9.60
CA CYS N 159 53.30 0.18 -8.59
C CYS N 159 52.65 1.37 -9.23
N VAL N 160 51.66 1.95 -8.58
CA VAL N 160 50.95 3.09 -9.13
C VAL N 160 51.25 4.36 -8.37
N LEU N 161 51.63 5.40 -9.10
CA LEU N 161 51.86 6.70 -8.48
C LEU N 161 50.81 7.68 -8.94
N ASP N 162 50.48 8.65 -8.09
CA ASP N 162 49.43 9.60 -8.41
C ASP N 162 49.91 11.04 -8.28
N MET N 163 50.13 11.68 -9.42
CA MET N 163 50.50 13.08 -9.43
C MET N 163 49.23 13.91 -9.34
N ARG N 164 48.77 14.11 -8.11
CA ARG N 164 47.47 14.73 -7.82
C ARG N 164 47.29 16.08 -8.48
N SER N 165 48.34 16.89 -8.44
CA SER N 165 48.30 18.24 -8.97
C SER N 165 47.89 18.27 -10.42
N MET N 166 48.35 17.27 -11.17
CA MET N 166 48.09 17.23 -12.61
C MET N 166 47.04 16.19 -12.98
N ASP N 167 46.40 15.59 -11.97
CA ASP N 167 45.34 14.62 -12.19
C ASP N 167 45.79 13.49 -13.10
N PHE N 168 46.94 12.92 -12.79
CA PHE N 168 47.57 11.91 -13.63
C PHE N 168 48.10 10.73 -12.82
N LYS N 169 47.76 9.52 -13.24
CA LYS N 169 48.26 8.31 -12.58
C LYS N 169 49.02 7.46 -13.58
N SER N 170 50.05 6.76 -13.13
CA SER N 170 50.84 5.96 -14.05
C SER N 170 51.44 4.74 -13.38
N ASN N 171 51.40 3.62 -14.08
CA ASN N 171 52.01 2.39 -13.60
C ASN N 171 53.50 2.43 -13.87
N SER N 172 54.28 1.71 -13.08
CA SER N 172 55.72 1.66 -13.29
C SER N 172 56.33 0.46 -12.60
N ALA N 173 57.37 -0.09 -13.21
CA ALA N 173 58.10 -1.20 -12.62
C ALA N 173 59.58 -1.02 -12.88
N VAL N 174 60.41 -1.42 -11.93
CA VAL N 174 61.85 -1.19 -12.04
C VAL N 174 62.61 -2.50 -12.09
N ALA N 175 63.60 -2.57 -12.97
CA ALA N 175 64.44 -3.75 -13.09
C ALA N 175 65.91 -3.37 -13.13
N TRP N 176 66.75 -4.15 -12.47
CA TRP N 176 68.19 -3.85 -12.44
C TRP N 176 69.07 -5.09 -12.34
N SER N 177 70.34 -4.92 -12.66
CA SER N 177 71.32 -6.00 -12.58
C SER N 177 72.76 -5.49 -12.61
N ASN N 178 73.69 -6.39 -12.33
CA ASN N 178 75.11 -6.08 -12.42
C ASN N 178 75.78 -6.82 -13.57
N LYS N 179 75.21 -7.96 -13.93
CA LYS N 179 75.70 -8.77 -15.04
C LYS N 179 75.84 -7.97 -16.33
N SER N 180 76.96 -8.16 -17.04
CA SER N 180 77.25 -7.39 -18.23
C SER N 180 76.39 -7.76 -19.43
N ASP N 181 75.72 -8.91 -19.34
CA ASP N 181 74.86 -9.37 -20.43
C ASP N 181 73.47 -8.73 -20.34
N PHE N 182 73.32 -7.80 -19.41
CA PHE N 182 72.02 -7.19 -19.15
C PHE N 182 71.82 -5.90 -19.93
N ALA N 183 70.73 -5.86 -20.70
CA ALA N 183 70.36 -4.67 -21.43
C ALA N 183 68.88 -4.39 -21.23
N CYS N 184 68.49 -3.13 -21.36
CA CYS N 184 67.12 -2.72 -21.16
C CYS N 184 66.18 -3.39 -22.16
N ALA N 185 66.72 -3.71 -23.33
CA ALA N 185 65.93 -4.34 -24.40
C ALA N 185 65.40 -5.70 -23.98
N ASN N 186 66.16 -6.40 -23.14
CA ASN N 186 65.79 -7.76 -22.75
C ASN N 186 65.42 -7.85 -21.28
N ALA N 187 65.24 -6.69 -20.64
CA ALA N 187 64.91 -6.65 -19.23
C ALA N 187 63.55 -7.27 -18.95
N PHE N 188 62.53 -6.78 -19.63
CA PHE N 188 61.17 -7.22 -19.38
C PHE N 188 60.68 -8.21 -20.43
N ASN N 189 61.59 -9.01 -20.95
CA ASN N 189 61.24 -10.05 -21.92
C ASN N 189 60.46 -11.17 -21.26
N ASN N 190 60.67 -11.33 -19.96
CA ASN N 190 60.01 -12.37 -19.18
C ASN N 190 58.50 -12.16 -19.10
N SER N 191 58.09 -10.92 -19.34
CA SER N 191 56.68 -10.56 -19.25
C SER N 191 56.07 -10.37 -20.62
N ILE N 192 54.75 -10.49 -20.69
CA ILE N 192 54.03 -10.17 -21.91
C ILE N 192 53.73 -8.68 -21.92
N ILE N 193 54.60 -7.92 -22.56
CA ILE N 193 54.47 -6.47 -22.60
C ILE N 193 53.70 -6.08 -23.87
N PRO N 194 53.06 -4.90 -23.85
CA PRO N 194 52.35 -4.41 -25.03
C PRO N 194 53.23 -4.39 -26.28
N GLU N 195 52.65 -4.72 -27.43
CA GLU N 195 53.41 -4.82 -28.67
C GLU N 195 54.05 -3.50 -29.06
N ASP N 196 53.35 -2.40 -28.81
CA ASP N 196 53.86 -1.09 -29.18
C ASP N 196 54.63 -0.44 -28.03
N THR N 197 55.34 -1.26 -27.27
CA THR N 197 56.16 -0.76 -26.17
C THR N 197 57.34 0.01 -26.75
N PHE N 198 57.46 1.27 -26.36
CA PHE N 198 58.50 2.14 -26.90
C PHE N 198 59.88 1.86 -26.31
N PHE N 199 60.82 1.53 -27.18
CA PHE N 199 62.20 1.25 -26.76
C PHE N 199 63.17 2.23 -27.38
N PRO N 200 63.47 3.32 -26.65
CA PRO N 200 64.37 4.41 -27.03
C PRO N 200 65.81 4.00 -27.30
N SER N 201 66.61 4.96 -27.76
CA SER N 201 68.03 4.76 -28.01
C SER N 201 68.29 3.69 -29.06
N LYS O 25 44.75 9.86 18.60
CA LYS O 25 45.97 9.28 18.05
C LYS O 25 46.50 8.20 18.97
N VAL O 26 47.01 7.11 18.39
CA VAL O 26 47.69 6.10 19.19
C VAL O 26 49.11 5.88 18.71
N ILE O 27 50.08 6.05 19.61
CA ILE O 27 51.49 5.99 19.23
C ILE O 27 52.18 4.72 19.69
N GLN O 28 52.52 3.84 18.76
CA GLN O 28 53.31 2.66 19.10
C GLN O 28 54.75 2.79 18.66
N THR O 29 55.66 2.50 19.59
CA THR O 29 57.09 2.52 19.30
C THR O 29 57.74 1.26 19.86
N PRO O 30 58.68 0.69 19.12
CA PRO O 30 59.13 1.14 17.81
C PRO O 30 58.29 0.55 16.68
N ARG O 31 58.41 1.10 15.48
CA ARG O 31 57.67 0.60 14.33
C ARG O 31 58.10 -0.83 14.02
N TYR O 32 59.40 -1.05 14.00
CA TYR O 32 59.97 -2.38 13.78
C TYR O 32 60.89 -2.75 14.93
N LEU O 33 61.15 -4.04 15.09
CA LEU O 33 62.09 -4.50 16.10
C LEU O 33 62.67 -5.87 15.77
N VAL O 34 63.99 -5.99 15.87
CA VAL O 34 64.67 -7.26 15.66
C VAL O 34 65.49 -7.62 16.90
N LYS O 35 65.34 -8.86 17.36
CA LYS O 35 66.04 -9.31 18.56
C LYS O 35 66.58 -10.72 18.38
N GLY O 36 67.63 -11.06 19.11
CA GLY O 36 68.20 -12.38 19.08
C GLY O 36 67.51 -13.33 20.03
N GLN O 37 67.45 -14.61 19.65
CA GLN O 37 66.76 -15.63 20.42
C GLN O 37 67.21 -15.66 21.88
N GLY O 38 66.26 -15.46 22.79
CA GLY O 38 66.55 -15.46 24.20
C GLY O 38 66.63 -14.07 24.79
N GLN O 39 66.74 -13.06 23.93
CA GLN O 39 66.81 -11.68 24.38
C GLN O 39 65.46 -11.16 24.81
N LYS O 40 65.45 -10.02 25.49
CA LYS O 40 64.21 -9.35 25.86
C LYS O 40 63.70 -8.47 24.73
N ALA O 41 62.38 -8.42 24.58
CA ALA O 41 61.75 -7.58 23.57
C ALA O 41 60.69 -6.69 24.20
N LYS O 42 61.02 -5.43 24.41
CA LYS O 42 60.09 -4.47 24.99
C LYS O 42 59.61 -3.45 23.96
N MET O 43 58.30 -3.24 23.91
CA MET O 43 57.69 -2.24 23.02
C MET O 43 56.73 -1.35 23.81
N ARG O 44 56.55 -0.12 23.34
CA ARG O 44 55.79 0.87 24.10
C ARG O 44 54.54 1.36 23.36
N CYS O 45 53.58 1.90 24.11
CA CYS O 45 52.33 2.39 23.54
C CYS O 45 51.73 3.57 24.29
N ILE O 46 51.40 4.63 23.58
CA ILE O 46 50.71 5.77 24.17
C ILE O 46 49.24 5.83 23.75
N PRO O 47 48.32 5.46 24.66
CA PRO O 47 46.89 5.52 24.36
C PRO O 47 46.41 6.94 24.08
N GLU O 48 45.26 7.06 23.44
CA GLU O 48 44.67 8.35 23.11
C GLU O 48 44.44 9.16 24.38
N LYS O 49 44.43 10.48 24.25
CA LYS O 49 44.21 11.36 25.40
C LYS O 49 42.84 11.10 25.99
N GLY O 50 42.80 10.80 27.27
CA GLY O 50 41.54 10.56 27.97
C GLY O 50 41.10 9.12 27.87
N HIS O 51 41.91 8.29 27.22
CA HIS O 51 41.58 6.88 27.02
C HIS O 51 42.19 6.02 28.11
N PRO O 52 41.35 5.49 29.01
CA PRO O 52 41.81 4.67 30.13
C PRO O 52 42.01 3.21 29.76
N VAL O 53 41.34 2.77 28.70
CA VAL O 53 41.37 1.36 28.33
C VAL O 53 42.45 1.07 27.30
N VAL O 54 43.26 0.04 27.51
CA VAL O 54 44.30 -0.31 26.56
C VAL O 54 44.34 -1.80 26.28
N PHE O 55 44.40 -2.18 25.00
CA PHE O 55 44.43 -3.57 24.59
C PHE O 55 45.74 -3.93 23.90
N TRP O 56 46.21 -5.16 24.08
CA TRP O 56 47.37 -5.66 23.35
C TRP O 56 47.02 -6.90 22.55
N TYR O 57 47.17 -6.81 21.23
CA TYR O 57 46.88 -7.92 20.34
C TYR O 57 48.13 -8.36 19.58
N GLN O 58 48.23 -9.65 19.30
CA GLN O 58 49.34 -10.17 18.51
C GLN O 58 48.84 -10.71 17.17
N GLN O 59 49.18 -10.02 16.09
CA GLN O 59 48.73 -10.44 14.76
C GLN O 59 49.83 -11.16 14.01
N ASN O 60 49.50 -12.34 13.47
CA ASN O 60 50.45 -13.12 12.69
C ASN O 60 50.35 -12.84 11.19
N LYS O 61 50.98 -13.69 10.40
CA LYS O 61 51.00 -13.52 8.95
C LYS O 61 49.65 -13.82 8.31
N ASN O 62 48.80 -14.55 9.03
CA ASN O 62 47.53 -14.99 8.48
C ASN O 62 46.40 -14.03 8.84
N ASN O 63 46.79 -12.83 9.28
CA ASN O 63 45.84 -11.80 9.69
C ASN O 63 44.90 -12.26 10.80
N GLU O 64 45.42 -13.13 11.68
CA GLU O 64 44.65 -13.56 12.83
C GLU O 64 45.01 -12.68 14.02
N PHE O 65 44.00 -12.26 14.78
CA PHE O 65 44.23 -11.40 15.92
C PHE O 65 44.15 -12.18 17.22
N LYS O 66 45.30 -12.39 17.84
CA LYS O 66 45.35 -13.13 19.09
C LYS O 66 45.46 -12.16 20.25
N PHE O 67 44.47 -12.23 21.16
CA PHE O 67 44.42 -11.37 22.32
C PHE O 67 45.50 -11.70 23.34
N LEU O 68 46.18 -10.68 23.85
CA LEU O 68 47.20 -10.88 24.88
C LEU O 68 46.75 -10.42 26.26
N ILE O 69 46.52 -9.12 26.42
CA ILE O 69 46.16 -8.56 27.71
C ILE O 69 45.51 -7.19 27.55
N ASN O 70 44.55 -6.88 28.40
CA ASN O 70 43.96 -5.54 28.39
C ASN O 70 43.97 -4.90 29.76
N PHE O 71 44.14 -3.59 29.77
CA PHE O 71 44.23 -2.80 30.99
C PHE O 71 43.09 -1.81 31.06
N GLN O 72 42.76 -1.36 32.27
CA GLN O 72 42.16 -0.05 32.41
C GLN O 72 42.99 0.78 33.36
N ASN O 73 43.57 1.86 32.86
CA ASN O 73 44.57 2.61 33.60
C ASN O 73 45.66 1.65 34.00
N GLN O 74 45.88 1.47 35.31
CA GLN O 74 46.97 0.61 35.75
C GLN O 74 46.51 -0.81 35.99
N GLU O 75 45.20 -1.00 36.12
CA GLU O 75 44.65 -2.29 36.52
C GLU O 75 44.48 -3.23 35.34
N VAL O 76 44.91 -4.47 35.52
CA VAL O 76 44.74 -5.50 34.50
C VAL O 76 43.37 -6.16 34.56
N LEU O 77 42.59 -6.05 33.50
CA LEU O 77 41.25 -6.62 33.47
C LEU O 77 41.23 -8.09 33.07
N GLN O 78 42.06 -8.47 32.10
CA GLN O 78 42.09 -9.84 31.61
C GLN O 78 43.42 -10.16 30.96
N GLN O 79 43.81 -11.43 30.98
CA GLN O 79 45.02 -11.87 30.28
C GLN O 79 44.99 -13.36 30.06
N ILE O 80 45.87 -13.86 29.19
CA ILE O 80 45.95 -15.28 28.92
C ILE O 80 47.14 -15.93 29.64
N ASP O 81 47.23 -17.25 29.55
CA ASP O 81 48.28 -18.00 30.23
C ASP O 81 49.68 -17.65 29.74
N MET O 82 49.84 -17.50 28.43
CA MET O 82 51.14 -17.22 27.83
C MET O 82 51.70 -15.87 28.27
N THR O 83 50.85 -14.85 28.25
CA THR O 83 51.24 -13.50 28.62
C THR O 83 51.62 -13.39 30.10
N GLU O 84 51.03 -14.26 30.93
CA GLU O 84 51.28 -14.23 32.36
C GLU O 84 52.68 -14.72 32.74
N LYS O 85 53.12 -15.80 32.11
CA LYS O 85 54.41 -16.39 32.40
C LYS O 85 55.54 -15.85 31.51
N ARG O 86 55.24 -15.61 30.24
CA ARG O 86 56.27 -15.29 29.26
C ARG O 86 56.37 -13.79 28.93
N PHE O 87 55.30 -13.04 29.21
CA PHE O 87 55.29 -11.61 28.91
C PHE O 87 55.20 -10.78 30.18
N SER O 88 55.67 -9.54 30.12
CA SER O 88 55.52 -8.60 31.22
C SER O 88 54.98 -7.27 30.73
N ALA O 89 53.82 -6.87 31.25
CA ALA O 89 53.19 -5.64 30.81
C ALA O 89 52.75 -4.76 31.97
N GLU O 90 52.87 -3.45 31.79
CA GLU O 90 52.39 -2.50 32.78
C GLU O 90 51.91 -1.22 32.12
N CYS O 91 50.95 -0.55 32.74
CA CYS O 91 50.47 0.73 32.25
C CYS O 91 50.59 1.79 33.34
N PRO O 92 51.81 2.31 33.54
CA PRO O 92 52.07 3.28 34.59
C PRO O 92 51.30 4.57 34.39
N SER O 93 50.96 5.26 35.47
CA SER O 93 50.24 6.52 35.36
C SER O 93 51.10 7.58 34.70
N ASN O 94 50.51 8.29 33.75
CA ASN O 94 51.21 9.33 33.00
C ASN O 94 52.53 8.84 32.41
N SER O 95 52.55 7.59 31.99
CA SER O 95 53.73 6.98 31.40
C SER O 95 53.32 5.98 30.33
N PRO O 96 54.17 5.76 29.32
CA PRO O 96 53.84 4.84 28.23
C PRO O 96 53.56 3.43 28.72
N CYS O 97 52.49 2.81 28.22
CA CYS O 97 52.23 1.42 28.49
C CYS O 97 53.33 0.60 27.84
N SER O 98 53.63 -0.56 28.40
CA SER O 98 54.71 -1.37 27.85
C SER O 98 54.38 -2.85 27.83
N LEU O 99 54.92 -3.55 26.84
CA LEU O 99 54.84 -4.99 26.79
C LEU O 99 56.21 -5.56 26.51
N GLU O 100 56.68 -6.46 27.36
CA GLU O 100 58.04 -6.97 27.25
C GLU O 100 58.06 -8.49 27.25
N ILE O 101 58.74 -9.06 26.26
CA ILE O 101 58.95 -10.50 26.23
C ILE O 101 60.23 -10.84 26.99
N GLN O 102 60.13 -11.72 27.97
CA GLN O 102 61.28 -12.05 28.79
C GLN O 102 62.35 -12.79 27.99
N SER O 103 61.95 -13.87 27.33
CA SER O 103 62.88 -14.62 26.49
C SER O 103 62.28 -14.85 25.12
N SER O 104 62.76 -14.10 24.14
CA SER O 104 62.23 -14.18 22.79
C SER O 104 62.57 -15.51 22.14
N GLU O 105 61.61 -16.05 21.38
CA GLU O 105 61.84 -17.24 20.57
C GLU O 105 61.20 -17.06 19.21
N ALA O 106 61.49 -17.96 18.28
CA ALA O 106 61.08 -17.83 16.89
C ALA O 106 59.57 -17.64 16.74
N GLY O 107 58.81 -18.29 17.60
CA GLY O 107 57.37 -18.21 17.55
C GLY O 107 56.80 -16.85 17.90
N ASP O 108 57.63 -15.98 18.46
CA ASP O 108 57.17 -14.67 18.87
C ASP O 108 57.23 -13.63 17.77
N SER O 109 57.68 -14.02 16.59
CA SER O 109 57.74 -13.12 15.45
C SER O 109 56.35 -12.80 14.91
N ALA O 110 55.90 -11.56 15.13
CA ALA O 110 54.57 -11.15 14.70
C ALA O 110 54.38 -9.64 14.84
N LEU O 111 53.17 -9.17 14.51
CA LEU O 111 52.80 -7.78 14.69
C LEU O 111 52.03 -7.57 15.98
N TYR O 112 52.55 -6.72 16.86
CA TYR O 112 51.89 -6.47 18.13
C TYR O 112 51.14 -5.15 18.07
N LEU O 113 49.83 -5.21 18.26
CA LEU O 113 48.99 -4.03 18.10
C LEU O 113 48.46 -3.51 19.43
N CYS O 114 48.52 -2.20 19.61
CA CYS O 114 47.96 -1.56 20.80
C CYS O 114 46.75 -0.72 20.46
N ALA O 115 45.65 -0.90 21.20
CA ALA O 115 44.41 -0.19 20.93
C ALA O 115 43.80 0.42 22.20
N SER O 116 43.38 1.67 22.14
CA SER O 116 42.82 2.33 23.31
C SER O 116 41.34 2.63 23.16
N SER O 117 40.60 2.53 24.26
CA SER O 117 39.19 2.85 24.26
C SER O 117 38.88 3.87 25.35
N LEU O 118 37.60 4.23 25.48
CA LEU O 118 37.19 5.22 26.46
C LEU O 118 36.31 4.52 27.48
N ASN O 119 35.54 3.56 27.00
CA ASN O 119 34.55 2.86 27.81
C ASN O 119 34.77 1.36 27.76
N ASN O 120 34.97 0.74 28.92
CA ASN O 120 35.20 -0.69 28.98
C ASN O 120 34.06 -1.49 28.35
N ALA O 121 32.86 -0.92 28.42
CA ALA O 121 31.68 -1.56 27.86
C ALA O 121 31.42 -1.10 26.45
N ASN O 122 32.39 -1.30 25.56
CA ASN O 122 32.31 -0.71 24.25
C ASN O 122 33.29 -1.33 23.26
N SER O 123 33.23 -0.87 22.02
CA SER O 123 34.19 -1.25 21.02
C SER O 123 35.00 0.00 20.74
N ASP O 124 34.89 0.51 19.53
CA ASP O 124 35.55 1.75 19.16
C ASP O 124 37.02 1.75 19.53
N TYR O 125 37.70 0.66 19.17
CA TYR O 125 39.15 0.62 19.28
C TYR O 125 39.74 1.65 18.32
N THR O 126 40.89 2.21 18.66
CA THR O 126 41.64 2.98 17.66
C THR O 126 43.08 2.49 17.69
N PHE O 127 43.50 1.78 16.65
CA PHE O 127 44.79 1.10 16.68
C PHE O 127 45.97 2.04 16.47
N GLY O 128 47.12 1.62 16.97
CA GLY O 128 48.37 2.31 16.76
C GLY O 128 49.09 1.84 15.51
N SER O 129 50.27 2.39 15.29
CA SER O 129 51.07 2.05 14.12
C SER O 129 51.52 0.60 14.16
N GLY O 130 51.60 0.04 15.36
CA GLY O 130 51.98 -1.34 15.53
C GLY O 130 53.48 -1.56 15.59
N THR O 131 53.88 -2.64 16.25
CA THR O 131 55.28 -3.00 16.34
C THR O 131 55.56 -4.33 15.66
N ARG O 132 56.38 -4.30 14.62
CA ARG O 132 56.77 -5.52 13.93
C ARG O 132 57.99 -6.11 14.59
N LEU O 133 57.83 -7.28 15.20
CA LEU O 133 58.92 -7.91 15.94
C LEU O 133 59.44 -9.15 15.24
N LEU O 134 60.75 -9.22 15.05
CA LEU O 134 61.38 -10.39 14.46
C LEU O 134 62.42 -11.04 15.37
N VAL O 135 62.28 -12.34 15.59
CA VAL O 135 63.25 -13.10 16.37
C VAL O 135 64.05 -14.03 15.49
N ILE O 136 65.36 -13.88 15.51
CA ILE O 136 66.26 -14.74 14.74
C ILE O 136 67.36 -15.28 15.63
N GLU O 137 68.00 -16.36 15.18
CA GLU O 137 69.05 -17.01 15.94
C GLU O 137 70.33 -16.16 16.03
N ASP O 138 70.82 -15.69 14.90
CA ASP O 138 72.11 -15.01 14.85
C ASP O 138 71.97 -13.57 14.39
N LEU O 139 72.49 -12.64 15.17
CA LEU O 139 72.40 -11.22 14.86
C LEU O 139 73.51 -10.76 13.91
N LYS O 140 74.36 -11.70 13.51
CA LYS O 140 75.47 -11.39 12.61
C LYS O 140 75.02 -11.28 11.17
N ASN O 141 73.75 -11.61 10.93
CA ASN O 141 73.19 -11.58 9.59
C ASN O 141 72.60 -10.22 9.27
N VAL O 142 72.66 -9.30 10.22
CA VAL O 142 72.07 -7.98 10.08
C VAL O 142 72.93 -7.04 9.25
N PHE O 143 72.34 -6.47 8.19
CA PHE O 143 73.06 -5.56 7.32
C PHE O 143 72.26 -4.29 7.07
N PRO O 144 72.93 -3.13 7.09
CA PRO O 144 72.30 -1.87 6.72
C PRO O 144 72.13 -1.78 5.20
N PRO O 145 71.20 -0.93 4.73
CA PRO O 145 70.90 -0.85 3.30
C PRO O 145 71.82 0.09 2.53
N GLU O 146 72.21 -0.31 1.32
CA GLU O 146 72.92 0.59 0.42
C GLU O 146 71.92 1.32 -0.47
N VAL O 147 72.01 2.64 -0.48
CA VAL O 147 71.02 3.46 -1.17
C VAL O 147 71.60 4.17 -2.39
N ALA O 148 70.93 4.05 -3.53
CA ALA O 148 71.40 4.66 -4.76
C ALA O 148 70.25 5.31 -5.55
N VAL O 149 70.45 6.56 -5.97
CA VAL O 149 69.44 7.28 -6.74
C VAL O 149 69.81 7.32 -8.21
N PHE O 150 68.85 7.01 -9.07
CA PHE O 150 69.09 6.98 -10.51
C PHE O 150 68.36 8.13 -11.20
N GLU O 151 69.11 8.84 -12.05
CA GLU O 151 68.62 10.06 -12.68
C GLU O 151 67.68 9.79 -13.87
N PRO O 152 66.72 10.70 -14.10
CA PRO O 152 65.73 10.58 -15.18
C PRO O 152 66.38 10.32 -16.53
N SER O 153 65.78 9.44 -17.31
CA SER O 153 66.23 9.18 -18.67
C SER O 153 65.87 10.36 -19.58
N GLU O 154 66.79 10.70 -20.47
CA GLU O 154 66.56 11.79 -21.40
C GLU O 154 65.44 11.42 -22.36
N ALA O 155 65.32 10.13 -22.61
CA ALA O 155 64.28 9.61 -23.50
C ALA O 155 62.89 9.90 -22.96
N GLU O 156 62.69 9.61 -21.68
CA GLU O 156 61.41 9.82 -21.02
C GLU O 156 60.98 11.27 -21.10
N ILE O 157 61.96 12.16 -20.95
CA ILE O 157 61.70 13.59 -20.95
C ILE O 157 61.19 14.04 -22.31
N SER O 158 61.79 13.50 -23.36
CA SER O 158 61.42 13.85 -24.72
C SER O 158 60.06 13.30 -25.11
N HIS O 159 59.81 12.06 -24.71
CA HIS O 159 58.60 11.34 -25.12
C HIS O 159 57.34 11.75 -24.35
N THR O 160 57.49 12.06 -23.06
CA THR O 160 56.33 12.23 -22.19
C THR O 160 56.25 13.55 -21.45
N GLN O 161 57.34 14.31 -21.45
CA GLN O 161 57.44 15.55 -20.70
C GLN O 161 57.23 15.33 -19.19
N LYS O 162 57.64 14.15 -18.73
CA LYS O 162 57.66 13.86 -17.30
C LYS O 162 58.96 13.16 -16.95
N ALA O 163 59.38 13.27 -15.69
CA ALA O 163 60.67 12.73 -15.28
C ALA O 163 60.55 11.84 -14.06
N THR O 164 60.93 10.58 -14.20
CA THR O 164 60.82 9.62 -13.11
C THR O 164 62.16 9.31 -12.47
N LEU O 165 62.30 9.63 -11.20
CA LEU O 165 63.51 9.30 -10.45
C LEU O 165 63.34 7.95 -9.77
N VAL O 166 64.40 7.14 -9.74
CA VAL O 166 64.33 5.83 -9.12
C VAL O 166 65.35 5.65 -8.00
N CYS O 167 64.89 5.23 -6.83
CA CYS O 167 65.77 4.95 -5.71
C CYS O 167 65.85 3.45 -5.44
N LEU O 168 67.04 2.95 -5.19
CA LEU O 168 67.23 1.53 -4.91
C LEU O 168 67.92 1.32 -3.57
N ALA O 169 67.29 0.54 -2.70
CA ALA O 169 67.92 0.14 -1.46
C ALA O 169 68.27 -1.35 -1.53
N THR O 170 69.54 -1.68 -1.33
CA THR O 170 70.00 -3.05 -1.53
C THR O 170 70.85 -3.59 -0.39
N GLY O 171 70.81 -4.91 -0.24
CA GLY O 171 71.71 -5.61 0.66
C GLY O 171 71.41 -5.39 2.13
N PHE O 172 70.14 -5.18 2.48
CA PHE O 172 69.80 -4.99 3.88
C PHE O 172 69.10 -6.20 4.47
N TYR O 173 69.12 -6.28 5.80
CA TYR O 173 68.45 -7.34 6.54
C TYR O 173 68.25 -6.89 7.98
N PRO O 174 67.08 -7.15 8.55
CA PRO O 174 65.91 -7.75 7.91
C PRO O 174 65.11 -6.73 7.10
N ASP O 175 63.93 -7.13 6.61
CA ASP O 175 63.12 -6.25 5.77
C ASP O 175 62.39 -5.17 6.56
N HIS O 176 63.14 -4.46 7.41
CA HIS O 176 62.56 -3.44 8.27
C HIS O 176 63.03 -2.05 7.87
N VAL O 177 62.46 -1.48 6.83
CA VAL O 177 62.87 -0.17 6.36
C VAL O 177 61.68 0.75 6.11
N GLU O 178 61.93 2.05 6.15
CA GLU O 178 60.90 3.03 5.79
C GLU O 178 61.49 4.07 4.83
N LEU O 179 61.01 4.04 3.59
CA LEU O 179 61.56 4.88 2.53
C LEU O 179 60.73 6.15 2.34
N SER O 180 61.40 7.26 2.07
CA SER O 180 60.70 8.53 1.85
C SER O 180 61.45 9.40 0.84
N TRP O 181 60.71 10.24 0.13
CA TRP O 181 61.32 11.16 -0.83
C TRP O 181 61.32 12.60 -0.31
N TRP O 182 62.49 13.24 -0.39
CA TRP O 182 62.64 14.61 0.09
C TRP O 182 63.06 15.56 -1.02
N VAL O 183 62.16 16.47 -1.38
CA VAL O 183 62.45 17.50 -2.36
C VAL O 183 62.64 18.85 -1.70
N ASN O 184 63.85 19.38 -1.81
CA ASN O 184 64.22 20.66 -1.21
C ASN O 184 63.93 20.71 0.28
N GLY O 185 64.32 19.66 1.00
CA GLY O 185 64.23 19.64 2.44
C GLY O 185 62.85 19.37 2.99
N LYS O 186 61.90 19.06 2.12
CA LYS O 186 60.53 18.75 2.54
C LYS O 186 60.07 17.39 2.04
N GLU O 187 59.51 16.59 2.93
CA GLU O 187 58.99 15.28 2.57
C GLU O 187 57.81 15.44 1.62
N VAL O 188 57.80 14.66 0.54
CA VAL O 188 56.71 14.72 -0.43
C VAL O 188 56.03 13.38 -0.62
N HIS O 189 54.77 13.40 -1.06
CA HIS O 189 54.02 12.16 -1.26
C HIS O 189 53.38 12.07 -2.64
N SER O 190 53.00 13.21 -3.20
CA SER O 190 52.41 13.23 -4.53
C SER O 190 53.43 12.72 -5.55
N GLY O 191 53.00 11.78 -6.38
CA GLY O 191 53.88 11.25 -7.40
C GLY O 191 54.91 10.29 -6.85
N VAL O 192 54.70 9.83 -5.62
CA VAL O 192 55.62 8.90 -5.01
C VAL O 192 55.04 7.49 -5.04
N CYS O 193 55.88 6.52 -5.40
CA CYS O 193 55.45 5.13 -5.46
C CYS O 193 56.53 4.23 -4.89
N THR O 194 56.18 3.47 -3.86
CA THR O 194 57.14 2.56 -3.24
C THR O 194 56.61 1.14 -3.27
N ASP O 195 57.48 0.18 -3.54
CA ASP O 195 57.11 -1.23 -3.56
C ASP O 195 56.37 -1.63 -2.29
N PRO O 196 55.33 -2.44 -2.43
CA PRO O 196 54.58 -2.90 -1.26
C PRO O 196 55.48 -3.70 -0.33
N GLN O 197 56.13 -4.71 -0.88
CA GLN O 197 57.02 -5.57 -0.10
C GLN O 197 58.37 -5.69 -0.76
N PRO O 198 59.45 -5.43 0.00
CA PRO O 198 60.81 -5.60 -0.51
C PRO O 198 61.11 -7.05 -0.85
N LEU O 199 61.85 -7.27 -1.93
CA LEU O 199 62.10 -8.62 -2.41
C LEU O 199 63.42 -9.19 -1.92
N LYS O 200 63.48 -10.51 -1.81
CA LYS O 200 64.71 -11.19 -1.44
C LYS O 200 65.69 -11.13 -2.60
N GLU O 201 66.93 -10.74 -2.30
CA GLU O 201 67.98 -10.68 -3.32
C GLU O 201 68.36 -12.09 -3.73
N GLN O 202 68.13 -13.04 -2.83
CA GLN O 202 68.37 -14.45 -3.10
C GLN O 202 67.24 -15.29 -2.52
N PRO O 203 66.21 -15.55 -3.33
CA PRO O 203 65.03 -16.32 -2.92
C PRO O 203 65.37 -17.69 -2.37
N ALA O 204 66.27 -18.41 -3.05
CA ALA O 204 66.80 -19.65 -2.51
C ALA O 204 67.62 -19.32 -1.27
N LEU O 205 67.64 -20.24 -0.31
CA LEU O 205 68.29 -20.04 0.99
C LEU O 205 67.48 -19.10 1.85
N ASN O 206 67.76 -19.10 3.16
CA ASN O 206 67.03 -18.25 4.09
C ASN O 206 67.95 -17.19 4.69
N ASP O 207 67.34 -16.23 5.38
CA ASP O 207 68.05 -15.10 5.97
C ASP O 207 68.66 -14.23 4.89
N SER O 208 68.15 -14.39 3.67
CA SER O 208 68.64 -13.64 2.53
C SER O 208 68.41 -12.16 2.72
N ARG O 209 69.37 -11.35 2.27
CA ARG O 209 69.26 -9.90 2.37
C ARG O 209 68.22 -9.41 1.38
N TYR O 210 67.66 -8.23 1.63
CA TYR O 210 66.51 -7.76 0.86
C TYR O 210 66.81 -6.56 -0.03
N ALA O 211 65.90 -6.28 -0.95
CA ALA O 211 66.02 -5.13 -1.84
C ALA O 211 64.67 -4.42 -1.96
N LEU O 212 64.72 -3.09 -2.08
CA LEU O 212 63.52 -2.28 -2.16
C LEU O 212 63.69 -1.08 -3.09
N SER O 213 62.72 -0.86 -3.97
CA SER O 213 62.80 0.24 -4.92
C SER O 213 61.68 1.27 -4.74
N SER O 214 61.87 2.45 -5.30
CA SER O 214 60.87 3.51 -5.24
C SER O 214 60.99 4.47 -6.40
N ARG O 215 59.88 5.12 -6.77
CA ARG O 215 59.90 6.08 -7.86
C ARG O 215 59.36 7.44 -7.43
N LEU O 216 59.92 8.50 -7.99
CA LEU O 216 59.38 9.83 -7.80
C LEU O 216 59.25 10.52 -9.15
N ARG O 217 58.03 10.79 -9.56
CA ARG O 217 57.81 11.39 -10.85
C ARG O 217 57.34 12.83 -10.73
N VAL O 218 58.05 13.74 -11.40
CA VAL O 218 57.67 15.13 -11.47
C VAL O 218 57.77 15.62 -12.91
N SER O 219 57.20 16.78 -13.19
CA SER O 219 57.24 17.35 -14.53
C SER O 219 58.68 17.59 -14.96
N ALA O 220 58.92 17.51 -16.26
CA ALA O 220 60.26 17.68 -16.81
C ALA O 220 60.86 19.03 -16.47
N THR O 221 60.05 20.07 -16.57
CA THR O 221 60.51 21.43 -16.33
C THR O 221 61.01 21.58 -14.90
N PHE O 222 60.40 20.84 -13.99
CA PHE O 222 60.81 20.90 -12.60
C PHE O 222 62.16 20.20 -12.43
N TRP O 223 62.36 19.12 -13.17
CA TRP O 223 63.61 18.38 -13.09
C TRP O 223 64.75 19.11 -13.78
N GLN O 224 64.42 19.92 -14.77
CA GLN O 224 65.46 20.62 -15.54
C GLN O 224 65.93 21.89 -14.85
N ASN O 225 65.38 22.18 -13.68
CA ASN O 225 65.84 23.29 -12.87
C ASN O 225 66.89 22.80 -11.88
N PRO O 226 68.15 23.21 -12.07
CA PRO O 226 69.28 22.71 -11.28
C PRO O 226 69.26 23.15 -9.81
N ARG O 227 68.38 24.09 -9.47
CA ARG O 227 68.30 24.57 -8.10
C ARG O 227 67.48 23.63 -7.22
N ASN O 228 66.71 22.75 -7.86
CA ASN O 228 65.87 21.80 -7.14
C ASN O 228 66.65 20.57 -6.69
N HIS O 229 66.50 20.21 -5.42
CA HIS O 229 67.28 19.12 -4.84
C HIS O 229 66.42 17.94 -4.43
N PHE O 230 66.82 16.76 -4.87
CA PHE O 230 66.08 15.54 -4.57
C PHE O 230 66.87 14.62 -3.66
N ARG O 231 66.22 14.13 -2.62
CA ARG O 231 66.88 13.20 -1.70
C ARG O 231 65.98 12.02 -1.35
N CYS O 232 66.54 10.84 -1.52
CA CYS O 232 65.87 9.59 -1.16
C CYS O 232 66.38 9.13 0.20
N GLN O 233 65.50 9.11 1.20
CA GLN O 233 65.90 8.80 2.57
C GLN O 233 65.33 7.46 3.04
N VAL O 234 66.20 6.61 3.55
CA VAL O 234 65.79 5.30 4.04
C VAL O 234 66.11 5.10 5.52
N GLN O 235 65.08 4.93 6.33
CA GLN O 235 65.27 4.64 7.75
C GLN O 235 65.40 3.15 7.98
N PHE O 236 66.53 2.73 8.50
CA PHE O 236 66.76 1.31 8.77
C PHE O 236 66.60 1.02 10.24
N TYR O 237 65.91 -0.07 10.56
CA TYR O 237 65.70 -0.48 11.94
C TYR O 237 66.54 -1.70 12.28
N GLY O 238 67.59 -1.50 13.06
CA GLY O 238 68.47 -2.58 13.42
C GLY O 238 68.80 -2.63 14.91
N LEU O 239 70.08 -2.77 15.21
CA LEU O 239 70.54 -2.93 16.58
C LEU O 239 70.59 -1.59 17.31
N SER O 240 70.73 -1.65 18.63
CA SER O 240 70.86 -0.45 19.44
C SER O 240 72.27 -0.36 20.02
N GLU O 241 72.57 0.75 20.68
CA GLU O 241 73.90 0.98 21.22
C GLU O 241 74.27 -0.06 22.28
N ASN O 242 73.26 -0.57 22.99
CA ASN O 242 73.48 -1.53 24.06
C ASN O 242 73.82 -2.93 23.55
N ASP O 243 73.31 -3.27 22.37
CA ASP O 243 73.57 -4.58 21.79
C ASP O 243 75.06 -4.76 21.54
N GLU O 244 75.56 -5.96 21.80
CA GLU O 244 76.98 -6.24 21.62
C GLU O 244 77.32 -6.49 20.16
N TRP O 245 78.51 -6.08 19.76
CA TRP O 245 78.96 -6.22 18.38
C TRP O 245 80.46 -6.44 18.32
N THR O 246 80.87 -7.63 17.90
CA THR O 246 82.28 -8.01 17.90
C THR O 246 82.80 -8.31 16.50
N GLN O 247 82.09 -7.85 15.48
CA GLN O 247 82.51 -8.09 14.11
C GLN O 247 83.44 -6.99 13.60
N ASP O 248 84.14 -7.28 12.51
CA ASP O 248 85.06 -6.31 11.91
C ASP O 248 84.26 -5.15 11.31
N ARG O 249 83.28 -5.48 10.49
CA ARG O 249 82.46 -4.48 9.82
C ARG O 249 81.70 -3.62 10.82
N ALA O 250 81.19 -2.48 10.34
CA ALA O 250 80.51 -1.50 11.19
C ALA O 250 79.28 -2.08 11.87
N LYS O 251 78.99 -1.56 13.06
CA LYS O 251 77.82 -1.96 13.83
C LYS O 251 76.52 -1.56 13.12
N PRO O 252 75.71 -2.54 12.72
CA PRO O 252 74.47 -2.30 11.98
C PRO O 252 73.35 -1.79 12.88
N VAL O 253 73.50 -0.55 13.33
CA VAL O 253 72.52 0.05 14.23
C VAL O 253 71.36 0.68 13.48
N THR O 254 70.33 1.06 14.23
CA THR O 254 69.26 1.88 13.69
C THR O 254 69.87 3.15 13.16
N GLN O 255 69.60 3.46 11.89
CA GLN O 255 70.30 4.53 11.20
C GLN O 255 69.59 4.98 9.93
N ILE O 256 69.93 6.18 9.46
CA ILE O 256 69.41 6.68 8.20
C ILE O 256 70.45 6.53 7.08
N VAL O 257 70.07 5.88 5.99
CA VAL O 257 70.95 5.78 4.83
C VAL O 257 70.32 6.50 3.65
N SER O 258 71.03 7.47 3.10
CA SER O 258 70.47 8.34 2.07
C SER O 258 71.26 8.37 0.78
N ALA O 259 70.59 8.79 -0.29
CA ALA O 259 71.24 9.11 -1.55
C ALA O 259 70.52 10.30 -2.17
N GLU O 260 71.23 11.11 -2.94
CA GLU O 260 70.64 12.34 -3.46
C GLU O 260 71.05 12.64 -4.89
N ALA O 261 70.41 13.65 -5.47
CA ALA O 261 70.72 14.10 -6.82
C ALA O 261 70.24 15.52 -7.02
N TRP O 262 70.97 16.28 -7.83
CA TRP O 262 70.59 17.66 -8.13
C TRP O 262 69.94 17.77 -9.50
N GLY O 263 69.13 18.82 -9.67
CA GLY O 263 68.50 19.09 -10.95
C GLY O 263 69.51 19.30 -12.05
N ARG O 264 69.12 18.95 -13.27
CA ARG O 264 70.03 19.01 -14.41
C ARG O 264 69.36 19.65 -15.61
N ALA O 265 69.95 20.72 -16.13
CA ALA O 265 69.41 21.38 -17.32
C ALA O 265 69.55 20.48 -18.54
N ASP O 266 69.13 21.01 -19.69
CA ASP O 266 69.20 20.24 -20.94
C ASP O 266 70.64 20.04 -21.40
N LYS P 5 12.93 14.47 7.56
CA LYS P 5 12.02 13.83 8.50
C LYS P 5 11.72 14.74 9.69
N GLU P 6 10.46 15.12 9.82
CA GLU P 6 10.04 16.00 10.90
C GLU P 6 9.72 15.17 12.14
N GLU P 7 10.49 15.37 13.21
CA GLU P 7 10.32 14.63 14.45
C GLU P 7 10.19 15.59 15.62
N HIS P 8 8.99 15.68 16.18
CA HIS P 8 8.69 16.69 17.19
C HIS P 8 7.96 16.13 18.41
N THR P 9 7.72 16.99 19.38
CA THR P 9 7.12 16.59 20.64
C THR P 9 6.20 17.66 21.20
N ILE P 10 4.99 17.27 21.57
CA ILE P 10 4.05 18.18 22.22
C ILE P 10 3.66 17.67 23.59
N ILE P 11 3.85 18.50 24.61
CA ILE P 11 3.58 18.07 25.99
C ILE P 11 2.55 18.95 26.68
N GLN P 12 1.52 18.34 27.24
CA GLN P 12 0.60 19.07 28.09
C GLN P 12 0.88 18.76 29.55
N ALA P 13 1.36 19.74 30.29
CA ALA P 13 1.71 19.54 31.69
C ALA P 13 0.81 20.33 32.63
N GLU P 14 0.29 19.66 33.64
CA GLU P 14 -0.55 20.32 34.62
C GLU P 14 -0.26 19.70 35.98
N PHE P 15 -0.34 20.50 37.03
CA PHE P 15 -0.15 19.98 38.37
C PHE P 15 -0.85 20.82 39.42
N TYR P 16 -1.00 20.25 40.62
CA TYR P 16 -1.46 21.00 41.77
C TYR P 16 -0.55 20.71 42.94
N LEU P 17 -0.15 21.75 43.65
CA LEU P 17 0.88 21.62 44.67
C LEU P 17 0.40 22.06 46.04
N LEU P 18 0.68 21.23 47.04
CA LEU P 18 0.44 21.60 48.43
C LEU P 18 1.79 21.71 49.13
N PRO P 19 1.89 22.59 50.13
CA PRO P 19 0.80 23.37 50.73
C PRO P 19 0.54 24.69 50.02
N ASP P 20 1.29 24.98 48.97
CA ASP P 20 1.19 26.27 48.29
C ASP P 20 -0.19 26.52 47.69
N LYS P 21 -0.99 25.47 47.56
CA LYS P 21 -2.36 25.57 47.07
C LYS P 21 -2.47 26.28 45.73
N ARG P 22 -1.50 26.03 44.85
CA ARG P 22 -1.53 26.61 43.51
C ARG P 22 -1.41 25.54 42.43
N GLY P 23 -2.05 25.80 41.30
CA GLY P 23 -2.01 24.89 40.18
C GLY P 23 -1.46 25.59 38.95
N GLU P 24 -1.05 24.80 37.97
CA GLU P 24 -0.39 25.35 36.79
C GLU P 24 -0.71 24.48 35.58
N PHE P 25 -0.82 25.11 34.42
CA PHE P 25 -1.25 24.42 33.20
C PHE P 25 -0.48 24.98 32.01
N MET P 26 0.18 24.13 31.24
CA MET P 26 0.97 24.64 30.12
C MET P 26 1.19 23.60 29.03
N PHE P 27 1.57 24.10 27.84
CA PHE P 27 1.84 23.27 26.68
C PHE P 27 3.28 23.45 26.23
N ASP P 28 3.95 22.37 25.84
CA ASP P 28 5.34 22.47 25.43
C ASP P 28 5.53 21.91 24.03
N PHE P 29 6.39 22.55 23.25
CA PHE P 29 6.70 22.09 21.90
C PHE P 29 8.20 21.97 21.68
N ASP P 30 8.68 20.73 21.62
CA ASP P 30 10.11 20.46 21.40
C ASP P 30 11.01 21.14 22.41
N GLY P 31 10.53 21.28 23.65
CA GLY P 31 11.33 21.81 24.73
C GLY P 31 11.05 23.25 25.10
N ASP P 32 10.17 23.90 24.33
CA ASP P 32 9.83 25.29 24.59
C ASP P 32 8.34 25.46 24.89
N GLU P 33 8.00 26.47 25.67
CA GLU P 33 6.61 26.73 26.03
C GLU P 33 5.82 27.36 24.87
N ILE P 34 4.64 26.83 24.61
CA ILE P 34 3.71 27.44 23.65
C ILE P 34 2.83 28.45 24.35
N PHE P 35 2.24 28.04 25.46
CA PHE P 35 1.42 28.93 26.27
C PHE P 35 1.20 28.36 27.66
N HIS P 36 0.58 29.14 28.52
CA HIS P 36 0.19 28.65 29.83
C HIS P 36 -1.05 29.38 30.32
N VAL P 37 -1.69 28.85 31.34
CA VAL P 37 -2.95 29.42 31.82
C VAL P 37 -2.84 29.98 33.23
N ASP P 38 -3.08 31.27 33.37
CA ASP P 38 -3.13 31.89 34.69
C ASP P 38 -4.42 31.45 35.36
N ILE P 39 -4.30 30.48 36.26
CA ILE P 39 -5.45 29.83 36.87
C ILE P 39 -6.32 30.81 37.64
N GLU P 40 -5.68 31.74 38.34
CA GLU P 40 -6.39 32.75 39.10
C GLU P 40 -7.17 33.68 38.16
N LYS P 41 -6.47 34.21 37.17
CA LYS P 41 -7.07 35.19 36.25
C LYS P 41 -7.96 34.53 35.20
N SER P 42 -7.76 33.23 34.99
CA SER P 42 -8.51 32.48 33.97
C SER P 42 -8.32 33.07 32.58
N GLU P 43 -7.07 33.21 32.15
CA GLU P 43 -6.79 33.69 30.81
C GLU P 43 -5.52 33.03 30.24
N THR P 44 -5.54 32.79 28.93
CA THR P 44 -4.45 32.11 28.26
C THR P 44 -3.29 33.05 28.00
N ILE P 45 -2.09 32.66 28.41
CA ILE P 45 -0.94 33.53 28.29
C ILE P 45 0.09 32.96 27.32
N TRP P 46 0.09 33.46 26.10
CA TRP P 46 0.97 32.95 25.06
C TRP P 46 2.40 33.40 25.29
N ARG P 47 3.35 32.48 25.20
CA ARG P 47 4.76 32.76 25.45
C ARG P 47 5.30 33.88 24.57
N LEU P 48 4.99 33.83 23.29
CA LEU P 48 5.29 34.93 22.39
C LEU P 48 3.99 35.53 21.92
N GLU P 49 3.92 36.86 21.89
CA GLU P 49 2.67 37.54 21.56
C GLU P 49 2.18 37.17 20.17
N GLU P 50 3.11 36.86 19.29
CA GLU P 50 2.77 36.55 17.90
C GLU P 50 2.00 35.25 17.73
N PHE P 51 2.04 34.39 18.75
CA PHE P 51 1.35 33.11 18.65
C PHE P 51 -0.15 33.30 18.65
N ALA P 52 -0.64 34.28 19.41
CA ALA P 52 -2.07 34.44 19.64
C ALA P 52 -2.85 34.67 18.35
N LYS P 53 -2.13 34.97 17.27
CA LYS P 53 -2.75 35.20 15.98
C LYS P 53 -3.05 33.88 15.28
N PHE P 54 -2.51 32.78 15.81
CA PHE P 54 -2.56 31.51 15.11
C PHE P 54 -3.39 30.44 15.82
N ALA P 55 -3.60 30.59 17.12
CA ALA P 55 -4.30 29.57 17.89
C ALA P 55 -5.07 30.14 19.08
N SER P 56 -5.87 29.30 19.70
CA SER P 56 -6.71 29.71 20.82
C SER P 56 -6.84 28.60 21.84
N PHE P 57 -7.05 28.96 23.10
CA PHE P 57 -7.30 27.96 24.13
C PHE P 57 -8.34 28.43 25.13
N GLU P 58 -9.38 27.63 25.30
CA GLU P 58 -10.43 27.96 26.26
C GLU P 58 -9.94 27.67 27.67
N ALA P 59 -9.72 28.71 28.45
CA ALA P 59 -9.04 28.58 29.73
C ALA P 59 -9.85 27.81 30.74
N GLN P 60 -11.17 27.96 30.71
CA GLN P 60 -12.00 27.29 31.70
C GLN P 60 -11.93 25.77 31.53
N GLY P 61 -11.35 25.33 30.42
CA GLY P 61 -11.04 23.93 30.26
C GLY P 61 -9.89 23.56 31.19
N ALA P 62 -8.87 24.41 31.22
CA ALA P 62 -7.71 24.19 32.08
C ALA P 62 -8.07 24.30 33.56
N LEU P 63 -8.97 25.23 33.87
CA LEU P 63 -9.39 25.43 35.25
C LEU P 63 -10.03 24.17 35.78
N ALA P 64 -10.88 23.55 34.97
CA ALA P 64 -11.54 22.32 35.35
C ALA P 64 -10.51 21.26 35.67
N ASN P 65 -9.46 21.22 34.86
CA ASN P 65 -8.41 20.22 35.05
C ASN P 65 -7.68 20.39 36.37
N ILE P 66 -7.23 21.62 36.65
CA ILE P 66 -6.53 21.90 37.89
C ILE P 66 -7.44 21.60 39.07
N ALA P 67 -8.73 21.89 38.90
CA ALA P 67 -9.73 21.59 39.91
C ALA P 67 -9.73 20.11 40.24
N VAL P 68 -9.63 19.28 39.21
CA VAL P 68 -9.59 17.84 39.39
C VAL P 68 -8.27 17.41 40.06
N ASP P 69 -7.18 18.03 39.65
CA ASP P 69 -5.87 17.70 40.22
C ASP P 69 -5.83 17.97 41.73
N LYS P 70 -6.51 19.02 42.16
CA LYS P 70 -6.61 19.31 43.58
C LYS P 70 -7.32 18.15 44.29
N ALA P 71 -8.50 17.81 43.80
CA ALA P 71 -9.29 16.74 44.42
C ALA P 71 -8.53 15.42 44.38
N ASN P 72 -7.86 15.14 43.27
CA ASN P 72 -7.08 13.92 43.19
C ASN P 72 -5.89 13.92 44.14
N LEU P 73 -5.29 15.09 44.36
CA LEU P 73 -4.10 15.16 45.20
C LEU P 73 -4.40 14.65 46.59
N ASP P 74 -5.57 15.00 47.11
CA ASP P 74 -5.98 14.55 48.43
C ASP P 74 -6.14 13.04 48.43
N VAL P 75 -6.66 12.50 47.32
CA VAL P 75 -6.84 11.06 47.23
C VAL P 75 -5.50 10.34 47.22
N MET P 76 -4.51 10.91 46.56
CA MET P 76 -3.18 10.31 46.50
C MET P 76 -2.50 10.39 47.85
N LYS P 77 -2.79 11.43 48.61
CA LYS P 77 -2.22 11.57 49.95
C LYS P 77 -2.77 10.47 50.85
N GLU P 78 -4.07 10.24 50.79
CA GLU P 78 -4.68 9.20 51.62
C GLU P 78 -4.25 7.82 51.19
N ARG P 79 -4.01 7.66 49.89
CA ARG P 79 -3.63 6.37 49.34
C ARG P 79 -2.24 5.98 49.81
N SER P 80 -1.30 6.88 49.64
CA SER P 80 0.09 6.62 50.01
C SER P 80 0.23 6.46 51.52
N ASN P 81 0.71 5.29 51.93
CA ASN P 81 0.82 4.96 53.34
C ASN P 81 1.70 5.98 54.05
N ASN P 82 2.92 6.12 53.56
CA ASN P 82 3.83 7.13 54.04
C ASN P 82 4.28 8.00 52.88
N THR P 83 4.09 9.31 53.00
CA THR P 83 4.64 10.21 52.01
C THR P 83 5.93 10.80 52.55
N PRO P 84 7.07 10.37 51.96
CA PRO P 84 8.38 10.78 52.44
C PRO P 84 8.87 12.04 51.75
N ASP P 85 9.20 13.07 52.52
CA ASP P 85 9.76 14.27 51.95
C ASP P 85 11.13 13.94 51.38
N ALA P 86 11.36 14.36 50.14
CA ALA P 86 12.66 14.20 49.50
C ALA P 86 12.81 15.33 48.52
N ASN P 87 14.05 15.76 48.30
CA ASN P 87 14.28 16.91 47.45
C ASN P 87 15.43 16.70 46.49
N VAL P 88 15.24 17.18 45.26
CA VAL P 88 16.31 17.21 44.29
C VAL P 88 16.78 18.65 44.11
N ALA P 89 18.02 18.91 44.48
CA ALA P 89 18.56 20.26 44.39
C ALA P 89 18.66 20.75 42.95
N PRO P 90 18.32 22.01 42.73
CA PRO P 90 18.39 22.65 41.40
C PRO P 90 19.83 22.78 40.94
N GLU P 91 20.02 23.02 39.65
CA GLU P 91 21.33 23.37 39.14
C GLU P 91 21.23 24.69 38.42
N VAL P 92 22.02 25.67 38.84
CA VAL P 92 21.83 27.03 38.34
C VAL P 92 22.96 27.42 37.41
N THR P 93 22.59 28.12 36.34
CA THR P 93 23.55 28.62 35.37
C THR P 93 23.08 29.97 34.86
N VAL P 94 23.96 30.96 34.92
CA VAL P 94 23.64 32.29 34.43
C VAL P 94 24.53 32.66 33.25
N LEU P 95 23.91 33.20 32.21
CA LEU P 95 24.64 33.65 31.03
C LEU P 95 23.78 34.60 30.20
N SER P 96 24.39 35.17 29.17
CA SER P 96 23.73 36.20 28.37
C SER P 96 23.04 35.63 27.14
N ARG P 97 21.87 36.18 26.83
CA ARG P 97 21.08 35.75 25.68
C ARG P 97 21.83 36.01 24.38
N SER P 98 22.51 37.14 24.33
CA SER P 98 23.26 37.54 23.15
C SER P 98 24.71 37.75 23.51
N PRO P 99 25.61 37.76 22.52
CA PRO P 99 26.99 38.15 22.79
C PRO P 99 27.06 39.54 23.40
N VAL P 100 27.85 39.71 24.45
CA VAL P 100 27.85 40.95 25.20
C VAL P 100 28.78 41.98 24.57
N ASN P 101 28.21 43.12 24.20
CA ASN P 101 28.99 44.25 23.71
C ASN P 101 28.79 45.48 24.59
N LEU P 102 29.88 46.17 24.89
CA LEU P 102 29.84 47.33 25.78
C LEU P 102 28.90 48.41 25.27
N GLY P 103 28.00 48.87 26.13
CA GLY P 103 27.06 49.92 25.78
C GLY P 103 25.88 49.40 24.97
N GLU P 104 25.89 48.11 24.66
CA GLU P 104 24.85 47.51 23.85
C GLU P 104 23.90 46.65 24.69
N PRO P 105 22.63 47.09 24.81
CA PRO P 105 21.61 46.44 25.64
C PRO P 105 21.50 44.94 25.40
N ASN P 106 21.38 44.17 26.48
CA ASN P 106 21.34 42.72 26.39
C ASN P 106 20.52 42.14 27.54
N ILE P 107 20.39 40.82 27.58
CA ILE P 107 19.59 40.16 28.61
C ILE P 107 20.34 39.02 29.31
N LEU P 108 20.26 39.02 30.64
CA LEU P 108 20.82 37.95 31.45
C LEU P 108 19.80 36.86 31.72
N ILE P 109 20.23 35.61 31.60
CA ILE P 109 19.36 34.46 31.82
C ILE P 109 19.78 33.67 33.06
N CYS P 110 18.83 33.43 33.95
CA CYS P 110 19.09 32.58 35.11
C CYS P 110 18.45 31.22 34.89
N PHE P 111 19.27 30.22 34.59
CA PHE P 111 18.77 28.93 34.15
C PHE P 111 18.72 27.90 35.29
N ILE P 112 17.57 27.81 35.94
CA ILE P 112 17.35 26.81 36.98
C ILE P 112 16.82 25.52 36.37
N ASP P 113 17.49 24.40 36.66
CA ASP P 113 17.21 23.15 35.97
C ASP P 113 17.31 21.94 36.89
N LYS P 114 16.63 20.86 36.54
CA LYS P 114 16.72 19.58 37.23
C LYS P 114 16.34 19.66 38.70
N PHE P 115 15.17 20.22 39.00
CA PHE P 115 14.76 20.33 40.40
C PHE P 115 13.32 19.95 40.66
N SER P 116 13.03 19.66 41.93
CA SER P 116 11.71 19.33 42.41
C SER P 116 11.74 19.41 43.93
N PRO P 117 10.66 19.90 44.55
CA PRO P 117 9.38 20.34 44.02
C PRO P 117 9.47 21.66 43.27
N PRO P 118 8.41 22.03 42.53
CA PRO P 118 8.37 23.30 41.80
C PRO P 118 8.08 24.51 42.69
N VAL P 119 8.97 24.81 43.62
CA VAL P 119 8.87 26.02 44.43
C VAL P 119 10.26 26.58 44.70
N VAL P 120 10.50 27.81 44.25
CA VAL P 120 11.80 28.44 44.49
C VAL P 120 11.68 29.90 44.87
N ASN P 121 12.70 30.40 45.56
CA ASN P 121 12.87 31.83 45.75
C ASN P 121 14.07 32.28 44.93
N VAL P 122 13.81 33.12 43.93
CA VAL P 122 14.86 33.61 43.07
C VAL P 122 14.97 35.12 43.17
N THR P 123 16.20 35.62 43.35
CA THR P 123 16.42 37.05 43.48
C THR P 123 17.60 37.50 42.62
N TRP P 124 17.38 38.55 41.83
CA TRP P 124 18.43 39.15 41.03
C TRP P 124 19.20 40.16 41.87
N LEU P 125 20.51 40.27 41.64
CA LEU P 125 21.34 41.16 42.44
C LEU P 125 22.18 42.14 41.63
N ARG P 126 21.79 43.41 41.65
CA ARG P 126 22.61 44.47 41.09
C ARG P 126 23.56 44.98 42.17
N ASN P 127 24.84 44.69 41.98
CA ASN P 127 25.89 45.14 42.90
C ASN P 127 25.63 44.73 44.34
N GLY P 128 24.98 43.58 44.53
CA GLY P 128 24.70 43.10 45.87
C GLY P 128 23.33 43.48 46.38
N ARG P 129 22.58 44.23 45.58
CA ARG P 129 21.21 44.59 45.95
C ARG P 129 20.17 44.05 44.96
N PRO P 130 19.01 43.65 45.49
CA PRO P 130 17.87 43.13 44.72
C PRO P 130 17.38 44.10 43.67
N VAL P 131 16.91 43.56 42.55
CA VAL P 131 16.38 44.35 41.46
C VAL P 131 14.89 44.07 41.32
N THR P 132 14.10 45.11 41.09
CA THR P 132 12.66 44.94 40.90
C THR P 132 12.23 45.34 39.50
N GLU P 133 13.09 46.08 38.81
CA GLU P 133 12.78 46.56 37.47
C GLU P 133 13.54 45.82 36.38
N GLY P 134 12.83 45.40 35.34
CA GLY P 134 13.44 44.72 34.20
C GLY P 134 13.72 43.24 34.43
N VAL P 135 12.85 42.59 35.19
CA VAL P 135 13.00 41.17 35.45
C VAL P 135 11.85 40.38 34.85
N SER P 136 12.16 39.21 34.31
CA SER P 136 11.14 38.37 33.71
C SER P 136 11.17 36.98 34.34
N GLU P 137 10.01 36.34 34.38
CA GLU P 137 9.89 35.06 35.06
C GLU P 137 9.14 34.06 34.21
N THR P 138 9.56 32.80 34.28
CA THR P 138 8.92 31.73 33.53
C THR P 138 8.20 30.78 34.48
N VAL P 139 7.00 30.34 34.09
CA VAL P 139 6.31 29.32 34.85
C VAL P 139 7.13 28.03 34.85
N PHE P 140 6.74 27.06 35.66
CA PHE P 140 7.52 25.85 35.78
C PHE P 140 7.39 24.92 34.56
N LEU P 141 8.50 24.74 33.86
CA LEU P 141 8.52 23.98 32.62
C LEU P 141 8.80 22.50 32.88
N PRO P 142 8.31 21.62 32.00
CA PRO P 142 8.54 20.18 32.13
C PRO P 142 9.87 19.75 31.55
N ARG P 143 10.33 18.57 31.96
CA ARG P 143 11.50 17.93 31.37
C ARG P 143 11.13 16.53 30.88
N ASP P 144 12.13 15.77 30.46
CA ASP P 144 11.91 14.39 30.04
C ASP P 144 11.52 13.52 31.23
N ASP P 145 12.16 13.80 32.36
CA ASP P 145 11.94 13.07 33.61
C ASP P 145 10.87 13.71 34.48
N HIS P 146 10.97 13.45 35.78
CA HIS P 146 10.03 13.98 36.76
C HIS P 146 10.40 15.37 37.23
N LEU P 147 11.61 15.81 36.88
CA LEU P 147 12.11 17.08 37.35
C LEU P 147 11.55 18.25 36.55
N PHE P 148 11.70 19.45 37.09
CA PHE P 148 11.17 20.65 36.48
C PHE P 148 12.29 21.52 35.95
N ARG P 149 11.91 22.60 35.26
CA ARG P 149 12.87 23.53 34.69
C ARG P 149 12.28 24.94 34.71
N LYS P 150 13.13 25.95 34.82
CA LYS P 150 12.64 27.32 34.97
C LYS P 150 13.62 28.35 34.43
N PHE P 151 13.09 29.48 33.96
CA PHE P 151 13.92 30.58 33.46
C PHE P 151 13.66 31.90 34.16
N HIS P 152 14.73 32.64 34.46
CA HIS P 152 14.62 34.02 34.93
C HIS P 152 15.44 34.96 34.06
N TYR P 153 14.84 36.08 33.68
CA TYR P 153 15.49 37.03 32.78
C TYR P 153 15.68 38.40 33.42
N LEU P 154 16.73 39.10 33.01
CA LEU P 154 16.99 40.46 33.48
C LEU P 154 17.50 41.36 32.36
N THR P 155 16.82 42.48 32.14
CA THR P 155 17.26 43.44 31.13
C THR P 155 18.25 44.41 31.73
N PHE P 156 19.34 44.68 31.03
CA PHE P 156 20.43 45.47 31.59
C PHE P 156 21.28 46.20 30.55
N LEU P 157 22.06 47.18 31.03
CA LEU P 157 23.07 47.84 30.21
C LEU P 157 24.47 47.43 30.67
N PRO P 158 25.27 46.88 29.75
CA PRO P 158 26.62 46.39 30.05
C PRO P 158 27.58 47.49 30.48
N SER P 159 28.43 47.20 31.44
CA SER P 159 29.49 48.12 31.87
C SER P 159 30.55 47.38 32.68
N THR P 160 31.79 47.89 32.63
CA THR P 160 32.90 47.24 33.31
C THR P 160 32.85 47.47 34.82
N ASP P 161 31.91 48.30 35.25
CA ASP P 161 31.76 48.64 36.66
C ASP P 161 30.78 47.70 37.36
N ASP P 162 29.89 47.11 36.57
CA ASP P 162 28.79 46.32 37.11
C ASP P 162 29.08 44.82 37.18
N PHE P 163 28.58 44.19 38.23
CA PHE P 163 28.64 42.74 38.38
C PHE P 163 27.27 42.25 38.86
N TYR P 164 26.78 41.18 38.25
CA TYR P 164 25.44 40.69 38.55
C TYR P 164 25.47 39.36 39.29
N ASP P 165 24.40 39.08 40.02
CA ASP P 165 24.29 37.81 40.74
C ASP P 165 22.86 37.30 40.70
N CYS P 166 22.72 35.97 40.65
CA CYS P 166 21.42 35.33 40.71
C CYS P 166 21.36 34.42 41.93
N GLU P 167 20.39 34.67 42.82
CA GLU P 167 20.28 33.89 44.03
C GLU P 167 19.00 33.06 44.04
N VAL P 168 19.16 31.74 44.10
CA VAL P 168 18.04 30.81 44.01
C VAL P 168 17.90 29.98 45.28
N ASP P 169 16.73 30.03 45.91
CA ASP P 169 16.49 29.26 47.12
C ASP P 169 15.51 28.11 46.89
N HIS P 170 15.90 26.91 47.31
CA HIS P 170 15.08 25.72 47.11
C HIS P 170 15.27 24.74 48.26
N TRP P 171 14.20 24.03 48.63
CA TRP P 171 14.22 23.14 49.79
C TRP P 171 15.26 22.03 49.75
N GLY P 172 15.95 21.89 48.62
CA GLY P 172 16.97 20.87 48.50
C GLY P 172 18.35 21.43 48.70
N LEU P 173 18.42 22.76 48.84
CA LEU P 173 19.68 23.43 49.03
C LEU P 173 19.92 23.77 50.50
N GLU P 174 21.14 23.55 50.97
CA GLU P 174 21.53 23.90 52.32
C GLU P 174 21.57 25.41 52.50
N GLU P 175 22.28 26.08 51.60
CA GLU P 175 22.39 27.52 51.62
C GLU P 175 22.05 28.05 50.23
N PRO P 176 21.19 29.09 50.17
CA PRO P 176 20.75 29.72 48.92
C PRO P 176 21.89 29.86 47.93
N LEU P 177 21.71 29.30 46.75
CA LEU P 177 22.77 29.24 45.75
C LEU P 177 22.87 30.54 44.96
N ARG P 178 24.08 31.08 44.91
CA ARG P 178 24.33 32.32 44.20
C ARG P 178 25.32 32.11 43.07
N LYS P 179 24.89 32.41 41.85
CA LYS P 179 25.77 32.30 40.69
C LYS P 179 26.16 33.69 40.21
N HIS P 180 27.45 33.89 40.03
CA HIS P 180 28.00 35.21 39.76
C HIS P 180 28.24 35.39 38.27
N TRP P 181 28.17 36.63 37.81
CA TRP P 181 28.48 36.93 36.42
C TRP P 181 28.86 38.39 36.21
N GLU P 182 30.02 38.59 35.58
CA GLU P 182 30.46 39.91 35.16
C GLU P 182 31.03 39.82 33.75
N PHE P 183 31.45 40.95 33.20
CA PHE P 183 31.93 41.02 31.82
C PHE P 183 33.13 40.10 31.60
N SER Q 7 11.65 18.01 58.25
CA SER Q 7 11.70 19.10 57.28
C SER Q 7 10.30 19.59 56.91
N ARG Q 8 10.15 20.09 55.69
CA ARG Q 8 8.88 20.63 55.25
C ARG Q 8 8.19 19.73 54.23
N PRO Q 9 7.06 19.12 54.63
CA PRO Q 9 6.29 18.21 53.79
C PRO Q 9 5.55 18.91 52.65
N TRP Q 10 5.56 18.30 51.48
CA TRP Q 10 4.89 18.82 50.28
C TRP Q 10 4.17 17.71 49.55
N PHE Q 11 3.16 18.07 48.76
CA PHE Q 11 2.40 17.09 47.99
C PHE Q 11 2.12 17.56 46.57
N LEU Q 12 2.57 16.78 45.60
CA LEU Q 12 2.47 17.16 44.19
C LEU Q 12 1.71 16.13 43.37
N GLU Q 13 0.72 16.60 42.61
CA GLU Q 13 0.03 15.76 41.64
C GLU Q 13 0.37 16.23 40.24
N TYR Q 14 1.28 15.51 39.58
CA TYR Q 14 1.85 15.95 38.32
C TYR Q 14 1.41 15.03 37.20
N CYS Q 15 1.01 15.59 36.06
CA CYS Q 15 0.53 14.77 34.96
C CYS Q 15 1.01 15.34 33.63
N LYS Q 16 1.78 14.54 32.90
CA LYS Q 16 2.27 14.96 31.60
C LYS Q 16 1.73 14.08 30.49
N SER Q 17 1.05 14.71 29.54
CA SER Q 17 0.55 14.00 28.37
C SER Q 17 1.41 14.32 27.16
N GLU Q 18 2.23 13.36 26.75
CA GLU Q 18 3.17 13.58 25.66
C GLU Q 18 2.67 13.05 24.32
N CYS Q 19 2.80 13.89 23.28
CA CYS Q 19 2.52 13.47 21.92
C CYS Q 19 3.83 13.35 21.17
N HIS Q 20 4.21 12.13 20.79
CA HIS Q 20 5.46 11.93 20.07
C HIS Q 20 5.21 11.72 18.59
N PHE Q 21 5.81 12.58 17.78
CA PHE Q 21 5.64 12.52 16.34
C PHE Q 21 6.91 12.08 15.63
N TYR Q 22 6.89 10.90 15.03
CA TYR Q 22 7.99 10.47 14.18
C TYR Q 22 7.59 10.62 12.73
N ASN Q 23 8.38 11.35 11.96
CA ASN Q 23 8.09 11.61 10.56
C ASN Q 23 6.72 12.24 10.39
N GLY Q 24 6.54 13.43 10.96
CA GLY Q 24 5.30 14.16 10.81
C GLY Q 24 4.17 13.43 11.51
N THR Q 25 3.00 13.37 10.89
CA THR Q 25 1.87 12.68 11.49
C THR Q 25 1.74 11.26 10.97
N GLN Q 26 2.79 10.73 10.38
CA GLN Q 26 2.75 9.36 9.90
C GLN Q 26 2.67 8.39 11.08
N ARG Q 27 3.71 8.40 11.91
CA ARG Q 27 3.77 7.55 13.09
C ARG Q 27 3.66 8.40 14.36
N VAL Q 28 2.63 8.16 15.15
CA VAL Q 28 2.39 8.95 16.36
C VAL Q 28 2.02 8.06 17.55
N ARG Q 29 2.65 8.32 18.69
CA ARG Q 29 2.29 7.63 19.92
C ARG Q 29 2.01 8.60 21.06
N LEU Q 30 1.04 8.24 21.90
CA LEU Q 30 0.64 9.07 23.02
C LEU Q 30 1.10 8.44 24.31
N LEU Q 31 1.76 9.22 25.15
CA LEU Q 31 2.28 8.72 26.42
C LEU Q 31 1.90 9.62 27.58
N VAL Q 32 0.94 9.17 28.37
CA VAL Q 32 0.51 9.91 29.55
C VAL Q 32 1.22 9.41 30.81
N ARG Q 33 1.84 10.33 31.55
CA ARG Q 33 2.58 9.95 32.73
C ARG Q 33 2.08 10.69 33.96
N TYR Q 34 1.63 9.93 34.96
CA TYR Q 34 1.17 10.49 36.21
C TYR Q 34 2.25 10.40 37.25
N PHE Q 35 2.49 11.50 37.96
CA PHE Q 35 3.48 11.53 39.00
C PHE Q 35 2.86 11.85 40.35
N TYR Q 36 3.52 11.37 41.41
CA TYR Q 36 3.19 11.80 42.75
C TYR Q 36 4.51 12.19 43.41
N ASN Q 37 4.68 13.48 43.66
CA ASN Q 37 5.94 14.00 44.16
C ASN Q 37 7.09 13.69 43.19
N LEU Q 38 7.98 12.78 43.56
CA LEU Q 38 9.11 12.45 42.71
C LEU Q 38 8.91 11.15 41.96
N GLU Q 39 7.79 10.50 42.19
CA GLU Q 39 7.61 9.14 41.71
C GLU Q 39 6.56 9.02 40.62
N GLU Q 40 6.98 8.52 39.47
CA GLU Q 40 6.05 8.23 38.38
C GLU Q 40 5.30 6.97 38.73
N ASN Q 41 3.98 7.06 38.82
CA ASN Q 41 3.22 5.93 39.31
C ASN Q 41 2.29 5.29 38.28
N LEU Q 42 1.79 6.07 37.34
CA LEU Q 42 0.85 5.55 36.35
C LEU Q 42 1.24 5.94 34.93
N ARG Q 43 0.92 5.06 33.98
CA ARG Q 43 1.21 5.29 32.58
C ARG Q 43 0.08 4.88 31.64
N PHE Q 44 -0.10 5.65 30.57
CA PHE Q 44 -0.88 5.21 29.41
C PHE Q 44 -0.08 5.32 28.12
N ASP Q 45 0.30 4.18 27.57
CA ASP Q 45 1.05 4.13 26.32
C ASP Q 45 0.15 3.70 25.18
N SER Q 46 0.02 4.54 24.17
CA SER Q 46 -0.90 4.25 23.06
C SER Q 46 -0.45 2.99 22.31
N ASP Q 47 0.84 2.70 22.40
CA ASP Q 47 1.38 1.48 21.82
C ASP Q 47 1.00 0.24 22.64
N VAL Q 48 0.38 0.47 23.79
CA VAL Q 48 -0.07 -0.62 24.65
C VAL Q 48 -1.59 -0.61 24.73
N GLY Q 49 -2.16 0.58 24.78
CA GLY Q 49 -3.59 0.75 24.72
C GLY Q 49 -4.36 0.61 26.01
N GLU Q 50 -3.65 0.38 27.10
CA GLU Q 50 -4.25 0.28 28.43
C GLU Q 50 -3.37 0.99 29.44
N PHE Q 51 -3.92 1.26 30.61
CA PHE Q 51 -3.15 1.85 31.69
C PHE Q 51 -2.25 0.81 32.35
N ARG Q 52 -1.03 1.21 32.71
CA ARG Q 52 -0.13 0.32 33.43
C ARG Q 52 0.45 1.04 34.64
N ALA Q 53 0.46 0.36 35.77
CA ALA Q 53 0.98 0.94 37.00
C ALA Q 53 2.49 0.82 37.06
N VAL Q 54 3.17 1.94 37.30
CA VAL Q 54 4.62 1.93 37.40
C VAL Q 54 5.07 1.56 38.81
N THR Q 55 4.33 2.03 39.81
CA THR Q 55 4.55 1.62 41.18
C THR Q 55 3.22 1.19 41.77
N GLU Q 56 3.25 0.51 42.91
CA GLU Q 56 2.03 0.04 43.55
C GLU Q 56 1.07 1.19 43.81
N LEU Q 57 1.61 2.40 43.94
CA LEU Q 57 0.83 3.57 44.29
C LEU Q 57 -0.23 3.90 43.25
N GLY Q 58 0.02 3.53 42.00
CA GLY Q 58 -0.89 3.86 40.92
C GLY Q 58 -1.80 2.72 40.53
N ARG Q 59 -1.54 1.56 41.11
CA ARG Q 59 -2.30 0.34 40.81
C ARG Q 59 -3.81 0.47 40.98
N PRO Q 60 -4.28 1.19 42.01
CA PRO Q 60 -5.73 1.32 42.10
C PRO Q 60 -6.34 1.97 40.88
N ASP Q 61 -5.67 2.97 40.32
CA ASP Q 61 -6.16 3.68 39.14
C ASP Q 61 -6.16 2.79 37.91
N ALA Q 62 -5.07 2.06 37.71
CA ALA Q 62 -4.93 1.19 36.56
C ALA Q 62 -6.04 0.16 36.51
N GLU Q 63 -6.29 -0.52 37.62
CA GLU Q 63 -7.33 -1.53 37.62
C GLU Q 63 -8.69 -0.91 37.41
N ASN Q 64 -8.89 0.27 37.97
CA ASN Q 64 -10.18 0.94 37.89
C ASN Q 64 -10.49 1.38 36.48
N TRP Q 65 -9.54 2.04 35.85
CA TRP Q 65 -9.78 2.63 34.55
C TRP Q 65 -9.78 1.60 33.43
N ASN Q 66 -8.96 0.57 33.55
CA ASN Q 66 -8.90 -0.45 32.52
C ASN Q 66 -10.18 -1.27 32.46
N SER Q 67 -11.01 -1.14 33.48
CA SER Q 67 -12.27 -1.84 33.52
C SER Q 67 -13.38 -1.04 32.86
N GLN Q 68 -13.02 0.13 32.35
CA GLN Q 68 -13.95 0.98 31.60
C GLN Q 68 -13.53 0.99 30.14
N PRO Q 69 -14.12 0.11 29.32
CA PRO Q 69 -13.64 -0.02 27.95
C PRO Q 69 -13.80 1.27 27.17
N GLU Q 70 -14.95 1.91 27.33
CA GLU Q 70 -15.26 3.10 26.57
C GLU Q 70 -14.34 4.26 26.91
N PHE Q 71 -13.73 4.22 28.07
CA PHE Q 71 -12.73 5.21 28.45
C PHE Q 71 -11.43 4.92 27.70
N LEU Q 72 -11.01 3.67 27.71
CA LEU Q 72 -9.80 3.28 27.01
C LEU Q 72 -9.95 3.56 25.53
N GLU Q 73 -11.16 3.28 25.05
CA GLU Q 73 -11.48 3.44 23.65
C GLU Q 73 -11.32 4.90 23.26
N GLN Q 74 -11.72 5.81 24.14
CA GLN Q 74 -11.54 7.22 23.87
C GLN Q 74 -10.06 7.58 23.88
N LYS Q 75 -9.32 7.01 24.82
CA LYS Q 75 -7.91 7.34 24.97
C LYS Q 75 -7.07 6.90 23.77
N ARG Q 76 -7.30 5.70 23.26
CA ARG Q 76 -6.55 5.20 22.13
C ARG Q 76 -6.74 6.10 20.93
N ALA Q 77 -7.92 6.68 20.84
CA ALA Q 77 -8.29 7.56 19.73
C ALA Q 77 -7.72 8.96 19.87
N GLU Q 78 -7.27 9.31 21.07
CA GLU Q 78 -6.78 10.66 21.31
C GLU Q 78 -5.49 10.90 20.54
N VAL Q 79 -4.95 9.84 19.97
CA VAL Q 79 -3.81 9.95 19.08
C VAL Q 79 -4.25 10.75 17.86
N ASP Q 80 -5.54 10.68 17.55
CA ASP Q 80 -6.10 11.42 16.43
C ASP Q 80 -6.86 12.65 16.88
N THR Q 81 -7.72 12.51 17.89
CA THR Q 81 -8.59 13.60 18.29
C THR Q 81 -7.89 14.71 19.05
N VAL Q 82 -6.67 14.46 19.50
CA VAL Q 82 -5.92 15.48 20.21
C VAL Q 82 -4.54 15.71 19.61
N CYS Q 83 -3.78 14.64 19.49
CA CYS Q 83 -2.40 14.73 19.02
C CYS Q 83 -2.27 15.25 17.59
N ARG Q 84 -2.79 14.51 16.62
CA ARG Q 84 -2.71 14.93 15.23
C ARG Q 84 -3.44 16.24 15.01
N HIS Q 85 -4.52 16.45 15.77
CA HIS Q 85 -5.28 17.67 15.72
C HIS Q 85 -4.41 18.89 16.00
N ASN Q 86 -3.71 18.86 17.13
CA ASN Q 86 -2.86 19.97 17.52
C ASN Q 86 -1.67 20.14 16.57
N TYR Q 87 -1.20 19.05 15.98
CA TYR Q 87 -0.09 19.15 15.06
C TYR Q 87 -0.50 19.90 13.82
N GLU Q 88 -1.72 19.64 13.35
CA GLU Q 88 -2.26 20.32 12.19
C GLU Q 88 -2.22 21.82 12.44
N ILE Q 89 -2.54 22.22 13.68
CA ILE Q 89 -2.54 23.63 14.06
C ILE Q 89 -1.14 24.19 14.17
N PHE Q 90 -0.28 23.48 14.88
CA PHE Q 90 1.06 23.98 15.17
C PHE Q 90 1.99 23.84 13.96
N ASP Q 91 1.52 23.16 12.93
CA ASP Q 91 2.30 23.00 11.71
C ASP Q 91 2.27 24.27 10.86
N ASN Q 92 1.44 25.23 11.26
CA ASN Q 92 1.29 26.48 10.51
C ASN Q 92 2.32 27.53 10.85
N PHE Q 93 2.88 27.47 12.06
CA PHE Q 93 3.82 28.51 12.48
C PHE Q 93 4.96 28.01 13.36
N LEU Q 94 4.68 27.03 14.20
CA LEU Q 94 5.70 26.48 15.10
C LEU Q 94 6.67 25.57 14.37
N VAL Q 95 6.14 24.57 13.68
CA VAL Q 95 6.98 23.61 12.97
C VAL Q 95 7.87 24.27 11.90
N PRO Q 96 7.29 25.14 11.05
CA PRO Q 96 8.17 25.67 10.00
C PRO Q 96 8.95 26.90 10.46
N ARG Q 97 8.89 27.23 11.75
CA ARG Q 97 9.53 28.42 12.28
C ARG Q 97 11.03 28.42 12.00
N ARG Q 98 11.52 29.53 11.46
CA ARG Q 98 12.94 29.67 11.15
C ARG Q 98 13.42 31.03 11.62
N VAL Q 99 14.56 31.04 12.32
CA VAL Q 99 15.19 32.29 12.73
C VAL Q 99 16.67 32.28 12.39
N GLU Q 100 17.10 33.28 11.62
CA GLU Q 100 18.46 33.33 11.10
C GLU Q 100 19.48 33.57 12.22
N PRO Q 101 20.55 32.76 12.23
CA PRO Q 101 21.58 32.81 13.27
C PRO Q 101 22.47 34.03 13.18
N THR Q 102 23.06 34.44 14.30
CA THR Q 102 24.03 35.53 14.30
C THR Q 102 25.43 35.00 14.61
N VAL Q 103 26.28 34.94 13.59
CA VAL Q 103 27.61 34.37 13.74
C VAL Q 103 28.67 35.44 13.93
N THR Q 104 29.51 35.26 14.96
CA THR Q 104 30.61 36.19 15.24
C THR Q 104 31.83 35.38 15.67
N VAL Q 105 33.02 35.81 15.26
CA VAL Q 105 34.25 35.12 15.65
C VAL Q 105 35.21 36.04 16.41
N TYR Q 106 35.68 35.56 17.55
CA TYR Q 106 36.62 36.30 18.38
C TYR Q 106 37.55 35.34 19.12
N PRO Q 107 38.75 35.82 19.52
CA PRO Q 107 39.70 34.99 20.25
C PRO Q 107 39.21 34.61 21.64
N LEU Q 118 42.95 29.91 21.54
CA LEU Q 118 41.62 29.36 21.25
C LEU Q 118 40.79 30.33 20.44
N LEU Q 119 40.14 29.82 19.39
CA LEU Q 119 39.28 30.64 18.54
C LEU Q 119 37.81 30.28 18.74
N VAL Q 120 37.00 31.28 19.03
CA VAL Q 120 35.58 31.07 19.30
C VAL Q 120 34.70 31.39 18.10
N CYS Q 121 33.79 30.47 17.75
CA CYS Q 121 32.79 30.72 16.72
C CYS Q 121 31.44 30.88 17.41
N SER Q 122 30.98 32.12 17.55
CA SER Q 122 29.76 32.40 18.28
C SER Q 122 28.51 32.42 17.41
N VAL Q 123 27.73 31.35 17.49
CA VAL Q 123 26.48 31.25 16.74
C VAL Q 123 25.30 31.47 17.69
N SER Q 124 24.54 32.54 17.48
CA SER Q 124 23.50 32.90 18.42
C SER Q 124 22.18 33.29 17.79
N ASP Q 125 21.11 33.26 18.59
CA ASP Q 125 19.79 33.72 18.20
C ASP Q 125 19.24 33.01 16.97
N PHE Q 126 19.14 31.68 17.03
CA PHE Q 126 18.61 30.90 15.92
C PHE Q 126 17.58 29.85 16.36
N TYR Q 127 16.76 29.41 15.42
CA TYR Q 127 15.78 28.35 15.64
C TYR Q 127 15.52 27.63 14.32
N PRO Q 128 15.36 26.29 14.36
CA PRO Q 128 15.44 25.41 15.52
C PRO Q 128 16.87 25.03 15.86
N GLY Q 129 17.03 24.13 16.81
CA GLY Q 129 18.36 23.80 17.30
C GLY Q 129 19.17 22.97 16.32
N ASN Q 130 18.56 22.57 15.22
CA ASN Q 130 19.27 21.85 14.18
C ASN Q 130 20.35 22.73 13.58
N ILE Q 131 21.61 22.47 13.94
CA ILE Q 131 22.70 23.32 13.50
C ILE Q 131 23.98 22.53 13.26
N GLU Q 132 24.73 22.92 12.24
CA GLU Q 132 26.03 22.31 11.96
C GLU Q 132 27.10 23.37 11.83
N VAL Q 133 28.15 23.23 12.62
CA VAL Q 133 29.24 24.20 12.63
C VAL Q 133 30.59 23.50 12.49
N ARG Q 134 31.38 23.91 11.51
CA ARG Q 134 32.69 23.31 11.30
C ARG Q 134 33.79 24.36 11.28
N TRP Q 135 35.01 23.94 11.59
CA TRP Q 135 36.17 24.82 11.57
C TRP Q 135 37.12 24.45 10.44
N PHE Q 136 37.38 25.41 9.56
CA PHE Q 136 38.35 25.20 8.48
C PHE Q 136 39.57 26.10 8.61
N ARG Q 137 40.74 25.48 8.70
CA ARG Q 137 42.00 26.21 8.64
C ARG Q 137 42.70 25.83 7.35
N ASN Q 138 42.92 26.83 6.49
CA ASN Q 138 43.52 26.65 5.17
C ASN Q 138 42.59 25.86 4.25
N GLY Q 139 41.31 25.79 4.62
CA GLY Q 139 40.31 25.14 3.80
C GLY Q 139 40.10 23.68 4.16
N LYS Q 140 40.75 23.21 5.22
CA LYS Q 140 40.55 21.85 5.70
C LYS Q 140 39.84 21.82 7.04
N GLU Q 141 38.91 20.89 7.20
CA GLU Q 141 38.12 20.78 8.42
C GLU Q 141 38.94 20.23 9.59
N GLU Q 142 39.27 21.10 10.54
CA GLU Q 142 40.01 20.68 11.72
C GLU Q 142 39.17 19.77 12.60
N LYS Q 143 39.17 18.48 12.26
CA LYS Q 143 38.33 17.51 12.96
C LYS Q 143 38.95 17.05 14.28
N THR Q 144 39.74 17.92 14.89
CA THR Q 144 40.36 17.61 16.18
C THR Q 144 40.61 18.89 16.97
N GLY Q 145 40.65 18.76 18.29
CA GLY Q 145 40.87 19.91 19.16
C GLY Q 145 39.68 20.85 19.16
N ILE Q 146 38.48 20.27 19.11
CA ILE Q 146 37.26 21.06 19.11
C ILE Q 146 36.56 21.00 20.45
N VAL Q 147 36.46 22.15 21.11
CA VAL Q 147 35.76 22.24 22.38
C VAL Q 147 34.48 23.03 22.21
N SER Q 148 33.34 22.33 22.33
CA SER Q 148 32.06 22.98 22.17
C SER Q 148 31.28 22.98 23.48
N THR Q 149 30.45 23.99 23.68
CA THR Q 149 29.64 24.09 24.89
C THR Q 149 28.37 23.27 24.72
N GLY Q 150 28.10 22.88 23.49
CA GLY Q 150 26.87 22.20 23.17
C GLY Q 150 25.77 23.19 22.85
N LEU Q 151 24.58 22.69 22.52
CA LEU Q 151 23.46 23.54 22.22
C LEU Q 151 22.83 24.10 23.49
N VAL Q 152 22.54 25.39 23.49
CA VAL Q 152 21.97 26.05 24.66
C VAL Q 152 20.61 26.66 24.37
N ARG Q 153 19.63 26.29 25.18
CA ARG Q 153 18.26 26.76 25.01
C ARG Q 153 18.02 28.00 25.86
N ASN Q 154 17.76 29.12 25.20
CA ASN Q 154 17.52 30.37 25.90
C ASN Q 154 16.13 30.43 26.53
N GLY Q 155 15.23 29.57 26.07
CA GLY Q 155 13.91 29.49 26.66
C GLY Q 155 12.90 30.43 26.02
N ASP Q 156 13.36 31.26 25.10
CA ASP Q 156 12.47 32.18 24.40
C ASP Q 156 12.43 31.82 22.92
N TRP Q 157 12.46 30.52 22.64
CA TRP Q 157 12.43 30.00 21.29
C TRP Q 157 13.62 30.49 20.49
N THR Q 158 14.75 30.68 21.17
CA THR Q 158 15.99 31.02 20.50
C THR Q 158 17.12 30.16 21.06
N PHE Q 159 18.10 29.85 20.23
CA PHE Q 159 19.21 29.02 20.64
C PHE Q 159 20.52 29.75 20.54
N GLN Q 160 21.57 29.15 21.09
CA GLN Q 160 22.92 29.68 21.00
C GLN Q 160 23.94 28.59 21.30
N THR Q 161 25.14 28.76 20.78
CA THR Q 161 26.20 27.81 21.04
C THR Q 161 27.56 28.43 20.77
N LEU Q 162 28.58 27.96 21.47
CA LEU Q 162 29.93 28.43 21.26
C LEU Q 162 30.83 27.27 20.86
N VAL Q 163 31.26 27.27 19.61
CA VAL Q 163 32.18 26.23 19.12
C VAL Q 163 33.61 26.77 19.03
N MET Q 164 34.54 26.08 19.69
CA MET Q 164 35.91 26.56 19.79
C MET Q 164 36.94 25.59 19.20
N LEU Q 165 38.03 26.15 18.69
CA LEU Q 165 39.16 25.38 18.18
C LEU Q 165 40.41 25.72 18.97
N GLU Q 166 41.12 24.70 19.46
CA GLU Q 166 42.20 24.91 20.41
C GLU Q 166 43.56 25.09 19.76
N THR Q 167 43.58 25.43 18.47
CA THR Q 167 44.84 25.64 17.77
C THR Q 167 45.37 27.05 18.00
N VAL Q 168 46.69 27.20 17.96
CA VAL Q 168 47.33 28.50 18.13
C VAL Q 168 47.55 29.19 16.78
N TYR Q 175 41.92 30.07 8.97
CA TYR Q 175 41.03 30.16 10.11
C TYR Q 175 39.66 30.69 9.70
N THR Q 176 38.79 29.77 9.28
CA THR Q 176 37.43 30.12 8.91
C THR Q 176 36.44 29.03 9.34
N CYS Q 177 35.32 29.44 9.94
CA CYS Q 177 34.31 28.48 10.37
C CYS Q 177 33.05 28.59 9.50
N GLN Q 178 32.42 27.44 9.26
CA GLN Q 178 31.25 27.38 8.38
C GLN Q 178 30.01 26.95 9.17
N VAL Q 179 28.88 27.58 8.89
CA VAL Q 179 27.65 27.30 9.60
C VAL Q 179 26.51 26.89 8.68
N GLU Q 180 26.00 25.68 8.87
CA GLU Q 180 24.86 25.20 8.10
C GLU Q 180 23.61 25.15 8.98
N HIS Q 181 22.51 25.65 8.45
CA HIS Q 181 21.28 25.79 9.22
C HIS Q 181 20.08 25.82 8.28
N PRO Q 182 18.97 25.14 8.67
CA PRO Q 182 17.73 25.08 7.90
C PRO Q 182 17.16 26.43 7.46
N SER Q 183 17.60 27.52 8.08
CA SER Q 183 17.15 28.85 7.69
C SER Q 183 18.11 29.46 6.68
N LEU Q 184 19.15 28.71 6.32
CA LEU Q 184 20.16 29.21 5.40
C LEU Q 184 20.20 28.41 4.11
N THR Q 185 19.84 29.05 3.01
CA THR Q 185 19.89 28.44 1.68
C THR Q 185 21.32 28.08 1.30
N ASP Q 186 22.24 28.99 1.62
CA ASP Q 186 23.66 28.76 1.38
C ASP Q 186 24.42 28.97 2.69
N PRO Q 187 25.41 28.11 2.94
CA PRO Q 187 26.19 28.15 4.19
C PRO Q 187 26.74 29.53 4.50
N VAL Q 188 26.76 29.90 5.77
CA VAL Q 188 27.29 31.18 6.19
C VAL Q 188 28.73 30.98 6.58
N THR Q 189 29.61 31.83 6.06
CA THR Q 189 31.04 31.69 6.30
C THR Q 189 31.62 32.94 6.91
N VAL Q 190 32.46 32.75 7.92
CA VAL Q 190 33.27 33.83 8.47
C VAL Q 190 34.71 33.36 8.69
N GLU Q 191 35.64 34.31 8.60
CA GLU Q 191 37.06 34.00 8.68
C GLU Q 191 37.81 35.06 9.44
N TRP Q 192 38.90 34.69 10.10
CA TRP Q 192 39.65 35.65 10.87
C TRP Q 192 40.98 35.92 10.19
N LYS Q 193 41.79 36.79 10.78
CA LYS Q 193 43.09 37.15 10.21
C LYS Q 193 44.21 36.29 10.75
N ALA R 1 -8.08 31.73 14.25
CA ALA R 1 -8.21 31.35 15.65
C ALA R 1 -8.89 29.99 15.80
N ASN R 2 -8.16 28.93 15.44
CA ASN R 2 -8.65 27.58 15.63
C ASN R 2 -8.08 27.00 16.92
N GLY R 3 -8.97 26.52 17.78
CA GLY R 3 -8.59 26.25 19.16
C GLY R 3 -7.94 24.90 19.37
N VAL R 4 -6.82 24.91 20.08
CA VAL R 4 -6.06 23.70 20.35
C VAL R 4 -6.83 22.78 21.30
N ALA R 5 -6.53 21.49 21.22
CA ALA R 5 -7.24 20.51 22.01
C ALA R 5 -6.38 20.06 23.17
N PHE R 6 -7.04 19.63 24.24
CA PHE R 6 -6.35 19.25 25.46
C PHE R 6 -6.96 17.97 26.00
N PHE R 7 -6.23 17.32 26.90
CA PHE R 7 -6.68 16.09 27.51
C PHE R 7 -7.46 16.39 28.78
N LEU R 8 -8.60 15.74 28.95
CA LEU R 8 -9.37 15.86 30.17
C LEU R 8 -8.77 14.97 31.24
N THR R 9 -8.61 15.50 32.45
CA THR R 9 -8.12 14.70 33.55
C THR R 9 -9.29 14.15 34.36
N PRO R 10 -9.30 12.83 34.56
CA PRO R 10 -10.39 12.11 35.21
C PRO R 10 -10.23 12.05 36.72
N PHE R 11 -11.34 12.01 37.44
CA PHE R 11 -11.29 11.90 38.89
C PHE R 11 -10.84 10.52 39.34
N LYS R 12 -9.95 10.50 40.33
CA LYS R 12 -9.46 9.25 40.88
C LYS R 12 -10.35 8.80 42.02
N ALA R 13 -10.51 7.49 42.14
CA ALA R 13 -11.26 6.86 43.24
C ALA R 13 -12.63 7.51 43.48
N GLY S 3 -28.98 26.39 17.31
CA GLY S 3 -27.90 27.30 17.00
C GLY S 3 -26.57 26.82 17.54
N ASP S 4 -26.61 26.12 18.68
CA ASP S 4 -25.42 25.50 19.23
C ASP S 4 -25.66 24.00 19.41
N GLN S 5 -25.92 23.34 18.29
CA GLN S 5 -26.21 21.91 18.26
C GLN S 5 -25.46 21.26 17.12
N VAL S 6 -25.62 19.95 16.97
CA VAL S 6 -24.95 19.24 15.90
C VAL S 6 -25.84 19.14 14.67
N GLU S 7 -25.28 19.51 13.52
CA GLU S 7 -25.99 19.41 12.26
C GLU S 7 -26.33 17.97 11.95
N GLN S 8 -27.59 17.60 12.14
CA GLN S 8 -28.02 16.24 11.89
C GLN S 8 -29.07 16.16 10.80
N SER S 9 -28.82 15.30 9.81
CA SER S 9 -29.74 15.12 8.70
C SER S 9 -29.96 13.63 8.47
N PRO S 10 -31.16 13.25 8.02
CA PRO S 10 -32.31 14.10 7.70
C PRO S 10 -33.15 14.46 8.91
N SER S 11 -34.05 15.42 8.74
CA SER S 11 -34.98 15.82 9.79
C SER S 11 -35.99 14.73 10.07
N ALA S 12 -36.61 14.20 9.02
CA ALA S 12 -37.58 13.14 9.18
C ALA S 12 -37.38 12.05 8.14
N LEU S 13 -37.90 10.86 8.42
CA LEU S 13 -37.59 9.70 7.61
C LEU S 13 -38.70 8.65 7.67
N SER S 14 -39.10 8.11 6.52
CA SER S 14 -40.05 7.03 6.49
C SER S 14 -39.47 5.81 5.81
N LEU S 15 -39.41 4.68 6.52
CA LEU S 15 -38.83 3.48 5.96
C LEU S 15 -39.83 2.36 5.92
N HIS S 16 -39.94 1.68 4.78
CA HIS S 16 -40.77 0.49 4.70
C HIS S 16 -40.11 -0.65 5.43
N GLU S 17 -40.91 -1.48 6.08
CA GLU S 17 -40.40 -2.63 6.81
C GLU S 17 -39.53 -3.46 5.90
N GLY S 18 -38.27 -3.63 6.30
CA GLY S 18 -37.32 -4.41 5.53
C GLY S 18 -36.39 -3.57 4.69
N THR S 19 -36.56 -2.26 4.70
CA THR S 19 -35.66 -1.37 4.00
C THR S 19 -34.63 -0.80 4.95
N GLY S 20 -33.80 0.11 4.44
CA GLY S 20 -32.78 0.72 5.27
C GLY S 20 -32.42 2.11 4.80
N SER S 21 -31.77 2.87 5.67
CA SER S 21 -31.29 4.20 5.32
C SER S 21 -30.29 4.66 6.36
N ALA S 22 -29.73 5.84 6.16
CA ALA S 22 -28.65 6.29 7.02
C ALA S 22 -28.85 7.69 7.57
N LEU S 23 -28.45 7.88 8.81
CA LEU S 23 -28.50 9.18 9.47
C LEU S 23 -27.09 9.72 9.52
N ARG S 24 -26.92 11.03 9.57
CA ARG S 24 -25.57 11.57 9.58
C ARG S 24 -25.45 12.81 10.45
N CYS S 25 -24.40 12.85 11.28
CA CYS S 25 -24.09 14.01 12.08
C CYS S 25 -22.87 14.70 11.49
N ASN S 26 -22.95 15.99 11.26
CA ASN S 26 -21.82 16.72 10.72
C ASN S 26 -21.26 17.70 11.73
N PHE S 27 -19.97 17.60 12.01
CA PHE S 27 -19.35 18.42 13.05
C PHE S 27 -18.57 19.58 12.47
N THR S 28 -18.48 20.67 13.23
CA THR S 28 -17.78 21.86 12.79
C THR S 28 -16.33 21.86 13.23
N THR S 29 -15.94 20.80 13.93
CA THR S 29 -14.57 20.66 14.41
C THR S 29 -14.28 19.23 14.86
N THR S 30 -13.06 18.99 15.33
CA THR S 30 -12.68 17.67 15.77
C THR S 30 -13.41 17.26 17.04
N MET S 31 -14.12 16.14 16.98
CA MET S 31 -14.85 15.65 18.13
C MET S 31 -14.10 14.55 18.84
N ARG S 32 -14.28 14.45 20.15
CA ARG S 32 -13.53 13.52 20.96
C ARG S 32 -14.15 12.13 20.89
N ALA S 33 -15.47 12.09 20.78
CA ALA S 33 -16.21 10.82 20.66
C ALA S 33 -17.68 11.09 20.35
N VAL S 34 -18.38 10.09 19.84
CA VAL S 34 -19.77 10.27 19.44
C VAL S 34 -20.70 9.26 20.11
N GLN S 35 -21.93 9.68 20.39
CA GLN S 35 -22.90 8.81 21.03
C GLN S 35 -24.26 8.89 20.33
N TRP S 36 -24.96 7.76 20.24
CA TRP S 36 -26.25 7.73 19.56
C TRP S 36 -27.38 7.24 20.45
N PHE S 37 -28.49 7.97 20.46
CA PHE S 37 -29.65 7.64 21.29
C PHE S 37 -30.92 7.44 20.48
N ARG S 38 -31.86 6.70 21.03
CA ARG S 38 -33.17 6.53 20.42
C ARG S 38 -34.27 6.74 21.45
N LYS S 39 -35.25 7.56 21.11
CA LYS S 39 -36.41 7.77 21.98
C LYS S 39 -37.63 7.05 21.43
N ASN S 40 -38.16 6.11 22.20
CA ASN S 40 -39.29 5.30 21.74
C ASN S 40 -40.59 6.08 21.67
N SER S 41 -41.68 5.34 21.59
CA SER S 41 -43.00 5.91 21.80
C SER S 41 -43.32 5.81 23.29
N ARG S 42 -43.34 6.95 23.96
CA ARG S 42 -43.50 7.03 25.41
C ARG S 42 -42.37 6.27 26.12
N GLY S 43 -41.25 6.12 25.42
CA GLY S 43 -40.14 5.37 25.95
C GLY S 43 -38.98 6.23 26.43
N SER S 44 -38.00 5.59 27.05
CA SER S 44 -36.83 6.29 27.53
C SER S 44 -35.83 6.50 26.41
N LEU S 45 -34.83 7.33 26.64
CA LEU S 45 -33.70 7.43 25.74
C LEU S 45 -32.83 6.19 25.88
N ILE S 46 -32.70 5.41 24.81
CA ILE S 46 -31.87 4.22 24.86
C ILE S 46 -30.49 4.50 24.29
N ASN S 47 -29.46 4.13 25.04
CA ASN S 47 -28.09 4.29 24.57
C ASN S 47 -27.81 3.26 23.47
N LEU S 48 -27.39 3.72 22.30
CA LEU S 48 -27.15 2.80 21.19
C LEU S 48 -25.67 2.51 20.94
N PHE S 49 -24.87 3.55 20.75
CA PHE S 49 -23.45 3.34 20.48
C PHE S 49 -22.59 4.35 21.22
N TYR S 50 -21.36 3.97 21.54
CA TYR S 50 -20.36 4.94 21.92
C TYR S 50 -19.13 4.73 21.05
N LEU S 51 -18.84 5.70 20.19
CA LEU S 51 -17.73 5.59 19.26
C LEU S 51 -16.67 6.65 19.46
N ALA S 52 -15.42 6.23 19.44
CA ALA S 52 -14.31 7.17 19.44
C ALA S 52 -13.58 7.10 18.12
N SER S 53 -13.74 5.97 17.44
CA SER S 53 -13.11 5.75 16.15
C SER S 53 -13.69 4.50 15.51
N GLY S 54 -13.55 4.38 14.21
CA GLY S 54 -13.99 3.20 13.49
C GLY S 54 -15.48 2.97 13.54
N THR S 55 -15.89 1.72 13.47
CA THR S 55 -17.32 1.40 13.41
C THR S 55 -17.71 0.36 14.44
N LYS S 56 -18.98 0.40 14.85
CA LYS S 56 -19.55 -0.58 15.75
C LYS S 56 -20.86 -1.05 15.17
N GLU S 57 -21.17 -2.32 15.35
CA GLU S 57 -22.41 -2.85 14.81
C GLU S 57 -23.18 -3.59 15.88
N ASN S 58 -24.46 -3.25 16.01
CA ASN S 58 -25.30 -3.86 17.02
C ASN S 58 -26.61 -4.34 16.42
N GLY S 59 -26.67 -5.62 16.07
CA GLY S 59 -27.87 -6.16 15.45
C GLY S 59 -28.08 -5.52 14.10
N ARG S 60 -29.18 -4.79 13.96
CA ARG S 60 -29.51 -4.13 12.71
C ARG S 60 -29.05 -2.68 12.66
N LEU S 61 -28.24 -2.26 13.61
CA LEU S 61 -27.72 -0.90 13.59
C LEU S 61 -26.22 -0.90 13.49
N LYS S 62 -25.67 -0.11 12.57
CA LYS S 62 -24.22 0.05 12.47
C LYS S 62 -23.88 1.53 12.51
N SER S 63 -22.82 1.87 13.23
CA SER S 63 -22.43 3.27 13.38
C SER S 63 -20.98 3.52 13.04
N ALA S 64 -20.69 4.73 12.54
CA ALA S 64 -19.33 5.07 12.13
C ALA S 64 -18.96 6.48 12.58
N PHE S 65 -17.68 6.68 12.88
CA PHE S 65 -17.20 8.00 13.30
C PHE S 65 -15.82 8.27 12.74
N ASP S 66 -15.70 9.31 11.92
CA ASP S 66 -14.41 9.71 11.38
C ASP S 66 -14.00 11.07 11.90
N SER S 67 -13.09 11.06 12.88
CA SER S 67 -12.62 12.28 13.52
C SER S 67 -12.14 13.36 12.56
N LYS S 68 -11.33 12.96 11.58
CA LYS S 68 -10.73 13.91 10.65
C LYS S 68 -11.77 14.50 9.73
N GLU S 69 -12.61 13.65 9.14
CA GLU S 69 -13.59 14.08 8.16
C GLU S 69 -14.79 14.72 8.84
N ARG S 70 -14.78 14.74 10.16
CA ARG S 70 -15.77 15.45 10.96
C ARG S 70 -17.19 15.00 10.71
N TYR S 71 -17.45 13.70 10.79
CA TYR S 71 -18.83 13.21 10.65
C TYR S 71 -19.07 11.92 11.40
N SER S 72 -20.34 11.60 11.58
CA SER S 72 -20.72 10.29 12.10
C SER S 72 -22.02 9.82 11.47
N THR S 73 -22.15 8.52 11.23
CA THR S 73 -23.33 7.99 10.55
C THR S 73 -23.99 6.87 11.34
N LEU S 74 -25.30 6.80 11.29
CA LEU S 74 -26.03 5.67 11.87
C LEU S 74 -26.80 4.94 10.78
N HIS S 75 -26.59 3.64 10.66
CA HIS S 75 -27.22 2.87 9.61
C HIS S 75 -28.25 1.92 10.16
N ILE S 76 -29.45 2.00 9.61
CA ILE S 76 -30.49 1.07 9.96
C ILE S 76 -30.67 0.11 8.79
N ARG S 77 -30.65 -1.18 9.06
CA ARG S 77 -30.88 -2.16 8.01
C ARG S 77 -31.99 -3.10 8.40
N ASP S 78 -32.74 -3.55 7.40
CA ASP S 78 -33.87 -4.44 7.64
C ASP S 78 -34.78 -3.79 8.66
N ALA S 79 -35.07 -2.52 8.44
CA ALA S 79 -35.83 -1.71 9.39
C ALA S 79 -37.06 -2.43 9.87
N GLN S 80 -37.24 -2.45 11.19
CA GLN S 80 -38.39 -3.10 11.78
C GLN S 80 -39.28 -2.08 12.43
N LEU S 81 -40.43 -2.54 12.93
CA LEU S 81 -41.41 -1.66 13.54
C LEU S 81 -40.89 -0.93 14.75
N GLU S 82 -40.19 -1.66 15.63
CA GLU S 82 -39.71 -1.10 16.88
C GLU S 82 -38.57 -0.10 16.67
N ASP S 83 -38.10 0.01 15.43
CA ASP S 83 -37.02 0.93 15.11
C ASP S 83 -37.50 2.37 15.03
N SER S 84 -38.82 2.55 15.06
CA SER S 84 -39.43 3.86 15.02
C SER S 84 -39.02 4.70 16.22
N GLY S 85 -38.92 6.02 16.05
CA GLY S 85 -38.56 6.88 17.15
C GLY S 85 -37.77 8.09 16.72
N THR S 86 -37.18 8.78 17.68
CA THR S 86 -36.35 9.95 17.40
C THR S 86 -34.90 9.64 17.72
N TYR S 87 -34.01 9.87 16.77
CA TYR S 87 -32.60 9.52 16.95
C TYR S 87 -31.75 10.77 17.16
N PHE S 88 -30.95 10.76 18.21
CA PHE S 88 -30.09 11.89 18.54
C PHE S 88 -28.64 11.47 18.54
N CYS S 89 -27.76 12.32 18.07
CA CYS S 89 -26.34 12.10 18.25
C CYS S 89 -25.84 13.10 19.24
N ALA S 90 -24.79 12.75 19.97
CA ALA S 90 -24.24 13.64 20.98
C ALA S 90 -22.73 13.49 21.02
N ALA S 91 -22.02 14.60 20.95
CA ALA S 91 -20.57 14.54 20.96
C ALA S 91 -19.99 15.75 21.65
N GLU S 92 -18.82 15.60 22.24
CA GLU S 92 -18.16 16.74 22.85
C GLU S 92 -16.87 17.07 22.11
N ALA S 93 -16.65 18.36 21.90
CA ALA S 93 -15.53 18.82 21.10
C ALA S 93 -14.20 18.46 21.73
N SER S 94 -13.20 18.27 20.90
CA SER S 94 -11.87 17.92 21.37
C SER S 94 -11.21 19.11 22.05
N ASN S 95 -11.66 20.31 21.72
CA ASN S 95 -11.11 21.54 22.27
C ASN S 95 -12.00 22.24 23.30
N THR S 96 -13.05 21.56 23.75
CA THR S 96 -13.90 22.09 24.82
C THR S 96 -14.21 21.02 25.86
N ASN S 97 -14.98 21.39 26.88
CA ASN S 97 -15.36 20.44 27.92
C ASN S 97 -16.83 20.06 27.86
N LYS S 98 -17.57 20.60 26.90
CA LYS S 98 -19.02 20.47 26.92
C LYS S 98 -19.57 19.60 25.80
N VAL S 99 -20.47 18.71 26.17
CA VAL S 99 -21.15 17.83 25.22
C VAL S 99 -22.26 18.58 24.51
N VAL S 100 -22.37 18.38 23.20
CA VAL S 100 -23.39 19.05 22.41
C VAL S 100 -24.21 18.03 21.64
N PHE S 101 -25.50 18.30 21.46
CA PHE S 101 -26.44 17.32 20.93
C PHE S 101 -26.89 17.64 19.49
N GLY S 102 -27.39 16.62 18.80
CA GLY S 102 -27.89 16.80 17.44
C GLY S 102 -29.30 17.34 17.37
N THR S 103 -29.69 17.81 16.17
CA THR S 103 -31.00 18.44 15.98
C THR S 103 -32.14 17.41 16.01
N GLY S 104 -31.81 16.15 15.78
CA GLY S 104 -32.81 15.10 15.88
C GLY S 104 -33.35 14.60 14.55
N THR S 105 -33.72 13.32 14.54
CA THR S 105 -34.30 12.68 13.36
C THR S 105 -35.54 11.87 13.71
N ARG S 106 -36.68 12.19 13.12
CA ARG S 106 -37.91 11.46 13.40
C ARG S 106 -38.11 10.33 12.42
N LEU S 107 -37.95 9.10 12.88
CA LEU S 107 -38.06 7.95 11.99
C LEU S 107 -39.36 7.20 12.17
N GLN S 108 -40.11 7.06 11.09
CA GLN S 108 -41.35 6.29 11.11
C GLN S 108 -41.19 5.08 10.21
N VAL S 109 -41.46 3.90 10.74
CA VAL S 109 -41.37 2.69 9.94
C VAL S 109 -42.74 2.15 9.60
N LEU S 110 -43.02 2.06 8.31
CA LEU S 110 -44.31 1.60 7.84
C LEU S 110 -44.28 0.08 7.73
N PRO S 111 -45.27 -0.58 8.33
CA PRO S 111 -45.27 -2.04 8.32
C PRO S 111 -45.65 -2.60 6.96
N ASN S 112 -45.22 -3.82 6.67
CA ASN S 112 -45.61 -4.47 5.44
C ASN S 112 -46.86 -5.30 5.65
N ILE S 113 -47.96 -4.86 5.07
CA ILE S 113 -49.22 -5.56 5.21
C ILE S 113 -49.39 -6.55 4.07
N GLN S 114 -49.20 -7.84 4.37
CA GLN S 114 -49.24 -8.86 3.34
C GLN S 114 -50.63 -9.01 2.75
N ASN S 115 -51.64 -9.08 3.61
CA ASN S 115 -53.01 -9.24 3.13
C ASN S 115 -53.93 -8.18 3.70
N PRO S 116 -54.03 -7.04 3.03
CA PRO S 116 -54.92 -5.96 3.44
C PRO S 116 -56.37 -6.41 3.40
N ASP S 117 -57.12 -6.13 4.46
CA ASP S 117 -58.53 -6.46 4.51
C ASP S 117 -59.31 -5.33 5.14
N PRO S 118 -59.28 -4.14 4.50
CA PRO S 118 -59.86 -2.94 5.11
C PRO S 118 -61.32 -3.15 5.49
N ALA S 119 -61.63 -2.87 6.74
CA ALA S 119 -62.96 -3.10 7.27
C ALA S 119 -63.24 -2.18 8.45
N VAL S 120 -64.51 -1.92 8.71
CA VAL S 120 -64.90 -1.12 9.85
C VAL S 120 -65.88 -1.89 10.72
N TYR S 121 -65.52 -2.13 11.97
CA TYR S 121 -66.37 -2.89 12.87
C TYR S 121 -66.93 -2.02 13.98
N GLN S 122 -68.00 -2.49 14.61
CA GLN S 122 -68.62 -1.79 15.73
C GLN S 122 -68.46 -2.58 17.02
N LEU S 123 -68.05 -1.90 18.09
CA LEU S 123 -67.83 -2.56 19.37
C LEU S 123 -68.71 -1.98 20.46
N ARG S 124 -69.31 -2.85 21.26
CA ARG S 124 -70.20 -2.43 22.34
C ARG S 124 -69.50 -2.45 23.69
N ASP S 125 -69.96 -1.60 24.60
CA ASP S 125 -69.38 -1.50 25.94
C ASP S 125 -69.64 -2.78 26.74
N SER S 126 -68.63 -3.21 27.50
CA SER S 126 -68.78 -4.37 28.37
C SER S 126 -69.63 -4.01 29.58
N ASP S 130 -74.65 1.36 27.01
CA ASP S 130 -74.50 1.16 25.57
C ASP S 130 -73.60 2.21 24.94
N LYS S 131 -72.32 2.19 25.28
CA LYS S 131 -71.36 3.04 24.58
C LYS S 131 -70.90 2.27 23.34
N SER S 132 -70.31 2.98 22.39
CA SER S 132 -69.91 2.34 21.14
C SER S 132 -68.74 3.00 20.43
N VAL S 133 -67.91 2.17 19.81
CA VAL S 133 -66.79 2.67 19.01
C VAL S 133 -66.76 1.95 17.66
N CYS S 134 -66.20 2.61 16.66
CA CYS S 134 -66.03 2.01 15.35
C CYS S 134 -64.55 1.78 15.11
N LEU S 135 -64.22 0.61 14.60
CA LEU S 135 -62.81 0.25 14.45
C LEU S 135 -62.44 0.03 13.00
N PHE S 136 -61.74 0.99 12.42
CA PHE S 136 -61.19 0.85 11.08
C PHE S 136 -59.87 0.12 11.19
N THR S 137 -59.77 -1.03 10.55
CA THR S 137 -58.60 -1.89 10.71
C THR S 137 -58.27 -2.64 9.43
N ASP S 138 -57.08 -3.23 9.43
CA ASP S 138 -56.64 -4.14 8.37
C ASP S 138 -56.45 -3.44 7.03
N PHE S 139 -56.34 -2.12 7.03
CA PHE S 139 -56.02 -1.39 5.80
C PHE S 139 -54.50 -1.36 5.66
N ASP S 140 -54.01 -1.02 4.47
CA ASP S 140 -52.58 -1.01 4.22
C ASP S 140 -51.95 0.30 4.67
N SER S 141 -50.62 0.33 4.70
CA SER S 141 -49.90 1.48 5.23
C SER S 141 -49.96 2.69 4.30
N GLN S 142 -50.49 2.50 3.11
CA GLN S 142 -50.61 3.60 2.16
C GLN S 142 -51.86 4.42 2.43
N THR S 143 -52.78 3.86 3.20
CA THR S 143 -54.02 4.55 3.52
C THR S 143 -53.81 5.55 4.66
N ASN S 144 -54.33 6.76 4.48
CA ASN S 144 -54.20 7.79 5.49
C ASN S 144 -55.51 8.10 6.19
N VAL S 145 -55.48 8.10 7.52
CA VAL S 145 -56.66 8.42 8.31
C VAL S 145 -56.67 9.92 8.62
N SER S 146 -57.77 10.58 8.26
CA SER S 146 -57.86 12.02 8.46
C SER S 146 -58.77 12.37 9.63
N GLN S 147 -58.47 13.47 10.30
CA GLN S 147 -59.23 13.88 11.46
C GLN S 147 -60.66 14.27 11.11
N SER S 148 -61.58 13.86 11.97
CA SER S 148 -62.99 14.20 11.80
C SER S 148 -63.20 15.69 11.99
N LYS S 149 -64.06 16.27 11.14
CA LYS S 149 -64.26 17.71 11.17
C LYS S 149 -65.16 18.15 12.32
N ASP S 150 -66.46 17.88 12.21
CA ASP S 150 -67.44 18.35 13.19
C ASP S 150 -67.05 17.97 14.62
N SER S 151 -67.18 18.95 15.52
CA SER S 151 -66.60 18.87 16.87
C SER S 151 -67.19 17.82 17.79
N ASP S 152 -68.19 17.08 17.33
CA ASP S 152 -68.85 16.11 18.19
C ASP S 152 -68.42 14.66 17.95
N VAL S 153 -67.57 14.46 16.93
CA VAL S 153 -67.03 13.14 16.64
C VAL S 153 -65.51 13.12 16.77
N TYR S 154 -64.97 12.05 17.35
CA TYR S 154 -63.54 11.93 17.56
C TYR S 154 -62.94 10.78 16.75
N ILE S 155 -61.76 11.02 16.18
CA ILE S 155 -61.04 9.99 15.44
C ILE S 155 -59.56 9.97 15.82
N THR S 156 -59.04 8.78 16.10
CA THR S 156 -57.65 8.62 16.49
C THR S 156 -56.75 8.42 15.29
N ASP S 157 -55.46 8.68 15.47
CA ASP S 157 -54.48 8.43 14.42
C ASP S 157 -54.31 6.93 14.25
N LYS S 158 -53.79 6.50 13.11
CA LYS S 158 -53.63 5.07 12.87
C LYS S 158 -52.53 4.54 13.77
N CYS S 159 -52.60 3.24 14.08
CA CYS S 159 -51.64 2.64 14.99
C CYS S 159 -51.35 1.21 14.62
N VAL S 160 -50.12 0.77 14.86
CA VAL S 160 -49.72 -0.57 14.50
C VAL S 160 -49.51 -1.46 15.71
N LEU S 161 -50.15 -2.62 15.70
CA LEU S 161 -49.98 -3.61 16.75
C LEU S 161 -49.23 -4.80 16.17
N ASP S 162 -48.48 -5.51 17.01
CA ASP S 162 -47.62 -6.57 16.51
C ASP S 162 -47.89 -7.89 17.22
N MET S 163 -48.60 -8.80 16.53
CA MET S 163 -48.85 -10.12 17.08
C MET S 163 -47.67 -11.04 16.80
N ARG S 164 -46.66 -10.97 17.65
CA ARG S 164 -45.40 -11.67 17.46
C ARG S 164 -45.57 -13.17 17.28
N SER S 165 -46.42 -13.78 18.09
CA SER S 165 -46.64 -15.22 18.06
C SER S 165 -47.05 -15.71 16.68
N MET S 166 -47.91 -14.93 16.02
CA MET S 166 -48.41 -15.33 14.70
C MET S 166 -47.77 -14.51 13.59
N ASP S 167 -46.80 -13.67 13.96
CA ASP S 167 -46.06 -12.88 12.98
C ASP S 167 -47.02 -12.06 12.11
N PHE S 168 -47.89 -11.31 12.76
CA PHE S 168 -48.93 -10.57 12.06
C PHE S 168 -48.99 -9.14 12.55
N LYS S 169 -48.97 -8.20 11.62
CA LYS S 169 -49.05 -6.79 11.95
C LYS S 169 -50.26 -6.19 11.25
N SER S 170 -50.92 -5.23 11.89
CA SER S 170 -52.10 -4.64 11.30
C SER S 170 -52.31 -3.21 11.73
N ASN S 171 -52.70 -2.37 10.77
CA ASN S 171 -53.03 -0.98 11.06
C ASN S 171 -54.45 -0.90 11.60
N SER S 172 -54.71 0.12 12.40
CA SER S 172 -56.05 0.31 12.96
C SER S 172 -56.26 1.74 13.46
N ALA S 173 -57.49 2.21 13.36
CA ALA S 173 -57.85 3.52 13.85
C ALA S 173 -59.22 3.45 14.51
N VAL S 174 -59.41 4.22 15.56
CA VAL S 174 -60.64 4.16 16.32
C VAL S 174 -61.40 5.47 16.28
N ALA S 175 -62.71 5.38 16.09
CA ALA S 175 -63.58 6.54 16.06
C ALA S 175 -64.81 6.30 16.93
N TRP S 176 -65.23 7.32 17.65
CA TRP S 176 -66.40 7.20 18.52
C TRP S 176 -67.10 8.55 18.61
N SER S 177 -68.34 8.53 19.08
CA SER S 177 -69.10 9.78 19.25
C SER S 177 -70.28 9.61 20.19
N ASN S 178 -70.89 10.74 20.54
CA ASN S 178 -72.08 10.75 21.37
C ASN S 178 -73.27 11.19 20.53
N LYS S 179 -73.00 12.00 19.53
CA LYS S 179 -74.02 12.50 18.60
C LYS S 179 -74.80 11.37 17.96
N SER S 180 -76.12 11.53 17.88
CA SER S 180 -77.00 10.48 17.38
C SER S 180 -76.91 10.26 15.87
N ASP S 181 -76.32 11.22 15.16
CA ASP S 181 -76.21 11.10 13.70
C ASP S 181 -75.01 10.26 13.31
N PHE S 182 -74.34 9.69 14.32
CA PHE S 182 -73.09 8.99 14.08
C PHE S 182 -73.30 7.49 13.86
N ALA S 183 -72.84 7.01 12.70
CA ALA S 183 -72.88 5.61 12.36
C ALA S 183 -71.53 5.18 11.80
N CYS S 184 -71.22 3.90 11.90
CA CYS S 184 -69.93 3.39 11.43
C CYS S 184 -69.73 3.63 9.94
N ALA S 185 -70.82 3.66 9.18
CA ALA S 185 -70.73 3.84 7.74
C ALA S 185 -70.15 5.19 7.34
N ASN S 186 -70.42 6.22 8.13
CA ASN S 186 -69.99 7.57 7.78
C ASN S 186 -68.93 8.10 8.73
N ALA S 187 -68.39 7.22 9.55
CA ALA S 187 -67.38 7.60 10.53
C ALA S 187 -66.11 8.06 9.83
N PHE S 188 -65.61 7.22 8.93
CA PHE S 188 -64.34 7.49 8.27
C PHE S 188 -64.54 8.02 6.85
N ASN S 189 -65.61 8.79 6.65
CA ASN S 189 -65.86 9.42 5.36
C ASN S 189 -64.89 10.54 5.08
N ASN S 190 -64.35 11.14 6.14
CA ASN S 190 -63.41 12.25 6.01
C ASN S 190 -62.09 11.83 5.36
N SER S 191 -61.81 10.53 5.38
CA SER S 191 -60.57 10.01 4.81
C SER S 191 -60.83 9.31 3.49
N ILE S 192 -59.78 9.19 2.68
CA ILE S 192 -59.87 8.42 1.44
C ILE S 192 -59.61 6.96 1.77
N ILE S 193 -60.68 6.22 2.00
CA ILE S 193 -60.58 4.82 2.37
C ILE S 193 -60.63 3.94 1.12
N PRO S 194 -60.07 2.72 1.21
CA PRO S 194 -60.11 1.77 0.10
C PRO S 194 -61.51 1.53 -0.43
N GLU S 195 -61.62 1.36 -1.75
CA GLU S 195 -62.91 1.20 -2.41
C GLU S 195 -63.64 -0.04 -1.92
N ASP S 196 -62.88 -1.09 -1.65
CA ASP S 196 -63.45 -2.35 -1.20
C ASP S 196 -63.49 -2.45 0.33
N THR S 197 -63.74 -1.33 0.98
CA THR S 197 -63.83 -1.31 2.44
C THR S 197 -65.04 -2.09 2.91
N PHE S 198 -64.81 -3.09 3.76
CA PHE S 198 -65.87 -3.99 4.22
C PHE S 198 -66.72 -3.33 5.32
N PHE S 199 -68.02 -3.22 5.06
CA PHE S 199 -68.94 -2.62 6.01
C PHE S 199 -70.03 -3.61 6.45
N PRO S 200 -69.79 -4.29 7.58
CA PRO S 200 -70.71 -5.29 8.16
C PRO S 200 -72.08 -4.74 8.53
N SER S 201 -72.98 -5.64 8.94
CA SER S 201 -74.31 -5.27 9.40
C SER S 201 -75.11 -4.57 8.30
N LYS T 25 -29.19 1.10 34.96
CA LYS T 25 -30.53 1.67 35.00
C LYS T 25 -30.50 3.06 35.60
N VAL T 26 -31.28 3.98 35.06
CA VAL T 26 -31.44 5.28 35.69
C VAL T 26 -32.90 5.54 36.03
N ILE T 27 -33.17 5.82 37.29
CA ILE T 27 -34.54 5.94 37.76
C ILE T 27 -34.95 7.40 38.02
N GLN T 28 -35.80 7.93 37.15
CA GLN T 28 -36.36 9.27 37.38
C GLN T 28 -37.81 9.17 37.84
N THR T 29 -38.12 9.88 38.92
CA THR T 29 -39.47 9.93 39.46
C THR T 29 -39.86 11.37 39.79
N PRO T 30 -41.13 11.74 39.55
CA PRO T 30 -42.19 10.93 38.95
C PRO T 30 -42.21 11.04 37.43
N ARG T 31 -42.93 10.14 36.76
CA ARG T 31 -42.99 10.15 35.31
C ARG T 31 -43.63 11.43 34.79
N TYR T 32 -44.75 11.81 35.39
CA TYR T 32 -45.43 13.05 35.04
C TYR T 32 -45.59 13.91 36.29
N LEU T 33 -45.80 15.21 36.10
CA LEU T 33 -46.00 16.10 37.23
C LEU T 33 -46.77 17.36 36.85
N VAL T 34 -47.79 17.68 37.63
CA VAL T 34 -48.57 18.90 37.42
C VAL T 34 -48.55 19.79 38.66
N LYS T 35 -48.23 21.06 38.45
CA LYS T 35 -48.14 22.00 39.56
C LYS T 35 -48.75 23.35 39.19
N GLY T 36 -49.24 24.07 40.19
CA GLY T 36 -49.80 25.39 39.99
C GLY T 36 -48.72 26.45 40.07
N GLN T 37 -48.88 27.52 39.29
CA GLN T 37 -47.89 28.58 39.22
C GLN T 37 -47.50 29.13 40.58
N GLY T 38 -46.22 29.06 40.90
CA GLY T 38 -45.71 29.56 42.17
C GLY T 38 -45.45 28.48 43.19
N GLN T 39 -45.97 27.28 42.96
CA GLN T 39 -45.75 26.18 43.88
C GLN T 39 -44.35 25.60 43.70
N LYS T 40 -43.92 24.78 44.66
CA LYS T 40 -42.64 24.11 44.55
C LYS T 40 -42.79 22.83 43.74
N ALA T 41 -41.79 22.53 42.93
CA ALA T 41 -41.77 21.32 42.12
C ALA T 41 -40.47 20.58 42.32
N LYS T 42 -40.51 19.52 43.12
CA LYS T 42 -39.33 18.70 43.35
C LYS T 42 -39.44 17.38 42.62
N MET T 43 -38.40 17.04 41.87
CA MET T 43 -38.34 15.78 41.15
C MET T 43 -37.04 15.05 41.46
N ARG T 44 -37.09 13.73 41.38
CA ARG T 44 -35.97 12.90 41.83
C ARG T 44 -35.38 12.05 40.71
N CYS T 45 -34.13 11.65 40.91
CA CYS T 45 -33.41 10.83 39.95
C CYS T 45 -32.41 9.94 40.67
N ILE T 46 -32.47 8.64 40.41
CA ILE T 46 -31.50 7.72 40.97
C ILE T 46 -30.52 7.28 39.90
N PRO T 47 -29.30 7.82 39.95
CA PRO T 47 -28.28 7.44 38.97
C PRO T 47 -27.98 5.96 39.07
N GLU T 48 -27.40 5.39 38.01
CA GLU T 48 -27.06 3.98 37.97
C GLU T 48 -26.09 3.67 39.10
N LYS T 49 -26.08 2.43 39.56
CA LYS T 49 -25.21 2.03 40.65
C LYS T 49 -23.74 2.25 40.31
N GLY T 50 -23.04 2.99 41.16
CA GLY T 50 -21.63 3.25 40.97
C GLY T 50 -21.33 4.46 40.13
N HIS T 51 -22.37 5.19 39.72
CA HIS T 51 -22.21 6.35 38.86
C HIS T 51 -22.11 7.65 39.66
N PRO T 52 -20.92 8.25 39.71
CA PRO T 52 -20.73 9.48 40.49
C PRO T 52 -21.13 10.74 39.75
N VAL T 53 -21.16 10.70 38.42
CA VAL T 53 -21.46 11.90 37.65
C VAL T 53 -22.93 11.96 37.29
N VAL T 54 -23.57 13.10 37.56
CA VAL T 54 -24.98 13.27 37.23
C VAL T 54 -25.25 14.61 36.55
N PHE T 55 -25.98 14.55 35.44
CA PHE T 55 -26.34 15.74 34.68
C PHE T 55 -27.84 15.96 34.68
N TRP T 56 -28.25 17.22 34.67
CA TRP T 56 -29.66 17.56 34.54
C TRP T 56 -29.87 18.39 33.27
N TYR T 57 -30.68 17.88 32.35
CA TYR T 57 -30.96 18.62 31.14
C TYR T 57 -32.43 18.95 31.04
N GLN T 58 -32.74 20.09 30.44
CA GLN T 58 -34.12 20.50 30.23
C GLN T 58 -34.45 20.51 28.75
N GLN T 59 -35.30 19.59 28.33
CA GLN T 59 -35.66 19.46 26.94
C GLN T 59 -37.05 20.03 26.68
N ASN T 60 -37.16 20.90 25.69
CA ASN T 60 -38.44 21.49 25.32
C ASN T 60 -39.11 20.71 24.20
N LYS T 61 -40.12 21.30 23.59
CA LYS T 61 -40.85 20.64 22.51
C LYS T 61 -40.00 20.55 21.24
N ASN T 62 -38.95 21.37 21.18
CA ASN T 62 -38.14 21.47 19.97
C ASN T 62 -36.94 20.53 20.00
N ASN T 63 -36.97 19.57 20.92
CA ASN T 63 -35.90 18.58 21.07
C ASN T 63 -34.55 19.23 21.29
N GLU T 64 -34.54 20.38 21.95
CA GLU T 64 -33.29 21.05 22.31
C GLU T 64 -32.89 20.67 23.73
N PHE T 65 -31.61 20.42 23.94
CA PHE T 65 -31.14 20.04 25.27
C PHE T 65 -30.46 21.20 25.97
N LYS T 66 -31.14 21.73 26.99
CA LYS T 66 -30.63 22.86 27.74
C LYS T 66 -29.98 22.39 29.03
N PHE T 67 -28.70 22.70 29.18
CA PHE T 67 -27.95 22.29 30.36
C PHE T 67 -28.38 23.07 31.58
N LEU T 68 -28.60 22.36 32.69
CA LEU T 68 -28.98 23.01 33.93
C LEU T 68 -27.83 22.98 34.93
N ILE T 69 -27.45 21.77 35.36
CA ILE T 69 -26.44 21.60 36.39
C ILE T 69 -25.88 20.20 36.34
N ASN T 70 -24.60 20.04 36.66
CA ASN T 70 -24.02 18.72 36.76
C ASN T 70 -23.32 18.49 38.09
N PHE T 71 -23.41 17.27 38.59
CA PHE T 71 -22.81 16.94 39.86
C PHE T 71 -21.75 15.88 39.67
N GLN T 72 -20.79 15.84 40.58
CA GLN T 72 -20.07 14.62 40.85
C GLN T 72 -20.17 14.33 42.33
N ASN T 73 -20.83 13.22 42.66
CA ASN T 73 -21.19 12.91 44.03
C ASN T 73 -22.03 14.04 44.61
N GLN T 74 -21.54 14.67 45.67
CA GLN T 74 -22.29 15.74 46.33
C GLN T 74 -21.89 17.14 45.82
N GLU T 75 -20.74 17.22 45.17
CA GLU T 75 -20.18 18.51 44.74
C GLU T 75 -20.70 18.98 43.39
N VAL T 76 -21.05 20.25 43.31
CA VAL T 76 -21.49 20.85 42.05
C VAL T 76 -20.30 21.27 41.20
N LEU T 77 -20.18 20.66 40.02
CA LEU T 77 -19.07 20.95 39.11
C LEU T 77 -19.32 22.17 38.24
N GLN T 78 -20.54 22.31 37.72
CA GLN T 78 -20.84 23.43 36.85
C GLN T 78 -22.35 23.70 36.84
N GLN T 79 -22.75 24.94 36.63
CA GLN T 79 -24.17 25.28 36.52
C GLN T 79 -24.38 26.62 35.81
N ILE T 80 -25.62 26.88 35.41
CA ILE T 80 -25.96 28.13 34.75
C ILE T 80 -26.62 29.11 35.70
N ASP T 81 -26.87 30.33 35.22
CA ASP T 81 -27.44 31.39 36.03
C ASP T 81 -28.84 31.08 36.54
N MET T 82 -29.67 30.48 35.70
CA MET T 82 -31.06 30.19 36.04
C MET T 82 -31.18 29.18 37.17
N THR T 83 -30.39 28.12 37.10
CA THR T 83 -30.43 27.06 38.11
C THR T 83 -29.96 27.55 39.48
N GLU T 84 -29.07 28.54 39.48
CA GLU T 84 -28.53 29.06 40.72
C GLU T 84 -29.56 29.88 41.49
N LYS T 85 -30.33 30.68 40.76
CA LYS T 85 -31.32 31.56 41.37
C LYS T 85 -32.70 30.92 41.50
N ARG T 86 -33.11 30.16 40.49
CA ARG T 86 -34.47 29.65 40.42
C ARG T 86 -34.62 28.18 40.80
N PHE T 87 -33.54 27.42 40.71
CA PHE T 87 -33.60 26.00 41.02
C PHE T 87 -32.78 25.65 42.25
N SER T 88 -33.14 24.54 42.90
CA SER T 88 -32.33 24.03 43.98
C SER T 88 -32.11 22.55 43.75
N ALA T 89 -30.84 22.15 43.64
CA ALA T 89 -30.53 20.75 43.39
C ALA T 89 -29.46 20.25 44.33
N GLU T 90 -29.60 19.01 44.77
CA GLU T 90 -28.60 18.38 45.60
C GLU T 90 -28.57 16.89 45.31
N CYS T 91 -27.39 16.30 45.49
CA CYS T 91 -27.21 14.87 45.30
C CYS T 91 -26.62 14.26 46.56
N PRO T 92 -27.47 14.01 47.56
CA PRO T 92 -27.08 13.51 48.88
C PRO T 92 -26.44 12.13 48.83
N SER T 93 -25.54 11.86 49.76
CA SER T 93 -24.89 10.55 49.84
C SER T 93 -25.90 9.48 50.20
N ASN T 94 -25.85 8.38 49.46
CA ASN T 94 -26.78 7.26 49.64
C ASN T 94 -28.24 7.70 49.66
N SER T 95 -28.54 8.71 48.84
CA SER T 95 -29.90 9.21 48.72
C SER T 95 -30.14 9.70 47.29
N PRO T 96 -31.39 9.63 46.82
CA PRO T 96 -31.74 10.04 45.45
C PRO T 96 -31.43 11.50 45.18
N CYS T 97 -30.85 11.78 44.01
CA CYS T 97 -30.61 13.15 43.58
C CYS T 97 -31.92 13.88 43.40
N SER T 98 -31.91 15.20 43.59
CA SER T 98 -33.14 15.96 43.49
C SER T 98 -32.98 17.28 42.77
N LEU T 99 -34.03 17.68 42.06
CA LEU T 99 -34.10 18.99 41.44
C LEU T 99 -35.44 19.62 41.79
N GLU T 100 -35.38 20.81 42.36
CA GLU T 100 -36.58 21.47 42.86
C GLU T 100 -36.71 22.88 42.31
N ILE T 101 -37.87 23.19 41.75
CA ILE T 101 -38.18 24.55 41.35
C ILE T 101 -38.85 25.23 42.54
N GLN T 102 -38.29 26.35 42.98
CA GLN T 102 -38.81 27.04 44.15
C GLN T 102 -40.19 27.61 43.86
N SER T 103 -40.30 28.35 42.78
CA SER T 103 -41.58 28.92 42.37
C SER T 103 -41.86 28.62 40.90
N SER T 104 -42.77 27.68 40.67
CA SER T 104 -43.09 27.24 39.31
C SER T 104 -43.78 28.33 38.50
N GLU T 105 -43.41 28.41 37.23
CA GLU T 105 -44.10 29.28 36.29
C GLU T 105 -44.30 28.53 34.98
N ALA T 106 -45.10 29.10 34.09
CA ALA T 106 -45.47 28.42 32.85
C ALA T 106 -44.25 28.04 32.03
N GLY T 107 -43.23 28.88 32.06
CA GLY T 107 -42.02 28.67 31.28
C GLY T 107 -41.19 27.48 31.71
N ASP T 108 -41.48 26.94 32.89
CA ASP T 108 -40.73 25.81 33.41
C ASP T 108 -41.33 24.49 32.96
N SER T 109 -42.43 24.58 32.21
CA SER T 109 -43.07 23.40 31.68
C SER T 109 -42.25 22.79 30.55
N ALA T 110 -41.64 21.64 30.81
CA ALA T 110 -40.77 20.97 29.86
C ALA T 110 -40.44 19.57 30.32
N LEU T 111 -39.59 18.87 29.57
CA LEU T 111 -39.13 17.54 29.98
C LEU T 111 -37.78 17.66 30.67
N TYR T 112 -37.72 17.20 31.92
CA TYR T 112 -36.50 17.27 32.69
C TYR T 112 -35.80 15.91 32.73
N LEU T 113 -34.58 15.89 32.20
CA LEU T 113 -33.83 14.65 32.06
C LEU T 113 -32.64 14.58 33.00
N CYS T 114 -32.47 13.42 33.62
CA CYS T 114 -31.32 13.16 34.47
C CYS T 114 -30.47 12.10 33.78
N ALA T 115 -29.17 12.38 33.68
CA ALA T 115 -28.25 11.45 33.02
C ALA T 115 -27.04 11.21 33.89
N SER T 116 -26.68 9.95 34.07
CA SER T 116 -25.56 9.60 34.93
C SER T 116 -24.39 9.03 34.13
N SER T 117 -23.19 9.35 34.58
CA SER T 117 -21.97 8.86 33.95
C SER T 117 -21.10 8.17 34.97
N LEU T 118 -19.93 7.71 34.53
CA LEU T 118 -19.01 7.02 35.43
C LEU T 118 -17.74 7.83 35.52
N ASN T 119 -17.35 8.44 34.40
CA ASN T 119 -16.09 9.14 34.32
C ASN T 119 -16.27 10.59 33.87
N ASN T 120 -15.79 11.54 34.67
CA ASN T 120 -15.92 12.95 34.32
C ASN T 120 -15.30 13.27 32.97
N ALA T 121 -14.25 12.54 32.61
CA ALA T 121 -13.56 12.75 31.33
C ALA T 121 -14.12 11.85 30.24
N ASN T 122 -15.41 12.00 29.97
CA ASN T 122 -16.10 11.05 29.11
C ASN T 122 -17.44 11.55 28.59
N SER T 123 -18.07 10.73 27.78
CA SER T 123 -19.44 10.95 27.36
C SER T 123 -20.22 9.85 28.02
N ASP T 124 -20.79 8.96 27.20
CA ASP T 124 -21.52 7.79 27.69
C ASP T 124 -22.54 8.15 28.76
N TYR T 125 -23.33 9.18 28.51
CA TYR T 125 -24.46 9.48 29.37
C TYR T 125 -25.44 8.33 29.28
N THR T 126 -26.18 8.06 30.36
CA THR T 126 -27.31 7.16 30.27
C THR T 126 -28.50 7.84 30.90
N PHE T 127 -29.47 8.22 30.08
CA PHE T 127 -30.57 9.07 30.51
C PHE T 127 -31.65 8.31 31.25
N GLY T 128 -32.40 9.01 32.09
CA GLY T 128 -33.54 8.41 32.76
C GLY T 128 -34.79 8.54 31.91
N SER T 129 -35.91 8.05 32.41
CA SER T 129 -37.15 8.10 31.68
C SER T 129 -37.61 9.55 31.52
N GLY T 130 -37.12 10.41 32.40
CA GLY T 130 -37.45 11.82 32.38
C GLY T 130 -38.73 12.15 33.12
N THR T 131 -38.83 13.38 33.60
CA THR T 131 -40.02 13.86 34.29
C THR T 131 -40.68 14.97 33.50
N ARG T 132 -41.92 14.73 33.08
CA ARG T 132 -42.68 15.73 32.35
C ARG T 132 -43.41 16.63 33.33
N LEU T 133 -43.02 17.89 33.37
CA LEU T 133 -43.59 18.86 34.31
C LEU T 133 -44.47 19.88 33.59
N LEU T 134 -45.68 20.04 34.10
CA LEU T 134 -46.60 21.03 33.54
C LEU T 134 -47.04 22.06 34.59
N VAL T 135 -46.87 23.34 34.26
CA VAL T 135 -47.31 24.40 35.14
C VAL T 135 -48.51 25.15 34.59
N ILE T 136 -49.58 25.19 35.39
CA ILE T 136 -50.80 25.88 35.00
C ILE T 136 -51.26 26.82 36.11
N GLU T 137 -52.14 27.76 35.76
CA GLU T 137 -52.65 28.74 36.73
C GLU T 137 -53.55 28.08 37.76
N ASP T 138 -54.52 27.30 37.28
CA ASP T 138 -55.55 26.75 38.16
C ASP T 138 -55.53 25.23 38.18
N LEU T 139 -55.45 24.66 39.38
CA LEU T 139 -55.42 23.21 39.54
C LEU T 139 -56.83 22.62 39.59
N LYS T 140 -57.84 23.47 39.44
CA LYS T 140 -59.22 23.01 39.49
C LYS T 140 -59.65 22.36 38.18
N ASN T 141 -58.78 22.43 37.18
CA ASN T 141 -59.05 21.84 35.87
C ASN T 141 -58.59 20.40 35.81
N VAL T 142 -58.06 19.88 36.90
CA VAL T 142 -57.52 18.53 36.94
C VAL T 142 -58.62 17.48 37.03
N PHE T 143 -58.63 16.56 36.07
CA PHE T 143 -59.65 15.52 36.03
C PHE T 143 -59.05 14.14 35.82
N PRO T 144 -59.56 13.14 36.57
CA PRO T 144 -59.19 11.75 36.36
C PRO T 144 -59.84 11.20 35.10
N PRO T 145 -59.28 10.12 34.54
CA PRO T 145 -59.79 9.57 33.28
C PRO T 145 -60.93 8.57 33.48
N GLU T 146 -61.93 8.64 32.62
CA GLU T 146 -62.97 7.62 32.59
C GLU T 146 -62.56 6.52 31.61
N VAL T 147 -62.56 5.28 32.08
CA VAL T 147 -62.04 4.16 31.31
C VAL T 147 -63.12 3.18 30.89
N ALA T 148 -63.17 2.84 29.61
CA ALA T 148 -64.17 1.92 29.10
C ALA T 148 -63.60 0.92 28.11
N VAL T 149 -63.89 -0.36 28.31
CA VAL T 149 -63.43 -1.42 27.42
C VAL T 149 -64.56 -1.89 26.51
N PHE T 150 -64.26 -2.00 25.22
CA PHE T 150 -65.26 -2.39 24.25
C PHE T 150 -64.96 -3.78 23.71
N GLU T 151 -65.95 -4.67 23.74
CA GLU T 151 -65.73 -6.06 23.36
C GLU T 151 -65.70 -6.24 21.84
N PRO T 152 -64.92 -7.23 21.37
CA PRO T 152 -64.73 -7.55 19.95
C PRO T 152 -66.01 -7.73 19.15
N SER T 153 -66.02 -7.21 17.94
CA SER T 153 -67.15 -7.40 17.03
C SER T 153 -67.20 -8.83 16.51
N GLU T 154 -68.39 -9.38 16.41
CA GLU T 154 -68.58 -10.74 15.92
C GLU T 154 -68.22 -10.85 14.44
N ALA T 155 -68.37 -9.73 13.73
CA ALA T 155 -68.05 -9.69 12.31
C ALA T 155 -66.58 -9.98 12.07
N GLU T 156 -65.73 -9.34 12.84
CA GLU T 156 -64.28 -9.51 12.72
C GLU T 156 -63.89 -10.97 12.96
N ILE T 157 -64.55 -11.58 13.93
CA ILE T 157 -64.28 -12.97 14.27
C ILE T 157 -64.67 -13.88 13.12
N SER T 158 -65.80 -13.57 12.50
CA SER T 158 -66.28 -14.34 11.37
C SER T 158 -65.38 -14.11 10.18
N HIS T 159 -65.00 -12.86 9.99
CA HIS T 159 -64.24 -12.42 8.83
C HIS T 159 -62.74 -12.77 8.90
N THR T 160 -62.15 -12.66 10.09
CA THR T 160 -60.69 -12.70 10.21
C THR T 160 -60.11 -13.73 11.18
N GLN T 161 -60.97 -14.33 12.00
CA GLN T 161 -60.53 -15.23 13.06
C GLN T 161 -59.59 -14.53 14.03
N LYS T 162 -59.81 -13.23 14.22
CA LYS T 162 -59.09 -12.47 15.23
C LYS T 162 -60.06 -11.56 15.96
N ALA T 163 -59.70 -11.18 17.19
CA ALA T 163 -60.60 -10.37 18.01
C ALA T 163 -59.90 -9.16 18.59
N THR T 164 -60.38 -7.97 18.26
CA THR T 164 -59.75 -6.75 18.73
C THR T 164 -60.56 -6.06 19.82
N LEU T 165 -59.97 -5.94 21.00
CA LEU T 165 -60.59 -5.21 22.09
C LEU T 165 -60.14 -3.76 22.02
N VAL T 166 -61.04 -2.83 22.30
CA VAL T 166 -60.69 -1.42 22.28
C VAL T 166 -60.94 -0.78 23.63
N CYS T 167 -59.93 -0.10 24.15
CA CYS T 167 -60.05 0.61 25.41
C CYS T 167 -60.09 2.11 25.16
N LEU T 168 -60.97 2.80 25.87
CA LEU T 168 -61.10 4.24 25.72
C LEU T 168 -60.92 4.97 27.05
N ALA T 169 -60.00 5.93 27.07
CA ALA T 169 -59.84 6.80 28.22
C ALA T 169 -60.35 8.19 27.90
N THR T 170 -61.29 8.68 28.70
CA THR T 170 -61.94 9.95 28.39
C THR T 170 -62.01 10.91 29.58
N GLY T 171 -62.04 12.20 29.28
CA GLY T 171 -62.34 13.22 30.26
C GLY T 171 -61.28 13.48 31.31
N PHE T 172 -60.02 13.27 30.97
CA PHE T 172 -58.96 13.53 31.92
C PHE T 172 -58.17 14.79 31.58
N TYR T 173 -57.49 15.32 32.56
CA TYR T 173 -56.61 16.48 32.37
C TYR T 173 -55.63 16.54 33.53
N PRO T 174 -54.35 16.80 33.23
CA PRO T 174 -53.80 16.99 31.88
C PRO T 174 -53.52 15.65 31.20
N ASP T 175 -52.84 15.68 30.06
CA ASP T 175 -52.57 14.46 29.29
C ASP T 175 -51.46 13.62 29.90
N HIS T 176 -51.59 13.32 31.19
CA HIS T 176 -50.56 12.57 31.89
C HIS T 176 -51.04 11.17 32.28
N VAL T 177 -51.06 10.26 31.32
CA VAL T 177 -51.54 8.90 31.56
C VAL T 177 -50.61 7.83 31.01
N GLU T 178 -50.70 6.63 31.60
CA GLU T 178 -49.98 5.47 31.10
C GLU T 178 -50.92 4.27 31.00
N LEU T 179 -51.21 3.84 29.79
CA LEU T 179 -52.18 2.77 29.59
C LEU T 179 -51.46 1.43 29.48
N SER T 180 -52.06 0.39 30.04
CA SER T 180 -51.48 -0.94 29.95
C SER T 180 -52.58 -2.00 29.87
N TRP T 181 -52.29 -3.10 29.19
CA TRP T 181 -53.23 -4.20 29.09
C TRP T 181 -52.79 -5.37 29.96
N TRP T 182 -53.73 -5.89 30.75
CA TRP T 182 -53.43 -7.01 31.63
C TRP T 182 -54.31 -8.21 31.31
N VAL T 183 -53.69 -9.28 30.81
CA VAL T 183 -54.41 -10.50 30.52
C VAL T 183 -54.11 -11.55 31.59
N ASN T 184 -55.14 -11.92 32.34
CA ASN T 184 -55.02 -12.91 33.42
C ASN T 184 -53.93 -12.55 34.42
N GLY T 185 -53.93 -11.30 34.85
CA GLY T 185 -53.04 -10.86 35.91
C GLY T 185 -51.60 -10.63 35.49
N LYS T 186 -51.35 -10.73 34.19
CA LYS T 186 -50.00 -10.49 33.66
C LYS T 186 -50.05 -9.43 32.57
N GLU T 187 -49.17 -8.44 32.68
CA GLU T 187 -49.10 -7.38 31.68
C GLU T 187 -48.59 -7.93 30.36
N VAL T 188 -49.23 -7.53 29.27
CA VAL T 188 -48.84 -7.99 27.94
C VAL T 188 -48.47 -6.82 27.02
N HIS T 189 -47.68 -7.11 25.99
CA HIS T 189 -47.26 -6.10 25.04
C HIS T 189 -47.56 -6.55 23.62
N SER T 190 -47.53 -7.85 23.39
CA SER T 190 -47.84 -8.38 22.08
C SER T 190 -49.28 -8.03 21.70
N GLY T 191 -49.47 -7.48 20.52
CA GLY T 191 -50.79 -7.12 20.05
C GLY T 191 -51.36 -5.87 20.69
N VAL T 192 -50.50 -5.09 21.36
CA VAL T 192 -50.95 -3.88 22.02
C VAL T 192 -50.60 -2.64 21.21
N CYS T 193 -51.58 -1.75 21.05
CA CYS T 193 -51.39 -0.52 20.31
C CYS T 193 -52.08 0.64 20.99
N THR T 194 -51.30 1.65 21.36
CA THR T 194 -51.88 2.84 21.99
C THR T 194 -51.50 4.07 21.19
N ASP T 195 -52.47 4.97 21.03
CA ASP T 195 -52.25 6.22 20.31
C ASP T 195 -51.02 6.93 20.86
N PRO T 196 -50.24 7.52 19.96
CA PRO T 196 -49.03 8.25 20.35
C PRO T 196 -49.34 9.39 21.29
N GLN T 197 -50.28 10.24 20.89
CA GLN T 197 -50.66 11.39 21.68
C GLN T 197 -52.17 11.44 21.86
N PRO T 198 -52.63 11.61 23.10
CA PRO T 198 -54.06 11.74 23.40
C PRO T 198 -54.62 12.99 22.75
N LEU T 199 -55.84 12.92 22.26
CA LEU T 199 -56.42 14.03 21.51
C LEU T 199 -57.22 14.96 22.40
N LYS T 200 -57.30 16.22 22.00
CA LYS T 200 -58.11 17.20 22.70
C LYS T 200 -59.59 16.91 22.46
N GLU T 201 -60.37 16.88 23.52
CA GLU T 201 -61.81 16.67 23.39
C GLU T 201 -62.42 17.94 22.79
N GLN T 202 -61.75 19.05 23.02
CA GLN T 202 -62.16 20.33 22.45
C GLN T 202 -60.92 21.12 22.01
N PRO T 203 -60.52 20.95 20.74
CA PRO T 203 -59.33 21.61 20.19
C PRO T 203 -59.38 23.12 20.33
N ALA T 204 -60.53 23.72 19.99
CA ALA T 204 -60.74 25.12 20.27
C ALA T 204 -60.78 25.28 21.78
N LEU T 205 -60.35 26.44 22.28
CA LEU T 205 -60.22 26.70 23.71
C LEU T 205 -59.00 25.96 24.28
N ASN T 206 -58.55 26.39 25.45
CA ASN T 206 -57.40 25.78 26.10
C ASN T 206 -57.83 25.08 27.38
N ASP T 207 -56.92 24.31 27.95
CA ASP T 207 -57.19 23.53 29.16
C ASP T 207 -58.22 22.43 28.89
N SER T 208 -58.41 22.10 27.62
CA SER T 208 -59.36 21.08 27.22
C SER T 208 -58.98 19.72 27.79
N ARG T 209 -59.98 18.96 28.21
CA ARG T 209 -59.74 17.62 28.72
C ARG T 209 -59.37 16.72 27.56
N TYR T 210 -58.67 15.62 27.85
CA TYR T 210 -58.12 14.79 26.77
C TYR T 210 -58.75 13.41 26.70
N ALA T 211 -58.53 12.73 25.57
CA ALA T 211 -59.02 11.38 25.38
C ALA T 211 -57.94 10.50 24.75
N LEU T 212 -57.94 9.23 25.13
CA LEU T 212 -56.91 8.30 24.66
C LEU T 212 -57.47 6.91 24.45
N SER T 213 -57.13 6.31 23.30
CA SER T 213 -57.62 4.99 22.98
C SER T 213 -56.48 3.99 22.86
N SER T 214 -56.82 2.71 22.92
CA SER T 214 -55.85 1.63 22.75
C SER T 214 -56.52 0.37 22.27
N ARG T 215 -55.77 -0.49 21.60
CA ARG T 215 -56.32 -1.75 21.13
C ARG T 215 -55.50 -2.94 21.59
N LEU T 216 -56.18 -4.05 21.85
CA LEU T 216 -55.51 -5.33 22.13
C LEU T 216 -56.12 -6.41 21.27
N ARG T 217 -55.33 -6.96 20.36
CA ARG T 217 -55.84 -7.96 19.45
C ARG T 217 -55.32 -9.34 19.82
N VAL T 218 -56.25 -10.29 19.96
CA VAL T 218 -55.89 -11.66 20.22
C VAL T 218 -56.62 -12.59 19.27
N SER T 219 -56.16 -13.84 19.18
CA SER T 219 -56.79 -14.82 18.30
C SER T 219 -58.22 -15.08 18.73
N ALA T 220 -59.07 -15.45 17.78
CA ALA T 220 -60.47 -15.67 18.05
C ALA T 220 -60.74 -16.73 19.12
N THR T 221 -60.04 -17.85 19.02
CA THR T 221 -60.24 -18.96 19.96
C THR T 221 -59.89 -18.54 21.39
N PHE T 222 -58.93 -17.64 21.51
CA PHE T 222 -58.50 -17.16 22.82
C PHE T 222 -59.56 -16.28 23.44
N TRP T 223 -60.23 -15.48 22.62
CA TRP T 223 -61.28 -14.61 23.10
C TRP T 223 -62.53 -15.41 23.44
N GLN T 224 -62.70 -16.53 22.75
CA GLN T 224 -63.88 -17.36 22.92
C GLN T 224 -63.77 -18.31 24.11
N ASN T 225 -62.65 -18.23 24.82
CA ASN T 225 -62.48 -18.96 26.07
C ASN T 225 -62.88 -18.11 27.26
N PRO T 226 -63.99 -18.46 27.92
CA PRO T 226 -64.57 -17.64 28.99
C PRO T 226 -63.73 -17.57 30.25
N ARG T 227 -62.70 -18.41 30.36
CA ARG T 227 -61.85 -18.41 31.54
C ARG T 227 -60.79 -17.32 31.50
N ASN T 228 -60.55 -16.75 30.31
CA ASN T 228 -59.55 -15.72 30.12
C ASN T 228 -60.04 -14.32 30.47
N HIS T 229 -59.25 -13.58 31.23
CA HIS T 229 -59.64 -12.27 31.74
C HIS T 229 -58.82 -11.12 31.17
N PHE T 230 -59.51 -10.11 30.65
CA PHE T 230 -58.85 -8.94 30.06
C PHE T 230 -59.11 -7.69 30.89
N ARG T 231 -58.06 -6.94 31.17
CA ARG T 231 -58.20 -5.69 31.92
C ARG T 231 -57.38 -4.56 31.34
N CYS T 232 -58.04 -3.43 31.11
CA CYS T 232 -57.39 -2.22 30.64
C CYS T 232 -57.09 -1.26 31.79
N GLN T 233 -55.83 -0.99 32.03
CA GLN T 233 -55.41 -0.17 33.16
C GLN T 233 -54.85 1.18 32.74
N VAL T 234 -55.37 2.25 33.34
CA VAL T 234 -54.88 3.59 33.05
C VAL T 234 -54.37 4.28 34.30
N GLN T 235 -53.07 4.57 34.33
CA GLN T 235 -52.47 5.29 35.44
C GLN T 235 -52.55 6.79 35.23
N PHE T 236 -53.22 7.50 36.13
CA PHE T 236 -53.32 8.94 36.01
C PHE T 236 -52.37 9.64 36.97
N TYR T 237 -51.68 10.67 36.47
CA TYR T 237 -50.78 11.44 37.30
C TYR T 237 -51.36 12.82 37.60
N GLY T 238 -51.82 13.01 38.83
CA GLY T 238 -52.45 14.24 39.24
C GLY T 238 -51.97 14.79 40.57
N LEU T 239 -52.91 15.14 41.43
CA LEU T 239 -52.60 15.78 42.70
C LEU T 239 -52.12 14.78 43.75
N SER T 240 -51.53 15.30 44.82
CA SER T 240 -51.06 14.48 45.94
C SER T 240 -51.88 14.74 47.20
N GLU T 241 -51.61 13.96 48.26
CA GLU T 241 -52.35 14.08 49.51
C GLU T 241 -52.16 15.45 50.16
N ASN T 242 -50.98 16.04 49.97
CA ASN T 242 -50.68 17.33 50.59
C ASN T 242 -51.36 18.50 49.89
N ASP T 243 -51.61 18.35 48.60
CA ASP T 243 -52.28 19.39 47.84
C ASP T 243 -53.70 19.62 48.37
N GLU T 244 -54.09 20.88 48.45
CA GLU T 244 -55.41 21.24 48.97
C GLU T 244 -56.50 21.05 47.94
N TRP T 245 -57.69 20.67 48.40
CA TRP T 245 -58.82 20.45 47.50
C TRP T 245 -60.12 20.81 48.22
N THR T 246 -60.76 21.88 47.74
CA THR T 246 -61.95 22.41 48.38
C THR T 246 -63.17 22.37 47.48
N GLN T 247 -63.11 21.54 46.45
CA GLN T 247 -64.22 21.43 45.52
C GLN T 247 -65.19 20.33 45.95
N ASP T 248 -66.39 20.35 45.37
CA ASP T 248 -67.41 19.36 45.69
C ASP T 248 -67.04 17.97 45.18
N ARG T 249 -66.66 17.89 43.91
CA ARG T 249 -66.33 16.61 43.29
C ARG T 249 -65.11 15.97 43.96
N ALA T 250 -64.91 14.69 43.69
CA ALA T 250 -63.84 13.93 44.33
C ALA T 250 -62.48 14.52 44.00
N LYS T 251 -61.54 14.39 44.93
CA LYS T 251 -60.18 14.88 44.73
C LYS T 251 -59.47 14.10 43.63
N PRO T 252 -59.09 14.78 42.54
CA PRO T 252 -58.43 14.15 41.39
C PRO T 252 -56.96 13.83 41.67
N VAL T 253 -56.72 12.86 42.55
CA VAL T 253 -55.36 12.48 42.91
C VAL T 253 -54.77 11.48 41.93
N THR T 254 -53.48 11.25 42.06
CA THR T 254 -52.81 10.17 41.34
C THR T 254 -53.46 8.84 41.70
N GLN T 255 -53.89 8.09 40.69
CA GLN T 255 -54.71 6.91 40.93
C GLN T 255 -54.72 5.97 39.74
N ILE T 256 -55.11 4.71 39.98
CA ILE T 256 -55.31 3.76 38.90
C ILE T 256 -56.79 3.61 38.57
N VAL T 257 -57.13 3.79 37.31
CA VAL T 257 -58.50 3.61 36.85
C VAL T 257 -58.57 2.45 35.89
N SER T 258 -59.41 1.46 36.19
CA SER T 258 -59.40 0.23 35.44
C SER T 258 -60.74 -0.08 34.80
N ALA T 259 -60.71 -0.95 33.80
CA ALA T 259 -61.92 -1.53 33.24
C ALA T 259 -61.64 -2.97 32.84
N GLU T 260 -62.65 -3.83 32.84
CA GLU T 260 -62.41 -5.25 32.60
C GLU T 260 -63.46 -5.87 31.71
N ALA T 261 -63.19 -7.09 31.26
CA ALA T 261 -64.13 -7.86 30.47
C ALA T 261 -63.74 -9.33 30.50
N TRP T 262 -64.73 -10.22 30.44
CA TRP T 262 -64.46 -11.65 30.44
C TRP T 262 -64.61 -12.25 29.06
N GLY T 263 -63.90 -13.36 28.83
CA GLY T 263 -64.00 -14.09 27.58
C GLY T 263 -65.42 -14.54 27.34
N ARG T 264 -65.81 -14.64 26.08
CA ARG T 264 -67.20 -14.96 25.77
C ARG T 264 -67.32 -15.98 24.65
N ALA T 265 -67.98 -17.10 24.93
CA ALA T 265 -68.20 -18.14 23.94
C ALA T 265 -69.15 -17.69 22.85
N ASP T 266 -69.48 -18.60 21.94
CA ASP T 266 -70.36 -18.30 20.82
C ASP T 266 -71.80 -18.03 21.24
C1 NAG U . -2.31 5.57 -59.84
C2 NAG U . -3.13 4.30 -59.70
C3 NAG U . -2.40 3.13 -60.37
C4 NAG U . -2.05 3.49 -61.81
C5 NAG U . -1.30 4.82 -61.85
C6 NAG U . -1.04 5.30 -63.26
C7 NAG U . -4.60 3.75 -57.83
C8 NAG U . -4.70 3.51 -56.35
N2 NAG U . -3.39 4.02 -58.30
O3 NAG U . -3.26 2.00 -60.36
O4 NAG U . -1.24 2.46 -62.38
O5 NAG U . -2.07 5.83 -61.21
O6 NAG U . -0.90 6.71 -63.29
O7 NAG U . -5.59 3.72 -58.55
C1 NAG V . -3.73 8.54 -10.95
C2 NAG V . -4.61 8.61 -9.71
C3 NAG V . -4.24 9.81 -8.84
C4 NAG V . -2.75 9.77 -8.54
C5 NAG V . -1.95 9.65 -9.84
C6 NAG V . -0.46 9.50 -9.62
C7 NAG V . -6.88 7.67 -9.96
C8 NAG V . -8.29 7.91 -10.42
N2 NAG V . -6.03 8.69 -10.10
O3 NAG V . -4.99 9.80 -7.64
O4 NAG V . -2.36 10.97 -7.86
O5 NAG V . -2.38 8.47 -10.54
O6 NAG V . 0.22 9.17 -10.83
O7 NAG V . -6.54 6.59 -9.49
C1 NAG W . -6.91 -14.65 -12.74
C2 NAG W . -5.53 -14.15 -12.34
C3 NAG W . -5.36 -14.14 -10.83
C4 NAG W . -6.48 -13.33 -10.19
C5 NAG W . -7.80 -13.97 -10.58
C6 NAG W . -9.00 -13.25 -10.02
C7 NAG W . -3.41 -14.45 -13.55
C8 NAG W . -2.44 -15.44 -14.13
N2 NAG W . -4.49 -14.97 -12.96
O3 NAG W . -4.08 -13.60 -10.49
O4 NAG W . -6.33 -13.29 -8.78
O5 NAG W . -7.93 -13.93 -12.01
O6 NAG W . -10.21 -13.74 -10.60
O7 NAG W . -3.22 -13.24 -13.63
C1 NAG X . 24.71 -12.08 61.70
C2 NAG X . 24.64 -10.56 61.86
C3 NAG X . 26.01 -10.00 62.24
C4 NAG X . 26.59 -10.73 63.44
C5 NAG X . 26.61 -12.23 63.15
C6 NAG X . 27.09 -13.04 64.32
C7 NAG X . 22.90 -9.54 60.46
C8 NAG X . 22.57 -8.93 59.14
N2 NAG X . 24.16 -9.94 60.63
O3 NAG X . 25.87 -8.61 62.55
O4 NAG X . 27.90 -10.27 63.71
O5 NAG X . 25.28 -12.66 62.87
O6 NAG X . 26.49 -14.32 64.32
O7 NAG X . 22.05 -9.67 61.34
C1 NAG Y . 0.90 -8.02 18.40
C2 NAG Y . -0.24 -7.28 17.72
C3 NAG Y . -0.57 -7.97 16.39
C4 NAG Y . 0.67 -8.11 15.53
C5 NAG Y . 1.76 -8.85 16.31
C6 NAG Y . 3.07 -8.95 15.57
C7 NAG Y . -1.75 -6.08 19.23
C8 NAG Y . -2.99 -6.16 20.05
N2 NAG Y . -1.40 -7.19 18.55
O3 NAG Y . -1.56 -7.22 15.69
O4 NAG Y . 0.37 -8.82 14.34
O5 NAG Y . 2.03 -8.15 17.54
O6 NAG Y . 4.10 -9.45 16.39
O7 NAG Y . -1.07 -5.06 19.16
#